data_6JQ0
#
_entry.id   6JQ0
#
_cell.length_a   1.00
_cell.length_b   1.00
_cell.length_c   1.00
_cell.angle_alpha   90.00
_cell.angle_beta   90.00
_cell.angle_gamma   90.00
#
_symmetry.space_group_name_H-M   'P 1'
#
loop_
_entity.id
_entity.type
_entity.pdbx_description
1 polymer 'Uncharacterized AAA domain-containing protein C31G5.19'
2 polymer 'unknown substrate'
3 non-polymer "ADENOSINE-5'-DIPHOSPHATE"
4 non-polymer "ADENOSINE-5'-TRIPHOSPHATE"
#
loop_
_entity_poly.entity_id
_entity_poly.type
_entity_poly.pdbx_seq_one_letter_code
_entity_poly.pdbx_strand_id
1 'polypeptide(L)'
;GAMGSGIQMKEEASEHGGSADETQELSPVSDSSDEMPNNAKRRRRSQSMIANKRIHQAFQEDEGDEDWEEEEHKPKAKRR
YNTRSNESFSEGDDEPFEVSESSALEDELSDSEDSFIRSVRSKPKYKPGTRRSTRLRNRRSQDEEESEEEHRPILRERTS
RINYSVPLAFPPVDEMDGDPSSQVNQSRSRKTHSELAITKLLRQQVSSFMPYIDSSGSESESDNTRIKKSSAKTIKALTD
PANSGGPPDFGRIREKSDLADSDPLGVDSSLSFESVGGLDNYINQLKEMVMLPLLYPEIFQRFNMQPPRGVLFHGPPGTG
KTLMARALAAACSSENKKVSFYMRKGADCLSKWVGEAERQLRLLFEEAKSTQPSIIFFDQIDGLAPVRSSKQEQIHASIV
STLLALMDGMESRGQVIIIGATNRPDAVDPALRRPGRFDREFYFPLPDRDARKKIIEIHTRNWDPPVPEWLCSMLAEKSK
GYGGADLRALCTEAALNSIKRTYPQLYRSTKRLQIDPKTIKVKVKDFVMSMKRMIPSSERSSISPSKPLSPELKPLLNEA
FQDIEKTLQKLMPVASKLNPLEEVMYDDPKENDFEYQQRLETFETLRIYKPRFLICGRKGLGQTALGPAILQQYEGVHVQ
SFDMSTLLQDSTQSIETSIIHLFLEVRRHTPSIIYIPDIDNWLNVLPLTAITTFSSMLERLDFSDQILFLALSSSPLSEL
HPQLREWFSSKQSVYSLQYPTRDSIIAFFQPILELIKASPTELPGGIPRKRRVLPELPLAPDPPPFTSQKITLKQTKQAD
MRLLNKLKIKLNALLGSLRARYRKFKKPLIDFNDIYCVDPETGHSYRSREECHYEFVDDVVKQIGSDQKFSMMSLEEIEK
RTWDNCYCTPKQFVHDIKLILRDALQLEDSETIKRAQEMYANVLLGVEDMEDDQFSQRCERMALREAERRKLRHGKLQKH
LDETKADMQFTSEKPSVDESITEVDDAIKDGPPVLAETLTNSLMEDVGPENVDMDIEDNEIFTNQSTMSVPSMLVENEES
PKPDEYIDQKDKVQSPLLNGKSPVGVPSEAALRVSTDVSTNISSNGRADIPVDTLITSPADVPNNAPTDAHNITSADGHI
ENIEQEVVFPDLVFDEDRLTPLKQLLIDSTTGFTVDQLLHLHSFLYQIIWNTKSEWNRNSVVDECERAVKEFMINALQ
;
A,B,C,D,E,F
2 'polypeptide(L)' (UNK)(UNK)(UNK)(UNK)(UNK)(UNK)(UNK)(UNK)(UNK)(UNK)(UNK)(UNK)(UNK)(UNK) G
#
# COMPACT_ATOMS: atom_id res chain seq x y z
N SER A 269 -1.57 -43.87 17.62
CA SER A 269 -2.65 -44.77 18.03
C SER A 269 -4.00 -44.10 17.87
N SER A 270 -5.07 -44.79 18.27
CA SER A 270 -6.42 -44.23 18.24
C SER A 270 -6.76 -43.74 19.65
N LEU A 271 -6.64 -42.44 19.80
CA LEU A 271 -6.77 -41.80 21.11
C LEU A 271 -8.23 -41.75 21.52
N SER A 272 -8.53 -42.31 22.70
CA SER A 272 -9.90 -42.27 23.23
C SER A 272 -9.86 -41.80 24.68
N PHE A 273 -9.80 -40.47 24.86
CA PHE A 273 -10.11 -39.78 26.12
C PHE A 273 -9.24 -40.14 27.33
N GLU A 274 -8.23 -40.99 27.16
CA GLU A 274 -7.38 -41.35 28.27
C GLU A 274 -5.97 -40.80 28.14
N SER A 275 -5.61 -40.31 26.96
CA SER A 275 -4.29 -39.72 26.74
C SER A 275 -4.33 -38.20 26.95
N VAL A 276 -4.76 -37.80 28.13
CA VAL A 276 -4.90 -36.39 28.48
C VAL A 276 -4.43 -36.18 29.91
N GLY A 277 -3.59 -35.17 30.12
CA GLY A 277 -2.92 -35.00 31.39
C GLY A 277 -3.72 -34.32 32.48
N GLY A 278 -4.78 -34.97 32.94
CA GLY A 278 -5.48 -34.51 34.13
C GLY A 278 -6.32 -33.29 33.97
N LEU A 279 -6.83 -33.01 32.77
CA LEU A 279 -7.74 -31.89 32.57
C LEU A 279 -9.18 -32.37 32.63
N ASP A 280 -9.53 -32.95 33.78
CA ASP A 280 -10.76 -33.73 33.91
C ASP A 280 -12.00 -32.86 33.86
N ASN A 281 -11.98 -31.72 34.56
CA ASN A 281 -13.14 -30.84 34.60
C ASN A 281 -13.40 -30.14 33.28
N TYR A 282 -12.41 -30.08 32.40
CA TYR A 282 -12.66 -29.61 31.04
C TYR A 282 -13.16 -30.74 30.15
N ILE A 283 -12.89 -31.99 30.51
CA ILE A 283 -13.25 -33.13 29.65
C ILE A 283 -14.75 -33.33 29.65
N ASN A 284 -15.35 -33.41 30.83
CA ASN A 284 -16.77 -33.76 30.91
C ASN A 284 -17.65 -32.64 30.43
N GLN A 285 -17.25 -31.39 30.65
CA GLN A 285 -17.98 -30.27 30.08
C GLN A 285 -17.89 -30.26 28.57
N LEU A 286 -16.75 -30.69 28.03
CA LEU A 286 -16.64 -30.83 26.58
C LEU A 286 -17.50 -32.00 26.11
N LYS A 287 -17.58 -33.06 26.91
CA LYS A 287 -18.44 -34.19 26.56
C LYS A 287 -19.91 -33.88 26.80
N GLU A 288 -20.21 -32.81 27.54
CA GLU A 288 -21.58 -32.53 27.89
C GLU A 288 -22.39 -31.98 26.72
N MET A 289 -21.75 -31.30 25.78
CA MET A 289 -22.49 -30.60 24.75
C MET A 289 -22.77 -31.43 23.51
N VAL A 290 -22.07 -32.54 23.30
CA VAL A 290 -22.24 -33.35 22.10
C VAL A 290 -22.74 -34.76 22.44
N MET A 291 -22.25 -35.35 23.53
CA MET A 291 -22.62 -36.73 23.83
C MET A 291 -23.99 -36.80 24.50
N LEU A 292 -24.21 -35.95 25.49
CA LEU A 292 -25.48 -35.95 26.20
C LEU A 292 -26.70 -35.53 25.37
N PRO A 293 -26.70 -34.46 24.55
CA PRO A 293 -27.92 -34.15 23.82
C PRO A 293 -28.26 -35.16 22.73
N LEU A 294 -27.27 -35.92 22.26
CA LEU A 294 -27.56 -36.96 21.27
C LEU A 294 -28.34 -38.11 21.89
N LEU A 295 -28.06 -38.43 23.14
CA LEU A 295 -28.72 -39.57 23.77
C LEU A 295 -30.10 -39.22 24.30
N TYR A 296 -30.27 -38.01 24.84
CA TYR A 296 -31.50 -37.62 25.50
C TYR A 296 -32.04 -36.34 24.87
N PRO A 297 -32.70 -36.42 23.72
CA PRO A 297 -33.37 -35.23 23.19
C PRO A 297 -34.64 -34.88 23.94
N GLU A 298 -35.15 -35.77 24.77
CA GLU A 298 -36.36 -35.48 25.53
C GLU A 298 -36.09 -34.49 26.66
N ILE A 299 -34.91 -34.54 27.28
CA ILE A 299 -34.63 -33.69 28.42
C ILE A 299 -34.38 -32.24 28.03
N PHE A 300 -34.10 -31.98 26.76
CA PHE A 300 -33.99 -30.61 26.28
C PHE A 300 -35.27 -30.12 25.65
N GLN A 301 -36.25 -30.99 25.48
CA GLN A 301 -37.51 -30.59 24.87
C GLN A 301 -38.46 -29.96 25.88
N ARG A 302 -38.49 -30.48 27.10
CA ARG A 302 -39.38 -29.94 28.13
C ARG A 302 -38.93 -28.55 28.57
N PHE A 303 -37.64 -28.29 28.58
CA PHE A 303 -37.14 -27.02 29.05
C PHE A 303 -37.06 -25.97 27.95
N ASN A 304 -37.22 -26.39 26.69
CA ASN A 304 -37.38 -25.50 25.52
C ASN A 304 -36.16 -24.58 25.35
N MET A 305 -35.03 -25.20 25.08
CA MET A 305 -33.77 -24.47 24.96
C MET A 305 -32.83 -25.22 24.04
N GLN A 306 -31.73 -24.58 23.69
CA GLN A 306 -30.70 -25.17 22.86
C GLN A 306 -29.45 -25.43 23.67
N PRO A 307 -28.71 -26.50 23.40
CA PRO A 307 -27.44 -26.71 24.09
C PRO A 307 -26.38 -25.78 23.52
N PRO A 308 -25.44 -25.34 24.35
CA PRO A 308 -24.41 -24.41 23.85
C PRO A 308 -23.41 -25.12 22.95
N ARG A 309 -23.06 -24.47 21.85
CA ARG A 309 -22.35 -25.11 20.75
C ARG A 309 -21.14 -24.28 20.33
N GLY A 310 -20.30 -23.89 21.30
CA GLY A 310 -19.08 -23.17 20.98
C GLY A 310 -18.01 -23.31 22.04
N VAL A 311 -16.75 -23.53 21.64
CA VAL A 311 -15.63 -23.68 22.56
C VAL A 311 -14.46 -22.86 22.01
N LEU A 312 -13.73 -22.17 22.88
CA LEU A 312 -12.48 -21.51 22.52
C LEU A 312 -11.36 -21.98 23.45
N PHE A 313 -10.21 -22.32 22.87
CA PHE A 313 -9.03 -22.73 23.62
C PHE A 313 -7.92 -21.70 23.48
N HIS A 314 -7.19 -21.46 24.56
CA HIS A 314 -6.08 -20.51 24.55
C HIS A 314 -5.18 -20.76 25.74
N GLY A 315 -3.92 -20.33 25.61
CA GLY A 315 -2.98 -20.45 26.71
C GLY A 315 -1.51 -20.29 26.33
N PRO A 316 -0.69 -21.25 26.78
CA PRO A 316 0.76 -21.16 26.60
C PRO A 316 1.16 -21.52 25.17
N PRO A 317 2.48 -21.58 24.83
CA PRO A 317 2.86 -22.01 23.47
C PRO A 317 2.63 -23.49 23.12
N GLY A 318 1.90 -24.21 23.94
CA GLY A 318 1.32 -25.49 23.55
C GLY A 318 1.38 -26.49 24.68
N THR A 319 0.20 -26.96 25.10
CA THR A 319 0.05 -27.92 26.18
C THR A 319 -1.02 -28.94 25.86
N GLY A 320 -1.39 -29.09 24.59
CA GLY A 320 -2.38 -30.07 24.22
C GLY A 320 -3.64 -29.48 23.62
N LYS A 321 -3.51 -28.29 23.01
CA LYS A 321 -4.66 -27.68 22.36
C LYS A 321 -5.05 -28.46 21.11
N THR A 322 -4.10 -28.63 20.19
CA THR A 322 -4.36 -29.39 18.97
C THR A 322 -4.59 -30.87 19.26
N LEU A 323 -4.05 -31.38 20.36
CA LEU A 323 -4.29 -32.77 20.72
C LEU A 323 -5.69 -32.96 21.25
N MET A 324 -6.24 -31.94 21.90
CA MET A 324 -7.60 -32.04 22.44
C MET A 324 -8.65 -32.05 21.34
N ALA A 325 -8.31 -31.51 20.16
CA ALA A 325 -9.25 -31.51 19.04
C ALA A 325 -9.49 -32.93 18.53
N ARG A 326 -8.42 -33.62 18.14
CA ARG A 326 -8.56 -34.95 17.56
C ARG A 326 -8.96 -35.98 18.61
N ALA A 327 -8.69 -35.69 19.88
CA ALA A 327 -9.11 -36.58 20.95
C ALA A 327 -10.62 -36.58 21.12
N LEU A 328 -11.28 -35.47 20.78
CA LEU A 328 -12.73 -35.44 20.88
C LEU A 328 -13.36 -36.18 19.71
N ALA A 329 -12.82 -35.99 18.51
CA ALA A 329 -13.51 -36.44 17.30
C ALA A 329 -13.46 -37.94 17.15
N ALA A 330 -12.27 -38.52 17.23
CA ALA A 330 -12.09 -39.94 16.95
C ALA A 330 -12.44 -40.83 18.13
N ALA A 331 -13.08 -40.31 19.18
CA ALA A 331 -13.36 -41.12 20.35
C ALA A 331 -14.85 -41.30 20.62
N CYS A 332 -15.58 -40.21 20.85
CA CYS A 332 -16.84 -40.31 21.57
C CYS A 332 -17.95 -40.84 20.69
N SER A 333 -18.30 -40.12 19.64
CA SER A 333 -19.39 -40.49 18.75
C SER A 333 -18.85 -41.05 17.45
N SER A 334 -17.76 -41.82 17.53
CA SER A 334 -17.17 -42.47 16.38
C SER A 334 -17.60 -43.92 16.23
N GLU A 335 -18.59 -44.36 16.99
CA GLU A 335 -19.02 -45.76 17.02
C GLU A 335 -20.51 -45.83 16.68
N ASN A 336 -20.79 -46.18 15.41
CA ASN A 336 -22.13 -46.49 14.89
C ASN A 336 -23.09 -45.31 14.93
N LYS A 337 -22.59 -44.09 15.17
CA LYS A 337 -23.36 -42.86 15.05
C LYS A 337 -22.49 -41.89 14.25
N LYS A 338 -22.54 -42.03 12.93
CA LYS A 338 -21.53 -41.47 12.04
C LYS A 338 -21.67 -39.96 11.96
N VAL A 339 -20.85 -39.25 12.74
CA VAL A 339 -20.68 -37.82 12.57
C VAL A 339 -19.42 -37.62 11.74
N SER A 340 -19.30 -36.43 11.18
CA SER A 340 -18.14 -36.10 10.38
C SER A 340 -17.12 -35.38 11.23
N PHE A 341 -16.04 -34.93 10.59
CA PHE A 341 -15.04 -34.08 11.24
C PHE A 341 -14.28 -33.37 10.12
N TYR A 342 -14.28 -32.04 10.13
CA TYR A 342 -13.62 -31.26 9.11
C TYR A 342 -12.49 -30.46 9.74
N MET A 343 -11.26 -30.73 9.32
CA MET A 343 -10.08 -30.05 9.82
C MET A 343 -9.71 -28.91 8.88
N ARG A 344 -9.31 -27.77 9.45
CA ARG A 344 -8.88 -26.63 8.65
C ARG A 344 -8.00 -25.75 9.52
N LYS A 345 -6.73 -25.62 9.15
CA LYS A 345 -5.85 -24.74 9.90
C LYS A 345 -5.89 -23.32 9.34
N GLY A 346 -5.19 -22.41 10.01
CA GLY A 346 -5.24 -21.02 9.65
C GLY A 346 -4.22 -20.64 8.60
N ALA A 347 -4.52 -19.55 7.90
CA ALA A 347 -3.73 -19.03 6.78
C ALA A 347 -3.52 -20.08 5.71
N ASP A 348 -4.62 -20.67 5.23
CA ASP A 348 -4.58 -21.62 4.13
C ASP A 348 -5.66 -21.33 3.10
N CYS A 349 -6.58 -20.41 3.40
CA CYS A 349 -7.64 -20.04 2.47
C CYS A 349 -7.30 -18.82 1.64
N LEU A 350 -6.36 -18.00 2.09
CA LEU A 350 -5.96 -16.82 1.32
C LEU A 350 -5.16 -17.23 0.10
N SER A 351 -5.40 -16.54 -1.00
CA SER A 351 -4.72 -16.83 -2.26
C SER A 351 -4.77 -15.58 -3.13
N LYS A 352 -4.42 -15.75 -4.42
CA LYS A 352 -4.12 -14.61 -5.27
C LYS A 352 -5.38 -13.93 -5.79
N TRP A 353 -6.43 -14.69 -6.08
CA TRP A 353 -7.62 -14.10 -6.71
C TRP A 353 -8.45 -13.35 -5.68
N VAL A 354 -9.61 -12.87 -6.12
CA VAL A 354 -10.34 -11.89 -5.33
C VAL A 354 -11.34 -12.51 -4.36
N GLY A 355 -12.17 -13.44 -4.82
CA GLY A 355 -13.31 -13.83 -4.02
C GLY A 355 -13.47 -15.32 -3.79
N GLU A 356 -12.36 -16.03 -3.64
CA GLU A 356 -12.42 -17.46 -3.42
C GLU A 356 -12.43 -17.83 -1.95
N ALA A 357 -11.96 -16.94 -1.08
CA ALA A 357 -12.02 -17.21 0.35
C ALA A 357 -13.45 -17.17 0.84
N GLU A 358 -14.26 -16.28 0.30
CA GLU A 358 -15.68 -16.26 0.62
C GLU A 358 -16.42 -17.43 0.00
N ARG A 359 -16.01 -17.86 -1.19
CA ARG A 359 -16.67 -18.96 -1.85
C ARG A 359 -16.32 -20.30 -1.23
N GLN A 360 -15.22 -20.38 -0.50
CA GLN A 360 -14.81 -21.63 0.10
C GLN A 360 -15.43 -21.84 1.47
N LEU A 361 -15.61 -20.75 2.24
CA LEU A 361 -16.31 -20.87 3.52
C LEU A 361 -17.78 -21.12 3.31
N ARG A 362 -18.34 -20.62 2.21
CA ARG A 362 -19.75 -20.82 1.94
C ARG A 362 -20.04 -22.27 1.56
N LEU A 363 -19.11 -22.92 0.86
CA LEU A 363 -19.32 -24.31 0.49
C LEU A 363 -19.15 -25.22 1.70
N LEU A 364 -18.22 -24.87 2.59
CA LEU A 364 -17.93 -25.75 3.72
C LEU A 364 -19.05 -25.70 4.75
N PHE A 365 -19.64 -24.54 4.98
CA PHE A 365 -20.77 -24.46 5.89
C PHE A 365 -22.01 -25.12 5.29
N GLU A 366 -22.15 -25.08 3.97
CA GLU A 366 -23.24 -25.80 3.32
C GLU A 366 -23.00 -27.30 3.36
N GLU A 367 -21.73 -27.71 3.26
CA GLU A 367 -21.39 -29.11 3.37
C GLU A 367 -21.60 -29.60 4.79
N ALA A 368 -21.27 -28.77 5.78
CA ALA A 368 -21.42 -29.16 7.18
C ALA A 368 -22.88 -29.25 7.59
N LYS A 369 -23.75 -28.53 6.90
CA LYS A 369 -25.17 -28.54 7.22
C LYS A 369 -25.80 -29.90 6.92
N SER A 370 -25.38 -30.52 5.83
CA SER A 370 -26.03 -31.71 5.31
C SER A 370 -25.21 -32.98 5.50
N THR A 371 -24.56 -33.16 6.64
CA THR A 371 -23.71 -34.33 6.83
C THR A 371 -23.92 -34.96 8.21
N GLN A 372 -25.17 -34.93 8.72
CA GLN A 372 -25.58 -35.57 9.98
C GLN A 372 -24.77 -35.09 11.17
N PRO A 373 -25.24 -34.02 11.84
CA PRO A 373 -24.42 -33.04 12.57
C PRO A 373 -23.10 -33.40 13.21
N SER A 374 -22.09 -32.57 12.93
CA SER A 374 -20.71 -32.80 13.31
C SER A 374 -20.05 -31.54 13.85
N ILE A 375 -18.73 -31.56 13.98
CA ILE A 375 -17.97 -30.44 14.52
C ILE A 375 -17.00 -29.94 13.46
N ILE A 376 -16.48 -28.73 13.68
CA ILE A 376 -15.51 -28.08 12.81
C ILE A 376 -14.45 -27.46 13.70
N PHE A 377 -13.19 -27.77 13.43
CA PHE A 377 -12.08 -27.29 14.24
C PHE A 377 -11.21 -26.36 13.41
N PHE A 378 -11.26 -25.06 13.73
CA PHE A 378 -10.28 -24.14 13.19
C PHE A 378 -9.00 -24.22 14.03
N ASP A 379 -7.94 -23.60 13.53
CA ASP A 379 -6.66 -23.64 14.22
C ASP A 379 -5.87 -22.38 13.87
N GLN A 380 -5.26 -21.78 14.89
CA GLN A 380 -4.68 -20.44 14.84
C GLN A 380 -5.66 -19.43 14.24
N ILE A 381 -6.76 -19.22 14.97
CA ILE A 381 -7.83 -18.35 14.51
C ILE A 381 -7.44 -16.88 14.48
N ASP A 382 -6.35 -16.51 15.14
CA ASP A 382 -5.88 -15.13 15.13
C ASP A 382 -5.34 -14.68 13.79
N GLY A 383 -5.08 -15.60 12.86
CA GLY A 383 -4.62 -15.19 11.56
C GLY A 383 -5.77 -15.08 10.58
N LEU A 384 -6.87 -15.77 10.85
CA LEU A 384 -7.99 -15.74 9.93
C LEU A 384 -8.90 -14.54 10.16
N ALA A 385 -9.25 -14.24 11.41
CA ALA A 385 -10.17 -13.15 11.73
C ALA A 385 -9.53 -12.25 12.78
N PRO A 386 -8.73 -11.27 12.36
CA PRO A 386 -8.16 -10.33 13.33
C PRO A 386 -9.15 -9.27 13.75
N VAL A 387 -8.70 -8.29 14.54
CA VAL A 387 -9.58 -7.22 14.97
C VAL A 387 -9.85 -6.30 13.79
N ARG A 388 -11.04 -5.72 13.76
CA ARG A 388 -11.47 -4.88 12.65
C ARG A 388 -11.09 -3.44 12.93
N SER A 389 -10.47 -2.78 11.95
CA SER A 389 -10.08 -1.39 12.10
C SER A 389 -10.08 -0.74 10.72
N SER A 390 -10.12 0.59 10.74
CA SER A 390 -10.08 1.35 9.49
C SER A 390 -8.70 1.28 8.85
N LYS A 391 -7.65 1.21 9.67
CA LYS A 391 -6.29 1.09 9.16
C LYS A 391 -6.05 -0.25 8.49
N GLN A 392 -6.74 -1.31 8.94
CA GLN A 392 -6.62 -2.62 8.34
C GLN A 392 -7.18 -2.61 6.91
N GLU A 393 -6.70 -3.55 6.10
CA GLU A 393 -6.99 -3.55 4.68
C GLU A 393 -8.40 -4.06 4.42
N GLN A 394 -8.82 -4.02 3.16
CA GLN A 394 -10.18 -4.37 2.79
C GLN A 394 -10.40 -5.87 2.68
N ILE A 395 -9.39 -6.62 2.24
CA ILE A 395 -9.54 -8.05 2.01
C ILE A 395 -9.71 -8.79 3.34
N HIS A 396 -9.01 -8.35 4.39
CA HIS A 396 -9.20 -8.97 5.70
C HIS A 396 -10.53 -8.59 6.34
N ALA A 397 -11.07 -7.43 6.00
CA ALA A 397 -12.32 -7.00 6.61
C ALA A 397 -13.50 -7.78 6.05
N SER A 398 -13.39 -8.27 4.81
CA SER A 398 -14.50 -8.99 4.23
C SER A 398 -14.55 -10.45 4.67
N ILE A 399 -13.39 -11.03 4.99
CA ILE A 399 -13.36 -12.40 5.51
C ILE A 399 -13.96 -12.44 6.90
N VAL A 400 -13.72 -11.40 7.70
CA VAL A 400 -14.34 -11.31 9.02
C VAL A 400 -15.85 -11.14 8.87
N SER A 401 -16.26 -10.24 7.98
CA SER A 401 -17.67 -9.87 7.88
C SER A 401 -18.53 -10.99 7.32
N THR A 402 -17.93 -11.95 6.64
CA THR A 402 -18.70 -13.11 6.20
C THR A 402 -18.76 -14.18 7.26
N LEU A 403 -17.69 -14.36 8.04
CA LEU A 403 -17.68 -15.40 9.05
C LEU A 403 -18.59 -15.06 10.22
N LEU A 404 -18.85 -13.77 10.44
CA LEU A 404 -19.88 -13.36 11.39
C LEU A 404 -21.26 -13.81 10.92
N ALA A 405 -21.50 -13.73 9.61
CA ALA A 405 -22.85 -13.92 9.09
C ALA A 405 -23.26 -15.38 9.03
N LEU A 406 -22.29 -16.28 8.91
CA LEU A 406 -22.66 -17.68 8.70
C LEU A 406 -22.95 -18.39 10.01
N MET A 407 -22.22 -18.06 11.08
CA MET A 407 -22.30 -18.83 12.31
C MET A 407 -23.57 -18.53 13.09
N ASP A 408 -24.11 -17.32 12.98
CA ASP A 408 -25.39 -17.00 13.62
C ASP A 408 -26.51 -17.01 12.59
N GLY A 409 -26.41 -16.18 11.56
CA GLY A 409 -27.39 -16.16 10.49
C GLY A 409 -28.74 -15.63 10.90
N MET A 410 -29.71 -15.81 10.01
CA MET A 410 -31.08 -15.42 10.32
C MET A 410 -32.09 -16.53 10.17
N GLU A 411 -31.77 -17.63 9.48
CA GLU A 411 -32.70 -18.75 9.44
C GLU A 411 -32.34 -19.82 10.47
N SER A 412 -31.11 -20.32 10.43
CA SER A 412 -30.45 -21.23 11.37
C SER A 412 -29.06 -21.47 10.80
N ARG A 413 -28.26 -22.22 11.55
CA ARG A 413 -27.11 -22.88 10.96
C ARG A 413 -27.25 -24.38 11.00
N GLY A 414 -28.36 -24.88 11.50
CA GLY A 414 -28.55 -26.32 11.63
C GLY A 414 -28.02 -26.82 12.96
N GLN A 415 -26.99 -27.66 12.90
CA GLN A 415 -26.40 -28.18 14.13
C GLN A 415 -24.93 -28.47 13.83
N VAL A 416 -24.09 -27.47 14.06
CA VAL A 416 -22.65 -27.59 13.89
C VAL A 416 -22.01 -27.02 15.15
N ILE A 417 -20.98 -27.69 15.65
CA ILE A 417 -20.27 -27.25 16.85
C ILE A 417 -18.92 -26.71 16.43
N ILE A 418 -18.65 -25.45 16.78
CA ILE A 418 -17.46 -24.74 16.29
C ILE A 418 -16.45 -24.63 17.43
N ILE A 419 -15.20 -24.96 17.12
CA ILE A 419 -14.11 -24.96 18.09
C ILE A 419 -12.95 -24.16 17.51
N GLY A 420 -12.50 -23.15 18.24
CA GLY A 420 -11.33 -22.38 17.87
C GLY A 420 -10.17 -22.63 18.82
N ALA A 421 -9.00 -22.17 18.40
CA ALA A 421 -7.78 -22.31 19.20
C ALA A 421 -6.80 -21.24 18.79
N THR A 422 -6.19 -20.57 19.76
CA THR A 422 -5.21 -19.54 19.48
C THR A 422 -4.23 -19.44 20.64
N ASN A 423 -3.27 -18.53 20.50
CA ASN A 423 -2.21 -18.36 21.48
C ASN A 423 -2.28 -17.06 22.25
N ARG A 424 -2.99 -16.06 21.72
CA ARG A 424 -3.21 -14.83 22.48
C ARG A 424 -4.65 -14.39 22.28
N PRO A 425 -5.48 -14.47 23.31
CA PRO A 425 -6.92 -14.32 23.10
C PRO A 425 -7.40 -12.88 23.13
N ASP A 426 -6.72 -11.99 22.43
CA ASP A 426 -7.26 -10.65 22.25
C ASP A 426 -6.97 -10.08 20.86
N ALA A 427 -6.39 -10.86 19.96
CA ALA A 427 -6.24 -10.43 18.59
C ALA A 427 -7.48 -10.73 17.76
N VAL A 428 -8.45 -11.42 18.32
CA VAL A 428 -9.69 -11.70 17.61
C VAL A 428 -10.61 -10.49 17.73
N ASP A 429 -11.60 -10.45 16.86
CA ASP A 429 -12.60 -9.40 16.92
C ASP A 429 -13.51 -9.67 18.11
N PRO A 430 -13.77 -8.68 18.97
CA PRO A 430 -14.61 -8.91 20.15
C PRO A 430 -16.05 -9.25 19.84
N ALA A 431 -16.53 -9.00 18.63
CA ALA A 431 -17.88 -9.40 18.25
C ALA A 431 -17.97 -10.87 17.86
N LEU A 432 -16.89 -11.61 18.04
CA LEU A 432 -16.86 -13.03 17.73
C LEU A 432 -16.91 -13.88 19.00
N ARG A 433 -16.93 -13.27 20.18
CA ARG A 433 -16.88 -13.99 21.44
C ARG A 433 -18.13 -13.77 22.28
N ARG A 434 -19.30 -13.89 21.68
CA ARG A 434 -20.57 -13.72 22.35
C ARG A 434 -21.35 -15.03 22.33
N PRO A 435 -22.41 -15.14 23.14
CA PRO A 435 -23.28 -16.32 23.06
C PRO A 435 -23.88 -16.53 21.68
N GLY A 436 -24.02 -17.79 21.32
CA GLY A 436 -24.37 -18.18 19.98
C GLY A 436 -23.19 -18.47 19.10
N ARG A 437 -22.01 -17.93 19.40
CA ARG A 437 -20.82 -18.19 18.59
C ARG A 437 -19.74 -18.95 19.33
N PHE A 438 -19.21 -18.40 20.42
CA PHE A 438 -18.06 -19.02 21.07
C PHE A 438 -18.32 -19.36 22.53
N ASP A 439 -18.84 -18.43 23.31
CA ASP A 439 -19.65 -18.58 24.53
C ASP A 439 -19.12 -19.51 25.63
N ARG A 440 -17.90 -20.02 25.50
CA ARG A 440 -17.31 -20.90 26.50
C ARG A 440 -15.81 -20.92 26.27
N GLU A 441 -15.05 -20.43 27.24
CA GLU A 441 -13.61 -20.32 27.12
C GLU A 441 -12.92 -21.22 28.14
N PHE A 442 -11.93 -21.95 27.69
CA PHE A 442 -11.10 -22.79 28.54
C PHE A 442 -9.68 -22.26 28.51
N TYR A 443 -8.99 -22.34 29.64
CA TYR A 443 -7.62 -21.86 29.75
C TYR A 443 -6.71 -23.02 30.09
N PHE A 444 -5.55 -23.09 29.44
CA PHE A 444 -4.70 -24.23 29.72
C PHE A 444 -3.55 -23.81 30.61
N PRO A 445 -3.33 -24.51 31.73
CA PRO A 445 -2.57 -23.94 32.85
C PRO A 445 -1.09 -24.28 32.94
N LEU A 446 -0.48 -24.90 31.91
CA LEU A 446 0.93 -25.34 31.91
C LEU A 446 1.21 -26.27 33.08
N PRO A 447 0.88 -27.57 32.95
CA PRO A 447 0.39 -28.41 34.06
C PRO A 447 1.11 -28.48 35.40
N ASP A 448 0.34 -28.91 36.39
CA ASP A 448 0.67 -29.04 37.81
C ASP A 448 1.59 -30.26 38.04
N ARG A 449 2.15 -30.35 39.25
CA ARG A 449 3.04 -31.46 39.60
C ARG A 449 2.30 -32.78 39.63
N ASP A 450 1.12 -32.80 40.26
CA ASP A 450 0.27 -33.98 40.19
C ASP A 450 -0.23 -34.22 38.76
N ALA A 451 -0.36 -33.14 37.99
CA ALA A 451 -0.64 -33.32 36.56
C ALA A 451 0.61 -33.75 35.81
N ARG A 452 1.80 -33.44 36.33
CA ARG A 452 3.02 -33.89 35.66
C ARG A 452 3.23 -35.37 35.85
N LYS A 453 2.94 -35.88 37.05
CA LYS A 453 3.13 -37.29 37.36
C LYS A 453 2.18 -38.17 36.57
N LYS A 454 1.00 -37.67 36.24
CA LYS A 454 0.09 -38.44 35.41
C LYS A 454 0.54 -38.42 33.96
N ILE A 455 1.01 -37.27 33.47
CA ILE A 455 1.27 -37.12 32.05
C ILE A 455 2.59 -37.75 31.64
N ILE A 456 3.43 -38.16 32.60
CA ILE A 456 4.63 -38.90 32.24
C ILE A 456 4.34 -40.39 32.13
N GLU A 457 3.37 -40.89 32.89
CA GLU A 457 3.01 -42.31 32.84
C GLU A 457 2.24 -42.65 31.57
N ILE A 458 1.59 -41.64 30.98
CA ILE A 458 0.73 -41.87 29.81
C ILE A 458 1.57 -42.28 28.60
N HIS A 459 2.80 -41.80 28.51
CA HIS A 459 3.68 -42.18 27.41
C HIS A 459 4.35 -43.54 27.59
N THR A 460 4.06 -44.25 28.68
CA THR A 460 4.71 -45.52 29.00
C THR A 460 3.68 -46.59 29.37
N ARG A 461 2.64 -46.72 28.57
CA ARG A 461 1.53 -47.61 28.88
C ARG A 461 1.62 -48.96 28.16
N ASN A 462 2.28 -49.03 27.02
CA ASN A 462 2.38 -50.27 26.26
C ASN A 462 3.71 -50.97 26.44
N TRP A 463 4.55 -50.50 27.36
CA TRP A 463 5.89 -51.05 27.52
C TRP A 463 5.83 -52.34 28.34
N ASP A 464 6.40 -53.42 27.78
CA ASP A 464 6.58 -54.67 28.51
C ASP A 464 7.81 -54.67 29.43
N PRO A 465 8.98 -54.09 29.07
CA PRO A 465 9.96 -53.77 30.11
C PRO A 465 9.42 -52.72 31.06
N PRO A 466 9.22 -53.06 32.32
CA PRO A 466 8.42 -52.22 33.21
C PRO A 466 9.16 -50.97 33.65
N VAL A 467 8.39 -50.02 34.16
CA VAL A 467 8.88 -48.71 34.56
C VAL A 467 8.96 -48.64 36.08
N PRO A 468 10.05 -48.13 36.66
CA PRO A 468 10.12 -47.98 38.12
C PRO A 468 9.27 -46.81 38.58
N GLU A 469 8.52 -47.00 39.66
CA GLU A 469 7.60 -45.99 40.13
C GLU A 469 8.22 -45.02 41.12
N TRP A 470 9.34 -45.39 41.76
CA TRP A 470 10.05 -44.45 42.63
C TRP A 470 10.77 -43.38 41.82
N LEU A 471 11.05 -43.65 40.55
CA LEU A 471 11.73 -42.72 39.68
C LEU A 471 10.78 -41.85 38.88
N CYS A 472 9.60 -42.37 38.50
CA CYS A 472 8.61 -41.58 37.78
C CYS A 472 8.05 -40.48 38.67
N SER A 473 8.00 -40.72 39.97
CA SER A 473 7.71 -39.62 40.90
C SER A 473 8.91 -38.71 41.05
N MET A 474 10.12 -39.24 40.91
CA MET A 474 11.32 -38.44 41.08
C MET A 474 11.51 -37.46 39.92
N LEU A 475 11.14 -37.88 38.70
CA LEU A 475 11.24 -36.99 37.55
C LEU A 475 10.24 -35.84 37.59
N ALA A 476 9.25 -35.89 38.48
CA ALA A 476 8.25 -34.84 38.54
C ALA A 476 8.83 -33.55 39.09
N GLU A 477 9.44 -33.59 40.28
CA GLU A 477 9.86 -32.36 40.94
C GLU A 477 11.05 -31.69 40.26
N LYS A 478 11.79 -32.41 39.44
CA LYS A 478 12.89 -31.83 38.69
C LYS A 478 12.46 -31.42 37.29
N SER A 479 11.18 -31.14 37.08
CA SER A 479 10.65 -30.81 35.76
C SER A 479 9.63 -29.69 35.85
N LYS A 480 9.80 -28.79 36.81
CA LYS A 480 8.87 -27.67 36.96
C LYS A 480 9.09 -26.67 35.85
N GLY A 481 8.02 -26.31 35.14
CA GLY A 481 8.09 -25.33 34.09
C GLY A 481 8.31 -25.88 32.71
N TYR A 482 8.36 -27.21 32.56
CA TYR A 482 8.54 -27.78 31.24
C TYR A 482 7.27 -27.68 30.41
N GLY A 483 6.17 -28.21 30.93
CA GLY A 483 5.00 -28.42 30.13
C GLY A 483 5.13 -29.66 29.26
N GLY A 484 4.00 -30.11 28.76
CA GLY A 484 4.03 -31.35 28.02
C GLY A 484 4.58 -31.29 26.62
N ALA A 485 4.83 -30.08 26.09
CA ALA A 485 5.28 -29.96 24.71
C ALA A 485 6.70 -30.47 24.53
N ASP A 486 7.53 -30.35 25.55
CA ASP A 486 8.85 -30.95 25.53
C ASP A 486 8.97 -32.11 26.51
N LEU A 487 7.90 -32.44 27.23
CA LEU A 487 7.98 -33.56 28.16
C LEU A 487 7.89 -34.88 27.43
N ARG A 488 7.15 -34.93 26.33
CA ARG A 488 7.23 -36.09 25.45
C ARG A 488 8.57 -36.14 24.74
N ALA A 489 9.18 -34.98 24.50
CA ALA A 489 10.50 -34.96 23.87
C ALA A 489 11.58 -35.48 24.81
N LEU A 490 11.39 -35.31 26.12
CA LEU A 490 12.38 -35.80 27.07
C LEU A 490 12.38 -37.32 27.13
N CYS A 491 11.19 -37.92 27.08
CA CYS A 491 11.11 -39.38 27.08
C CYS A 491 11.61 -39.96 25.76
N THR A 492 11.33 -39.27 24.65
CA THR A 492 11.72 -39.78 23.34
C THR A 492 13.22 -39.65 23.12
N GLU A 493 13.82 -38.53 23.58
CA GLU A 493 15.25 -38.35 23.43
C GLU A 493 16.03 -39.31 24.32
N ALA A 494 15.42 -39.76 25.42
CA ALA A 494 16.15 -40.64 26.33
C ALA A 494 15.93 -42.10 25.99
N ALA A 495 14.73 -42.49 25.57
CA ALA A 495 14.47 -43.90 25.26
C ALA A 495 15.18 -44.31 23.97
N LEU A 496 15.30 -43.40 23.01
CA LEU A 496 16.13 -43.64 21.85
C LEU A 496 17.61 -43.68 22.23
N ASN A 497 18.00 -42.90 23.23
CA ASN A 497 19.37 -42.93 23.71
C ASN A 497 19.67 -44.18 24.51
N SER A 498 18.64 -44.90 24.96
CA SER A 498 18.82 -46.09 25.77
C SER A 498 19.24 -47.30 24.95
N ILE A 499 19.35 -47.19 23.62
CA ILE A 499 19.83 -48.31 22.82
C ILE A 499 21.35 -48.31 22.73
N LYS A 500 22.01 -47.23 23.12
CA LYS A 500 23.46 -47.16 23.09
C LYS A 500 24.01 -46.92 24.50
N ILE A 520 14.49 -53.76 26.00
CA ILE A 520 15.02 -52.42 26.07
C ILE A 520 14.74 -51.80 27.45
N LYS A 521 15.77 -51.67 28.27
CA LYS A 521 15.65 -51.16 29.62
C LYS A 521 16.33 -49.81 29.74
N VAL A 522 15.81 -48.98 30.65
CA VAL A 522 16.37 -47.67 30.94
C VAL A 522 16.82 -47.65 32.39
N LYS A 523 18.00 -47.08 32.62
CA LYS A 523 18.57 -46.99 33.96
C LYS A 523 18.38 -45.59 34.51
N VAL A 524 18.77 -45.40 35.77
CA VAL A 524 18.76 -44.07 36.38
C VAL A 524 19.87 -43.21 35.79
N LYS A 525 20.92 -43.81 35.24
CA LYS A 525 22.02 -43.05 34.68
C LYS A 525 21.69 -42.48 33.31
N ASP A 526 20.61 -42.95 32.68
CA ASP A 526 20.26 -42.46 31.35
C ASP A 526 19.56 -41.11 31.41
N PHE A 527 18.63 -40.94 32.36
CA PHE A 527 17.82 -39.73 32.40
C PHE A 527 18.63 -38.53 32.90
N VAL A 528 19.64 -38.75 33.74
CA VAL A 528 20.40 -37.64 34.28
C VAL A 528 21.34 -37.03 33.23
N MET A 529 21.67 -37.78 32.17
CA MET A 529 22.42 -37.18 31.07
C MET A 529 21.47 -36.47 30.09
N SER A 530 20.23 -36.93 29.98
CA SER A 530 19.27 -36.27 29.11
C SER A 530 18.80 -34.94 29.67
N MET A 531 18.84 -34.79 31.00
CA MET A 531 18.47 -33.53 31.61
C MET A 531 19.55 -32.48 31.40
N LYS A 532 20.81 -32.89 31.29
CA LYS A 532 21.89 -31.95 31.10
C LYS A 532 21.97 -31.41 29.67
N ARG A 533 21.27 -32.02 28.73
CA ARG A 533 21.20 -31.50 27.37
C ARG A 533 19.93 -30.69 27.12
N MET A 534 18.81 -31.06 27.73
CA MET A 534 17.57 -30.30 27.63
C MET A 534 16.70 -30.52 28.86
N SER A 544 13.27 -19.85 33.91
CA SER A 544 12.72 -19.34 35.15
C SER A 544 13.66 -19.60 36.32
N PRO A 545 13.76 -18.64 37.23
CA PRO A 545 14.64 -18.83 38.40
C PRO A 545 14.04 -19.79 39.41
N SER A 546 14.26 -21.09 39.21
CA SER A 546 13.53 -22.12 39.95
C SER A 546 14.51 -23.18 40.47
N LYS A 547 15.60 -22.73 41.10
CA LYS A 547 16.59 -23.62 41.65
C LYS A 547 16.68 -23.47 43.16
N PRO A 548 16.66 -24.57 43.93
CA PRO A 548 16.58 -24.46 45.39
C PRO A 548 17.92 -24.18 46.04
N LEU A 549 17.94 -24.28 47.37
CA LEU A 549 19.21 -24.24 48.09
C LEU A 549 20.10 -25.40 47.66
N SER A 550 21.40 -25.14 47.58
CA SER A 550 22.33 -26.21 47.28
C SER A 550 22.50 -27.11 48.50
N PRO A 551 22.95 -28.35 48.31
CA PRO A 551 23.32 -29.17 49.48
C PRO A 551 24.50 -28.61 50.26
N GLU A 552 25.34 -27.78 49.66
CA GLU A 552 26.48 -27.23 50.36
C GLU A 552 26.07 -26.09 51.29
N LEU A 553 25.24 -25.18 50.82
CA LEU A 553 24.84 -24.02 51.61
C LEU A 553 23.62 -24.29 52.47
N LYS A 554 23.24 -25.55 52.65
CA LYS A 554 22.07 -25.88 53.46
C LYS A 554 22.19 -25.50 54.93
N PRO A 555 23.28 -25.75 55.67
CA PRO A 555 23.28 -25.30 57.07
C PRO A 555 23.46 -23.80 57.23
N LEU A 556 23.84 -23.09 56.18
CA LEU A 556 24.03 -21.65 56.31
C LEU A 556 22.73 -20.89 56.16
N LEU A 557 21.82 -21.37 55.31
CA LEU A 557 20.54 -20.73 55.08
C LEU A 557 19.40 -21.64 55.48
N ASN A 558 19.58 -22.38 56.57
CA ASN A 558 18.54 -23.30 57.03
C ASN A 558 17.41 -22.54 57.71
N GLU A 559 17.74 -21.76 58.75
CA GLU A 559 16.72 -21.14 59.59
C GLU A 559 15.98 -20.03 58.86
N ALA A 560 16.61 -19.42 57.85
CA ALA A 560 15.95 -18.37 57.10
C ALA A 560 14.83 -18.93 56.24
N PHE A 561 15.00 -20.15 55.72
CA PHE A 561 13.92 -20.78 54.98
C PHE A 561 12.81 -21.24 55.89
N GLN A 562 13.10 -21.47 57.17
CA GLN A 562 12.06 -21.78 58.12
C GLN A 562 11.17 -20.58 58.40
N ASP A 563 11.78 -19.40 58.51
CA ASP A 563 11.02 -18.23 58.91
C ASP A 563 10.25 -17.63 57.75
N ILE A 564 10.78 -17.78 56.53
CA ILE A 564 10.09 -17.24 55.37
C ILE A 564 8.84 -18.06 55.06
N GLU A 565 8.95 -19.39 55.16
CA GLU A 565 7.84 -20.26 54.80
C GLU A 565 6.74 -20.22 55.85
N LYS A 566 7.06 -19.84 57.09
CA LYS A 566 5.99 -19.66 58.07
C LYS A 566 5.47 -18.23 58.10
N THR A 567 5.95 -17.37 57.22
CA THR A 567 5.38 -16.03 57.09
C THR A 567 4.53 -15.94 55.82
N LEU A 568 5.06 -16.44 54.70
CA LEU A 568 4.33 -16.43 53.44
C LEU A 568 3.14 -17.37 53.42
N GLN A 569 3.06 -18.30 54.36
CA GLN A 569 1.82 -19.05 54.55
C GLN A 569 0.79 -18.22 55.31
N LYS A 570 1.25 -17.31 56.17
CA LYS A 570 0.32 -16.47 56.91
C LYS A 570 -0.29 -15.37 56.07
N LEU A 571 0.40 -14.95 55.01
CA LEU A 571 -0.11 -13.85 54.19
C LEU A 571 -1.26 -14.28 53.31
N MET A 572 -1.07 -15.31 52.52
CA MET A 572 -2.19 -15.79 51.72
C MET A 572 -2.15 -17.30 51.53
N PRO A 573 -3.12 -18.03 52.06
CA PRO A 573 -3.19 -19.46 51.81
C PRO A 573 -3.80 -19.73 50.44
N VAL A 574 -3.55 -20.94 49.97
CA VAL A 574 -4.07 -21.38 48.68
C VAL A 574 -4.65 -22.78 48.84
N ALA A 575 -5.90 -22.94 48.41
CA ALA A 575 -6.58 -24.23 48.48
C ALA A 575 -7.37 -24.38 47.19
N SER A 576 -6.96 -25.33 46.37
CA SER A 576 -7.69 -25.63 45.14
C SER A 576 -9.04 -26.23 45.49
N LYS A 577 -10.10 -25.56 45.04
CA LYS A 577 -11.44 -26.12 45.14
C LYS A 577 -11.53 -27.40 44.35
N LEU A 578 -12.35 -28.33 44.83
CA LEU A 578 -12.54 -29.62 44.19
C LEU A 578 -13.27 -29.44 42.85
N ASN A 579 -13.33 -30.53 42.08
CA ASN A 579 -14.01 -30.48 40.79
C ASN A 579 -15.51 -30.34 41.01
N PRO A 580 -16.23 -29.66 40.09
CA PRO A 580 -17.65 -29.37 40.33
C PRO A 580 -18.55 -30.58 40.40
N LEU A 581 -18.09 -31.74 39.90
CA LEU A 581 -18.84 -32.97 40.08
C LEU A 581 -18.79 -33.48 41.51
N GLU A 582 -17.77 -33.09 42.29
CA GLU A 582 -17.59 -33.74 43.59
C GLU A 582 -18.46 -33.10 44.67
N GLU A 583 -18.57 -31.77 44.69
CA GLU A 583 -19.36 -31.14 45.75
C GLU A 583 -20.85 -31.34 45.56
N VAL A 584 -21.30 -31.67 44.35
CA VAL A 584 -22.72 -31.89 44.14
C VAL A 584 -23.18 -33.23 44.69
N MET A 585 -22.23 -34.11 45.03
CA MET A 585 -22.59 -35.40 45.61
C MET A 585 -22.97 -35.30 47.08
N TYR A 586 -22.72 -34.17 47.72
CA TYR A 586 -22.92 -34.05 49.16
C TYR A 586 -24.38 -33.71 49.47
N ASP A 587 -24.64 -33.30 50.70
CA ASP A 587 -26.00 -33.15 51.18
C ASP A 587 -26.58 -31.80 50.73
N ASP A 588 -27.91 -31.71 50.77
CA ASP A 588 -28.65 -30.51 50.45
C ASP A 588 -29.42 -30.04 51.69
N PRO A 589 -28.74 -29.43 52.65
CA PRO A 589 -29.39 -29.11 53.94
C PRO A 589 -30.43 -27.99 53.91
N LYS A 590 -30.09 -26.83 53.34
CA LYS A 590 -30.84 -25.62 53.66
C LYS A 590 -31.15 -24.72 52.48
N GLU A 591 -30.63 -24.98 51.28
CA GLU A 591 -30.56 -23.97 50.21
C GLU A 591 -31.95 -23.67 49.65
N ASN A 592 -32.53 -22.58 50.13
CA ASN A 592 -33.81 -22.10 49.60
C ASN A 592 -33.88 -20.60 49.41
N ASP A 593 -32.95 -19.82 49.95
CA ASP A 593 -33.03 -18.36 49.92
C ASP A 593 -31.65 -17.79 49.61
N PHE A 594 -31.61 -16.46 49.40
CA PHE A 594 -30.37 -15.69 49.33
C PHE A 594 -29.79 -15.37 50.71
N GLU A 595 -30.43 -15.83 51.79
CA GLU A 595 -30.01 -15.44 53.12
C GLU A 595 -28.69 -16.09 53.53
N TYR A 596 -28.27 -17.14 52.82
CA TYR A 596 -27.16 -17.97 53.23
C TYR A 596 -26.13 -18.19 52.14
N GLN A 597 -26.50 -18.04 50.87
CA GLN A 597 -25.62 -18.32 49.75
C GLN A 597 -24.65 -17.20 49.44
N GLN A 598 -24.49 -16.23 50.34
CA GLN A 598 -23.48 -15.20 50.18
C GLN A 598 -22.44 -15.22 51.28
N ARG A 599 -22.80 -15.65 52.48
CA ARG A 599 -21.83 -15.69 53.57
C ARG A 599 -20.92 -16.90 53.50
N LEU A 600 -21.22 -17.90 52.67
CA LEU A 600 -20.36 -19.07 52.62
C LEU A 600 -19.08 -18.77 51.84
N GLU A 601 -19.16 -17.99 50.78
CA GLU A 601 -17.97 -17.50 50.09
C GLU A 601 -17.60 -16.11 50.57
N THR A 602 -17.57 -15.96 51.85
CA THR A 602 -17.12 -14.74 52.51
C THR A 602 -16.12 -15.05 53.61
N PHE A 603 -16.31 -16.16 54.31
CA PHE A 603 -15.49 -16.52 55.47
C PHE A 603 -14.08 -16.93 55.09
N GLU A 604 -13.80 -17.11 53.81
CA GLU A 604 -12.46 -17.44 53.35
C GLU A 604 -11.80 -16.32 52.56
N THR A 605 -12.58 -15.38 52.03
CA THR A 605 -12.05 -14.27 51.25
C THR A 605 -12.03 -12.97 52.02
N LEU A 606 -12.46 -12.99 53.28
CA LEU A 606 -12.27 -11.87 54.18
C LEU A 606 -11.04 -12.10 55.06
N ARG A 607 -10.04 -12.78 54.52
CA ARG A 607 -8.88 -13.19 55.29
C ARG A 607 -7.60 -12.48 54.89
N ILE A 608 -7.56 -11.86 53.70
CA ILE A 608 -6.34 -11.28 53.18
C ILE A 608 -6.54 -9.79 52.91
N TYR A 609 -5.44 -9.05 52.95
CA TYR A 609 -5.47 -7.62 52.61
C TYR A 609 -4.04 -7.20 52.28
N LYS A 610 -3.79 -6.87 51.01
CA LYS A 610 -2.55 -6.28 50.49
C LYS A 610 -1.27 -7.06 50.83
N PRO A 611 -1.01 -8.16 50.15
CA PRO A 611 0.13 -9.01 50.51
C PRO A 611 1.50 -8.58 49.98
N ARG A 612 2.22 -7.72 50.69
CA ARG A 612 3.56 -7.31 50.27
C ARG A 612 4.64 -7.92 51.18
N PHE A 613 5.82 -8.15 50.61
CA PHE A 613 6.97 -8.69 51.33
C PHE A 613 8.25 -8.50 50.53
N LEU A 614 9.37 -8.21 51.21
CA LEU A 614 10.68 -8.10 50.58
C LEU A 614 11.77 -8.34 51.62
N ILE A 615 13.00 -8.54 51.14
CA ILE A 615 14.15 -8.82 52.00
C ILE A 615 15.31 -7.92 51.62
N CYS A 616 16.14 -7.58 52.60
CA CYS A 616 17.24 -6.64 52.43
C CYS A 616 18.54 -7.22 52.95
N GLY A 617 19.65 -6.76 52.37
CA GLY A 617 20.96 -7.25 52.74
C GLY A 617 22.05 -6.31 52.31
N ARG A 618 23.30 -6.75 52.50
CA ARG A 618 24.45 -5.93 52.19
C ARG A 618 25.35 -6.64 51.17
N LYS A 619 24.72 -7.18 50.12
CA LYS A 619 25.32 -8.18 49.23
C LYS A 619 25.87 -9.33 50.04
N GLY A 620 24.98 -9.91 50.85
CA GLY A 620 25.29 -11.04 51.70
C GLY A 620 24.02 -11.66 52.22
N LEU A 621 23.94 -12.99 52.18
CA LEU A 621 22.77 -13.80 52.56
C LEU A 621 21.50 -13.43 51.78
N GLY A 622 21.43 -13.81 50.50
CA GLY A 622 22.49 -14.04 49.54
C GLY A 622 21.97 -13.32 48.32
N GLN A 623 20.66 -13.08 48.37
CA GLN A 623 19.89 -12.18 47.51
C GLN A 623 19.90 -12.52 46.02
N THR A 624 20.56 -13.60 45.65
CA THR A 624 20.63 -14.10 44.28
C THR A 624 20.34 -15.59 44.23
N ALA A 625 20.51 -16.30 45.33
CA ALA A 625 20.23 -17.72 45.39
C ALA A 625 19.06 -18.02 46.30
N LEU A 626 18.92 -17.27 47.40
CA LEU A 626 17.77 -17.43 48.27
C LEU A 626 16.46 -17.03 47.61
N GLY A 627 16.52 -16.10 46.67
CA GLY A 627 15.40 -15.73 45.84
C GLY A 627 14.75 -16.86 45.05
N PRO A 628 15.49 -17.45 44.09
CA PRO A 628 14.88 -18.48 43.22
C PRO A 628 14.49 -19.77 43.92
N ALA A 629 14.91 -19.98 45.16
CA ALA A 629 14.56 -21.21 45.87
C ALA A 629 13.08 -21.24 46.21
N ILE A 630 12.54 -20.13 46.72
CA ILE A 630 11.17 -20.12 47.21
C ILE A 630 10.14 -20.09 46.09
N LEU A 631 10.57 -19.91 44.84
CA LEU A 631 9.61 -19.83 43.76
C LEU A 631 9.03 -21.20 43.40
N GLN A 632 9.81 -22.27 43.58
CA GLN A 632 9.31 -23.60 43.26
C GLN A 632 8.67 -24.27 44.48
N GLN A 633 7.73 -23.58 45.10
CA GLN A 633 6.99 -24.16 46.20
C GLN A 633 5.48 -23.99 46.08
N TYR A 634 5.00 -22.97 45.38
CA TYR A 634 3.58 -22.64 45.43
C TYR A 634 2.75 -23.60 44.60
N GLU A 635 3.24 -23.97 43.41
CA GLU A 635 2.73 -25.10 42.62
C GLU A 635 1.25 -24.90 42.23
N GLY A 636 1.04 -23.91 41.37
CA GLY A 636 -0.31 -23.61 40.91
C GLY A 636 -0.52 -22.13 40.74
N VAL A 637 0.52 -21.37 41.02
CA VAL A 637 0.48 -19.91 41.03
C VAL A 637 1.23 -19.41 39.80
N HIS A 638 0.57 -18.57 39.01
CA HIS A 638 1.21 -17.99 37.83
C HIS A 638 2.31 -17.02 38.26
N VAL A 639 3.46 -17.10 37.59
CA VAL A 639 4.61 -16.26 37.90
C VAL A 639 4.85 -15.31 36.75
N GLN A 640 5.03 -14.03 37.06
CA GLN A 640 5.30 -13.04 36.04
C GLN A 640 6.24 -11.99 36.64
N SER A 641 7.28 -11.63 35.89
CA SER A 641 8.33 -10.77 36.38
C SER A 641 8.35 -9.45 35.63
N PHE A 642 8.59 -8.36 36.37
CA PHE A 642 8.67 -7.03 35.80
C PHE A 642 10.11 -6.55 35.65
N ASP A 643 11.03 -7.45 35.32
CA ASP A 643 12.43 -7.07 35.21
C ASP A 643 12.69 -6.36 33.89
N MET A 644 13.90 -5.82 33.76
CA MET A 644 14.23 -4.96 32.63
C MET A 644 14.31 -5.76 31.33
N SER A 645 14.85 -6.97 31.39
CA SER A 645 15.05 -7.76 30.18
C SER A 645 13.80 -8.48 29.72
N THR A 646 12.66 -8.33 30.40
CA THR A 646 11.46 -9.05 30.01
C THR A 646 10.29 -8.13 29.69
N LEU A 647 10.52 -6.83 29.57
CA LEU A 647 9.50 -5.96 28.99
C LEU A 647 10.05 -5.06 27.88
N LEU A 648 11.33 -5.16 27.57
CA LEU A 648 11.93 -4.47 26.43
C LEU A 648 12.05 -5.37 25.22
N GLN A 649 11.09 -6.28 25.00
CA GLN A 649 11.14 -7.14 23.84
C GLN A 649 10.84 -6.36 22.57
N ASP A 650 9.64 -5.82 22.47
CA ASP A 650 9.26 -4.99 21.33
C ASP A 650 9.67 -3.55 21.63
N SER A 651 10.74 -3.10 20.99
CA SER A 651 11.23 -1.73 21.17
C SER A 651 10.51 -0.73 20.28
N THR A 652 9.40 -1.11 19.66
CA THR A 652 8.69 -0.24 18.75
C THR A 652 7.40 0.33 19.30
N GLN A 653 6.92 -0.14 20.46
CA GLN A 653 5.69 0.44 21.03
C GLN A 653 6.02 1.54 22.04
N SER A 654 6.53 1.15 23.21
CA SER A 654 6.92 2.02 24.32
C SER A 654 7.42 1.15 25.46
N ILE A 655 7.90 1.78 26.54
CA ILE A 655 8.05 1.07 27.81
C ILE A 655 6.85 1.31 28.72
N GLU A 656 5.95 2.21 28.34
CA GLU A 656 4.77 2.48 29.14
C GLU A 656 3.60 1.57 28.80
N THR A 657 3.37 1.33 27.51
CA THR A 657 2.22 0.52 27.12
C THR A 657 2.46 -0.96 27.36
N SER A 658 3.71 -1.34 27.62
CA SER A 658 4.00 -2.74 27.90
C SER A 658 3.54 -3.14 29.29
N ILE A 659 3.63 -2.23 30.25
CA ILE A 659 3.27 -2.55 31.63
C ILE A 659 1.77 -2.76 31.75
N ILE A 660 0.99 -1.93 31.06
CA ILE A 660 -0.47 -2.07 31.10
C ILE A 660 -0.90 -3.31 30.34
N HIS A 661 -0.12 -3.73 29.34
CA HIS A 661 -0.39 -5.00 28.69
C HIS A 661 -0.06 -6.17 29.59
N LEU A 662 0.83 -5.98 30.57
CA LEU A 662 1.21 -7.07 31.45
C LEU A 662 0.29 -7.20 32.66
N PHE A 663 -0.22 -6.09 33.19
CA PHE A 663 -1.11 -6.16 34.35
C PHE A 663 -2.46 -6.73 33.98
N LEU A 664 -2.83 -6.68 32.71
CA LEU A 664 -4.09 -7.29 32.29
C LEU A 664 -4.04 -8.80 32.33
N GLU A 665 -2.86 -9.40 32.30
CA GLU A 665 -2.76 -10.85 32.36
C GLU A 665 -2.72 -11.37 33.78
N VAL A 666 -2.09 -10.62 34.68
CA VAL A 666 -2.10 -10.99 36.10
C VAL A 666 -3.52 -10.86 36.65
N ARG A 667 -4.22 -9.80 36.27
CA ARG A 667 -5.57 -9.56 36.76
C ARG A 667 -6.57 -10.55 36.18
N ARG A 668 -6.29 -11.09 35.00
CA ARG A 668 -7.21 -12.02 34.38
C ARG A 668 -7.14 -13.41 35.02
N HIS A 669 -6.08 -13.68 35.78
CA HIS A 669 -5.92 -14.97 36.43
C HIS A 669 -6.04 -14.83 37.93
N THR A 670 -6.12 -15.98 38.57
CA THR A 670 -6.20 -16.13 40.01
C THR A 670 -4.80 -16.60 40.43
N PRO A 671 -4.51 -16.85 41.75
CA PRO A 671 -3.36 -16.19 42.42
C PRO A 671 -2.07 -16.07 41.64
N SER A 672 -1.45 -14.89 41.66
CA SER A 672 -0.18 -14.69 40.97
C SER A 672 0.73 -13.80 41.79
N ILE A 673 1.98 -13.70 41.35
CA ILE A 673 3.01 -12.94 42.04
C ILE A 673 3.52 -11.86 41.12
N ILE A 674 3.77 -10.68 41.67
CA ILE A 674 4.48 -9.61 40.97
C ILE A 674 5.89 -9.59 41.53
N TYR A 675 6.83 -10.15 40.79
CA TYR A 675 8.18 -10.43 41.27
C TYR A 675 9.20 -9.58 40.54
N ILE A 676 10.12 -8.97 41.29
CA ILE A 676 11.25 -8.26 40.74
C ILE A 676 12.50 -8.57 41.55
N PRO A 677 13.58 -8.99 40.93
CA PRO A 677 14.88 -8.90 41.61
C PRO A 677 15.57 -7.61 41.24
N ASP A 678 16.74 -7.36 41.82
CA ASP A 678 17.66 -6.28 41.43
C ASP A 678 17.03 -4.89 41.61
N ILE A 679 16.44 -4.66 42.78
CA ILE A 679 16.09 -3.31 43.18
C ILE A 679 17.37 -2.54 43.45
N ASP A 680 17.38 -1.26 43.05
CA ASP A 680 18.47 -0.26 42.96
C ASP A 680 19.31 -0.48 41.72
N ASN A 681 19.04 -1.51 40.93
CA ASN A 681 19.31 -1.48 39.50
C ASN A 681 18.04 -1.20 38.72
N TRP A 682 16.91 -1.66 39.24
CA TRP A 682 15.62 -1.46 38.58
C TRP A 682 15.08 -0.06 38.78
N LEU A 683 15.40 0.58 39.89
CA LEU A 683 14.87 1.90 40.17
C LEU A 683 15.71 3.02 39.55
N ASN A 684 16.99 2.78 39.29
CA ASN A 684 17.80 3.84 38.70
C ASN A 684 17.51 3.99 37.21
N VAL A 685 17.45 2.89 36.47
CA VAL A 685 17.41 2.96 35.02
C VAL A 685 16.04 3.32 34.46
N LEU A 686 15.00 3.28 35.27
CA LEU A 686 13.72 3.62 34.69
C LEU A 686 13.41 5.10 34.86
N PRO A 687 12.67 5.70 33.93
CA PRO A 687 12.30 7.11 34.07
C PRO A 687 11.24 7.31 35.15
N LEU A 688 11.05 8.57 35.53
CA LEU A 688 10.11 8.92 36.59
C LEU A 688 8.67 8.67 36.17
N THR A 689 8.36 8.85 34.87
CA THR A 689 7.00 8.61 34.41
C THR A 689 6.65 7.13 34.44
N ALA A 690 7.62 6.26 34.22
CA ALA A 690 7.37 4.84 34.30
C ALA A 690 7.16 4.36 35.73
N ILE A 691 7.66 5.12 36.71
CA ILE A 691 7.46 4.75 38.11
C ILE A 691 6.02 4.99 38.53
N THR A 692 5.48 6.16 38.16
CA THR A 692 4.17 6.55 38.65
C THR A 692 3.06 5.71 38.01
N THR A 693 3.23 5.34 36.74
CA THR A 693 2.26 4.46 36.12
C THR A 693 2.36 3.03 36.60
N PHE A 694 3.43 2.67 37.33
CA PHE A 694 3.47 1.37 37.99
C PHE A 694 2.77 1.42 39.34
N SER A 695 2.91 2.54 40.07
CA SER A 695 2.27 2.66 41.37
C SER A 695 0.77 2.80 41.25
N SER A 696 0.29 3.38 40.15
CA SER A 696 -1.15 3.56 40.00
C SER A 696 -1.85 2.34 39.45
N MET A 697 -1.14 1.26 39.18
CA MET A 697 -1.79 0.05 38.72
C MET A 697 -2.14 -0.88 39.88
N LEU A 698 -1.19 -1.13 40.77
CA LEU A 698 -1.47 -1.96 41.93
C LEU A 698 -2.24 -1.22 43.01
N GLU A 699 -2.36 0.10 42.90
CA GLU A 699 -3.24 0.82 43.80
C GLU A 699 -4.70 0.53 43.48
N ARG A 700 -5.05 0.51 42.21
CA ARG A 700 -6.44 0.32 41.80
C ARG A 700 -6.92 -1.13 41.90
N LEU A 701 -6.01 -2.06 42.17
CA LEU A 701 -6.46 -3.41 42.53
C LEU A 701 -7.14 -3.35 43.88
N ASP A 702 -8.25 -4.08 44.00
CA ASP A 702 -9.10 -3.95 45.18
C ASP A 702 -8.47 -4.65 46.37
N PHE A 703 -9.11 -4.46 47.53
CA PHE A 703 -8.52 -4.86 48.79
C PHE A 703 -8.54 -6.37 49.01
N SER A 704 -9.36 -7.11 48.27
CA SER A 704 -9.58 -8.52 48.58
C SER A 704 -9.30 -9.43 47.39
N ASP A 705 -8.18 -9.24 46.70
CA ASP A 705 -7.76 -10.18 45.68
C ASP A 705 -6.44 -10.82 46.05
N GLN A 706 -6.14 -11.93 45.38
CA GLN A 706 -5.03 -12.80 45.72
C GLN A 706 -3.87 -12.48 44.77
N ILE A 707 -3.17 -11.39 45.05
CA ILE A 707 -1.99 -10.98 44.30
C ILE A 707 -0.93 -10.51 45.29
N LEU A 708 0.25 -11.12 45.24
CA LEU A 708 1.28 -10.73 46.18
C LEU A 708 2.49 -10.20 45.44
N PHE A 709 3.35 -9.53 46.20
CA PHE A 709 4.42 -8.68 45.67
C PHE A 709 5.75 -9.05 46.30
N LEU A 710 6.67 -9.59 45.51
CA LEU A 710 7.97 -10.04 45.97
C LEU A 710 9.05 -9.13 45.43
N ALA A 711 10.06 -8.86 46.25
CA ALA A 711 11.18 -8.01 45.85
C ALA A 711 12.44 -8.44 46.60
N LEU A 712 13.57 -8.44 45.90
CA LEU A 712 14.85 -8.84 46.46
C LEU A 712 15.80 -7.65 46.40
N SER A 713 15.96 -6.96 47.52
CA SER A 713 16.80 -5.77 47.56
C SER A 713 18.28 -6.15 47.59
N SER A 714 19.13 -5.13 47.59
CA SER A 714 20.56 -5.32 47.78
C SER A 714 21.17 -4.32 48.74
N SER A 715 20.46 -3.35 49.17
CA SER A 715 20.89 -2.31 50.10
C SER A 715 20.32 -2.60 51.49
N PRO A 716 21.05 -2.24 52.55
CA PRO A 716 20.65 -2.64 53.90
C PRO A 716 19.44 -1.92 54.48
N LEU A 717 19.22 -2.15 55.77
CA LEU A 717 18.13 -1.52 56.50
C LEU A 717 18.51 -0.10 56.92
N SER A 718 17.50 0.79 56.92
CA SER A 718 17.55 2.13 57.50
C SER A 718 18.49 3.06 56.74
N GLU A 719 18.57 2.90 55.41
CA GLU A 719 19.15 3.94 54.57
C GLU A 719 18.44 4.08 53.23
N LEU A 720 17.37 3.33 53.00
CA LEU A 720 16.67 3.34 51.72
C LEU A 720 15.97 4.66 51.47
N HIS A 721 15.99 5.09 50.21
CA HIS A 721 15.27 6.28 49.81
C HIS A 721 13.77 6.01 49.86
N PRO A 722 12.95 7.03 50.18
CA PRO A 722 11.56 6.76 50.57
C PRO A 722 10.65 6.28 49.46
N GLN A 723 11.13 6.15 48.23
CA GLN A 723 10.32 5.53 47.18
C GLN A 723 10.04 4.07 47.49
N LEU A 724 10.98 3.40 48.14
CA LEU A 724 10.75 2.02 48.54
C LEU A 724 9.95 1.93 49.83
N ARG A 725 10.12 2.90 50.73
CA ARG A 725 9.58 2.77 52.08
C ARG A 725 8.09 3.05 52.17
N GLU A 726 7.46 3.56 51.11
CA GLU A 726 6.03 3.80 51.13
C GLU A 726 5.23 2.66 50.52
N TRP A 727 5.89 1.69 49.90
CA TRP A 727 5.18 0.58 49.28
C TRP A 727 5.06 -0.63 50.17
N PHE A 728 5.86 -0.71 51.23
CA PHE A 728 5.77 -1.82 52.17
C PHE A 728 5.32 -1.34 53.55
N SER A 729 6.07 -0.41 54.15
CA SER A 729 5.59 0.49 55.20
C SER A 729 5.10 -0.23 56.45
N SER A 730 5.61 -1.43 56.71
CA SER A 730 5.09 -2.21 57.81
C SER A 730 6.18 -2.41 58.85
N LYS A 731 5.75 -2.70 60.07
CA LYS A 731 6.65 -3.16 61.11
C LYS A 731 6.89 -4.65 61.03
N GLN A 732 6.12 -5.36 60.21
CA GLN A 732 6.15 -6.80 60.12
C GLN A 732 6.64 -7.32 58.78
N SER A 733 6.19 -6.72 57.69
CA SER A 733 6.38 -7.30 56.37
C SER A 733 7.73 -6.99 55.76
N VAL A 734 8.73 -6.60 56.54
CA VAL A 734 10.10 -6.43 56.07
C VAL A 734 10.99 -7.34 56.90
N TYR A 735 11.72 -8.24 56.24
CA TYR A 735 12.60 -9.19 56.89
C TYR A 735 14.04 -8.72 56.77
N SER A 736 14.71 -8.58 57.91
CA SER A 736 16.06 -8.03 57.98
C SER A 736 17.05 -9.18 58.06
N LEU A 737 17.61 -9.55 56.93
CA LEU A 737 18.56 -10.67 56.88
C LEU A 737 19.93 -10.18 57.33
N GLN A 738 20.38 -10.69 58.46
CA GLN A 738 21.66 -10.30 59.06
C GLN A 738 22.64 -11.47 58.98
N TYR A 739 23.89 -11.17 59.29
CA TYR A 739 24.93 -12.18 59.25
C TYR A 739 24.76 -13.16 60.41
N PRO A 740 24.92 -14.47 60.17
CA PRO A 740 24.62 -15.45 61.20
C PRO A 740 25.77 -15.58 62.20
N THR A 741 25.56 -16.48 63.17
CA THR A 741 26.54 -16.72 64.20
C THR A 741 27.74 -17.49 63.65
N ARG A 742 28.79 -17.52 64.44
CA ARG A 742 29.93 -18.36 64.15
C ARG A 742 29.70 -19.72 64.82
N ASP A 743 30.73 -20.56 64.81
CA ASP A 743 30.73 -21.93 65.34
C ASP A 743 29.68 -22.82 64.67
N SER A 744 29.26 -22.48 63.46
CA SER A 744 28.33 -23.27 62.69
C SER A 744 28.79 -23.49 61.26
N ILE A 745 29.69 -22.66 60.73
CA ILE A 745 30.27 -22.89 59.42
C ILE A 745 31.33 -23.98 59.43
N ILE A 746 31.62 -24.56 60.60
CA ILE A 746 32.33 -25.83 60.64
C ILE A 746 31.52 -26.90 59.93
N ALA A 747 30.19 -26.86 60.09
CA ALA A 747 29.31 -27.75 59.35
C ALA A 747 29.26 -27.39 57.87
N PHE A 748 29.57 -26.15 57.50
CA PHE A 748 29.66 -25.79 56.09
C PHE A 748 30.85 -26.45 55.43
N PHE A 749 31.90 -26.76 56.20
CA PHE A 749 33.07 -27.45 55.68
C PHE A 749 33.15 -28.90 56.12
N GLN A 750 32.13 -29.40 56.80
CA GLN A 750 32.21 -30.72 57.42
C GLN A 750 32.26 -31.90 56.45
N PRO A 751 31.50 -31.94 55.33
CA PRO A 751 31.82 -32.99 54.33
C PRO A 751 33.13 -32.73 53.62
N ILE A 752 33.63 -31.50 53.62
CA ILE A 752 34.95 -31.20 53.08
C ILE A 752 36.01 -31.55 54.11
N LEU A 753 35.70 -31.34 55.40
CA LEU A 753 36.57 -31.84 56.47
C LEU A 753 36.67 -33.36 56.44
N GLU A 754 35.60 -34.03 56.03
CA GLU A 754 35.55 -35.49 56.06
C GLU A 754 36.35 -36.13 54.93
N LEU A 755 36.89 -35.36 53.99
CA LEU A 755 37.59 -35.91 52.84
C LEU A 755 39.09 -35.99 53.08
N ILE A 756 39.50 -36.28 54.32
CA ILE A 756 40.90 -36.45 54.65
C ILE A 756 41.44 -37.74 54.04
N LEU A 1139 43.53 -35.08 59.08
CA LEU A 1139 43.41 -35.52 60.46
C LEU A 1139 42.77 -34.44 61.33
N THR A 1140 43.38 -34.17 62.49
CA THR A 1140 42.85 -33.29 63.54
C THR A 1140 42.98 -31.78 63.37
N PRO A 1141 44.16 -31.20 63.17
CA PRO A 1141 44.39 -29.83 63.68
C PRO A 1141 43.93 -28.70 62.77
N LEU A 1142 43.08 -28.95 61.78
CA LEU A 1142 42.66 -27.89 60.88
C LEU A 1142 41.38 -27.20 61.33
N LYS A 1143 40.92 -27.45 62.55
CA LYS A 1143 39.71 -26.79 63.06
C LYS A 1143 40.01 -25.41 63.63
N GLN A 1144 41.19 -25.21 64.23
CA GLN A 1144 41.49 -23.95 64.89
C GLN A 1144 41.72 -22.84 63.87
N LEU A 1145 42.28 -23.17 62.73
CA LEU A 1145 42.55 -22.21 61.67
C LEU A 1145 41.32 -21.89 60.81
N LEU A 1146 40.16 -22.47 61.12
CA LEU A 1146 38.95 -22.12 60.39
C LEU A 1146 38.30 -20.87 60.98
N ILE A 1147 37.85 -20.97 62.24
CA ILE A 1147 37.31 -19.81 62.93
C ILE A 1147 38.46 -18.92 63.38
N ASP A 1148 38.15 -17.64 63.64
CA ASP A 1148 39.13 -16.58 63.95
C ASP A 1148 40.16 -16.44 62.83
N SER A 1149 39.72 -16.67 61.60
CA SER A 1149 40.58 -16.53 60.43
C SER A 1149 39.88 -15.73 59.35
N THR A 1150 38.56 -15.83 59.28
CA THR A 1150 37.78 -15.30 58.18
C THR A 1150 36.54 -14.56 58.69
N THR A 1151 36.70 -13.77 59.74
CA THR A 1151 35.55 -13.14 60.38
C THR A 1151 35.05 -11.94 59.60
N GLY A 1152 35.92 -10.97 59.33
CA GLY A 1152 35.53 -9.75 58.67
C GLY A 1152 35.32 -9.94 57.17
N PHE A 1153 34.24 -10.63 56.81
CA PHE A 1153 34.01 -11.05 55.44
C PHE A 1153 32.52 -11.05 55.17
N THR A 1154 32.12 -11.58 54.01
CA THR A 1154 30.72 -11.68 53.62
C THR A 1154 30.52 -13.05 52.97
N VAL A 1155 29.25 -13.43 52.77
CA VAL A 1155 28.92 -14.80 52.37
C VAL A 1155 29.27 -15.04 50.90
N ASP A 1156 29.28 -13.98 50.08
CA ASP A 1156 29.45 -14.14 48.64
C ASP A 1156 30.82 -14.67 48.27
N GLN A 1157 31.85 -14.27 49.01
CA GLN A 1157 33.19 -14.78 48.74
C GLN A 1157 33.45 -16.11 49.44
N LEU A 1158 32.57 -16.53 50.35
CA LEU A 1158 32.77 -17.80 51.05
C LEU A 1158 32.54 -19.01 50.15
N LEU A 1159 31.93 -18.83 48.99
CA LEU A 1159 31.91 -19.88 47.97
C LEU A 1159 33.10 -19.82 47.03
N HIS A 1160 33.83 -18.70 47.03
CA HIS A 1160 35.09 -18.65 46.29
C HIS A 1160 36.19 -19.42 47.00
N LEU A 1161 36.03 -19.71 48.30
CA LEU A 1161 36.99 -20.54 49.00
C LEU A 1161 36.91 -21.98 48.52
N HIS A 1162 35.75 -22.40 48.02
CA HIS A 1162 35.67 -23.69 47.35
C HIS A 1162 36.30 -23.61 45.97
N SER A 1163 36.35 -22.42 45.38
CA SER A 1163 36.97 -22.25 44.06
C SER A 1163 38.49 -22.23 44.13
N PHE A 1164 39.06 -22.23 45.33
CA PHE A 1164 40.50 -22.34 45.52
C PHE A 1164 40.92 -23.63 46.23
N LEU A 1165 39.96 -24.36 46.80
CA LEU A 1165 40.25 -25.61 47.51
C LEU A 1165 39.78 -26.86 46.76
N TYR A 1166 39.52 -26.75 45.47
CA TYR A 1166 39.08 -27.89 44.67
C TYR A 1166 40.23 -28.64 44.01
N GLN A 1167 41.48 -28.34 44.38
CA GLN A 1167 42.63 -28.82 43.63
C GLN A 1167 43.22 -30.10 44.19
N ILE A 1168 42.93 -30.45 45.44
CA ILE A 1168 43.46 -31.69 46.01
C ILE A 1168 42.39 -32.79 46.04
N ILE A 1169 41.14 -32.47 45.74
CA ILE A 1169 40.08 -33.48 45.72
C ILE A 1169 40.28 -34.44 44.56
N TRP A 1170 40.62 -33.92 43.38
CA TRP A 1170 40.79 -34.78 42.22
C TRP A 1170 42.17 -35.41 42.17
N ASN A 1171 43.16 -34.79 42.81
CA ASN A 1171 44.53 -35.31 42.81
C ASN A 1171 44.75 -36.40 43.83
N THR A 1172 43.78 -36.67 44.71
CA THR A 1172 43.91 -37.68 45.76
C THR A 1172 43.14 -38.94 45.36
N LYS A 1173 43.20 -39.31 44.08
CA LYS A 1173 42.48 -40.46 43.58
C LYS A 1173 43.35 -41.71 43.44
N SER A 1174 44.63 -41.63 43.79
CA SER A 1174 45.48 -42.79 43.64
C SER A 1174 46.23 -43.14 44.92
N GLU A 1175 46.64 -42.13 45.68
CA GLU A 1175 47.37 -42.39 46.92
C GLU A 1175 46.41 -42.71 48.05
N TRP A 1176 46.85 -43.56 48.97
CA TRP A 1176 46.11 -43.85 50.20
C TRP A 1176 47.00 -43.53 51.39
N ASN A 1177 47.05 -42.26 51.74
CA ASN A 1177 47.71 -41.78 52.95
C ASN A 1177 47.15 -40.38 53.23
N ARG A 1178 47.48 -39.87 54.40
CA ARG A 1178 46.91 -38.63 54.92
C ARG A 1178 48.01 -37.61 55.20
N ASN A 1179 48.93 -37.47 54.24
CA ASN A 1179 50.08 -36.57 54.37
C ASN A 1179 49.78 -35.15 53.96
N SER A 1180 49.12 -34.95 52.82
CA SER A 1180 49.15 -33.65 52.15
C SER A 1180 47.82 -32.91 52.21
N VAL A 1181 47.17 -32.93 53.38
CA VAL A 1181 46.01 -32.08 53.60
C VAL A 1181 46.37 -31.17 54.77
N VAL A 1182 47.28 -31.63 55.63
CA VAL A 1182 47.67 -30.86 56.81
C VAL A 1182 48.47 -29.61 56.42
N ASP A 1183 49.50 -29.78 55.59
CA ASP A 1183 50.35 -28.67 55.23
C ASP A 1183 49.82 -27.83 54.06
N GLU A 1184 48.85 -28.34 53.30
CA GLU A 1184 48.29 -27.58 52.20
C GLU A 1184 47.35 -26.48 52.67
N CYS A 1185 46.71 -26.67 53.82
CA CYS A 1185 45.67 -25.73 54.24
C CYS A 1185 46.23 -24.44 54.82
N GLU A 1186 47.53 -24.40 55.13
CA GLU A 1186 48.07 -23.28 55.88
C GLU A 1186 48.29 -22.05 55.00
N ARG A 1187 48.85 -22.25 53.80
CA ARG A 1187 49.21 -21.11 52.96
C ARG A 1187 47.98 -20.49 52.31
N ALA A 1188 46.97 -21.30 52.01
CA ALA A 1188 45.83 -20.81 51.25
C ALA A 1188 44.73 -20.21 52.10
N VAL A 1189 44.85 -20.26 53.43
CA VAL A 1189 43.80 -19.71 54.29
C VAL A 1189 44.10 -18.29 54.78
N LYS A 1190 45.38 -17.91 54.85
CA LYS A 1190 45.75 -16.57 55.27
C LYS A 1190 46.03 -15.64 54.09
N GLU A 1191 46.34 -16.21 52.92
CA GLU A 1191 46.71 -15.43 51.74
C GLU A 1191 45.53 -14.66 51.16
N PHE A 1192 44.29 -15.05 51.50
CA PHE A 1192 43.13 -14.36 50.96
C PHE A 1192 42.99 -12.97 51.56
N MET A 1193 43.43 -12.80 52.81
CA MET A 1193 43.60 -11.45 53.36
C MET A 1193 44.74 -10.72 52.66
N ILE A 1194 45.79 -11.42 52.27
CA ILE A 1194 46.92 -10.81 51.61
C ILE A 1194 46.66 -10.65 50.13
N SER B 269 -43.62 -22.84 16.57
CA SER B 269 -42.66 -21.83 17.01
C SER B 269 -43.09 -20.45 16.53
N SER B 270 -44.01 -19.83 17.27
CA SER B 270 -44.51 -18.52 16.90
C SER B 270 -43.52 -17.44 17.32
N LEU B 271 -43.36 -16.43 16.47
CA LEU B 271 -42.51 -15.29 16.79
C LEU B 271 -43.18 -13.96 16.48
N SER B 272 -44.51 -13.91 16.51
CA SER B 272 -45.25 -12.74 16.04
C SER B 272 -45.15 -11.57 16.99
N PHE B 273 -43.97 -10.93 17.03
CA PHE B 273 -43.67 -9.74 17.84
C PHE B 273 -43.92 -9.98 19.32
N GLU B 274 -43.80 -11.22 19.76
CA GLU B 274 -44.00 -11.56 21.16
C GLU B 274 -42.76 -12.23 21.73
N SER B 275 -41.74 -12.46 20.91
CA SER B 275 -40.45 -12.92 21.39
C SER B 275 -39.45 -11.79 21.47
N VAL B 276 -39.89 -10.55 21.31
CA VAL B 276 -39.02 -9.38 21.35
C VAL B 276 -39.54 -8.45 22.43
N GLY B 277 -38.73 -8.23 23.45
CA GLY B 277 -39.12 -7.38 24.57
C GLY B 277 -38.25 -6.14 24.64
N GLY B 278 -38.74 -5.12 25.30
CA GLY B 278 -37.98 -3.91 25.51
C GLY B 278 -38.24 -2.85 24.46
N LEU B 279 -38.03 -3.17 23.20
CA LEU B 279 -38.18 -2.21 22.13
C LEU B 279 -39.67 -1.98 21.85
N ASP B 280 -40.13 -0.75 22.02
CA ASP B 280 -41.54 -0.43 21.86
C ASP B 280 -41.81 0.53 20.72
N ASN B 281 -41.13 1.67 20.69
CA ASN B 281 -41.39 2.66 19.66
C ASN B 281 -40.82 2.26 18.30
N TYR B 282 -39.90 1.31 18.24
CA TYR B 282 -39.38 0.89 16.95
C TYR B 282 -40.35 -0.03 16.24
N ILE B 283 -41.13 -0.80 17.00
CA ILE B 283 -42.12 -1.69 16.40
C ILE B 283 -43.24 -0.88 15.76
N ASN B 284 -43.71 0.15 16.45
CA ASN B 284 -44.73 1.03 15.89
C ASN B 284 -44.21 1.82 14.71
N GLN B 285 -42.92 2.13 14.69
CA GLN B 285 -42.36 2.80 13.52
C GLN B 285 -42.18 1.84 12.36
N LEU B 286 -41.88 0.58 12.64
CA LEU B 286 -41.73 -0.42 11.59
C LEU B 286 -43.06 -0.82 11.00
N LYS B 287 -44.14 -0.69 11.77
CA LYS B 287 -45.47 -1.01 11.29
C LYS B 287 -45.99 0.01 10.28
N GLU B 288 -45.34 1.16 10.13
CA GLU B 288 -45.74 2.15 9.16
C GLU B 288 -45.00 2.00 7.84
N MET B 289 -44.45 0.84 7.56
CA MET B 289 -43.72 0.66 6.32
C MET B 289 -44.28 -0.45 5.45
N VAL B 290 -44.53 -1.64 6.02
CA VAL B 290 -44.92 -2.78 5.23
C VAL B 290 -46.35 -3.24 5.51
N MET B 291 -46.92 -2.91 6.67
CA MET B 291 -48.22 -3.44 7.03
C MET B 291 -49.33 -2.40 6.92
N LEU B 292 -49.04 -1.16 7.21
CA LEU B 292 -50.06 -0.11 7.13
C LEU B 292 -50.47 0.28 5.71
N PRO B 293 -49.59 0.55 4.74
CA PRO B 293 -50.09 1.04 3.45
C PRO B 293 -50.72 -0.02 2.58
N LEU B 294 -50.41 -1.30 2.79
CA LEU B 294 -51.06 -2.35 2.02
C LEU B 294 -52.53 -2.50 2.40
N LEU B 295 -52.90 -2.11 3.61
CA LEU B 295 -54.29 -2.20 4.04
C LEU B 295 -55.06 -0.92 3.83
N TYR B 296 -54.39 0.22 3.73
CA TYR B 296 -55.05 1.51 3.59
C TYR B 296 -54.41 2.31 2.47
N PRO B 297 -54.64 1.92 1.21
CA PRO B 297 -54.03 2.69 0.12
C PRO B 297 -54.73 4.01 -0.12
N GLU B 298 -56.00 4.15 0.27
CA GLU B 298 -56.74 5.36 -0.04
C GLU B 298 -56.31 6.55 0.81
N ILE B 299 -55.66 6.32 1.95
CA ILE B 299 -55.29 7.44 2.80
C ILE B 299 -53.99 8.07 2.30
N PHE B 300 -53.21 7.35 1.52
CA PHE B 300 -51.93 7.89 1.08
C PHE B 300 -52.04 8.63 -0.24
N GLN B 301 -53.01 8.27 -1.09
CA GLN B 301 -53.12 8.94 -2.37
C GLN B 301 -53.75 10.32 -2.27
N ARG B 302 -54.32 10.66 -1.12
CA ARG B 302 -54.83 12.01 -0.93
C ARG B 302 -53.70 13.00 -0.77
N PHE B 303 -52.70 12.65 0.05
CA PHE B 303 -51.59 13.55 0.31
C PHE B 303 -50.57 13.57 -0.82
N ASN B 304 -50.74 12.72 -1.84
CA ASN B 304 -49.87 12.65 -3.01
C ASN B 304 -48.42 12.34 -2.62
N MET B 305 -48.25 11.23 -1.91
CA MET B 305 -46.95 10.89 -1.37
C MET B 305 -46.82 9.37 -1.34
N GLN B 306 -45.73 8.89 -0.74
CA GLN B 306 -45.45 7.47 -0.60
C GLN B 306 -44.63 7.27 0.67
N PRO B 307 -44.81 6.18 1.39
CA PRO B 307 -44.13 6.02 2.68
C PRO B 307 -42.67 5.67 2.49
N PRO B 308 -41.82 6.03 3.45
CA PRO B 308 -40.39 5.74 3.30
C PRO B 308 -40.09 4.26 3.49
N ARG B 309 -39.11 3.77 2.74
CA ARG B 309 -38.91 2.34 2.58
C ARG B 309 -37.46 1.94 2.82
N GLY B 310 -36.87 2.38 3.91
CA GLY B 310 -35.52 1.96 4.27
C GLY B 310 -35.29 2.10 5.75
N VAL B 311 -34.50 1.19 6.31
CA VAL B 311 -34.08 1.26 7.71
C VAL B 311 -32.60 0.89 7.76
N LEU B 312 -31.90 1.36 8.79
CA LEU B 312 -30.56 0.89 9.10
C LEU B 312 -30.40 0.69 10.60
N PHE B 313 -30.17 -0.55 11.02
CA PHE B 313 -29.94 -0.86 12.42
C PHE B 313 -28.45 -0.75 12.75
N HIS B 314 -28.13 -0.15 13.89
CA HIS B 314 -26.74 -0.09 14.33
C HIS B 314 -26.66 -0.03 15.84
N GLY B 315 -25.53 -0.48 16.38
CA GLY B 315 -25.36 -0.69 17.80
C GLY B 315 -24.39 -1.80 18.16
N PRO B 316 -24.12 -1.97 19.45
CA PRO B 316 -23.15 -2.97 19.92
C PRO B 316 -23.72 -4.37 19.79
N PRO B 317 -22.87 -5.41 19.75
CA PRO B 317 -23.36 -6.75 19.40
C PRO B 317 -24.14 -7.41 20.53
N GLY B 318 -25.15 -8.18 20.15
CA GLY B 318 -25.93 -8.95 21.08
C GLY B 318 -27.30 -8.38 21.39
N THR B 319 -27.99 -7.82 20.40
CA THR B 319 -29.27 -7.18 20.68
C THR B 319 -30.41 -7.48 19.69
N GLY B 320 -30.15 -7.75 18.41
CA GLY B 320 -31.23 -7.52 17.45
C GLY B 320 -30.67 -6.84 16.23
N LYS B 321 -29.34 -6.83 16.25
CA LYS B 321 -28.47 -6.92 15.11
C LYS B 321 -29.07 -7.82 14.03
N THR B 322 -29.50 -9.04 14.38
CA THR B 322 -30.15 -9.94 13.41
C THR B 322 -31.51 -10.44 13.86
N LEU B 323 -32.05 -10.00 15.01
CA LEU B 323 -33.29 -10.61 15.50
C LEU B 323 -34.51 -10.04 14.82
N MET B 324 -34.66 -8.71 14.81
CA MET B 324 -35.93 -8.10 14.41
C MET B 324 -36.21 -8.26 12.93
N ALA B 325 -35.21 -8.62 12.14
CA ALA B 325 -35.49 -9.03 10.77
C ALA B 325 -36.28 -10.32 10.74
N ARG B 326 -36.00 -11.24 11.66
CA ARG B 326 -36.69 -12.53 11.66
C ARG B 326 -38.12 -12.37 12.13
N ALA B 327 -38.36 -11.54 13.14
CA ALA B 327 -39.70 -11.37 13.66
C ALA B 327 -40.60 -10.66 12.67
N LEU B 328 -40.03 -9.75 11.87
CA LEU B 328 -40.82 -9.09 10.83
C LEU B 328 -41.18 -10.06 9.73
N ALA B 329 -40.31 -11.03 9.44
CA ALA B 329 -40.60 -11.98 8.37
C ALA B 329 -41.70 -12.94 8.75
N ALA B 330 -41.71 -13.41 10.00
CA ALA B 330 -42.72 -14.35 10.43
C ALA B 330 -44.08 -13.69 10.60
N ALA B 331 -44.13 -12.38 10.81
CA ALA B 331 -45.40 -11.70 10.95
C ALA B 331 -46.10 -11.50 9.61
N CYS B 332 -45.37 -11.60 8.50
CA CYS B 332 -45.95 -11.37 7.20
C CYS B 332 -46.26 -12.67 6.46
N SER B 333 -46.50 -13.76 7.19
CA SER B 333 -46.89 -15.02 6.58
C SER B 333 -48.26 -15.52 7.04
N SER B 334 -48.79 -14.98 8.13
CA SER B 334 -50.12 -15.35 8.60
C SER B 334 -51.22 -14.47 8.03
N GLU B 335 -50.86 -13.35 7.40
CA GLU B 335 -51.83 -12.43 6.84
C GLU B 335 -52.37 -12.89 5.49
N ASN B 336 -51.86 -13.99 4.95
CA ASN B 336 -52.25 -14.59 3.67
C ASN B 336 -52.08 -13.60 2.52
N LYS B 337 -51.02 -12.81 2.60
CA LYS B 337 -50.47 -12.10 1.47
C LYS B 337 -49.19 -12.81 1.06
N LYS B 338 -48.52 -12.31 0.03
CA LYS B 338 -47.35 -13.02 -0.44
C LYS B 338 -46.15 -12.10 -0.50
N VAL B 339 -45.88 -11.39 0.59
CA VAL B 339 -44.67 -10.59 0.70
C VAL B 339 -43.48 -11.53 0.75
N SER B 340 -42.69 -11.53 -0.32
CA SER B 340 -41.56 -12.44 -0.43
C SER B 340 -40.32 -11.85 0.23
N PHE B 341 -39.42 -12.73 0.65
CA PHE B 341 -38.21 -12.32 1.35
C PHE B 341 -36.99 -12.89 0.66
N TYR B 342 -36.06 -12.02 0.29
CA TYR B 342 -34.73 -12.41 -0.16
C TYR B 342 -33.72 -11.97 0.89
N MET B 343 -32.61 -12.70 0.97
CA MET B 343 -31.60 -12.40 1.97
C MET B 343 -30.21 -12.62 1.39
N ARG B 344 -29.24 -11.95 1.98
CA ARG B 344 -27.84 -12.07 1.60
C ARG B 344 -27.01 -12.26 2.85
N LYS B 345 -25.98 -13.09 2.77
CA LYS B 345 -25.10 -13.33 3.90
C LYS B 345 -23.82 -12.52 3.78
N GLY B 346 -23.95 -11.20 3.82
CA GLY B 346 -22.78 -10.34 3.74
C GLY B 346 -22.23 -10.29 2.32
N ALA B 347 -20.91 -10.10 2.23
CA ALA B 347 -20.25 -10.00 0.93
C ALA B 347 -20.13 -11.39 0.33
N ASP B 348 -21.02 -11.73 -0.59
CA ASP B 348 -21.02 -13.07 -1.15
C ASP B 348 -20.93 -13.06 -2.66
N CYS B 349 -21.54 -12.06 -3.29
CA CYS B 349 -21.70 -12.05 -4.75
C CYS B 349 -20.50 -11.40 -5.42
N LEU B 350 -19.33 -12.00 -5.21
CA LEU B 350 -18.11 -11.54 -5.87
C LEU B 350 -17.14 -12.70 -5.94
N SER B 351 -16.52 -12.88 -7.10
CA SER B 351 -15.61 -13.99 -7.30
C SER B 351 -14.54 -13.60 -8.32
N LYS B 352 -13.87 -14.59 -8.90
CA LYS B 352 -12.64 -14.38 -9.64
C LYS B 352 -12.85 -13.69 -10.97
N TRP B 353 -13.99 -13.87 -11.61
CA TRP B 353 -14.20 -13.31 -12.94
C TRP B 353 -14.46 -11.81 -12.84
N VAL B 354 -14.50 -11.15 -13.99
CA VAL B 354 -14.46 -9.70 -14.01
C VAL B 354 -15.82 -9.10 -13.72
N GLY B 355 -16.79 -9.37 -14.59
CA GLY B 355 -18.03 -8.62 -14.54
C GLY B 355 -19.19 -9.30 -13.88
N GLU B 356 -19.01 -10.50 -13.36
CA GLU B 356 -20.16 -11.22 -12.80
C GLU B 356 -20.54 -10.73 -11.41
N ALA B 357 -19.74 -9.86 -10.80
CA ALA B 357 -20.14 -9.28 -9.52
C ALA B 357 -21.29 -8.29 -9.71
N GLU B 358 -21.10 -7.31 -10.58
CA GLU B 358 -22.17 -6.34 -10.83
C GLU B 358 -23.28 -6.95 -11.68
N ARG B 359 -23.00 -8.02 -12.41
CA ARG B 359 -24.07 -8.70 -13.12
C ARG B 359 -25.00 -9.42 -12.15
N GLN B 360 -24.46 -9.88 -11.03
CA GLN B 360 -25.26 -10.60 -10.05
C GLN B 360 -26.26 -9.70 -9.35
N LEU B 361 -25.92 -8.42 -9.16
CA LEU B 361 -26.81 -7.53 -8.43
C LEU B 361 -27.95 -7.03 -9.31
N ARG B 362 -27.83 -7.16 -10.63
CA ARG B 362 -28.83 -6.59 -11.52
C ARG B 362 -30.11 -7.38 -11.49
N LEU B 363 -30.01 -8.71 -11.54
CA LEU B 363 -31.22 -9.51 -11.53
C LEU B 363 -31.80 -9.68 -10.13
N LEU B 364 -31.05 -9.31 -9.09
CA LEU B 364 -31.63 -9.30 -7.76
C LEU B 364 -32.68 -8.22 -7.60
N PHE B 365 -32.43 -7.04 -8.13
CA PHE B 365 -33.43 -5.97 -8.14
C PHE B 365 -34.44 -6.14 -9.27
N GLU B 366 -34.28 -7.17 -10.10
CA GLU B 366 -35.26 -7.52 -11.12
C GLU B 366 -36.27 -8.54 -10.61
N GLU B 367 -35.82 -9.48 -9.79
CA GLU B 367 -36.74 -10.45 -9.19
C GLU B 367 -37.67 -9.77 -8.20
N ALA B 368 -37.16 -8.80 -7.45
CA ALA B 368 -37.99 -8.11 -6.47
C ALA B 368 -39.02 -7.24 -7.16
N LYS B 369 -38.68 -6.70 -8.33
CA LYS B 369 -39.66 -5.91 -9.06
C LYS B 369 -40.75 -6.78 -9.67
N SER B 370 -40.43 -8.02 -10.00
CA SER B 370 -41.42 -8.90 -10.60
C SER B 370 -42.39 -9.46 -9.58
N THR B 371 -41.99 -9.55 -8.32
CA THR B 371 -42.85 -9.99 -7.23
C THR B 371 -43.00 -8.77 -6.33
N GLN B 372 -44.03 -7.97 -6.60
CA GLN B 372 -43.94 -6.54 -6.30
C GLN B 372 -43.88 -6.19 -4.81
N PRO B 373 -44.77 -6.67 -3.92
CA PRO B 373 -44.60 -6.27 -2.53
C PRO B 373 -43.57 -7.14 -1.82
N SER B 374 -42.27 -6.81 -1.89
CA SER B 374 -41.26 -7.69 -1.32
C SER B 374 -40.25 -6.90 -0.49
N ILE B 375 -39.42 -7.63 0.24
CA ILE B 375 -38.42 -7.08 1.15
C ILE B 375 -37.09 -7.75 0.83
N ILE B 376 -35.99 -7.00 0.93
CA ILE B 376 -34.65 -7.55 0.75
C ILE B 376 -33.85 -7.30 2.02
N PHE B 377 -33.52 -8.38 2.73
CA PHE B 377 -32.75 -8.26 3.97
C PHE B 377 -31.27 -8.25 3.61
N PHE B 378 -30.65 -7.07 3.67
CA PHE B 378 -29.20 -7.00 3.56
C PHE B 378 -28.57 -7.19 4.92
N ASP B 379 -27.57 -8.06 4.99
CA ASP B 379 -26.80 -8.25 6.22
C ASP B 379 -25.63 -7.29 6.12
N GLN B 380 -24.56 -7.47 6.92
CA GLN B 380 -23.57 -6.43 7.23
C GLN B 380 -23.00 -5.66 6.05
N ILE B 381 -23.37 -4.40 5.94
CA ILE B 381 -22.98 -3.55 4.82
C ILE B 381 -21.51 -3.18 4.92
N ASP B 382 -20.91 -3.35 6.11
CA ASP B 382 -19.51 -3.08 6.36
C ASP B 382 -18.60 -3.88 5.43
N GLY B 383 -18.98 -5.10 5.09
CA GLY B 383 -18.17 -5.90 4.21
C GLY B 383 -18.44 -5.71 2.74
N LEU B 384 -19.41 -4.90 2.37
CA LEU B 384 -19.85 -4.81 0.98
C LEU B 384 -19.58 -3.46 0.34
N ALA B 385 -19.95 -2.36 0.99
CA ALA B 385 -19.89 -1.03 0.40
C ALA B 385 -19.12 -0.12 1.33
N PRO B 386 -17.79 -0.27 1.42
CA PRO B 386 -17.03 0.41 2.46
C PRO B 386 -16.98 1.93 2.37
N VAL B 387 -16.27 2.44 1.38
CA VAL B 387 -16.11 3.88 1.19
C VAL B 387 -15.48 4.07 -0.18
N ARG B 388 -15.64 5.25 -0.75
CA ARG B 388 -15.00 5.57 -2.01
C ARG B 388 -13.87 6.56 -1.75
N SER B 389 -12.67 6.18 -2.17
CA SER B 389 -11.49 7.03 -2.06
C SER B 389 -10.60 6.70 -3.25
N SER B 390 -9.33 7.10 -3.17
CA SER B 390 -8.36 6.84 -4.22
C SER B 390 -7.29 5.86 -3.76
N LYS B 391 -7.59 5.06 -2.74
CA LYS B 391 -6.61 4.14 -2.16
C LYS B 391 -6.96 2.68 -2.38
N GLN B 392 -8.24 2.33 -2.38
CA GLN B 392 -8.66 0.96 -2.62
C GLN B 392 -8.58 0.65 -4.11
N GLU B 393 -8.75 -0.63 -4.44
CA GLU B 393 -8.69 -1.05 -5.83
C GLU B 393 -9.97 -0.68 -6.56
N GLN B 394 -9.98 -0.87 -7.88
CA GLN B 394 -11.11 -0.47 -8.71
C GLN B 394 -12.32 -1.39 -8.54
N ILE B 395 -12.11 -2.61 -8.02
CA ILE B 395 -13.21 -3.56 -7.90
C ILE B 395 -14.18 -3.12 -6.82
N HIS B 396 -13.68 -2.56 -5.72
CA HIS B 396 -14.57 -2.14 -4.65
C HIS B 396 -15.26 -0.83 -4.98
N ALA B 397 -14.70 -0.06 -5.91
CA ALA B 397 -15.34 1.19 -6.28
C ALA B 397 -16.46 0.95 -7.27
N SER B 398 -16.39 -0.13 -8.03
CA SER B 398 -17.42 -0.36 -9.05
C SER B 398 -18.66 -0.98 -8.44
N ILE B 399 -18.50 -1.79 -7.40
CA ILE B 399 -19.64 -2.48 -6.79
C ILE B 399 -20.53 -1.48 -6.07
N VAL B 400 -19.92 -0.55 -5.33
CA VAL B 400 -20.70 0.46 -4.63
C VAL B 400 -21.30 1.47 -5.60
N SER B 401 -20.72 1.60 -6.79
CA SER B 401 -21.25 2.59 -7.72
C SER B 401 -22.48 2.09 -8.44
N THR B 402 -22.59 0.79 -8.69
CA THR B 402 -23.79 0.29 -9.34
C THR B 402 -24.88 0.00 -8.34
N LEU B 403 -24.53 -0.28 -7.09
CA LEU B 403 -25.53 -0.42 -6.05
C LEU B 403 -26.16 0.92 -5.71
N LEU B 404 -25.37 1.99 -5.82
CA LEU B 404 -25.88 3.33 -5.58
C LEU B 404 -26.87 3.75 -6.65
N ALA B 405 -26.77 3.19 -7.84
CA ALA B 405 -27.61 3.59 -8.96
C ALA B 405 -28.87 2.77 -9.10
N LEU B 406 -28.97 1.65 -8.40
CA LEU B 406 -30.16 0.83 -8.51
C LEU B 406 -31.25 1.23 -7.53
N MET B 407 -30.90 1.93 -6.45
CA MET B 407 -31.90 2.26 -5.44
C MET B 407 -32.78 3.41 -5.88
N ASP B 408 -32.27 4.34 -6.70
CA ASP B 408 -33.10 5.27 -7.45
C ASP B 408 -32.34 5.69 -8.70
N GLY B 409 -32.83 5.25 -9.84
CA GLY B 409 -32.10 5.40 -11.08
C GLY B 409 -32.96 5.94 -12.19
N MET B 410 -33.81 6.92 -11.87
CA MET B 410 -34.72 7.68 -12.73
C MET B 410 -35.86 6.82 -13.27
N GLU B 411 -35.90 5.53 -12.96
CA GLU B 411 -37.07 4.69 -13.12
C GLU B 411 -37.27 3.98 -11.80
N SER B 412 -38.48 4.09 -11.24
CA SER B 412 -38.72 3.74 -9.85
C SER B 412 -38.56 2.24 -9.61
N ARG B 413 -38.04 1.88 -8.44
CA ARG B 413 -37.70 0.49 -8.18
C ARG B 413 -38.93 -0.36 -7.86
N GLY B 414 -40.00 0.24 -7.37
CA GLY B 414 -41.20 -0.50 -7.06
C GLY B 414 -41.49 -0.57 -5.58
N GLN B 415 -42.22 -1.61 -5.20
CA GLN B 415 -42.65 -1.79 -3.81
C GLN B 415 -41.65 -2.66 -3.04
N VAL B 416 -40.38 -2.30 -3.07
CA VAL B 416 -39.39 -3.05 -2.31
C VAL B 416 -38.96 -2.24 -1.11
N ILE B 417 -38.52 -2.94 -0.07
CA ILE B 417 -38.09 -2.32 1.17
C ILE B 417 -36.75 -2.90 1.54
N ILE B 418 -35.76 -2.03 1.75
CA ILE B 418 -34.39 -2.44 2.01
C ILE B 418 -34.10 -2.26 3.48
N ILE B 419 -33.52 -3.28 4.11
CA ILE B 419 -33.17 -3.28 5.52
C ILE B 419 -31.73 -3.74 5.65
N GLY B 420 -30.90 -2.93 6.29
CA GLY B 420 -29.52 -3.30 6.53
C GLY B 420 -29.17 -3.15 7.99
N ALA B 421 -28.18 -3.94 8.42
CA ALA B 421 -27.81 -3.97 9.82
C ALA B 421 -26.32 -4.22 9.97
N THR B 422 -25.66 -3.42 10.80
CA THR B 422 -24.23 -3.56 11.00
C THR B 422 -23.81 -2.94 12.32
N ASN B 423 -22.65 -3.37 12.81
CA ASN B 423 -21.93 -2.58 13.78
C ASN B 423 -21.16 -1.51 13.03
N ARG B 424 -20.53 -0.60 13.79
CA ARG B 424 -19.73 0.56 13.40
C ARG B 424 -20.29 1.29 12.16
N PRO B 425 -21.39 2.01 12.31
CA PRO B 425 -22.09 2.60 11.16
C PRO B 425 -21.42 3.84 10.60
N ASP B 426 -20.12 3.74 10.35
CA ASP B 426 -19.36 4.84 9.82
C ASP B 426 -18.52 4.41 8.64
N ALA B 427 -18.32 3.12 8.44
CA ALA B 427 -17.62 2.60 7.28
C ALA B 427 -18.59 2.18 6.19
N VAL B 428 -19.68 2.90 6.03
CA VAL B 428 -20.49 2.84 4.82
C VAL B 428 -20.38 4.19 4.13
N ASP B 429 -20.62 4.20 2.84
CA ASP B 429 -20.42 5.41 2.04
C ASP B 429 -21.48 6.43 2.41
N PRO B 430 -21.12 7.67 2.74
CA PRO B 430 -22.11 8.66 3.17
C PRO B 430 -23.12 9.07 2.11
N ALA B 431 -22.95 8.71 0.85
CA ALA B 431 -24.00 8.93 -0.13
C ALA B 431 -25.03 7.83 -0.13
N LEU B 432 -24.91 6.86 0.77
CA LEU B 432 -25.85 5.78 0.88
C LEU B 432 -26.73 5.94 2.11
N ARG B 433 -26.73 7.11 2.74
CA ARG B 433 -27.49 7.36 3.95
C ARG B 433 -28.29 8.64 3.82
N ARG B 434 -29.01 8.78 2.73
CA ARG B 434 -29.84 9.96 2.50
C ARG B 434 -31.30 9.54 2.34
N PRO B 435 -32.24 10.47 2.45
CA PRO B 435 -33.64 10.14 2.16
C PRO B 435 -33.84 9.70 0.72
N GLY B 436 -34.46 8.53 0.57
CA GLY B 436 -34.59 7.87 -0.69
C GLY B 436 -33.90 6.52 -0.74
N ARG B 437 -32.88 6.32 0.08
CA ARG B 437 -32.23 5.02 0.18
C ARG B 437 -32.41 4.39 1.56
N PHE B 438 -31.95 5.03 2.63
CA PHE B 438 -32.08 4.44 3.97
C PHE B 438 -32.93 5.29 4.90
N ASP B 439 -32.52 6.52 5.19
CA ASP B 439 -33.20 7.56 5.98
C ASP B 439 -33.87 7.15 7.30
N ARG B 440 -33.44 6.06 7.93
CA ARG B 440 -33.96 5.68 9.23
C ARG B 440 -32.83 5.07 10.03
N GLU B 441 -32.55 5.63 11.19
CA GLU B 441 -31.46 5.17 12.03
C GLU B 441 -32.03 4.68 13.36
N PHE B 442 -31.80 3.42 13.68
CA PHE B 442 -32.24 2.85 14.93
C PHE B 442 -31.01 2.47 15.76
N TYR B 443 -31.13 2.59 17.07
CA TYR B 443 -30.03 2.32 17.99
C TYR B 443 -30.51 1.32 19.02
N PHE B 444 -29.70 0.30 19.31
CA PHE B 444 -30.10 -0.83 20.15
C PHE B 444 -29.22 -0.90 21.39
N PRO B 445 -29.43 -0.04 22.37
CA PRO B 445 -28.39 0.20 23.38
C PRO B 445 -28.46 -0.54 24.71
N LEU B 446 -28.18 -1.87 24.76
CA LEU B 446 -27.81 -2.58 25.99
C LEU B 446 -28.80 -2.45 27.15
N PRO B 447 -29.90 -3.21 27.16
CA PRO B 447 -31.10 -2.84 27.92
C PRO B 447 -30.89 -2.75 29.43
N ASP B 448 -31.69 -1.88 30.07
CA ASP B 448 -31.23 -1.31 31.33
C ASP B 448 -31.71 -1.99 32.63
N ARG B 449 -32.96 -1.79 33.04
CA ARG B 449 -33.39 -2.52 34.23
C ARG B 449 -34.71 -3.23 34.06
N ASP B 450 -35.76 -2.47 33.77
CA ASP B 450 -37.07 -3.09 33.60
C ASP B 450 -37.23 -3.66 32.21
N ALA B 451 -36.39 -3.23 31.28
CA ALA B 451 -36.26 -3.97 30.04
C ALA B 451 -35.66 -5.34 30.29
N ARG B 452 -34.78 -5.45 31.28
CA ARG B 452 -34.21 -6.75 31.58
C ARG B 452 -35.18 -7.66 32.30
N LYS B 453 -36.14 -7.09 33.03
CA LYS B 453 -37.14 -7.94 33.66
C LYS B 453 -38.06 -8.56 32.62
N LYS B 454 -38.39 -7.81 31.58
CA LYS B 454 -39.18 -8.36 30.49
C LYS B 454 -38.36 -9.34 29.68
N ILE B 455 -37.06 -9.07 29.50
CA ILE B 455 -36.21 -9.93 28.69
C ILE B 455 -35.85 -11.22 29.43
N ILE B 456 -36.04 -11.28 30.75
CA ILE B 456 -35.67 -12.45 31.51
C ILE B 456 -36.86 -13.37 31.77
N GLU B 457 -38.08 -12.86 31.68
CA GLU B 457 -39.23 -13.73 31.87
C GLU B 457 -39.75 -14.29 30.56
N ILE B 458 -39.23 -13.80 29.43
CA ILE B 458 -39.75 -14.20 28.14
C ILE B 458 -39.15 -15.52 27.69
N HIS B 459 -37.99 -15.89 28.22
CA HIS B 459 -37.47 -17.23 28.00
C HIS B 459 -38.05 -18.24 28.96
N THR B 460 -38.52 -17.81 30.12
CA THR B 460 -39.11 -18.71 31.10
C THR B 460 -40.63 -18.63 31.03
N ARG B 461 -41.18 -19.05 29.90
CA ARG B 461 -42.61 -18.88 29.70
C ARG B 461 -43.41 -20.09 30.14
N ASN B 462 -42.89 -21.29 29.94
CA ASN B 462 -43.64 -22.50 30.23
C ASN B 462 -42.81 -23.50 31.01
N TRP B 463 -41.96 -23.02 31.91
CA TRP B 463 -41.31 -23.92 32.85
C TRP B 463 -42.33 -24.39 33.88
N ASP B 464 -42.42 -25.70 34.07
CA ASP B 464 -43.60 -26.32 34.68
C ASP B 464 -43.80 -25.95 36.15
N PRO B 465 -42.77 -25.76 36.97
CA PRO B 465 -42.93 -24.84 38.08
C PRO B 465 -42.68 -23.43 37.60
N PRO B 466 -43.65 -22.52 37.77
CA PRO B 466 -43.45 -21.15 37.29
C PRO B 466 -42.51 -20.40 38.22
N VAL B 467 -41.60 -19.62 37.65
CA VAL B 467 -40.66 -18.86 38.47
C VAL B 467 -41.42 -17.73 39.18
N PRO B 468 -41.18 -17.51 40.45
CA PRO B 468 -41.94 -16.51 41.20
C PRO B 468 -41.53 -15.10 40.80
N GLU B 469 -42.33 -14.14 41.24
CA GLU B 469 -42.18 -12.75 40.81
C GLU B 469 -40.94 -12.12 41.41
N TRP B 470 -40.69 -12.37 42.70
CA TRP B 470 -39.58 -11.71 43.38
C TRP B 470 -38.23 -12.26 42.93
N LEU B 471 -38.21 -13.43 42.30
CA LEU B 471 -36.95 -13.97 41.80
C LEU B 471 -36.49 -13.22 40.57
N CYS B 472 -37.42 -12.88 39.68
CA CYS B 472 -37.06 -12.22 38.43
C CYS B 472 -36.53 -10.81 38.68
N SER B 473 -37.19 -10.07 39.56
CA SER B 473 -36.77 -8.70 39.84
C SER B 473 -35.43 -8.66 40.57
N MET B 474 -35.15 -9.68 41.38
CA MET B 474 -33.84 -9.77 42.01
C MET B 474 -32.78 -10.33 41.07
N LEU B 475 -33.19 -11.02 40.01
CA LEU B 475 -32.21 -11.50 39.04
C LEU B 475 -31.84 -10.43 38.02
N ALA B 476 -32.58 -9.33 37.98
CA ALA B 476 -32.22 -8.25 37.07
C ALA B 476 -31.23 -7.30 37.71
N GLU B 477 -31.42 -6.99 39.00
CA GLU B 477 -30.62 -5.99 39.65
C GLU B 477 -29.19 -6.42 39.89
N LYS B 478 -28.95 -7.72 40.07
CA LYS B 478 -27.58 -8.18 40.29
C LYS B 478 -26.75 -8.16 39.01
N SER B 479 -27.38 -8.08 37.85
CA SER B 479 -26.70 -7.99 36.58
C SER B 479 -26.44 -6.54 36.20
N LYS B 480 -25.38 -6.32 35.43
CA LYS B 480 -25.11 -5.04 34.81
C LYS B 480 -24.39 -5.31 33.50
N GLY B 481 -24.67 -4.48 32.51
CA GLY B 481 -24.19 -4.77 31.17
C GLY B 481 -24.94 -5.96 30.63
N TYR B 482 -24.27 -7.09 30.50
CA TYR B 482 -24.85 -8.40 30.25
C TYR B 482 -25.65 -8.56 28.96
N GLY B 483 -25.68 -7.53 28.11
CA GLY B 483 -26.24 -7.58 26.77
C GLY B 483 -27.69 -8.00 26.73
N GLY B 484 -28.03 -8.72 25.67
CA GLY B 484 -29.34 -9.30 25.51
C GLY B 484 -29.22 -10.73 25.02
N ALA B 485 -27.99 -11.16 24.75
CA ALA B 485 -27.77 -12.55 24.38
C ALA B 485 -27.25 -13.35 25.55
N ASP B 486 -26.48 -12.73 26.44
CA ASP B 486 -25.98 -13.41 27.61
C ASP B 486 -27.07 -13.74 28.60
N LEU B 487 -28.14 -12.96 28.64
CA LEU B 487 -29.25 -13.30 29.50
C LEU B 487 -30.00 -14.51 29.00
N ARG B 488 -29.86 -14.85 27.72
CA ARG B 488 -30.29 -16.18 27.28
C ARG B 488 -29.37 -17.25 27.85
N ALA B 489 -28.08 -16.94 27.97
CA ALA B 489 -27.14 -17.95 28.44
C ALA B 489 -27.28 -18.19 29.93
N LEU B 490 -27.69 -17.16 30.68
CA LEU B 490 -27.82 -17.31 32.12
C LEU B 490 -28.99 -18.21 32.48
N CYS B 491 -30.04 -18.20 31.68
CA CYS B 491 -31.14 -19.12 31.95
C CYS B 491 -30.84 -20.50 31.44
N THR B 492 -30.12 -20.62 30.34
CA THR B 492 -29.95 -21.94 29.76
C THR B 492 -28.82 -22.74 30.40
N GLU B 493 -28.00 -22.15 31.26
CA GLU B 493 -26.99 -22.94 31.94
C GLU B 493 -27.39 -23.34 33.35
N ALA B 494 -28.16 -22.50 34.04
CA ALA B 494 -28.62 -22.88 35.37
C ALA B 494 -29.59 -24.04 35.29
N ALA B 495 -30.46 -24.04 34.29
CA ALA B 495 -31.31 -25.19 34.06
C ALA B 495 -30.50 -26.38 33.57
N LEU B 496 -29.41 -26.13 32.86
CA LEU B 496 -28.51 -27.20 32.49
C LEU B 496 -27.77 -27.73 33.70
N ASN B 497 -27.52 -26.86 34.68
CA ASN B 497 -26.91 -27.31 35.92
C ASN B 497 -27.91 -27.97 36.86
N SER B 498 -29.19 -28.01 36.50
CA SER B 498 -30.16 -28.67 37.34
C SER B 498 -30.09 -30.18 37.19
N ILE B 499 -29.50 -30.66 36.10
CA ILE B 499 -29.35 -32.10 35.92
C ILE B 499 -28.31 -32.66 36.88
N LYS B 500 -27.30 -31.87 37.21
CA LYS B 500 -26.23 -32.32 38.10
C LYS B 500 -26.73 -32.52 39.52
N ARG B 501 -27.56 -31.58 40.01
CA ARG B 501 -28.05 -31.66 41.37
C ARG B 501 -29.05 -32.80 41.54
N THR B 502 -29.73 -33.17 40.47
CA THR B 502 -30.70 -34.25 40.56
C THR B 502 -30.09 -35.60 40.24
N TYR B 503 -29.45 -35.72 39.08
CA TYR B 503 -28.94 -36.99 38.58
C TYR B 503 -27.43 -36.92 38.37
N PRO B 504 -26.64 -36.88 39.44
CA PRO B 504 -25.18 -36.75 39.26
C PRO B 504 -24.53 -38.01 38.74
N GLN B 505 -25.19 -39.16 38.83
CA GLN B 505 -24.64 -40.40 38.32
C GLN B 505 -24.96 -40.59 36.84
N LEU B 506 -25.45 -39.56 36.17
CA LEU B 506 -25.86 -39.72 34.78
C LEU B 506 -24.66 -39.74 33.85
N TYR B 507 -23.53 -39.16 34.24
CA TYR B 507 -22.54 -38.90 33.19
C TYR B 507 -21.71 -40.12 32.82
N ARG B 508 -20.61 -40.39 33.53
CA ARG B 508 -20.02 -41.68 33.93
C ARG B 508 -20.54 -42.94 33.24
N SER B 509 -20.74 -42.90 31.92
CA SER B 509 -21.45 -43.95 31.19
C SER B 509 -21.39 -43.70 29.70
N THR B 510 -22.01 -44.58 28.93
CA THR B 510 -22.09 -44.38 27.49
C THR B 510 -23.45 -44.73 26.89
N LYS B 511 -24.36 -45.34 27.63
CA LYS B 511 -25.67 -45.70 27.10
C LYS B 511 -26.77 -45.07 27.94
N ARG B 512 -28.01 -45.38 27.57
CA ARG B 512 -29.18 -44.70 28.10
C ARG B 512 -29.50 -45.19 29.51
N LEU B 513 -30.41 -44.45 30.16
CA LEU B 513 -31.04 -44.89 31.40
C LEU B 513 -32.55 -44.84 31.28
N GLN B 514 -33.04 -44.60 30.06
CA GLN B 514 -34.31 -44.93 29.40
C GLN B 514 -35.57 -44.17 29.84
N ILE B 515 -35.57 -43.57 31.04
CA ILE B 515 -36.54 -42.55 31.47
C ILE B 515 -36.07 -41.97 32.79
N ASP B 516 -36.28 -40.65 33.00
CA ASP B 516 -37.11 -40.09 34.06
C ASP B 516 -37.07 -38.56 33.99
N PRO B 517 -37.68 -37.87 33.00
CA PRO B 517 -37.55 -36.39 33.00
C PRO B 517 -38.25 -35.73 34.17
N LYS B 518 -39.57 -35.52 34.12
CA LYS B 518 -40.59 -35.68 35.16
C LYS B 518 -40.28 -35.39 36.63
N THR B 519 -39.08 -34.98 36.98
CA THR B 519 -38.74 -34.80 38.39
C THR B 519 -37.70 -33.72 38.65
N ILE B 520 -37.22 -33.02 37.65
CA ILE B 520 -36.14 -32.06 37.84
C ILE B 520 -36.74 -30.67 37.86
N LYS B 521 -36.23 -29.82 38.75
CA LYS B 521 -36.69 -28.46 38.88
C LYS B 521 -35.47 -27.57 39.01
N VAL B 522 -35.70 -26.30 39.35
CA VAL B 522 -34.61 -25.36 39.57
C VAL B 522 -34.82 -24.67 40.91
N LYS B 523 -33.82 -24.72 41.76
CA LYS B 523 -33.80 -23.98 43.00
C LYS B 523 -33.02 -22.69 42.81
N VAL B 524 -33.17 -21.77 43.76
CA VAL B 524 -32.47 -20.50 43.68
C VAL B 524 -30.97 -20.70 43.93
N LYS B 525 -30.60 -21.79 44.58
CA LYS B 525 -29.19 -22.15 44.71
C LYS B 525 -28.58 -22.49 43.37
N ASP B 526 -29.39 -22.96 42.43
CA ASP B 526 -28.86 -23.35 41.15
C ASP B 526 -28.57 -22.14 40.27
N PHE B 527 -29.26 -21.03 40.47
CA PHE B 527 -28.97 -19.83 39.70
C PHE B 527 -27.66 -19.19 40.15
N VAL B 528 -27.43 -19.11 41.45
CA VAL B 528 -26.30 -18.35 41.96
C VAL B 528 -24.99 -19.08 41.71
N MET B 529 -25.03 -20.39 41.47
CA MET B 529 -23.86 -21.09 41.00
C MET B 529 -23.55 -20.76 39.55
N SER B 530 -24.57 -20.38 38.77
CA SER B 530 -24.33 -20.04 37.37
C SER B 530 -23.73 -18.66 37.23
N MET B 531 -24.20 -17.69 38.01
CA MET B 531 -23.77 -16.31 37.85
C MET B 531 -22.33 -16.09 38.30
N LYS B 532 -21.78 -17.00 39.10
CA LYS B 532 -20.39 -16.87 39.51
C LYS B 532 -19.45 -17.21 38.38
N ARG B 533 -19.89 -18.01 37.42
CA ARG B 533 -19.01 -18.48 36.37
C ARG B 533 -19.11 -17.66 35.10
N MET B 534 -20.29 -17.13 34.79
CA MET B 534 -20.52 -16.48 33.52
C MET B 534 -19.88 -15.09 33.50
N ILE B 535 -19.16 -14.80 32.42
CA ILE B 535 -18.56 -13.48 32.24
C ILE B 535 -19.30 -12.82 31.08
N PRO B 536 -19.67 -11.55 31.19
CA PRO B 536 -20.43 -10.90 30.12
C PRO B 536 -19.58 -10.66 28.89
N SER B 537 -20.28 -10.42 27.79
CA SER B 537 -19.62 -10.21 26.51
C SER B 537 -18.92 -8.87 26.44
N SER B 538 -19.49 -7.84 27.06
CA SER B 538 -18.91 -6.51 26.96
C SER B 538 -17.66 -6.34 27.81
N GLU B 539 -17.42 -7.22 28.77
CA GLU B 539 -16.27 -7.11 29.64
C GLU B 539 -15.28 -8.25 29.43
N ARG B 540 -15.28 -8.86 28.25
CA ARG B 540 -14.36 -9.96 28.00
C ARG B 540 -12.95 -9.49 27.67
N SER B 541 -12.78 -8.24 27.28
CA SER B 541 -11.46 -7.71 26.98
C SER B 541 -11.05 -6.62 27.97
N SER B 542 -11.84 -5.58 28.09
CA SER B 542 -11.50 -4.42 28.90
C SER B 542 -12.43 -4.35 30.11
N ILE B 543 -11.85 -4.19 31.30
CA ILE B 543 -12.64 -4.17 32.52
C ILE B 543 -13.27 -2.79 32.68
N SER B 544 -14.56 -2.75 33.05
CA SER B 544 -15.34 -1.54 33.28
C SER B 544 -15.84 -1.58 34.71
N PRO B 545 -15.92 -0.44 35.42
CA PRO B 545 -16.04 -0.48 36.89
C PRO B 545 -17.27 -1.14 37.49
N SER B 546 -18.45 -0.52 37.33
CA SER B 546 -19.79 -1.03 37.66
C SER B 546 -19.92 -1.90 38.92
N LYS B 547 -19.39 -1.45 40.05
CA LYS B 547 -19.33 -2.37 41.19
C LYS B 547 -20.04 -1.79 42.40
N PRO B 548 -20.95 -2.52 43.02
CA PRO B 548 -21.73 -1.97 44.13
C PRO B 548 -20.93 -1.99 45.43
N LEU B 549 -21.56 -1.48 46.48
CA LEU B 549 -20.93 -1.43 47.80
C LEU B 549 -20.83 -2.81 48.41
N SER B 550 -19.72 -3.07 49.06
CA SER B 550 -19.56 -4.34 49.72
C SER B 550 -20.27 -4.31 51.08
N PRO B 551 -20.95 -5.40 51.45
CA PRO B 551 -21.82 -5.35 52.64
C PRO B 551 -21.10 -5.14 53.95
N GLU B 552 -19.84 -5.56 54.06
CA GLU B 552 -19.09 -5.28 55.27
C GLU B 552 -18.56 -3.85 55.30
N LEU B 553 -18.54 -3.18 54.14
CA LEU B 553 -18.08 -1.80 54.06
C LEU B 553 -19.23 -0.82 54.16
N LYS B 554 -20.45 -1.32 54.33
CA LYS B 554 -21.63 -0.45 54.26
C LYS B 554 -21.72 0.57 55.40
N PRO B 555 -21.82 0.19 56.68
CA PRO B 555 -22.19 1.19 57.69
C PRO B 555 -21.08 2.12 58.12
N LEU B 556 -19.97 2.16 57.39
CA LEU B 556 -18.91 3.09 57.71
C LEU B 556 -18.96 4.35 56.86
N LEU B 557 -19.49 4.27 55.63
CA LEU B 557 -19.59 5.46 54.79
C LEU B 557 -20.92 5.53 54.03
N ASN B 558 -21.94 4.78 54.45
CA ASN B 558 -23.25 4.90 53.83
C ASN B 558 -23.89 6.25 54.12
N GLU B 559 -23.57 6.86 55.26
CA GLU B 559 -23.98 8.22 55.51
C GLU B 559 -23.32 9.18 54.54
N ALA B 560 -22.10 8.88 54.13
CA ALA B 560 -21.41 9.64 53.10
C ALA B 560 -21.69 9.11 51.70
N PHE B 561 -22.84 8.50 51.50
CA PHE B 561 -23.26 8.05 50.18
C PHE B 561 -24.53 8.76 49.72
N GLN B 562 -25.58 8.77 50.54
CA GLN B 562 -26.86 9.32 50.11
C GLN B 562 -26.81 10.84 49.99
N ASP B 563 -25.87 11.49 50.66
CA ASP B 563 -25.67 12.92 50.45
C ASP B 563 -25.14 13.21 49.06
N ILE B 564 -24.24 12.37 48.55
CA ILE B 564 -23.69 12.58 47.22
C ILE B 564 -24.74 12.26 46.17
N GLU B 565 -25.57 11.26 46.43
CA GLU B 565 -26.66 10.97 45.52
C GLU B 565 -27.73 12.05 45.59
N LYS B 566 -27.86 12.73 46.72
CA LYS B 566 -28.83 13.82 46.81
C LYS B 566 -28.34 15.04 46.04
N THR B 567 -27.06 15.37 46.16
CA THR B 567 -26.56 16.55 45.46
C THR B 567 -26.26 16.28 44.00
N LEU B 568 -26.34 15.05 43.54
CA LEU B 568 -26.08 14.79 42.12
C LEU B 568 -27.33 15.04 41.29
N GLN B 569 -28.46 14.48 41.70
CA GLN B 569 -29.65 14.55 40.87
C GLN B 569 -30.36 15.89 40.97
N LYS B 570 -29.90 16.80 41.82
CA LYS B 570 -30.32 18.18 41.71
C LYS B 570 -29.38 19.00 40.85
N LEU B 571 -28.39 18.36 40.24
CA LEU B 571 -27.45 19.03 39.37
C LEU B 571 -27.57 18.60 37.92
N MET B 572 -28.07 17.40 37.66
CA MET B 572 -28.32 16.94 36.30
C MET B 572 -29.45 15.93 36.35
N PRO B 573 -30.69 16.39 36.25
CA PRO B 573 -31.82 15.45 36.29
C PRO B 573 -31.92 14.65 35.02
N VAL B 574 -32.32 13.39 35.18
CA VAL B 574 -32.25 12.40 34.10
C VAL B 574 -33.67 11.86 33.88
N ALA B 575 -34.65 12.75 34.07
CA ALA B 575 -36.06 12.38 33.98
C ALA B 575 -36.42 11.88 32.58
N SER B 576 -36.82 10.62 32.51
CA SER B 576 -37.02 9.93 31.25
C SER B 576 -38.27 10.43 30.54
N LYS B 577 -38.38 10.06 29.26
CA LYS B 577 -39.47 10.49 28.41
C LYS B 577 -40.24 9.27 27.90
N LEU B 578 -41.51 9.49 27.62
CA LEU B 578 -42.41 8.42 27.23
C LEU B 578 -42.46 8.27 25.72
N ASN B 579 -42.74 7.05 25.27
CA ASN B 579 -42.88 6.78 23.84
C ASN B 579 -44.16 7.40 23.32
N PRO B 580 -44.16 7.91 22.09
CA PRO B 580 -45.22 8.83 21.68
C PRO B 580 -46.56 8.18 21.35
N LEU B 581 -46.68 6.86 21.40
CA LEU B 581 -47.96 6.26 21.03
C LEU B 581 -49.00 6.44 22.13
N GLU B 582 -48.59 6.44 23.39
CA GLU B 582 -49.50 6.77 24.47
C GLU B 582 -49.39 8.21 24.90
N GLU B 583 -48.41 8.96 24.39
CA GLU B 583 -48.36 10.39 24.66
C GLU B 583 -49.45 11.15 23.91
N VAL B 584 -49.90 10.63 22.78
CA VAL B 584 -50.91 11.32 21.99
C VAL B 584 -52.30 11.18 22.61
N MET B 585 -52.46 10.31 23.61
CA MET B 585 -53.77 10.07 24.19
C MET B 585 -54.27 11.23 25.04
N TYR B 586 -53.42 12.17 25.42
CA TYR B 586 -53.89 13.38 26.08
C TYR B 586 -54.47 14.35 25.06
N ASP B 587 -54.92 15.50 25.55
CA ASP B 587 -55.52 16.51 24.69
C ASP B 587 -55.27 17.90 25.25
N ASP B 588 -55.16 18.88 24.34
CA ASP B 588 -54.87 20.26 24.72
C ASP B 588 -55.28 21.18 23.57
N PRO B 589 -55.84 22.34 23.86
CA PRO B 589 -56.24 23.27 22.79
C PRO B 589 -55.15 24.28 22.46
N LYS B 590 -53.96 23.79 22.10
CA LYS B 590 -52.84 24.67 21.84
C LYS B 590 -52.18 24.38 20.50
N GLU B 591 -52.89 23.76 19.57
CA GLU B 591 -52.32 23.44 18.25
C GLU B 591 -52.60 24.57 17.26
N ASN B 592 -52.19 25.78 17.64
CA ASN B 592 -52.41 26.94 16.77
C ASN B 592 -51.12 27.65 16.41
N ASP B 593 -50.25 27.93 17.38
CA ASP B 593 -49.12 28.81 17.12
C ASP B 593 -47.90 28.36 17.90
N PHE B 594 -46.77 28.99 17.58
CA PHE B 594 -45.48 28.73 18.21
C PHE B 594 -45.40 29.24 19.64
N GLU B 595 -46.39 30.00 20.11
CA GLU B 595 -46.35 30.60 21.44
C GLU B 595 -46.30 29.57 22.55
N TYR B 596 -46.93 28.42 22.37
CA TYR B 596 -46.89 27.35 23.36
C TYR B 596 -45.78 26.35 23.11
N GLN B 597 -45.31 26.24 21.87
CA GLN B 597 -44.19 25.38 21.53
C GLN B 597 -42.86 26.09 21.62
N GLN B 598 -42.84 27.30 22.18
CA GLN B 598 -41.60 27.99 22.51
C GLN B 598 -41.24 27.84 23.98
N ARG B 599 -42.13 27.28 24.80
CA ARG B 599 -41.97 27.30 26.25
C ARG B 599 -42.01 25.93 26.91
N LEU B 600 -42.81 24.97 26.42
CA LEU B 600 -42.97 23.72 27.14
C LEU B 600 -41.73 22.85 27.05
N GLU B 601 -40.93 23.06 26.02
CA GLU B 601 -39.64 22.39 25.87
C GLU B 601 -38.50 23.19 26.47
N THR B 602 -38.70 24.48 26.70
CA THR B 602 -37.63 25.33 27.18
C THR B 602 -37.39 25.17 28.66
N PHE B 603 -38.39 24.67 29.39
CA PHE B 603 -38.28 24.56 30.85
C PHE B 603 -37.25 23.53 31.26
N GLU B 604 -37.27 22.37 30.64
CA GLU B 604 -36.37 21.31 31.07
C GLU B 604 -34.92 21.56 30.64
N THR B 605 -34.70 22.36 29.60
CA THR B 605 -33.39 22.48 29.02
C THR B 605 -32.64 23.73 29.47
N LEU B 606 -33.20 24.52 30.37
CA LEU B 606 -32.52 25.71 30.89
C LEU B 606 -32.17 25.57 32.35
N ARG B 607 -31.79 24.37 32.76
CA ARG B 607 -31.48 24.10 34.15
C ARG B 607 -30.09 23.52 34.35
N ILE B 608 -29.39 23.18 33.28
CA ILE B 608 -28.33 22.19 33.32
C ILE B 608 -26.99 22.81 32.97
N TYR B 609 -26.76 24.06 33.38
CA TYR B 609 -25.54 24.76 32.99
C TYR B 609 -24.31 24.14 33.64
N LYS B 610 -23.48 23.50 32.81
CA LYS B 610 -22.09 23.12 33.09
C LYS B 610 -21.92 22.17 34.27
N PRO B 611 -22.32 20.92 34.15
CA PRO B 611 -22.32 20.01 35.31
C PRO B 611 -20.98 19.33 35.61
N ARG B 612 -20.14 19.93 36.46
CA ARG B 612 -18.91 19.28 36.91
C ARG B 612 -19.02 18.85 38.37
N PHE B 613 -18.15 17.91 38.76
CA PHE B 613 -18.14 17.38 40.12
C PHE B 613 -16.80 16.70 40.40
N LEU B 614 -16.37 16.73 41.67
CA LEU B 614 -15.06 16.18 42.04
C LEU B 614 -15.04 15.78 43.51
N ILE B 615 -14.60 14.55 43.78
CA ILE B 615 -14.42 14.04 45.14
C ILE B 615 -12.96 14.20 45.53
N CYS B 616 -12.68 14.75 46.71
CA CYS B 616 -11.31 14.95 47.14
C CYS B 616 -11.20 14.77 48.65
N GLY B 617 -9.98 14.91 49.15
CA GLY B 617 -9.66 14.70 50.55
C GLY B 617 -8.37 13.93 50.70
N ARG B 618 -7.90 13.73 51.92
CA ARG B 618 -6.62 13.08 52.16
C ARG B 618 -6.66 11.61 51.76
N LYS B 619 -5.48 10.99 51.72
CA LYS B 619 -5.30 9.74 51.01
C LYS B 619 -5.92 8.57 51.78
N GLY B 620 -6.80 7.83 51.11
CA GLY B 620 -7.31 6.56 51.60
C GLY B 620 -8.27 6.64 52.76
N LEU B 621 -9.34 7.42 52.62
CA LEU B 621 -10.35 7.49 53.65
C LEU B 621 -11.73 7.50 53.03
N GLY B 622 -12.00 6.51 52.19
CA GLY B 622 -13.11 6.63 51.27
C GLY B 622 -12.78 6.09 49.89
N GLN B 623 -12.68 6.99 48.93
CA GLN B 623 -12.62 6.74 47.48
C GLN B 623 -11.60 5.71 47.05
N THR B 624 -11.81 5.18 45.84
CA THR B 624 -11.56 3.89 45.19
C THR B 624 -12.63 2.89 45.59
N ALA B 625 -13.52 3.21 46.53
CA ALA B 625 -14.58 2.29 46.88
C ALA B 625 -15.91 3.00 46.69
N LEU B 626 -15.89 4.31 46.80
CA LEU B 626 -17.07 5.11 46.54
C LEU B 626 -17.25 5.43 45.07
N GLY B 627 -16.19 5.28 44.28
CA GLY B 627 -16.20 5.64 42.88
C GLY B 627 -17.11 4.78 42.04
N PRO B 628 -16.77 3.50 41.85
CA PRO B 628 -17.64 2.60 41.07
C PRO B 628 -18.97 2.30 41.74
N ALA B 629 -19.16 2.66 43.00
CA ALA B 629 -20.43 2.46 43.68
C ALA B 629 -21.41 3.59 43.43
N ILE B 630 -21.07 4.57 42.60
CA ILE B 630 -21.98 5.67 42.35
C ILE B 630 -22.49 5.67 40.92
N LEU B 631 -21.84 4.98 39.99
CA LEU B 631 -22.32 4.89 38.63
C LEU B 631 -23.07 3.59 38.37
N GLN B 632 -23.39 2.85 39.41
CA GLN B 632 -24.35 1.76 39.28
C GLN B 632 -25.70 2.14 39.84
N GLN B 633 -25.94 3.41 40.09
CA GLN B 633 -27.25 3.81 40.59
C GLN B 633 -28.19 4.17 39.43
N TYR B 634 -27.81 5.15 38.62
CA TYR B 634 -28.66 5.57 37.52
C TYR B 634 -28.24 4.87 36.24
N GLU B 635 -29.22 4.36 35.52
CA GLU B 635 -29.02 3.67 34.26
C GLU B 635 -29.71 4.45 33.14
N GLY B 636 -29.63 3.92 31.94
CA GLY B 636 -30.10 4.64 30.78
C GLY B 636 -29.13 5.66 30.26
N VAL B 637 -27.90 5.68 30.77
CA VAL B 637 -26.89 6.64 30.37
C VAL B 637 -25.78 5.90 29.65
N HIS B 638 -24.79 6.63 29.16
CA HIS B 638 -23.70 6.05 28.38
C HIS B 638 -22.37 6.49 28.99
N VAL B 639 -21.78 5.63 29.80
CA VAL B 639 -20.53 5.97 30.48
C VAL B 639 -19.35 5.79 29.54
N GLN B 640 -18.19 6.30 29.95
CA GLN B 640 -16.93 6.17 29.22
C GLN B 640 -15.81 6.29 30.25
N SER B 641 -14.58 6.05 29.82
CA SER B 641 -13.46 6.18 30.74
C SER B 641 -12.26 6.71 29.98
N PHE B 642 -11.60 7.73 30.52
CA PHE B 642 -10.44 8.33 29.88
C PHE B 642 -9.17 8.06 30.66
N ASP B 643 -9.13 7.00 31.44
CA ASP B 643 -7.96 6.74 32.27
C ASP B 643 -6.87 6.08 31.44
N MET B 644 -5.71 5.85 32.08
CA MET B 644 -4.54 5.36 31.36
C MET B 644 -4.71 3.93 30.89
N SER B 645 -5.60 3.18 31.52
CA SER B 645 -5.77 1.78 31.17
C SER B 645 -6.46 1.59 29.84
N THR B 646 -7.14 2.62 29.32
CA THR B 646 -7.82 2.51 28.03
C THR B 646 -7.49 3.67 27.10
N LEU B 647 -6.36 4.34 27.33
CA LEU B 647 -5.95 5.44 26.48
C LEU B 647 -4.51 5.25 26.04
N LEU B 648 -3.73 4.50 26.82
CA LEU B 648 -2.34 4.23 26.50
C LEU B 648 -2.12 2.81 26.01
N GLN B 649 -3.19 2.06 25.74
CA GLN B 649 -3.06 0.66 25.41
C GLN B 649 -2.92 0.40 23.92
N ASP B 650 -2.68 1.44 23.13
CA ASP B 650 -2.63 1.29 21.68
C ASP B 650 -1.49 2.14 21.14
N SER B 651 -0.62 1.52 20.34
CA SER B 651 0.54 2.21 19.81
C SER B 651 0.49 2.44 18.31
N THR B 652 -0.55 1.96 17.63
CA THR B 652 -0.64 2.18 16.20
C THR B 652 -1.05 3.60 15.85
N GLN B 653 -1.53 4.37 16.81
CA GLN B 653 -1.82 5.79 16.65
C GLN B 653 -0.99 6.56 17.66
N SER B 654 -1.28 7.85 17.77
CA SER B 654 -0.79 8.62 18.91
C SER B 654 -1.89 8.64 19.96
N ILE B 655 -1.61 9.26 21.10
CA ILE B 655 -2.66 9.53 22.06
C ILE B 655 -3.41 10.80 21.71
N GLU B 656 -2.90 11.59 20.77
CA GLU B 656 -3.55 12.83 20.37
C GLU B 656 -4.82 12.57 19.60
N THR B 657 -4.88 11.48 18.84
CA THR B 657 -6.06 11.16 18.06
C THR B 657 -6.97 10.16 18.76
N SER B 658 -6.47 9.47 19.78
CA SER B 658 -7.32 8.53 20.50
C SER B 658 -8.32 9.26 21.36
N ILE B 659 -7.97 10.46 21.82
CA ILE B 659 -8.89 11.26 22.62
C ILE B 659 -10.03 11.78 21.75
N ILE B 660 -9.71 12.24 20.55
CA ILE B 660 -10.70 12.86 19.68
C ILE B 660 -11.68 11.82 19.15
N HIS B 661 -11.23 10.57 19.02
CA HIS B 661 -12.13 9.51 18.61
C HIS B 661 -13.12 9.18 19.71
N LEU B 662 -12.74 9.41 20.97
CA LEU B 662 -13.62 9.08 22.08
C LEU B 662 -14.67 10.17 22.30
N PHE B 663 -14.28 11.44 22.13
CA PHE B 663 -15.21 12.54 22.34
C PHE B 663 -16.32 12.55 21.30
N LEU B 664 -16.04 12.01 20.11
CA LEU B 664 -17.08 11.91 19.11
C LEU B 664 -18.11 10.86 19.50
N GLU B 665 -17.71 9.89 20.32
CA GLU B 665 -18.65 8.87 20.76
C GLU B 665 -19.54 9.37 21.88
N VAL B 666 -19.07 10.33 22.67
CA VAL B 666 -19.82 10.81 23.82
C VAL B 666 -20.78 11.94 23.45
N ARG B 667 -20.63 12.52 22.27
CA ARG B 667 -21.45 13.67 21.90
C ARG B 667 -22.72 13.30 21.17
N ARG B 668 -22.73 12.16 20.48
CA ARG B 668 -23.90 11.76 19.72
C ARG B 668 -24.90 10.98 20.55
N HIS B 669 -24.71 10.92 21.86
CA HIS B 669 -25.66 10.28 22.75
C HIS B 669 -25.85 11.15 23.98
N THR B 670 -27.08 11.25 24.43
CA THR B 670 -27.48 12.06 25.57
C THR B 670 -27.35 11.12 26.77
N PRO B 671 -27.78 11.48 27.99
CA PRO B 671 -26.86 11.63 29.13
C PRO B 671 -25.65 10.73 29.19
N SER B 672 -24.48 11.32 29.46
CA SER B 672 -23.23 10.59 29.40
C SER B 672 -22.29 11.07 30.49
N ILE B 673 -21.34 10.22 30.86
CA ILE B 673 -20.42 10.47 31.96
C ILE B 673 -19.00 10.38 31.41
N ILE B 674 -18.09 11.20 31.93
CA ILE B 674 -16.70 11.19 31.48
C ILE B 674 -15.82 10.80 32.67
N TYR B 675 -16.27 9.83 33.44
CA TYR B 675 -15.60 9.33 34.65
C TYR B 675 -14.12 8.98 34.44
N ILE B 676 -13.26 9.51 35.30
CA ILE B 676 -11.85 9.14 35.39
C ILE B 676 -11.42 8.90 36.83
N PRO B 677 -10.92 7.73 37.16
CA PRO B 677 -10.41 7.51 38.51
C PRO B 677 -8.93 7.80 38.60
N ASP B 678 -8.48 8.16 39.80
CA ASP B 678 -7.07 8.44 40.12
C ASP B 678 -6.50 9.56 39.24
N ILE B 679 -7.10 10.75 39.37
CA ILE B 679 -6.76 11.83 38.47
C ILE B 679 -5.39 12.43 38.78
N ASP B 680 -4.85 12.19 39.97
CA ASP B 680 -3.65 12.91 40.36
C ASP B 680 -2.41 12.31 39.73
N ASN B 681 -2.40 11.00 39.51
CA ASN B 681 -1.32 10.43 38.72
C ASN B 681 -1.56 10.60 37.24
N TRP B 682 -2.80 10.90 36.85
CA TRP B 682 -3.14 11.06 35.44
C TRP B 682 -2.53 12.31 34.85
N LEU B 683 -2.33 13.34 35.67
CA LEU B 683 -1.72 14.57 35.19
C LEU B 683 -0.21 14.53 35.20
N ASN B 684 0.41 13.42 35.59
CA ASN B 684 1.86 13.34 35.65
C ASN B 684 2.45 12.32 34.69
N VAL B 685 1.64 11.63 33.91
CA VAL B 685 2.18 10.56 33.06
C VAL B 685 2.04 10.89 31.58
N LEU B 686 1.00 11.57 31.18
CA LEU B 686 0.90 11.82 29.76
C LEU B 686 1.41 13.23 29.43
N PRO B 687 1.96 13.44 28.22
CA PRO B 687 2.70 14.69 27.96
C PRO B 687 1.80 15.91 27.90
N LEU B 688 2.46 17.07 27.91
CA LEU B 688 1.79 18.34 28.16
C LEU B 688 0.85 18.73 27.02
N THR B 689 1.18 18.34 25.79
CA THR B 689 0.28 18.66 24.68
C THR B 689 -1.01 17.85 24.75
N ALA B 690 -0.94 16.64 25.30
CA ALA B 690 -2.14 15.82 25.42
C ALA B 690 -3.07 16.37 26.49
N ILE B 691 -2.54 17.09 27.48
CA ILE B 691 -3.37 17.73 28.48
C ILE B 691 -4.19 18.83 27.86
N THR B 692 -3.59 19.59 26.95
CA THR B 692 -4.24 20.77 26.39
C THR B 692 -5.41 20.40 25.50
N THR B 693 -5.25 19.38 24.67
CA THR B 693 -6.32 18.98 23.76
C THR B 693 -7.53 18.37 24.46
N PHE B 694 -7.36 17.79 25.65
CA PHE B 694 -8.54 17.42 26.41
C PHE B 694 -9.19 18.64 27.00
N SER B 695 -8.38 19.59 27.46
CA SER B 695 -8.90 20.83 28.00
C SER B 695 -9.47 21.72 26.91
N SER B 696 -9.13 21.46 25.65
CA SER B 696 -9.68 22.27 24.57
C SER B 696 -10.98 21.74 24.03
N MET B 697 -11.45 20.59 24.49
CA MET B 697 -12.72 20.06 24.01
C MET B 697 -13.87 20.33 24.97
N LEU B 698 -13.59 20.59 26.24
CA LEU B 698 -14.68 20.78 27.20
C LEU B 698 -15.40 22.10 27.04
N GLU B 699 -14.78 23.11 26.43
CA GLU B 699 -15.52 24.32 26.12
C GLU B 699 -16.13 24.30 24.74
N ARG B 700 -15.77 23.34 23.90
CA ARG B 700 -16.30 23.34 22.54
C ARG B 700 -17.75 22.85 22.52
N LEU B 701 -18.10 21.89 23.36
CA LEU B 701 -19.49 21.49 23.48
C LEU B 701 -20.28 22.54 24.25
N ASP B 702 -21.58 22.57 24.02
CA ASP B 702 -22.42 23.65 24.51
C ASP B 702 -22.76 23.43 25.97
N PHE B 703 -23.61 24.30 26.51
CA PHE B 703 -23.84 24.37 27.94
C PHE B 703 -25.23 23.94 28.36
N SER B 704 -26.09 23.53 27.44
CA SER B 704 -27.46 23.21 27.78
C SER B 704 -27.79 21.74 27.51
N ASP B 705 -26.80 20.87 27.58
CA ASP B 705 -27.04 19.44 27.35
C ASP B 705 -26.32 18.64 28.43
N GLN B 706 -26.71 17.38 28.55
CA GLN B 706 -26.49 16.59 29.75
C GLN B 706 -25.23 15.76 29.57
N ILE B 707 -24.08 16.33 29.94
CA ILE B 707 -22.80 15.64 29.89
C ILE B 707 -22.08 15.94 31.20
N LEU B 708 -21.94 14.94 32.05
CA LEU B 708 -21.40 15.12 33.39
C LEU B 708 -19.94 14.72 33.44
N PHE B 709 -19.12 15.55 34.09
CA PHE B 709 -17.69 15.29 34.26
C PHE B 709 -17.48 14.86 35.70
N LEU B 710 -17.00 13.64 35.90
CA LEU B 710 -16.83 13.05 37.22
C LEU B 710 -15.38 12.63 37.40
N ALA B 711 -14.80 12.97 38.54
CA ALA B 711 -13.42 12.63 38.81
C ALA B 711 -13.21 12.59 40.32
N LEU B 712 -12.12 11.96 40.73
CA LEU B 712 -11.81 11.81 42.15
C LEU B 712 -10.31 11.83 42.36
N SER B 713 -9.88 12.54 43.40
CA SER B 713 -8.45 12.78 43.65
C SER B 713 -8.07 12.30 45.04
N SER B 714 -6.83 11.84 45.15
CA SER B 714 -6.25 11.44 46.42
C SER B 714 -5.35 12.54 46.99
N SER B 715 -5.96 13.69 47.27
CA SER B 715 -5.21 14.83 47.81
C SER B 715 -6.17 15.75 48.55
N PRO B 716 -5.76 16.33 49.66
CA PRO B 716 -6.61 17.30 50.36
C PRO B 716 -6.61 18.65 49.63
N LEU B 717 -7.37 19.59 50.20
CA LEU B 717 -7.68 20.82 49.49
C LEU B 717 -6.48 21.75 49.37
N SER B 718 -5.52 21.65 50.28
CA SER B 718 -4.38 22.56 50.25
C SER B 718 -3.37 22.22 49.18
N GLU B 719 -3.50 21.06 48.53
CA GLU B 719 -2.50 20.62 47.56
C GLU B 719 -3.16 20.31 46.23
N LEU B 720 -3.94 21.25 45.73
CA LEU B 720 -4.86 20.94 44.65
C LEU B 720 -4.22 20.85 43.27
N HIS B 721 -2.90 21.08 43.12
CA HIS B 721 -2.18 21.06 41.85
C HIS B 721 -2.83 21.99 40.85
N PRO B 722 -2.56 23.30 40.89
CA PRO B 722 -3.49 24.29 40.31
C PRO B 722 -3.65 24.28 38.80
N GLN B 723 -4.07 23.13 38.29
CA GLN B 723 -4.78 22.99 37.03
C GLN B 723 -6.21 22.54 37.25
N LEU B 724 -6.44 21.71 38.27
CA LEU B 724 -7.78 21.31 38.66
C LEU B 724 -8.59 22.48 39.21
N ARG B 725 -7.91 23.52 39.70
CA ARG B 725 -8.60 24.69 40.20
C ARG B 725 -9.25 25.50 39.10
N GLU B 726 -8.85 25.31 37.84
CA GLU B 726 -9.54 25.96 36.74
C GLU B 726 -10.75 25.17 36.26
N TRP B 727 -10.71 23.83 36.38
CA TRP B 727 -11.82 23.04 35.87
C TRP B 727 -12.98 23.04 36.85
N PHE B 728 -12.71 22.80 38.14
CA PHE B 728 -13.74 22.80 39.16
C PHE B 728 -13.70 24.13 39.92
N SER B 729 -14.29 25.16 39.31
CA SER B 729 -14.25 26.51 39.87
C SER B 729 -15.58 26.82 40.54
N SER B 730 -15.76 26.26 41.73
CA SER B 730 -16.90 26.52 42.59
C SER B 730 -16.57 26.00 43.98
N LYS B 731 -17.57 26.00 44.87
CA LYS B 731 -17.55 25.16 46.04
C LYS B 731 -18.71 24.18 46.08
N GLN B 732 -19.74 24.43 45.28
CA GLN B 732 -20.76 23.42 45.04
C GLN B 732 -20.14 22.21 44.34
N SER B 733 -19.22 22.45 43.42
CA SER B 733 -18.66 21.41 42.58
C SER B 733 -17.42 20.77 43.15
N VAL B 734 -17.24 20.79 44.47
CA VAL B 734 -16.17 20.06 45.13
C VAL B 734 -16.68 19.56 46.46
N TYR B 735 -16.48 18.27 46.73
CA TYR B 735 -16.94 17.66 47.96
C TYR B 735 -15.76 17.02 48.66
N SER B 736 -15.39 17.57 49.81
CA SER B 736 -14.31 17.02 50.61
C SER B 736 -14.80 15.80 51.37
N LEU B 737 -13.85 15.07 51.94
CA LEU B 737 -14.15 13.98 52.84
C LEU B 737 -13.49 14.22 54.19
N GLN B 738 -13.93 13.47 55.19
CA GLN B 738 -13.39 13.57 56.53
C GLN B 738 -13.30 12.19 57.15
N TYR B 739 -12.77 12.14 58.37
CA TYR B 739 -12.51 10.88 59.04
C TYR B 739 -13.81 10.22 59.47
N PRO B 740 -13.81 8.90 59.63
CA PRO B 740 -14.98 8.24 60.22
C PRO B 740 -15.14 8.59 61.68
N THR B 741 -16.35 8.96 62.07
CA THR B 741 -16.60 9.42 63.43
C THR B 741 -16.60 8.25 64.40
N ARG B 742 -16.69 8.59 65.68
CA ARG B 742 -16.60 7.60 66.75
C ARG B 742 -17.87 6.79 66.90
N ASP B 743 -19.02 7.35 66.56
CA ASP B 743 -20.28 6.63 66.75
C ASP B 743 -20.44 5.51 65.73
N SER B 744 -20.15 5.79 64.46
CA SER B 744 -20.39 4.81 63.41
C SER B 744 -19.36 3.69 63.38
N ILE B 745 -18.26 3.82 64.11
CA ILE B 745 -17.25 2.77 64.04
C ILE B 745 -17.67 1.53 64.84
N ILE B 746 -18.60 1.67 65.78
CA ILE B 746 -18.89 0.53 66.64
C ILE B 746 -19.81 -0.47 65.95
N ALA B 747 -20.61 -0.01 64.98
CA ALA B 747 -21.41 -0.94 64.20
C ALA B 747 -20.60 -1.67 63.16
N PHE B 748 -19.44 -1.12 62.79
CA PHE B 748 -18.55 -1.81 61.86
C PHE B 748 -17.96 -3.05 62.51
N PHE B 749 -17.76 -3.02 63.82
CA PHE B 749 -17.22 -4.16 64.54
C PHE B 749 -18.29 -4.98 65.22
N GLN B 750 -19.57 -4.65 65.01
CA GLN B 750 -20.63 -5.44 65.64
C GLN B 750 -20.79 -6.84 65.07
N PRO B 751 -20.97 -7.06 63.75
CA PRO B 751 -21.29 -8.44 63.32
C PRO B 751 -20.12 -9.38 63.41
N ILE B 752 -18.90 -8.87 63.46
CA ILE B 752 -17.80 -9.77 63.79
C ILE B 752 -17.83 -10.13 65.26
N LEU B 753 -18.29 -9.22 66.12
CA LEU B 753 -18.39 -9.55 67.53
C LEU B 753 -19.52 -10.52 67.78
N GLU B 754 -20.58 -10.46 66.98
CA GLU B 754 -21.67 -11.41 67.14
C GLU B 754 -21.28 -12.80 66.65
N LEU B 755 -20.30 -12.88 65.75
CA LEU B 755 -19.90 -14.20 65.28
C LEU B 755 -18.97 -14.90 66.26
N ILE B 756 -18.25 -14.16 67.09
CA ILE B 756 -17.53 -14.83 68.17
C ILE B 756 -18.48 -14.83 69.37
N LYS B 757 -19.50 -15.66 69.28
CA LYS B 757 -20.34 -16.01 70.42
C LYS B 757 -20.84 -17.45 70.37
N ALA B 758 -20.88 -18.07 69.20
CA ALA B 758 -21.59 -19.31 68.99
C ALA B 758 -20.62 -20.48 68.79
N SER B 759 -21.18 -21.62 68.44
CA SER B 759 -20.52 -22.90 68.35
C SER B 759 -21.24 -23.50 67.14
N PRO B 760 -20.91 -24.74 66.63
CA PRO B 760 -20.63 -24.93 65.19
C PRO B 760 -21.55 -24.31 64.16
N THR B 761 -22.77 -23.95 64.55
CA THR B 761 -23.72 -23.26 63.66
C THR B 761 -23.25 -21.81 63.47
N GLU B 762 -22.16 -21.66 62.71
CA GLU B 762 -21.70 -20.37 62.24
C GLU B 762 -21.57 -20.40 60.72
N LEU B 763 -20.99 -21.48 60.23
CA LEU B 763 -20.91 -21.99 58.87
C LEU B 763 -20.66 -23.49 59.00
N PRO B 764 -21.27 -24.31 58.15
CA PRO B 764 -21.08 -25.77 58.23
C PRO B 764 -19.67 -26.27 57.94
N GLY B 765 -18.77 -25.41 57.47
CA GLY B 765 -17.38 -25.77 57.27
C GLY B 765 -16.71 -26.23 58.55
N GLY B 766 -16.28 -27.50 58.56
CA GLY B 766 -15.76 -28.12 59.76
C GLY B 766 -16.51 -29.36 60.20
N ILE B 767 -17.66 -29.63 59.60
CA ILE B 767 -18.41 -30.86 59.85
C ILE B 767 -18.44 -31.61 58.51
N PRO B 768 -18.26 -32.94 58.50
CA PRO B 768 -18.40 -33.67 57.23
C PRO B 768 -19.81 -33.61 56.66
N ARG B 769 -20.80 -33.56 57.53
CA ARG B 769 -22.14 -32.96 57.41
C ARG B 769 -23.11 -33.66 56.48
N LYS B 770 -22.62 -34.55 55.59
CA LYS B 770 -23.16 -35.87 55.20
C LYS B 770 -22.43 -36.43 54.00
N ARG B 771 -22.82 -37.63 53.61
CA ARG B 771 -22.53 -38.18 52.28
C ARG B 771 -23.68 -39.11 51.90
N ARG B 772 -24.26 -38.87 50.72
CA ARG B 772 -25.48 -39.56 50.33
C ARG B 772 -25.17 -40.65 49.32
N VAL B 773 -26.15 -41.52 49.10
CA VAL B 773 -25.99 -42.66 48.21
C VAL B 773 -26.99 -42.50 47.06
N LEU B 774 -26.68 -43.12 45.94
CA LEU B 774 -27.50 -42.97 44.75
C LEU B 774 -28.17 -44.28 44.38
N PRO B 775 -29.39 -44.24 43.85
CA PRO B 775 -30.00 -45.44 43.28
C PRO B 775 -29.27 -45.86 42.01
N GLU B 776 -29.33 -47.16 41.72
CA GLU B 776 -28.42 -47.72 40.73
C GLU B 776 -28.88 -47.54 39.28
N LEU B 777 -30.09 -47.02 39.05
CA LEU B 777 -30.67 -46.74 37.73
C LEU B 777 -30.67 -47.95 36.80
N PRO B 778 -31.59 -48.90 36.98
CA PRO B 778 -31.63 -50.07 36.10
C PRO B 778 -31.93 -49.69 34.65
N LEU B 779 -31.02 -50.08 33.76
CA LEU B 779 -31.11 -49.80 32.34
C LEU B 779 -32.25 -50.59 31.70
N ALA B 780 -32.70 -50.12 30.53
CA ALA B 780 -33.70 -50.84 29.74
C ALA B 780 -33.18 -52.18 29.25
N GLU B 1136 -19.66 -14.39 79.96
CA GLU B 1136 -20.36 -13.38 79.18
C GLU B 1136 -20.07 -12.01 79.74
N ASP B 1137 -19.54 -11.98 80.96
CA ASP B 1137 -19.20 -10.72 81.60
C ASP B 1137 -17.93 -10.08 81.04
N ARG B 1138 -17.09 -10.84 80.35
CA ARG B 1138 -15.79 -10.38 79.91
C ARG B 1138 -15.83 -9.72 78.53
N LEU B 1139 -16.98 -9.21 78.11
CA LEU B 1139 -17.00 -8.49 76.84
C LEU B 1139 -16.41 -7.10 77.00
N THR B 1140 -16.55 -6.51 78.17
CA THR B 1140 -16.06 -5.17 78.44
C THR B 1140 -14.54 -4.97 78.40
N PRO B 1141 -13.68 -6.00 78.62
CA PRO B 1141 -12.28 -5.80 78.20
C PRO B 1141 -12.12 -5.61 76.71
N LEU B 1142 -12.69 -6.51 75.90
CA LEU B 1142 -12.50 -6.45 74.45
C LEU B 1142 -13.20 -5.25 73.84
N LYS B 1143 -14.34 -4.85 74.40
CA LYS B 1143 -15.05 -3.68 73.91
C LYS B 1143 -14.23 -2.41 74.16
N GLN B 1144 -13.72 -2.25 75.38
CA GLN B 1144 -12.98 -1.05 75.71
C GLN B 1144 -11.56 -1.06 75.15
N LEU B 1145 -11.02 -2.22 74.81
CA LEU B 1145 -9.74 -2.26 74.12
C LEU B 1145 -9.86 -1.87 72.67
N LEU B 1146 -11.06 -1.97 72.11
CA LEU B 1146 -11.28 -1.74 70.68
C LEU B 1146 -11.51 -0.28 70.36
N ILE B 1147 -12.08 0.50 71.27
CA ILE B 1147 -12.52 1.85 70.96
C ILE B 1147 -11.37 2.84 71.00
N ASP B 1148 -10.63 2.87 72.11
CA ASP B 1148 -9.62 3.90 72.28
C ASP B 1148 -8.42 3.70 71.37
N SER B 1149 -8.06 2.45 71.08
CA SER B 1149 -6.89 2.14 70.29
C SER B 1149 -7.15 2.20 68.79
N THR B 1150 -8.28 2.77 68.36
CA THR B 1150 -8.58 2.86 66.94
C THR B 1150 -9.08 4.24 66.56
N THR B 1151 -9.02 5.23 67.45
CA THR B 1151 -9.73 6.47 67.29
C THR B 1151 -9.15 7.36 66.19
N GLY B 1152 -7.87 7.20 65.87
CA GLY B 1152 -7.25 8.07 64.90
C GLY B 1152 -6.90 7.36 63.61
N PHE B 1153 -7.37 6.13 63.44
CA PHE B 1153 -7.08 5.41 62.22
C PHE B 1153 -7.90 5.96 61.07
N THR B 1154 -7.40 5.74 59.86
CA THR B 1154 -8.15 6.05 58.65
C THR B 1154 -8.96 4.82 58.27
N VAL B 1155 -9.54 4.83 57.07
CA VAL B 1155 -10.42 3.74 56.70
C VAL B 1155 -9.63 2.55 56.15
N ASP B 1156 -8.59 2.81 55.38
CA ASP B 1156 -7.86 1.70 54.76
C ASP B 1156 -7.05 0.94 55.80
N GLN B 1157 -6.44 1.64 56.75
CA GLN B 1157 -5.71 0.94 57.80
C GLN B 1157 -6.64 0.29 58.81
N LEU B 1158 -7.91 0.68 58.83
CA LEU B 1158 -8.89 -0.02 59.66
C LEU B 1158 -9.16 -1.41 59.14
N LEU B 1159 -8.88 -1.68 57.86
CA LEU B 1159 -9.10 -3.00 57.31
C LEU B 1159 -8.04 -4.01 57.72
N HIS B 1160 -6.99 -3.60 58.44
CA HIS B 1160 -6.03 -4.57 58.92
C HIS B 1160 -6.61 -5.44 60.04
N LEU B 1161 -7.24 -4.80 61.04
CA LEU B 1161 -7.82 -5.57 62.14
C LEU B 1161 -8.96 -6.43 61.68
N HIS B 1162 -9.72 -5.94 60.69
CA HIS B 1162 -10.75 -6.75 60.06
C HIS B 1162 -10.17 -7.88 59.22
N SER B 1163 -8.86 -7.88 58.98
CA SER B 1163 -8.21 -9.04 58.43
C SER B 1163 -7.36 -9.76 59.47
N PHE B 1164 -6.91 -9.06 60.51
CA PHE B 1164 -6.13 -9.70 61.56
C PHE B 1164 -7.01 -10.60 62.41
N LEU B 1165 -8.06 -10.06 63.01
CA LEU B 1165 -8.87 -10.89 63.88
C LEU B 1165 -9.90 -11.72 63.12
N TYR B 1166 -10.00 -11.55 61.80
CA TYR B 1166 -10.81 -12.47 61.03
C TYR B 1166 -10.05 -13.73 60.68
N GLN B 1167 -8.72 -13.70 60.72
CA GLN B 1167 -7.97 -14.90 60.40
C GLN B 1167 -7.61 -15.71 61.65
N ILE B 1168 -8.00 -15.24 62.82
CA ILE B 1168 -7.79 -16.04 64.03
C ILE B 1168 -9.08 -16.69 64.52
N ILE B 1169 -10.24 -16.17 64.14
CA ILE B 1169 -11.48 -16.88 64.41
C ILE B 1169 -11.57 -18.12 63.53
N TRP B 1170 -10.94 -18.06 62.35
CA TRP B 1170 -10.84 -19.19 61.44
C TRP B 1170 -9.95 -20.30 61.99
N ASN B 1171 -9.15 -20.03 63.02
CA ASN B 1171 -8.37 -21.05 63.69
C ASN B 1171 -9.00 -21.51 65.00
N THR B 1172 -10.16 -21.00 65.37
CA THR B 1172 -10.92 -21.50 66.51
C THR B 1172 -12.17 -22.23 66.05
N LYS B 1173 -12.04 -23.00 64.97
CA LYS B 1173 -13.15 -23.80 64.50
C LYS B 1173 -13.39 -24.97 65.44
N SER B 1174 -14.64 -25.17 65.83
CA SER B 1174 -15.19 -26.28 66.62
C SER B 1174 -14.58 -26.45 68.00
N GLU B 1175 -13.80 -25.49 68.51
CA GLU B 1175 -13.37 -25.54 69.89
C GLU B 1175 -14.55 -25.09 70.75
N TRP B 1176 -15.30 -26.04 71.29
CA TRP B 1176 -16.57 -25.74 71.95
C TRP B 1176 -16.29 -25.16 73.33
N ASN B 1177 -15.85 -23.91 73.34
CA ASN B 1177 -15.53 -23.20 74.57
C ASN B 1177 -15.75 -21.72 74.34
N ARG B 1178 -15.52 -20.94 75.39
CA ARG B 1178 -15.60 -19.50 75.30
C ARG B 1178 -14.43 -18.77 75.93
N ASN B 1179 -13.75 -19.38 76.90
CA ASN B 1179 -12.58 -18.73 77.48
C ASN B 1179 -11.42 -18.75 76.50
N SER B 1180 -11.20 -19.88 75.82
CA SER B 1180 -10.08 -20.05 74.91
C SER B 1180 -10.35 -19.49 73.53
N VAL B 1181 -11.53 -18.90 73.30
CA VAL B 1181 -11.84 -18.31 72.01
C VAL B 1181 -11.58 -16.80 72.13
N VAL B 1182 -11.92 -16.22 73.27
CA VAL B 1182 -11.74 -14.79 73.47
C VAL B 1182 -10.29 -14.44 73.81
N ASP B 1183 -9.59 -15.32 74.54
CA ASP B 1183 -8.36 -14.96 75.26
C ASP B 1183 -7.22 -14.57 74.34
N GLU B 1184 -7.21 -15.06 73.10
CA GLU B 1184 -6.14 -14.70 72.18
C GLU B 1184 -6.54 -13.59 71.21
N CYS B 1185 -7.83 -13.27 71.08
CA CYS B 1185 -8.20 -12.16 70.21
C CYS B 1185 -7.83 -10.82 70.81
N GLU B 1186 -7.74 -10.72 72.12
CA GLU B 1186 -7.21 -9.51 72.71
C GLU B 1186 -5.72 -9.37 72.46
N ARG B 1187 -5.02 -10.49 72.21
CA ARG B 1187 -3.60 -10.42 71.94
C ARG B 1187 -3.33 -9.89 70.54
N ALA B 1188 -4.24 -10.13 69.60
CA ALA B 1188 -4.05 -9.62 68.24
C ALA B 1188 -4.15 -8.12 68.20
N VAL B 1189 -5.08 -7.54 68.97
CA VAL B 1189 -5.17 -6.10 69.07
C VAL B 1189 -3.98 -5.56 69.87
N LYS B 1190 -3.45 -6.37 70.78
CA LYS B 1190 -2.37 -5.93 71.67
C LYS B 1190 -1.09 -5.67 70.89
N GLU B 1191 -0.86 -6.40 69.80
CA GLU B 1191 0.36 -6.25 69.03
C GLU B 1191 0.23 -5.29 67.87
N PHE B 1192 -0.96 -4.72 67.65
CA PHE B 1192 -1.13 -3.91 66.44
C PHE B 1192 -0.62 -2.48 66.61
N MET B 1193 -0.79 -1.90 67.80
CA MET B 1193 -0.50 -0.48 67.98
C MET B 1193 0.99 -0.17 67.87
N ILE B 1194 1.85 -1.14 68.13
CA ILE B 1194 3.28 -0.91 67.99
C ILE B 1194 3.69 -1.07 66.53
N LEU C 271 -44.53 16.68 -16.45
CA LEU C 271 -43.63 17.32 -15.50
C LEU C 271 -42.69 18.29 -16.22
N SER C 272 -43.25 19.18 -17.04
CA SER C 272 -42.46 20.01 -17.94
C SER C 272 -41.72 21.12 -17.21
N PHE C 273 -40.71 20.73 -16.42
CA PHE C 273 -39.86 21.63 -15.63
C PHE C 273 -40.66 22.47 -14.65
N GLU C 274 -41.84 22.01 -14.25
CA GLU C 274 -42.61 22.68 -13.23
C GLU C 274 -42.53 21.95 -11.90
N SER C 275 -41.58 21.03 -11.76
CA SER C 275 -41.39 20.30 -10.53
C SER C 275 -39.97 20.44 -10.00
N VAL C 276 -39.14 21.26 -10.64
CA VAL C 276 -37.78 21.51 -10.20
C VAL C 276 -37.71 22.94 -9.67
N GLY C 277 -37.35 23.08 -8.41
CA GLY C 277 -37.32 24.37 -7.76
C GLY C 277 -35.92 24.96 -7.73
N GLY C 278 -35.85 26.26 -7.86
CA GLY C 278 -34.61 26.99 -7.65
C GLY C 278 -33.63 27.04 -8.79
N LEU C 279 -33.38 25.89 -9.41
CA LEU C 279 -32.36 25.80 -10.47
C LEU C 279 -32.92 26.41 -11.74
N ASP C 280 -32.82 27.74 -11.81
CA ASP C 280 -33.37 28.50 -12.90
C ASP C 280 -32.37 28.78 -14.01
N ASN C 281 -31.10 28.96 -13.65
CA ASN C 281 -30.09 29.31 -14.64
C ASN C 281 -29.77 28.15 -15.55
N TYR C 282 -29.82 26.93 -15.03
CA TYR C 282 -29.43 25.80 -15.84
C TYR C 282 -30.53 25.28 -16.75
N ILE C 283 -31.77 25.71 -16.54
CA ILE C 283 -32.82 25.28 -17.46
C ILE C 283 -32.73 26.03 -18.77
N ASN C 284 -32.53 27.34 -18.71
CA ASN C 284 -32.37 28.13 -19.93
C ASN C 284 -31.11 27.78 -20.70
N GLN C 285 -30.08 27.29 -20.02
CA GLN C 285 -28.92 26.80 -20.74
C GLN C 285 -29.14 25.41 -21.29
N LEU C 286 -30.07 24.64 -20.71
CA LEU C 286 -30.36 23.33 -21.24
C LEU C 286 -31.32 23.37 -22.42
N LYS C 287 -32.10 24.44 -22.53
CA LYS C 287 -33.06 24.51 -23.62
C LYS C 287 -32.42 24.93 -24.93
N GLU C 288 -31.21 25.46 -24.90
CA GLU C 288 -30.53 25.89 -26.12
C GLU C 288 -29.60 24.84 -26.69
N MET C 289 -29.81 23.58 -26.33
CA MET C 289 -29.02 22.54 -26.97
C MET C 289 -29.83 21.35 -27.46
N VAL C 290 -31.09 21.22 -27.06
CA VAL C 290 -31.98 20.21 -27.61
C VAL C 290 -33.17 20.84 -28.32
N MET C 291 -33.79 21.85 -27.72
CA MET C 291 -34.99 22.43 -28.27
C MET C 291 -34.71 23.44 -29.38
N LEU C 292 -33.67 24.26 -29.23
CA LEU C 292 -33.45 25.36 -30.17
C LEU C 292 -33.01 24.92 -31.57
N PRO C 293 -32.00 24.06 -31.75
CA PRO C 293 -31.63 23.72 -33.14
C PRO C 293 -32.62 22.83 -33.86
N LEU C 294 -33.59 22.24 -33.18
CA LEU C 294 -34.62 21.49 -33.86
C LEU C 294 -35.78 22.36 -34.31
N LEU C 295 -35.71 23.66 -34.10
CA LEU C 295 -36.77 24.56 -34.50
C LEU C 295 -36.30 25.72 -35.36
N TYR C 296 -35.02 26.07 -35.32
CA TYR C 296 -34.48 27.17 -36.12
C TYR C 296 -33.15 26.74 -36.70
N PRO C 297 -33.14 25.83 -37.67
CA PRO C 297 -31.86 25.38 -38.22
C PRO C 297 -31.22 26.38 -39.16
N GLU C 298 -31.95 27.39 -39.60
CA GLU C 298 -31.41 28.36 -40.54
C GLU C 298 -30.56 29.43 -39.89
N ILE C 299 -30.75 29.70 -38.60
CA ILE C 299 -29.86 30.64 -37.92
C ILE C 299 -28.57 30.00 -37.48
N PHE C 300 -28.47 28.68 -37.53
CA PHE C 300 -27.21 28.02 -37.23
C PHE C 300 -26.38 27.81 -38.48
N GLN C 301 -27.01 27.78 -39.65
CA GLN C 301 -26.26 27.66 -40.88
C GLN C 301 -25.50 28.93 -41.22
N ARG C 302 -25.89 30.06 -40.65
CA ARG C 302 -25.20 31.32 -40.93
C ARG C 302 -23.84 31.43 -40.28
N PHE C 303 -23.49 30.51 -39.39
CA PHE C 303 -22.22 30.60 -38.68
C PHE C 303 -21.31 29.41 -38.92
N ASN C 304 -21.76 28.40 -39.70
CA ASN C 304 -21.01 27.18 -40.01
C ASN C 304 -20.55 26.45 -38.75
N MET C 305 -21.37 26.48 -37.71
CA MET C 305 -20.95 25.98 -36.41
C MET C 305 -21.82 24.80 -35.98
N GLN C 306 -21.50 24.26 -34.81
CA GLN C 306 -22.24 23.18 -34.19
C GLN C 306 -22.70 23.64 -32.82
N PRO C 307 -23.92 23.31 -32.42
CA PRO C 307 -24.36 23.62 -31.07
C PRO C 307 -23.70 22.66 -30.09
N PRO C 308 -23.52 23.07 -28.84
CA PRO C 308 -22.81 22.22 -27.88
C PRO C 308 -23.64 21.01 -27.51
N ARG C 309 -22.97 19.86 -27.37
CA ARG C 309 -23.64 18.58 -27.32
C ARG C 309 -23.09 17.69 -26.20
N GLY C 310 -22.98 18.23 -24.99
CA GLY C 310 -22.55 17.44 -23.87
C GLY C 310 -22.58 18.19 -22.55
N VAL C 311 -23.07 17.55 -21.48
CA VAL C 311 -23.14 18.17 -20.16
C VAL C 311 -22.63 17.16 -19.15
N LEU C 312 -22.05 17.63 -18.05
CA LEU C 312 -21.68 16.79 -16.91
C LEU C 312 -22.21 17.40 -15.62
N PHE C 313 -22.95 16.61 -14.85
CA PHE C 313 -23.51 17.05 -13.57
C PHE C 313 -22.62 16.55 -12.44
N HIS C 314 -22.41 17.40 -11.43
CA HIS C 314 -21.70 16.96 -10.23
C HIS C 314 -22.09 17.79 -9.03
N GLY C 315 -22.23 17.12 -7.88
CA GLY C 315 -22.60 17.79 -6.65
C GLY C 315 -22.67 16.83 -5.46
N PRO C 316 -22.80 17.38 -4.26
CA PRO C 316 -22.96 16.55 -3.06
C PRO C 316 -24.30 15.84 -3.09
N PRO C 317 -24.45 14.72 -2.38
CA PRO C 317 -25.56 13.79 -2.69
C PRO C 317 -26.91 14.32 -2.24
N GLY C 318 -27.88 14.26 -3.15
CA GLY C 318 -29.25 14.61 -2.81
C GLY C 318 -29.66 16.03 -3.08
N THR C 319 -29.13 16.68 -4.12
CA THR C 319 -29.46 18.06 -4.41
C THR C 319 -30.16 18.25 -5.75
N GLY C 320 -30.62 17.17 -6.37
CA GLY C 320 -31.43 17.31 -7.56
C GLY C 320 -30.74 16.90 -8.85
N LYS C 321 -29.93 15.85 -8.84
CA LYS C 321 -29.12 15.63 -10.04
C LYS C 321 -29.79 14.68 -11.02
N THR C 322 -30.24 13.52 -10.56
CA THR C 322 -30.98 12.60 -11.41
C THR C 322 -32.44 12.99 -11.55
N LEU C 323 -32.82 14.18 -11.09
CA LEU C 323 -34.14 14.72 -11.33
C LEU C 323 -34.20 15.54 -12.61
N MET C 324 -33.19 16.36 -12.87
CA MET C 324 -33.19 17.17 -14.08
C MET C 324 -33.02 16.33 -15.32
N ALA C 325 -32.44 15.14 -15.19
CA ALA C 325 -32.42 14.23 -16.33
C ALA C 325 -33.80 13.67 -16.59
N ARG C 326 -34.56 13.39 -15.55
CA ARG C 326 -35.88 12.80 -15.75
C ARG C 326 -36.87 13.83 -16.24
N ALA C 327 -36.75 15.07 -15.78
CA ALA C 327 -37.66 16.11 -16.23
C ALA C 327 -37.39 16.50 -17.67
N LEU C 328 -36.14 16.38 -18.11
CA LEU C 328 -35.82 16.65 -19.50
C LEU C 328 -36.38 15.57 -20.41
N ALA C 329 -36.37 14.32 -19.95
CA ALA C 329 -36.86 13.22 -20.77
C ALA C 329 -38.37 13.27 -20.93
N ALA C 330 -39.09 13.79 -19.94
CA ALA C 330 -40.53 13.84 -20.07
C ALA C 330 -40.96 15.02 -20.92
N ALA C 331 -40.34 16.18 -20.70
CA ALA C 331 -40.78 17.39 -21.38
C ALA C 331 -40.40 17.40 -22.85
N CYS C 332 -39.44 16.59 -23.25
CA CYS C 332 -39.05 16.58 -24.65
C CYS C 332 -39.93 15.66 -25.48
N SER C 333 -40.30 14.50 -24.93
CA SER C 333 -41.04 13.52 -25.73
C SER C 333 -42.51 13.87 -25.86
N SER C 334 -43.10 14.52 -24.87
CA SER C 334 -44.54 14.71 -24.91
C SER C 334 -44.94 15.89 -25.78
N GLU C 335 -44.00 16.79 -26.08
CA GLU C 335 -44.32 17.98 -26.86
C GLU C 335 -44.03 17.73 -28.34
N ASN C 336 -44.60 16.63 -28.85
CA ASN C 336 -44.69 16.29 -30.26
C ASN C 336 -43.35 16.24 -30.98
N LYS C 337 -42.36 15.59 -30.37
CA LYS C 337 -41.03 15.49 -30.95
C LYS C 337 -40.55 14.06 -30.78
N LYS C 338 -40.03 13.48 -31.85
CA LYS C 338 -39.60 12.09 -31.80
C LYS C 338 -38.12 12.06 -31.46
N VAL C 339 -37.81 12.06 -30.17
CA VAL C 339 -36.44 12.00 -29.67
C VAL C 339 -36.36 10.80 -28.75
N SER C 340 -35.80 9.70 -29.24
CA SER C 340 -35.64 8.52 -28.42
C SER C 340 -34.50 8.71 -27.43
N PHE C 341 -34.45 7.85 -26.42
CA PHE C 341 -33.35 7.90 -25.46
C PHE C 341 -33.08 6.53 -24.89
N TYR C 342 -31.85 6.33 -24.41
CA TYR C 342 -31.34 5.04 -23.98
C TYR C 342 -30.84 5.18 -22.56
N MET C 343 -31.56 4.62 -21.60
CA MET C 343 -31.14 4.66 -20.22
C MET C 343 -29.96 3.73 -20.00
N ARG C 344 -28.99 4.18 -19.22
CA ARG C 344 -27.77 3.40 -19.00
C ARG C 344 -27.36 3.50 -17.54
N LYS C 345 -27.16 2.34 -16.91
CA LYS C 345 -26.87 2.26 -15.49
C LYS C 345 -25.40 2.55 -15.22
N GLY C 346 -24.95 2.22 -14.01
CA GLY C 346 -23.63 2.60 -13.57
C GLY C 346 -22.46 2.01 -14.33
N ALA C 347 -22.25 0.71 -14.21
CA ALA C 347 -21.21 0.03 -14.98
C ALA C 347 -21.76 -1.35 -15.30
N ASP C 348 -22.40 -1.47 -16.45
CA ASP C 348 -23.03 -2.71 -16.86
C ASP C 348 -22.40 -3.33 -18.09
N CYS C 349 -21.61 -2.57 -18.83
CA CYS C 349 -20.96 -3.06 -20.04
C CYS C 349 -19.65 -3.76 -19.67
N LEU C 350 -19.79 -4.86 -18.95
CA LEU C 350 -18.68 -5.66 -18.47
C LEU C 350 -19.14 -7.09 -18.38
N SER C 351 -18.31 -8.02 -18.83
CA SER C 351 -18.69 -9.43 -18.75
C SER C 351 -17.43 -10.28 -18.72
N LYS C 352 -17.63 -11.59 -18.79
CA LYS C 352 -16.60 -12.55 -18.44
C LYS C 352 -15.60 -12.75 -19.56
N TRP C 353 -16.05 -12.78 -20.81
CA TRP C 353 -15.18 -13.14 -21.93
C TRP C 353 -14.29 -11.97 -22.30
N VAL C 354 -13.49 -12.12 -23.37
CA VAL C 354 -12.36 -11.23 -23.61
C VAL C 354 -12.83 -9.88 -24.11
N GLY C 355 -13.41 -9.83 -25.30
CA GLY C 355 -13.91 -8.55 -25.73
C GLY C 355 -15.38 -8.57 -26.06
N GLU C 356 -16.17 -8.06 -25.14
CA GLU C 356 -17.56 -7.74 -25.41
C GLU C 356 -17.97 -6.44 -24.75
N ALA C 357 -17.18 -5.93 -23.81
CA ALA C 357 -17.35 -4.57 -23.35
C ALA C 357 -17.16 -3.59 -24.49
N GLU C 358 -16.10 -3.77 -25.26
CA GLU C 358 -15.89 -2.95 -26.43
C GLU C 358 -16.80 -3.32 -27.58
N ARG C 359 -17.52 -4.44 -27.49
CA ARG C 359 -18.50 -4.74 -28.52
C ARG C 359 -19.82 -4.06 -28.23
N GLN C 360 -20.29 -4.13 -26.99
CA GLN C 360 -21.57 -3.54 -26.65
C GLN C 360 -21.50 -2.02 -26.65
N LEU C 361 -20.34 -1.45 -26.34
CA LEU C 361 -20.18 -0.01 -26.49
C LEU C 361 -20.16 0.40 -27.96
N ARG C 362 -19.60 -0.45 -28.82
CA ARG C 362 -19.69 -0.20 -30.25
C ARG C 362 -21.10 -0.40 -30.74
N LEU C 363 -21.87 -1.25 -30.07
CA LEU C 363 -23.24 -1.55 -30.45
C LEU C 363 -24.23 -0.57 -29.83
N LEU C 364 -23.75 0.60 -29.40
CA LEU C 364 -24.61 1.61 -28.81
C LEU C 364 -24.62 2.90 -29.62
N PHE C 365 -23.45 3.38 -30.03
CA PHE C 365 -23.40 4.69 -30.67
C PHE C 365 -23.92 4.63 -32.11
N GLU C 366 -23.85 3.47 -32.74
CA GLU C 366 -24.15 3.44 -34.16
C GLU C 366 -25.66 3.42 -34.43
N GLU C 367 -26.47 2.88 -33.52
CA GLU C 367 -27.90 2.93 -33.74
C GLU C 367 -28.54 4.13 -33.08
N ALA C 368 -27.83 4.82 -32.19
CA ALA C 368 -28.24 6.16 -31.85
C ALA C 368 -28.11 7.09 -33.05
N LYS C 369 -27.16 6.79 -33.94
CA LYS C 369 -27.05 7.55 -35.18
C LYS C 369 -28.23 7.26 -36.09
N SER C 370 -28.69 6.01 -36.15
CA SER C 370 -29.76 5.63 -37.06
C SER C 370 -31.13 6.06 -36.58
N THR C 371 -31.24 6.62 -35.38
CA THR C 371 -32.49 7.17 -34.87
C THR C 371 -32.21 8.61 -34.48
N GLN C 372 -31.65 9.36 -35.42
CA GLN C 372 -30.77 10.53 -35.31
C GLN C 372 -31.01 11.49 -34.15
N PRO C 373 -32.22 12.00 -33.86
CA PRO C 373 -32.33 12.84 -32.66
C PRO C 373 -32.46 11.96 -31.42
N SER C 374 -31.39 11.90 -30.62
CA SER C 374 -31.38 10.97 -29.50
C SER C 374 -30.43 11.44 -28.42
N ILE C 375 -30.72 11.04 -27.19
CA ILE C 375 -29.95 11.39 -25.99
C ILE C 375 -29.53 10.09 -25.30
N ILE C 376 -28.33 10.08 -24.72
CA ILE C 376 -27.85 8.94 -23.95
C ILE C 376 -27.55 9.40 -22.54
N PHE C 377 -28.13 8.72 -21.55
CA PHE C 377 -27.97 9.08 -20.14
C PHE C 377 -26.95 8.16 -19.50
N PHE C 378 -25.73 8.67 -19.30
CA PHE C 378 -24.71 7.94 -18.55
C PHE C 378 -24.85 8.31 -17.09
N ASP C 379 -25.11 7.31 -16.25
CA ASP C 379 -25.40 7.56 -14.84
C ASP C 379 -24.28 6.95 -14.01
N GLN C 380 -23.72 7.75 -13.11
CA GLN C 380 -22.66 7.37 -12.17
C GLN C 380 -21.43 6.84 -12.92
N ILE C 381 -20.80 7.77 -13.64
CA ILE C 381 -19.75 7.44 -14.60
C ILE C 381 -18.45 7.00 -13.95
N ASP C 382 -18.34 7.10 -12.62
CA ASP C 382 -17.11 6.77 -11.93
C ASP C 382 -16.79 5.29 -11.97
N GLY C 383 -17.78 4.45 -12.20
CA GLY C 383 -17.53 3.03 -12.31
C GLY C 383 -17.14 2.60 -13.69
N LEU C 384 -17.06 3.52 -14.65
CA LEU C 384 -16.79 3.17 -16.03
C LEU C 384 -15.48 3.73 -16.56
N ALA C 385 -15.18 5.00 -16.29
CA ALA C 385 -14.00 5.66 -16.85
C ALA C 385 -13.12 6.21 -15.72
N PRO C 386 -12.25 5.39 -15.16
CA PRO C 386 -11.31 5.89 -14.15
C PRO C 386 -10.15 6.61 -14.82
N VAL C 387 -9.27 7.16 -13.98
CA VAL C 387 -8.07 7.82 -14.50
C VAL C 387 -7.07 6.76 -14.94
N ARG C 388 -6.49 6.95 -16.11
CA ARG C 388 -5.59 5.95 -16.68
C ARG C 388 -4.22 6.03 -16.03
N SER C 389 -3.70 4.90 -15.57
CA SER C 389 -2.36 4.83 -15.03
C SER C 389 -1.84 3.41 -15.21
N SER C 390 -0.55 3.25 -14.96
CA SER C 390 0.09 1.95 -15.16
C SER C 390 -0.25 0.95 -14.08
N LYS C 391 -0.82 1.37 -12.95
CA LYS C 391 -1.15 0.45 -11.89
C LYS C 391 -2.47 -0.27 -12.12
N GLN C 392 -3.29 0.21 -13.07
CA GLN C 392 -4.55 -0.41 -13.40
C GLN C 392 -4.31 -1.69 -14.17
N GLU C 393 -5.32 -2.52 -14.29
CA GLU C 393 -5.24 -3.69 -15.15
C GLU C 393 -5.40 -3.26 -16.60
N GLN C 394 -5.20 -4.20 -17.53
CA GLN C 394 -5.38 -3.90 -18.94
C GLN C 394 -6.83 -3.69 -19.32
N ILE C 395 -7.76 -4.27 -18.57
CA ILE C 395 -9.17 -4.19 -18.95
C ILE C 395 -9.72 -2.77 -18.75
N HIS C 396 -9.29 -2.09 -17.69
CA HIS C 396 -9.81 -0.75 -17.45
C HIS C 396 -9.21 0.27 -18.38
N ALA C 397 -8.01 0.01 -18.90
CA ALA C 397 -7.45 0.94 -19.87
C ALA C 397 -8.04 0.75 -21.25
N SER C 398 -8.65 -0.40 -21.51
CA SER C 398 -9.18 -0.64 -22.83
C SER C 398 -10.52 0.05 -23.03
N ILE C 399 -11.36 0.05 -22.00
CA ILE C 399 -12.72 0.58 -22.14
C ILE C 399 -12.70 2.09 -22.19
N VAL C 400 -11.71 2.71 -21.54
CA VAL C 400 -11.57 4.16 -21.64
C VAL C 400 -11.07 4.56 -23.02
N SER C 401 -10.20 3.74 -23.61
CA SER C 401 -9.61 4.11 -24.90
C SER C 401 -10.61 3.95 -26.03
N THR C 402 -11.44 2.91 -25.99
CA THR C 402 -12.42 2.74 -27.05
C THR C 402 -13.63 3.64 -26.89
N LEU C 403 -13.74 4.34 -25.76
CA LEU C 403 -14.85 5.27 -25.60
C LEU C 403 -14.45 6.67 -26.04
N LEU C 404 -13.14 6.97 -25.96
CA LEU C 404 -12.64 8.26 -26.41
C LEU C 404 -12.77 8.41 -27.91
N ALA C 405 -12.45 7.36 -28.66
CA ALA C 405 -12.53 7.43 -30.10
C ALA C 405 -13.94 7.35 -30.62
N LEU C 406 -14.86 6.84 -29.81
CA LEU C 406 -16.25 6.74 -30.26
C LEU C 406 -17.01 8.04 -30.06
N MET C 407 -16.66 8.81 -29.04
CA MET C 407 -17.37 10.06 -28.79
C MET C 407 -17.01 11.12 -29.81
N ASP C 408 -15.77 11.12 -30.30
CA ASP C 408 -15.34 12.08 -31.31
C ASP C 408 -14.23 11.43 -32.13
N GLY C 409 -14.59 10.90 -33.29
CA GLY C 409 -13.66 10.28 -34.20
C GLY C 409 -13.33 11.18 -35.37
N MET C 410 -12.76 10.58 -36.40
CA MET C 410 -12.39 11.37 -37.56
C MET C 410 -13.58 11.67 -38.46
N GLU C 411 -14.64 10.90 -38.37
CA GLU C 411 -15.93 11.29 -38.92
C GLU C 411 -16.89 11.57 -37.78
N SER C 412 -17.92 12.36 -38.07
CA SER C 412 -18.79 12.84 -37.01
C SER C 412 -19.67 11.72 -36.47
N ARG C 413 -20.16 11.91 -35.26
CA ARG C 413 -20.99 10.91 -34.62
C ARG C 413 -22.47 11.14 -34.85
N GLY C 414 -22.87 12.28 -35.39
CA GLY C 414 -24.27 12.54 -35.63
C GLY C 414 -24.89 13.45 -34.60
N GLN C 415 -26.20 13.36 -34.42
CA GLN C 415 -26.91 14.22 -33.47
C GLN C 415 -27.16 13.50 -32.15
N VAL C 416 -26.09 13.15 -31.45
CA VAL C 416 -26.17 12.42 -30.19
C VAL C 416 -25.71 13.35 -29.07
N ILE C 417 -26.50 13.43 -28.00
CA ILE C 417 -26.23 14.31 -26.88
C ILE C 417 -26.01 13.46 -25.63
N ILE C 418 -24.90 13.69 -24.94
CA ILE C 418 -24.46 12.83 -23.85
C ILE C 418 -24.51 13.60 -22.54
N ILE C 419 -25.04 12.94 -21.50
CA ILE C 419 -25.25 13.55 -20.19
C ILE C 419 -24.73 12.61 -19.13
N GLY C 420 -23.88 13.13 -18.23
CA GLY C 420 -23.30 12.31 -17.18
C GLY C 420 -23.42 12.96 -15.82
N ALA C 421 -23.42 12.12 -14.79
CA ALA C 421 -23.59 12.59 -13.43
C ALA C 421 -22.66 11.83 -12.49
N THR C 422 -22.15 12.53 -11.47
CA THR C 422 -21.28 11.91 -10.47
C THR C 422 -21.29 12.76 -9.20
N ASN C 423 -20.63 12.24 -8.17
CA ASN C 423 -20.49 12.95 -6.91
C ASN C 423 -19.09 13.50 -6.69
N ARG C 424 -18.09 12.93 -7.34
CA ARG C 424 -16.71 13.39 -7.22
C ARG C 424 -16.14 13.50 -8.63
N PRO C 425 -16.16 14.68 -9.21
CA PRO C 425 -15.78 14.84 -10.61
C PRO C 425 -14.28 14.93 -10.81
N ASP C 426 -13.55 14.01 -10.19
CA ASP C 426 -12.10 14.00 -10.26
C ASP C 426 -11.55 12.62 -10.50
N ALA C 427 -12.36 11.57 -10.42
CA ALA C 427 -11.90 10.24 -10.74
C ALA C 427 -12.20 9.86 -12.18
N VAL C 428 -12.59 10.81 -13.01
CA VAL C 428 -12.68 10.57 -14.44
C VAL C 428 -11.37 10.97 -15.09
N ASP C 429 -11.14 10.47 -16.28
CA ASP C 429 -9.92 10.79 -17.00
C ASP C 429 -9.96 12.24 -17.46
N PRO C 430 -8.88 13.01 -17.30
CA PRO C 430 -8.91 14.42 -17.71
C PRO C 430 -8.95 14.62 -19.21
N ALA C 431 -8.65 13.60 -20.01
CA ALA C 431 -8.79 13.70 -21.45
C ALA C 431 -10.23 13.48 -21.91
N LEU C 432 -11.13 13.22 -20.98
CA LEU C 432 -12.53 13.03 -21.29
C LEU C 432 -13.34 14.30 -21.09
N ARG C 433 -12.72 15.36 -20.56
CA ARG C 433 -13.45 16.57 -20.23
C ARG C 433 -13.08 17.74 -21.12
N ARG C 434 -12.56 17.49 -22.31
CA ARG C 434 -12.28 18.58 -23.21
C ARG C 434 -13.54 18.95 -23.99
N PRO C 435 -13.61 20.17 -24.51
CA PRO C 435 -14.76 20.56 -25.35
C PRO C 435 -14.87 19.74 -26.63
N GLY C 436 -15.96 19.02 -26.74
CA GLY C 436 -16.19 18.17 -27.89
C GLY C 436 -16.73 16.84 -27.41
N ARG C 437 -16.42 16.51 -26.17
CA ARG C 437 -16.96 15.33 -25.51
C ARG C 437 -17.90 15.70 -24.38
N PHE C 438 -17.44 16.45 -23.39
CA PHE C 438 -18.30 16.80 -22.27
C PHE C 438 -18.58 18.28 -22.15
N ASP C 439 -17.64 19.14 -22.52
CA ASP C 439 -17.93 20.44 -23.11
C ASP C 439 -18.56 21.51 -22.21
N ARG C 440 -19.07 21.13 -21.03
CA ARG C 440 -19.81 22.06 -20.19
C ARG C 440 -20.05 21.43 -18.83
N GLU C 441 -19.77 22.16 -17.75
CA GLU C 441 -19.87 21.61 -16.41
C GLU C 441 -20.86 22.39 -15.57
N PHE C 442 -21.73 21.67 -14.89
CA PHE C 442 -22.71 22.27 -13.99
C PHE C 442 -22.42 21.82 -12.57
N TYR C 443 -22.53 22.75 -11.62
CA TYR C 443 -22.31 22.48 -10.21
C TYR C 443 -23.62 22.64 -9.47
N PHE C 444 -24.00 21.62 -8.70
CA PHE C 444 -25.32 21.57 -8.05
C PHE C 444 -25.11 21.72 -6.55
N PRO C 445 -25.18 22.92 -6.01
CA PRO C 445 -24.85 23.13 -4.60
C PRO C 445 -26.03 22.78 -3.71
N LEU C 446 -25.85 23.04 -2.42
CA LEU C 446 -26.96 22.91 -1.49
C LEU C 446 -27.84 24.16 -1.58
N PRO C 447 -29.16 24.01 -1.41
CA PRO C 447 -30.06 25.14 -1.67
C PRO C 447 -29.96 26.21 -0.60
N ASP C 448 -29.91 27.46 -1.03
CA ASP C 448 -29.41 28.49 -0.11
C ASP C 448 -30.45 29.04 0.87
N ARG C 449 -31.38 29.88 0.42
CA ARG C 449 -32.45 30.29 1.32
C ARG C 449 -33.79 30.40 0.60
N ASP C 450 -33.78 31.01 -0.59
CA ASP C 450 -35.01 31.18 -1.33
C ASP C 450 -35.37 29.94 -2.12
N ALA C 451 -34.39 29.08 -2.38
CA ALA C 451 -34.71 27.80 -3.00
C ALA C 451 -35.46 26.91 -2.03
N ARG C 452 -35.20 27.03 -0.74
CA ARG C 452 -35.96 26.24 0.21
C ARG C 452 -37.36 26.76 0.44
N LYS C 453 -37.65 27.99 0.01
CA LYS C 453 -39.04 28.44 0.02
C LYS C 453 -39.83 27.78 -1.10
N LYS C 454 -39.22 27.62 -2.27
CA LYS C 454 -39.90 27.02 -3.40
C LYS C 454 -39.91 25.50 -3.34
N ILE C 455 -38.84 24.90 -2.84
CA ILE C 455 -38.77 23.44 -2.78
C ILE C 455 -39.66 22.86 -1.69
N ILE C 456 -40.15 23.70 -0.77
CA ILE C 456 -41.03 23.24 0.29
C ILE C 456 -42.49 23.41 -0.08
N GLU C 457 -42.81 24.23 -1.07
CA GLU C 457 -44.19 24.44 -1.46
C GLU C 457 -44.55 23.68 -2.72
N ILE C 458 -43.60 22.94 -3.29
CA ILE C 458 -43.92 22.05 -4.39
C ILE C 458 -44.60 20.79 -3.88
N HIS C 459 -44.06 20.19 -2.82
CA HIS C 459 -44.68 19.02 -2.23
C HIS C 459 -45.96 19.33 -1.46
N THR C 460 -46.28 20.59 -1.23
CA THR C 460 -47.52 20.98 -0.58
C THR C 460 -48.27 21.83 -1.60
N ARG C 461 -48.99 21.16 -2.48
CA ARG C 461 -49.75 21.84 -3.51
C ARG C 461 -51.20 21.41 -3.55
N ASN C 462 -51.52 20.19 -3.16
CA ASN C 462 -52.89 19.70 -3.20
C ASN C 462 -53.47 19.47 -1.83
N TRP C 463 -52.80 19.94 -0.78
CA TRP C 463 -53.29 19.75 0.58
C TRP C 463 -54.44 20.71 0.80
N ASP C 464 -55.64 20.17 1.05
CA ASP C 464 -56.85 20.96 0.82
C ASP C 464 -57.12 22.11 1.80
N PRO C 465 -56.55 22.19 3.00
CA PRO C 465 -56.23 23.50 3.51
C PRO C 465 -54.84 23.90 3.05
N PRO C 466 -54.72 24.91 2.21
CA PRO C 466 -53.40 25.30 1.71
C PRO C 466 -52.54 25.85 2.85
N VAL C 467 -51.28 25.45 2.84
CA VAL C 467 -50.37 25.78 3.95
C VAL C 467 -50.11 27.27 3.97
N PRO C 468 -50.25 27.93 5.12
CA PRO C 468 -50.13 29.38 5.16
C PRO C 468 -48.69 29.83 4.97
N GLU C 469 -48.54 30.92 4.23
CA GLU C 469 -47.21 31.37 3.83
C GLU C 469 -46.40 31.92 4.99
N TRP C 470 -47.04 32.30 6.09
CA TRP C 470 -46.27 32.65 7.27
C TRP C 470 -45.65 31.42 7.91
N LEU C 471 -46.26 30.26 7.74
CA LEU C 471 -45.62 29.03 8.16
C LEU C 471 -44.61 28.55 7.13
N CYS C 472 -44.89 28.84 5.86
CA CYS C 472 -44.03 28.36 4.78
C CYS C 472 -42.68 29.05 4.82
N SER C 473 -42.66 30.36 5.05
CA SER C 473 -41.39 31.06 5.16
C SER C 473 -40.69 30.70 6.46
N MET C 474 -41.44 30.52 7.55
CA MET C 474 -40.81 30.19 8.82
C MET C 474 -40.31 28.76 8.85
N LEU C 475 -40.82 27.90 7.96
CA LEU C 475 -40.21 26.59 7.82
C LEU C 475 -39.14 26.59 6.74
N ALA C 476 -38.29 27.61 6.75
CA ALA C 476 -37.09 27.64 5.94
C ALA C 476 -35.90 28.21 6.68
N GLU C 477 -36.11 29.02 7.71
CA GLU C 477 -35.00 29.54 8.49
C GLU C 477 -34.43 28.49 9.41
N LYS C 478 -35.25 27.52 9.82
CA LYS C 478 -34.73 26.45 10.66
C LYS C 478 -33.91 25.46 9.85
N SER C 479 -34.25 25.27 8.57
CA SER C 479 -33.51 24.37 7.70
C SER C 479 -32.19 25.03 7.30
N LYS C 480 -31.09 24.33 7.52
CA LYS C 480 -29.78 24.87 7.24
C LYS C 480 -28.89 23.81 6.58
N GLY C 481 -29.34 23.28 5.45
CA GLY C 481 -28.49 22.34 4.76
C GLY C 481 -29.18 21.06 4.33
N TYR C 482 -30.50 21.11 4.17
CA TYR C 482 -31.23 19.88 3.92
C TYR C 482 -31.10 19.44 2.46
N GLY C 483 -31.65 20.21 1.52
CA GLY C 483 -31.63 19.79 0.13
C GLY C 483 -32.91 19.09 -0.31
N GLY C 484 -33.17 19.12 -1.62
CA GLY C 484 -34.42 18.65 -2.20
C GLY C 484 -34.47 17.17 -2.58
N ALA C 485 -33.86 16.45 -1.62
CA ALA C 485 -34.05 15.07 -1.19
C ALA C 485 -34.31 14.95 0.29
N ASP C 486 -33.62 15.74 1.12
CA ASP C 486 -33.90 15.71 2.56
C ASP C 486 -35.18 16.43 2.90
N LEU C 487 -35.47 17.51 2.20
CA LEU C 487 -36.53 18.41 2.59
C LEU C 487 -37.91 17.88 2.20
N ARG C 488 -37.97 16.80 1.44
CA ARG C 488 -39.24 16.12 1.21
C ARG C 488 -39.66 15.27 2.39
N ALA C 489 -38.71 14.58 3.02
CA ALA C 489 -39.04 13.70 4.13
C ALA C 489 -39.46 14.47 5.38
N LEU C 490 -39.19 15.77 5.43
CA LEU C 490 -39.79 16.61 6.48
C LEU C 490 -41.30 16.63 6.35
N CYS C 491 -41.81 16.85 5.14
CA CYS C 491 -43.24 16.85 4.93
C CYS C 491 -43.81 15.44 4.94
N THR C 492 -43.02 14.44 4.60
CA THR C 492 -43.53 13.08 4.57
C THR C 492 -43.80 12.57 5.96
N GLU C 493 -42.86 12.78 6.89
CA GLU C 493 -43.09 12.36 8.26
C GLU C 493 -44.10 13.24 8.97
N ALA C 494 -44.30 14.47 8.49
CA ALA C 494 -45.23 15.37 9.17
C ALA C 494 -46.68 14.98 8.91
N ALA C 495 -47.01 14.64 7.66
CA ALA C 495 -48.37 14.18 7.39
C ALA C 495 -48.59 12.80 7.96
N LEU C 496 -47.55 11.97 7.96
CA LEU C 496 -47.62 10.67 8.58
C LEU C 496 -47.72 10.79 10.09
N ASN C 497 -47.31 11.91 10.65
CA ASN C 497 -47.55 12.15 12.06
C ASN C 497 -49.02 12.48 12.31
N SER C 498 -49.71 12.99 11.30
CA SER C 498 -51.07 13.44 11.51
C SER C 498 -52.06 12.29 11.53
N ILE C 499 -51.75 11.21 10.81
CA ILE C 499 -52.63 10.05 10.77
C ILE C 499 -52.68 9.37 12.14
N LYS C 500 -51.52 9.28 12.79
CA LYS C 500 -51.45 8.65 14.10
C LYS C 500 -52.18 9.46 15.16
N ARG C 501 -52.29 10.78 14.97
CA ARG C 501 -52.94 11.61 15.97
C ARG C 501 -54.46 11.45 15.93
N THR C 502 -55.06 11.64 14.75
CA THR C 502 -56.51 11.66 14.68
C THR C 502 -57.15 10.29 14.72
N TYR C 503 -56.38 9.20 14.59
CA TYR C 503 -56.92 7.86 14.65
C TYR C 503 -55.90 6.91 15.25
N PRO C 504 -55.67 6.98 16.57
CA PRO C 504 -54.62 6.16 17.17
C PRO C 504 -54.97 4.69 17.27
N GLN C 505 -56.23 4.31 17.07
CA GLN C 505 -56.58 2.90 17.11
C GLN C 505 -56.41 2.23 15.74
N LEU C 506 -55.69 2.89 14.82
CA LEU C 506 -55.32 2.22 13.57
C LEU C 506 -54.28 1.16 13.82
N TYR C 507 -53.49 1.32 14.89
CA TYR C 507 -52.64 0.28 15.43
C TYR C 507 -53.48 -0.73 16.18
N ARG C 508 -52.79 -1.70 16.79
CA ARG C 508 -53.38 -2.69 17.70
C ARG C 508 -54.48 -3.50 17.04
N SER C 509 -54.37 -3.69 15.72
CA SER C 509 -55.38 -4.42 14.96
C SER C 509 -54.68 -5.11 13.79
N THR C 510 -55.45 -5.92 13.08
CA THR C 510 -54.89 -6.60 11.92
C THR C 510 -55.78 -6.57 10.70
N LYS C 511 -57.01 -6.07 10.79
CA LYS C 511 -57.95 -6.09 9.69
C LYS C 511 -58.33 -4.66 9.35
N ARG C 512 -59.06 -4.50 8.25
CA ARG C 512 -59.48 -3.18 7.84
C ARG C 512 -60.54 -2.62 8.78
N LEU C 513 -60.61 -1.30 8.86
CA LEU C 513 -61.55 -0.61 9.72
C LEU C 513 -62.46 0.27 8.88
N GLN C 514 -63.27 1.08 9.55
CA GLN C 514 -64.17 2.01 8.88
C GLN C 514 -63.60 3.41 9.07
N ILE C 515 -63.13 4.01 7.99
CA ILE C 515 -62.46 5.29 8.04
C ILE C 515 -63.04 6.17 6.94
N ASP C 516 -62.81 7.46 7.04
CA ASP C 516 -63.03 8.35 5.92
C ASP C 516 -61.99 9.46 5.97
N PRO C 517 -61.12 9.55 4.97
CA PRO C 517 -59.96 10.44 5.07
C PRO C 517 -60.25 11.91 4.85
N LYS C 518 -61.51 12.34 4.84
CA LYS C 518 -61.80 13.75 4.67
C LYS C 518 -61.71 14.54 5.97
N THR C 519 -61.47 13.88 7.10
CA THR C 519 -61.37 14.55 8.38
C THR C 519 -59.96 14.52 8.93
N ILE C 520 -58.96 14.67 8.08
CA ILE C 520 -57.56 14.71 8.48
C ILE C 520 -56.96 16.00 7.96
N LYS C 521 -56.53 16.86 8.87
CA LYS C 521 -55.90 18.11 8.50
C LYS C 521 -54.57 18.23 9.22
N VAL C 522 -53.63 18.92 8.60
CA VAL C 522 -52.27 19.00 9.10
C VAL C 522 -52.13 20.30 9.89
N LYS C 523 -52.07 20.19 11.21
CA LYS C 523 -51.93 21.37 12.05
C LYS C 523 -50.45 21.68 12.25
N VAL C 524 -50.18 22.80 12.92
CA VAL C 524 -48.81 23.29 13.06
C VAL C 524 -48.01 22.40 14.01
N LYS C 525 -48.69 21.76 14.95
CA LYS C 525 -48.01 20.89 15.91
C LYS C 525 -47.45 19.65 15.26
N ASP C 526 -47.99 19.26 14.11
CA ASP C 526 -47.45 18.11 13.41
C ASP C 526 -46.11 18.42 12.77
N PHE C 527 -45.87 19.69 12.44
CA PHE C 527 -44.61 20.04 11.80
C PHE C 527 -43.48 20.11 12.82
N VAL C 528 -43.66 20.88 13.89
CA VAL C 528 -42.57 21.15 14.81
C VAL C 528 -42.27 19.94 15.69
N MET C 529 -43.19 18.97 15.76
CA MET C 529 -42.84 17.71 16.38
C MET C 529 -41.94 16.89 15.47
N SER C 530 -42.22 16.89 14.17
CA SER C 530 -41.42 16.14 13.23
C SER C 530 -40.08 16.79 12.94
N MET C 531 -39.95 18.07 13.24
CA MET C 531 -38.68 18.77 12.99
C MET C 531 -37.60 18.27 13.93
N LYS C 532 -37.96 17.91 15.16
CA LYS C 532 -36.97 17.64 16.19
C LYS C 532 -36.37 16.26 16.10
N ARG C 533 -37.02 15.33 15.41
CA ARG C 533 -36.55 13.95 15.35
C ARG C 533 -35.88 13.61 14.03
N MET C 534 -35.38 14.60 13.31
CA MET C 534 -34.80 14.36 12.01
C MET C 534 -33.40 14.93 11.94
N ILE C 535 -32.54 14.23 11.21
CA ILE C 535 -31.15 14.62 11.01
C ILE C 535 -30.89 14.64 9.51
N PRO C 536 -30.29 15.69 8.97
CA PRO C 536 -30.09 15.80 7.53
C PRO C 536 -28.97 14.88 7.08
N SER C 537 -28.84 14.73 5.76
CA SER C 537 -27.87 13.78 5.25
C SER C 537 -26.45 14.32 5.23
N SER C 538 -26.23 15.57 5.62
CA SER C 538 -24.89 16.13 5.64
C SER C 538 -24.28 16.14 7.03
N GLU C 539 -25.03 15.78 8.06
CA GLU C 539 -24.53 15.80 9.42
C GLU C 539 -24.60 14.42 10.08
N ARG C 540 -24.84 13.38 9.30
CA ARG C 540 -24.93 12.04 9.87
C ARG C 540 -23.57 11.44 10.19
N SER C 541 -22.49 12.08 9.78
CA SER C 541 -21.15 11.62 10.14
C SER C 541 -20.41 12.64 11.00
N SER C 542 -20.28 13.87 10.55
CA SER C 542 -19.57 14.90 11.26
C SER C 542 -20.52 16.03 11.64
N ILE C 543 -20.24 16.68 12.76
CA ILE C 543 -21.11 17.74 13.23
C ILE C 543 -20.85 19.01 12.44
N SER C 544 -21.80 19.94 12.48
CA SER C 544 -21.74 21.15 11.68
C SER C 544 -21.59 22.38 12.56
N PRO C 545 -20.78 23.33 12.17
CA PRO C 545 -20.59 24.53 12.98
C PRO C 545 -21.53 25.68 12.62
N SER C 546 -22.80 25.55 13.02
CA SER C 546 -23.77 26.61 12.76
C SER C 546 -24.88 26.51 13.79
N LYS C 547 -25.14 27.60 14.51
CA LYS C 547 -26.22 27.67 15.48
C LYS C 547 -26.63 29.13 15.61
N PRO C 548 -27.92 29.44 15.62
CA PRO C 548 -28.36 30.82 15.71
C PRO C 548 -28.28 31.30 17.15
N LEU C 549 -28.57 32.58 17.36
CA LEU C 549 -28.56 33.13 18.71
C LEU C 549 -29.77 32.62 19.48
N SER C 550 -29.53 32.18 20.71
CA SER C 550 -30.62 31.73 21.56
C SER C 550 -31.48 32.91 21.96
N PRO C 551 -32.80 32.75 22.06
CA PRO C 551 -33.66 33.89 22.40
C PRO C 551 -33.48 34.36 23.83
N GLU C 552 -32.94 33.51 24.70
CA GLU C 552 -32.63 33.94 26.05
C GLU C 552 -31.39 34.81 26.10
N LEU C 553 -30.41 34.52 25.27
CA LEU C 553 -29.15 35.26 25.23
C LEU C 553 -29.22 36.48 24.33
N LYS C 554 -30.37 36.76 23.74
CA LYS C 554 -30.44 37.81 22.73
C LYS C 554 -30.28 39.22 23.29
N PRO C 555 -30.98 39.66 24.38
CA PRO C 555 -30.78 41.05 24.80
C PRO C 555 -29.56 41.23 25.70
N LEU C 556 -28.45 40.63 25.32
CA LEU C 556 -27.18 40.85 25.98
C LEU C 556 -26.03 41.00 25.00
N LEU C 557 -26.23 40.65 23.73
CA LEU C 557 -25.16 40.64 22.75
C LEU C 557 -25.46 41.40 21.47
N ASN C 558 -26.73 41.60 21.10
CA ASN C 558 -27.03 42.09 19.75
C ASN C 558 -26.70 43.57 19.57
N GLU C 559 -26.45 44.29 20.65
CA GLU C 559 -25.82 45.60 20.50
C GLU C 559 -24.39 45.43 20.00
N ALA C 560 -23.67 44.48 20.56
CA ALA C 560 -22.31 44.18 20.13
C ALA C 560 -22.26 43.11 19.05
N PHE C 561 -23.37 42.84 18.41
CA PHE C 561 -23.36 41.87 17.31
C PHE C 561 -23.72 42.50 15.97
N GLN C 562 -24.71 43.38 15.94
CA GLN C 562 -25.14 43.93 14.66
C GLN C 562 -24.18 44.97 14.13
N ASP C 563 -23.22 45.42 14.94
CA ASP C 563 -22.17 46.26 14.39
C ASP C 563 -21.03 45.43 13.82
N ILE C 564 -20.88 44.18 14.27
CA ILE C 564 -19.92 43.29 13.62
C ILE C 564 -20.41 42.93 12.22
N GLU C 565 -21.72 42.78 12.07
CA GLU C 565 -22.30 42.57 10.74
C GLU C 565 -22.15 43.80 9.86
N LYS C 566 -22.14 44.99 10.46
CA LYS C 566 -21.92 46.20 9.69
C LYS C 566 -20.48 46.31 9.21
N THR C 567 -19.53 45.79 9.99
CA THR C 567 -18.14 45.86 9.58
C THR C 567 -17.83 44.87 8.47
N LEU C 568 -18.51 43.72 8.47
CA LEU C 568 -18.21 42.68 7.50
C LEU C 568 -18.68 43.04 6.10
N GLN C 569 -19.70 43.88 5.97
CA GLN C 569 -20.14 44.30 4.64
C GLN C 569 -19.19 45.28 4.00
N LYS C 570 -18.36 45.95 4.78
CA LYS C 570 -17.36 46.84 4.21
C LYS C 570 -16.08 46.11 3.84
N LEU C 571 -15.99 44.81 4.11
CA LEU C 571 -14.81 44.03 3.76
C LEU C 571 -15.02 43.24 2.47
N MET C 572 -16.06 42.44 2.41
CA MET C 572 -16.38 41.82 1.13
C MET C 572 -17.89 41.71 0.94
N PRO C 573 -18.45 42.43 -0.01
CA PRO C 573 -19.87 42.27 -0.32
C PRO C 573 -20.11 40.93 -1.00
N VAL C 574 -21.32 40.42 -0.81
CA VAL C 574 -21.65 39.07 -1.25
C VAL C 574 -22.93 39.15 -2.10
N ALA C 575 -23.13 40.31 -2.71
CA ALA C 575 -24.36 40.59 -3.46
C ALA C 575 -24.51 39.67 -4.66
N SER C 576 -25.65 38.98 -4.72
CA SER C 576 -25.89 37.99 -5.77
C SER C 576 -26.13 38.66 -7.11
N LYS C 577 -25.90 37.90 -8.17
CA LYS C 577 -26.07 38.38 -9.53
C LYS C 577 -27.20 37.59 -10.19
N LEU C 578 -28.08 38.31 -10.87
CA LEU C 578 -29.32 37.71 -11.36
C LEU C 578 -29.05 36.85 -12.59
N ASN C 579 -30.05 36.06 -12.96
CA ASN C 579 -29.94 35.22 -14.13
C ASN C 579 -29.88 36.07 -15.40
N PRO C 580 -29.09 35.67 -16.40
CA PRO C 580 -28.76 36.59 -17.50
C PRO C 580 -29.90 36.90 -18.43
N LEU C 581 -30.94 36.06 -18.49
CA LEU C 581 -32.11 36.41 -19.27
C LEU C 581 -32.88 37.56 -18.62
N GLU C 582 -32.73 37.77 -17.31
CA GLU C 582 -33.19 39.02 -16.72
C GLU C 582 -32.20 40.14 -17.01
N GLU C 583 -30.90 39.83 -17.00
CA GLU C 583 -29.87 40.86 -17.16
C GLU C 583 -29.81 41.41 -18.57
N VAL C 584 -30.27 40.67 -19.57
CA VAL C 584 -30.23 41.17 -20.95
C VAL C 584 -31.36 42.14 -21.24
N MET C 585 -32.29 42.32 -20.30
CA MET C 585 -33.47 43.14 -20.52
C MET C 585 -33.22 44.64 -20.38
N TYR C 586 -31.97 45.08 -20.22
CA TYR C 586 -31.68 46.49 -20.07
C TYR C 586 -31.17 47.07 -21.39
N ASP C 587 -31.01 48.39 -21.40
CA ASP C 587 -30.57 49.13 -22.57
C ASP C 587 -29.20 49.75 -22.30
N ASP C 588 -28.31 49.63 -23.28
CA ASP C 588 -26.94 50.13 -23.15
C ASP C 588 -26.59 50.96 -24.38
N PRO C 589 -26.01 52.14 -24.21
CA PRO C 589 -25.64 52.94 -25.38
C PRO C 589 -24.25 52.65 -25.92
N LYS C 590 -23.35 52.20 -25.04
CA LYS C 590 -21.92 52.20 -25.35
C LYS C 590 -21.32 50.80 -25.28
N GLU C 591 -21.93 49.83 -25.94
CA GLU C 591 -21.39 48.47 -25.96
C GLU C 591 -20.46 48.22 -27.15
N ASN C 592 -19.54 49.15 -27.40
CA ASN C 592 -18.68 49.02 -28.56
C ASN C 592 -17.25 49.48 -28.30
N ASP C 593 -16.84 49.62 -27.05
CA ASP C 593 -15.54 50.20 -26.75
C ASP C 593 -14.89 49.53 -25.54
N PHE C 594 -13.87 50.15 -24.97
CA PHE C 594 -13.19 49.58 -23.83
C PHE C 594 -13.01 50.53 -22.65
N GLU C 595 -13.26 51.83 -22.82
CA GLU C 595 -13.23 52.72 -21.67
C GLU C 595 -14.45 52.58 -20.79
N TYR C 596 -15.47 51.83 -21.22
CA TYR C 596 -16.63 51.54 -20.41
C TYR C 596 -16.84 50.06 -20.16
N GLN C 597 -16.24 49.19 -20.97
CA GLN C 597 -16.49 47.75 -20.82
C GLN C 597 -15.56 47.13 -19.78
N GLN C 598 -14.25 47.23 -19.99
CA GLN C 598 -13.33 46.70 -19.00
C GLN C 598 -13.21 47.59 -17.78
N ARG C 599 -13.54 48.87 -17.90
CA ARG C 599 -13.60 49.74 -16.72
C ARG C 599 -14.78 49.45 -15.83
N LEU C 600 -15.76 48.68 -16.32
CA LEU C 600 -16.85 48.24 -15.47
C LEU C 600 -16.39 47.21 -14.44
N GLU C 601 -15.31 46.48 -14.75
CA GLU C 601 -14.81 45.41 -13.90
C GLU C 601 -13.70 45.88 -12.97
N THR C 602 -13.73 47.13 -12.56
CA THR C 602 -12.77 47.63 -11.59
C THR C 602 -13.40 48.13 -10.31
N PHE C 603 -14.72 48.27 -10.25
CA PHE C 603 -15.36 48.73 -9.03
C PHE C 603 -15.63 47.57 -8.08
N GLU C 604 -16.11 46.45 -8.59
CA GLU C 604 -16.40 45.30 -7.75
C GLU C 604 -15.19 44.42 -7.54
N THR C 605 -14.01 44.85 -7.95
CA THR C 605 -12.81 44.04 -7.82
C THR C 605 -11.65 44.78 -7.17
N LEU C 606 -11.73 46.10 -6.99
CA LEU C 606 -10.71 46.83 -6.26
C LEU C 606 -11.17 47.23 -4.87
N ARG C 607 -12.33 46.78 -4.44
CA ARG C 607 -12.78 47.09 -3.10
C ARG C 607 -12.25 46.10 -2.08
N ILE C 608 -11.62 45.02 -2.53
CA ILE C 608 -11.26 43.89 -1.68
C ILE C 608 -9.75 43.75 -1.67
N TYR C 609 -9.16 43.69 -0.49
CA TYR C 609 -7.73 43.40 -0.39
C TYR C 609 -7.48 42.60 0.88
N LYS C 610 -7.36 41.27 0.73
CA LYS C 610 -6.91 40.32 1.74
C LYS C 610 -7.76 40.36 3.00
N PRO C 611 -9.01 39.92 2.95
CA PRO C 611 -9.94 40.18 4.06
C PRO C 611 -9.66 39.28 5.25
N ARG C 612 -9.46 39.89 6.42
CA ARG C 612 -9.12 39.15 7.63
C ARG C 612 -9.78 39.82 8.83
N PHE C 613 -10.19 39.00 9.81
CA PHE C 613 -11.00 39.48 10.92
C PHE C 613 -11.03 38.47 12.07
N LEU C 614 -10.76 38.89 13.30
CA LEU C 614 -10.78 37.96 14.43
C LEU C 614 -11.48 38.59 15.62
N ILE C 615 -11.91 37.73 16.54
CA ILE C 615 -12.55 38.14 17.79
C ILE C 615 -11.54 38.00 18.90
N CYS C 616 -11.52 38.97 19.82
CA CYS C 616 -10.53 38.94 20.88
C CYS C 616 -11.11 39.54 22.16
N GLY C 617 -10.70 38.98 23.29
CA GLY C 617 -11.18 39.46 24.57
C GLY C 617 -10.78 38.50 25.67
N ARG C 618 -11.33 38.74 26.86
CA ARG C 618 -11.03 37.91 28.01
C ARG C 618 -11.78 36.58 27.93
N LYS C 619 -11.53 35.70 28.89
CA LYS C 619 -12.10 34.37 28.85
C LYS C 619 -13.57 34.38 29.21
N GLY C 620 -14.40 33.79 28.35
CA GLY C 620 -15.82 33.66 28.62
C GLY C 620 -16.55 34.97 28.55
N LEU C 621 -16.52 35.60 27.38
CA LEU C 621 -17.10 36.92 27.21
C LEU C 621 -17.88 36.97 25.90
N GLY C 622 -18.76 36.01 25.67
CA GLY C 622 -19.35 35.97 24.36
C GLY C 622 -18.82 34.85 23.49
N GLN C 623 -17.77 35.14 22.74
CA GLN C 623 -17.38 34.58 21.45
C GLN C 623 -17.67 33.11 21.19
N THR C 624 -17.59 32.25 22.21
CA THR C 624 -17.88 30.84 22.02
C THR C 624 -19.34 30.56 21.66
N ALA C 625 -20.24 31.51 21.90
CA ALA C 625 -21.62 31.41 21.43
C ALA C 625 -21.94 32.49 20.42
N LEU C 626 -20.92 33.21 19.95
CA LEU C 626 -21.09 34.27 18.97
C LEU C 626 -20.55 33.90 17.61
N GLY C 627 -19.58 32.99 17.55
CA GLY C 627 -18.98 32.54 16.32
C GLY C 627 -19.96 31.88 15.38
N PRO C 628 -20.56 30.76 15.79
CA PRO C 628 -21.61 30.14 14.96
C PRO C 628 -22.85 31.00 14.77
N ALA C 629 -23.05 32.06 15.55
CA ALA C 629 -24.13 32.99 15.29
C ALA C 629 -23.85 33.88 14.08
N ILE C 630 -22.60 34.22 13.83
CA ILE C 630 -22.29 35.10 12.72
C ILE C 630 -22.19 34.30 11.43
N LEU C 631 -22.10 32.98 11.52
CA LEU C 631 -21.90 32.14 10.37
C LEU C 631 -23.21 31.65 9.77
N GLN C 632 -24.33 31.87 10.46
CA GLN C 632 -25.64 31.48 9.95
C GLN C 632 -26.42 32.69 9.48
N GLN C 633 -25.75 33.74 9.04
CA GLN C 633 -26.44 34.91 8.53
C GLN C 633 -26.43 34.97 7.02
N TYR C 634 -25.26 34.94 6.38
CA TYR C 634 -25.24 34.99 4.94
C TYR C 634 -25.17 33.59 4.35
N GLU C 635 -25.90 33.40 3.26
CA GLU C 635 -25.98 32.14 2.56
C GLU C 635 -25.48 32.33 1.14
N GLY C 636 -25.19 31.23 0.47
CA GLY C 636 -24.55 31.27 -0.81
C GLY C 636 -23.05 31.19 -0.75
N VAL C 637 -22.47 30.99 0.43
CA VAL C 637 -21.04 30.84 0.58
C VAL C 637 -20.75 29.41 1.00
N HIS C 638 -19.46 29.10 1.11
CA HIS C 638 -19.01 27.72 1.31
C HIS C 638 -18.03 27.71 2.46
N VAL C 639 -18.33 26.95 3.51
CA VAL C 639 -17.51 26.95 4.71
C VAL C 639 -16.94 25.56 4.97
N GLN C 640 -15.81 25.54 5.66
CA GLN C 640 -15.24 24.36 6.30
C GLN C 640 -14.22 24.84 7.32
N SER C 641 -13.89 23.98 8.26
CA SER C 641 -13.17 24.39 9.46
C SER C 641 -11.79 23.76 9.50
N PHE C 642 -10.79 24.57 9.82
CA PHE C 642 -9.43 24.08 10.05
C PHE C 642 -9.15 23.96 11.54
N ASP C 643 -9.91 23.13 12.24
CA ASP C 643 -9.74 23.00 13.68
C ASP C 643 -9.27 21.60 14.03
N MET C 644 -8.89 21.43 15.29
CA MET C 644 -8.25 20.19 15.75
C MET C 644 -9.18 18.99 15.69
N SER C 645 -10.48 19.21 15.67
CA SER C 645 -11.40 18.08 15.66
C SER C 645 -11.42 17.37 14.32
N THR C 646 -11.02 18.04 13.24
CA THR C 646 -11.27 17.48 11.92
C THR C 646 -10.03 17.25 11.06
N LEU C 647 -8.87 17.78 11.45
CA LEU C 647 -7.64 17.46 10.73
C LEU C 647 -6.73 16.56 11.54
N LEU C 648 -7.28 15.87 12.52
CA LEU C 648 -6.51 14.94 13.33
C LEU C 648 -7.19 13.59 13.47
N GLN C 649 -8.22 13.31 12.67
CA GLN C 649 -9.00 12.10 12.83
C GLN C 649 -8.82 11.13 11.67
N ASP C 650 -7.62 11.08 11.08
CA ASP C 650 -7.37 10.10 10.02
C ASP C 650 -6.25 9.14 10.39
N SER C 651 -5.07 9.66 10.75
CA SER C 651 -3.88 8.90 11.18
C SER C 651 -3.38 7.92 10.14
N THR C 652 -3.72 8.10 8.87
CA THR C 652 -3.10 7.37 7.76
C THR C 652 -2.25 8.27 6.89
N GLN C 653 -2.73 9.48 6.61
CA GLN C 653 -1.94 10.49 5.94
C GLN C 653 -1.07 11.19 6.98
N SER C 654 -0.29 12.18 6.55
CA SER C 654 0.36 13.06 7.50
C SER C 654 -0.60 14.18 7.86
N ILE C 655 -0.21 15.00 8.82
CA ILE C 655 -1.02 16.18 9.13
C ILE C 655 -0.88 17.22 8.02
N GLU C 656 0.30 17.30 7.42
CA GLU C 656 0.54 18.29 6.38
C GLU C 656 -0.24 17.96 5.12
N THR C 657 -0.41 16.67 4.81
CA THR C 657 -1.15 16.31 3.61
C THR C 657 -2.63 16.57 3.76
N SER C 658 -3.14 16.55 4.99
CA SER C 658 -4.54 16.84 5.20
C SER C 658 -4.81 18.35 5.18
N ILE C 659 -3.78 19.17 5.41
CA ILE C 659 -3.96 20.61 5.30
C ILE C 659 -4.07 21.01 3.84
N ILE C 660 -3.27 20.38 2.98
CA ILE C 660 -3.23 20.74 1.57
C ILE C 660 -4.54 20.37 0.88
N HIS C 661 -5.14 19.25 1.28
CA HIS C 661 -6.32 18.76 0.57
C HIS C 661 -7.54 19.63 0.83
N LEU C 662 -7.58 20.34 1.96
CA LEU C 662 -8.70 21.23 2.20
C LEU C 662 -8.55 22.54 1.46
N PHE C 663 -7.31 23.00 1.28
CA PHE C 663 -7.07 24.23 0.52
C PHE C 663 -7.40 24.08 -0.94
N LEU C 664 -7.33 22.86 -1.48
CA LEU C 664 -7.68 22.65 -2.87
C LEU C 664 -9.17 22.82 -3.09
N GLU C 665 -9.98 22.60 -2.06
CA GLU C 665 -11.42 22.71 -2.23
C GLU C 665 -11.93 24.11 -1.94
N VAL C 666 -11.25 24.89 -1.10
CA VAL C 666 -11.81 26.17 -0.71
C VAL C 666 -11.63 27.21 -1.82
N ARG C 667 -10.57 27.13 -2.60
CA ARG C 667 -10.45 28.04 -3.74
C ARG C 667 -10.95 27.40 -5.02
N ARG C 668 -12.15 26.88 -4.98
CA ARG C 668 -12.82 26.42 -6.18
C ARG C 668 -14.20 27.01 -6.37
N HIS C 669 -14.90 27.32 -5.29
CA HIS C 669 -16.19 27.98 -5.32
C HIS C 669 -16.01 29.30 -4.62
N THR C 670 -15.89 30.36 -5.40
CA THR C 670 -15.12 31.53 -4.96
C THR C 670 -15.63 32.36 -3.77
N PRO C 671 -16.93 32.45 -3.42
CA PRO C 671 -17.22 33.05 -2.11
C PRO C 671 -17.08 32.02 -1.01
N SER C 672 -16.05 32.11 -0.16
CA SER C 672 -15.82 31.07 0.83
C SER C 672 -15.30 31.69 2.12
N ILE C 673 -15.32 30.88 3.18
CA ILE C 673 -14.90 31.28 4.52
C ILE C 673 -13.89 30.26 5.02
N ILE C 674 -12.84 30.74 5.68
CA ILE C 674 -11.95 29.89 6.46
C ILE C 674 -12.23 30.16 7.93
N TYR C 675 -12.66 29.12 8.66
CA TYR C 675 -13.16 29.27 10.02
C TYR C 675 -12.35 28.40 10.95
N ILE C 676 -11.92 28.97 12.08
CA ILE C 676 -11.11 28.22 13.04
C ILE C 676 -11.32 28.79 14.44
N PRO C 677 -11.93 28.05 15.35
CA PRO C 677 -12.17 28.57 16.70
C PRO C 677 -10.97 28.28 17.60
N ASP C 678 -11.02 28.86 18.81
CA ASP C 678 -10.08 28.77 19.94
C ASP C 678 -8.60 28.68 19.51
N ILE C 679 -8.19 29.75 18.84
CA ILE C 679 -6.89 29.85 18.17
C ILE C 679 -5.70 29.70 19.13
N ASP C 680 -5.89 29.99 20.42
CA ASP C 680 -4.77 29.92 21.34
C ASP C 680 -4.38 28.50 21.68
N ASN C 681 -5.34 27.59 21.77
CA ASN C 681 -5.01 26.18 21.89
C ASN C 681 -4.78 25.53 20.55
N TRP C 682 -4.81 26.30 19.46
CA TRP C 682 -4.48 25.74 18.16
C TRP C 682 -3.00 25.78 17.87
N LEU C 683 -2.30 26.79 18.35
CA LEU C 683 -0.88 26.91 18.10
C LEU C 683 -0.04 26.05 19.02
N ASN C 684 -0.58 25.56 20.13
CA ASN C 684 0.18 24.78 21.08
C ASN C 684 -0.07 23.29 20.96
N VAL C 685 -0.65 22.83 19.85
CA VAL C 685 -0.97 21.42 19.66
C VAL C 685 -0.33 20.88 18.38
N LEU C 686 -0.52 21.58 17.27
CA LEU C 686 0.05 21.11 16.00
C LEU C 686 1.56 21.32 16.00
N PRO C 687 2.31 20.41 15.40
CA PRO C 687 3.76 20.55 15.37
C PRO C 687 4.20 21.69 14.46
N LEU C 688 5.47 22.05 14.62
CA LEU C 688 5.96 23.27 13.97
C LEU C 688 6.14 23.12 12.47
N THR C 689 6.29 21.90 11.97
CA THR C 689 6.38 21.71 10.54
C THR C 689 5.02 21.63 9.88
N ALA C 690 3.94 21.93 10.59
CA ALA C 690 2.62 22.01 10.02
C ALA C 690 2.02 23.39 10.10
N ILE C 691 2.39 24.18 11.11
CA ILE C 691 1.93 25.55 11.20
C ILE C 691 2.61 26.40 10.14
N THR C 692 3.79 26.00 9.69
CA THR C 692 4.44 26.70 8.58
C THR C 692 3.74 26.40 7.27
N THR C 693 3.19 25.19 7.12
CA THR C 693 2.51 24.83 5.89
C THR C 693 1.21 25.62 5.72
N PHE C 694 0.50 25.85 6.82
CA PHE C 694 -0.67 26.72 6.77
C PHE C 694 -0.25 28.15 6.47
N SER C 695 0.86 28.60 7.05
CA SER C 695 1.30 29.96 6.81
C SER C 695 1.89 30.15 5.44
N SER C 696 2.24 29.08 4.74
CA SER C 696 2.76 29.23 3.38
C SER C 696 1.67 29.27 2.34
N MET C 697 0.53 28.65 2.61
CA MET C 697 -0.54 28.63 1.61
C MET C 697 -1.39 29.87 1.63
N LEU C 698 -1.34 30.66 2.72
CA LEU C 698 -2.11 31.89 2.76
C LEU C 698 -1.58 32.94 1.79
N GLU C 699 -0.27 33.04 1.66
CA GLU C 699 0.30 34.07 0.82
C GLU C 699 0.32 33.69 -0.65
N ARG C 700 0.16 32.42 -0.98
CA ARG C 700 0.31 32.02 -2.37
C ARG C 700 -0.92 32.37 -3.19
N LEU C 701 -2.10 32.31 -2.60
CA LEU C 701 -3.31 32.60 -3.35
C LEU C 701 -3.45 34.09 -3.61
N ASP C 702 -4.48 34.45 -4.37
CA ASP C 702 -4.61 35.78 -4.92
C ASP C 702 -4.96 36.79 -3.83
N PHE C 703 -4.62 38.04 -4.10
CA PHE C 703 -4.98 39.15 -3.22
C PHE C 703 -6.30 39.78 -3.60
N SER C 704 -7.03 39.20 -4.53
CA SER C 704 -8.31 39.74 -4.93
C SER C 704 -9.47 38.78 -4.84
N ASP C 705 -9.22 37.50 -4.57
CA ASP C 705 -10.30 36.55 -4.42
C ASP C 705 -11.01 36.77 -3.10
N GLN C 706 -12.27 36.36 -3.05
CA GLN C 706 -13.14 36.72 -1.93
C GLN C 706 -13.23 35.54 -0.96
N ILE C 707 -12.23 35.42 -0.10
CA ILE C 707 -12.24 34.43 0.97
C ILE C 707 -11.82 35.09 2.28
N LEU C 708 -12.66 34.98 3.31
CA LEU C 708 -12.35 35.56 4.60
C LEU C 708 -11.39 34.69 5.39
N PHE C 709 -11.16 35.11 6.63
CA PHE C 709 -10.38 34.33 7.58
C PHE C 709 -10.93 34.67 8.98
N LEU C 710 -11.86 33.85 9.44
CA LEU C 710 -12.45 34.06 10.75
C LEU C 710 -11.65 33.34 11.83
N ALA C 711 -11.50 34.01 12.97
CA ALA C 711 -10.83 33.42 14.11
C ALA C 711 -11.40 34.04 15.37
N LEU C 712 -11.09 33.42 16.49
CA LEU C 712 -11.57 33.92 17.78
C LEU C 712 -10.64 33.41 18.88
N SER C 713 -10.20 34.31 19.74
CA SER C 713 -9.22 34.01 20.76
C SER C 713 -9.86 34.00 22.13
N SER C 714 -9.03 33.85 23.15
CA SER C 714 -9.49 33.93 24.52
C SER C 714 -8.61 34.79 25.39
N SER C 715 -7.46 35.21 24.93
CA SER C 715 -6.62 36.13 25.67
C SER C 715 -6.93 37.56 25.23
N PRO C 716 -6.76 38.55 26.12
CA PRO C 716 -7.06 39.93 25.72
C PRO C 716 -6.02 40.53 24.78
N LEU C 717 -6.19 41.81 24.44
CA LEU C 717 -5.46 42.46 23.37
C LEU C 717 -3.96 42.61 23.64
N SER C 718 -3.51 42.51 24.89
CA SER C 718 -2.13 42.90 25.17
C SER C 718 -1.14 41.79 24.86
N GLU C 719 -1.48 40.54 25.14
CA GLU C 719 -0.47 39.47 25.05
C GLU C 719 -0.44 38.89 23.64
N LEU C 720 -1.52 38.24 23.23
CA LEU C 720 -1.92 37.99 21.85
C LEU C 720 -1.01 37.01 21.10
N HIS C 721 0.09 36.49 21.71
CA HIS C 721 0.96 35.45 21.16
C HIS C 721 1.53 35.78 19.78
N PRO C 722 2.66 36.52 19.71
CA PRO C 722 3.04 37.34 18.54
C PRO C 722 2.90 36.81 17.12
N GLN C 723 2.73 35.49 16.96
CA GLN C 723 2.41 34.94 15.64
C GLN C 723 1.12 35.50 15.09
N LEU C 724 0.14 35.74 15.96
CA LEU C 724 -1.11 36.36 15.54
C LEU C 724 -0.92 37.83 15.17
N ARG C 725 0.11 38.48 15.71
CA ARG C 725 0.41 39.83 15.29
C ARG C 725 1.11 39.88 13.93
N GLU C 726 1.49 38.74 13.38
CA GLU C 726 2.00 38.71 12.02
C GLU C 726 0.88 38.63 11.00
N TRP C 727 -0.16 37.85 11.28
CA TRP C 727 -1.16 37.55 10.27
C TRP C 727 -2.11 38.72 10.05
N PHE C 728 -2.66 39.28 11.13
CA PHE C 728 -3.72 40.28 10.97
C PHE C 728 -3.15 41.67 10.74
N SER C 729 -2.49 42.23 11.76
CA SER C 729 -1.63 43.42 11.66
C SER C 729 -2.36 44.64 11.11
N SER C 730 -3.62 44.81 11.52
CA SER C 730 -4.39 45.97 11.07
C SER C 730 -5.40 46.34 12.14
N LYS C 731 -5.43 47.61 12.52
CA LYS C 731 -6.33 48.06 13.58
C LYS C 731 -7.79 48.01 13.16
N GLN C 732 -8.08 47.97 11.86
CA GLN C 732 -9.45 47.75 11.42
C GLN C 732 -9.86 46.29 11.53
N SER C 733 -8.90 45.37 11.59
CA SER C 733 -9.19 43.95 11.53
C SER C 733 -9.16 43.28 12.89
N VAL C 734 -9.18 44.05 13.97
CA VAL C 734 -9.19 43.50 15.31
C VAL C 734 -10.37 44.09 16.06
N TYR C 735 -11.26 43.22 16.54
CA TYR C 735 -12.37 43.65 17.38
C TYR C 735 -12.11 43.19 18.80
N SER C 736 -12.49 44.02 19.76
CA SER C 736 -12.28 43.71 21.16
C SER C 736 -13.60 43.83 21.92
N LEU C 737 -13.98 42.78 22.61
CA LEU C 737 -15.23 42.75 23.34
C LEU C 737 -15.09 43.50 24.65
N GLN C 738 -16.22 43.93 25.19
CA GLN C 738 -16.23 44.67 26.43
C GLN C 738 -17.16 44.02 27.44
N TYR C 739 -17.11 44.53 28.66
CA TYR C 739 -17.94 44.02 29.73
C TYR C 739 -19.40 44.40 29.52
N PRO C 740 -20.34 43.58 29.98
CA PRO C 740 -21.76 43.92 29.82
C PRO C 740 -22.16 45.07 30.72
N THR C 741 -22.83 46.06 30.12
CA THR C 741 -23.15 47.30 30.81
C THR C 741 -24.30 47.11 31.78
N ARG C 742 -24.40 48.04 32.75
CA ARG C 742 -25.41 47.94 33.78
C ARG C 742 -26.80 48.29 33.28
N ASP C 743 -26.92 48.97 32.15
CA ASP C 743 -28.24 49.23 31.60
C ASP C 743 -28.83 47.99 30.97
N SER C 744 -28.01 47.20 30.30
CA SER C 744 -28.49 46.01 29.61
C SER C 744 -28.70 44.85 30.55
N ILE C 745 -28.07 44.87 31.73
CA ILE C 745 -28.22 43.75 32.64
C ILE C 745 -29.60 43.76 33.29
N ILE C 746 -30.28 44.91 33.30
CA ILE C 746 -31.63 44.98 33.87
C ILE C 746 -32.67 44.42 32.91
N ALA C 747 -32.34 44.26 31.64
CA ALA C 747 -33.24 43.64 30.68
C ALA C 747 -32.97 42.16 30.52
N PHE C 748 -31.83 41.68 30.98
CA PHE C 748 -31.54 40.25 30.90
C PHE C 748 -32.38 39.47 31.88
N PHE C 749 -32.60 40.01 33.07
CA PHE C 749 -33.42 39.37 34.10
C PHE C 749 -34.88 39.76 33.99
N GLN C 750 -35.26 40.48 32.94
CA GLN C 750 -36.65 40.87 32.76
C GLN C 750 -37.63 39.70 32.64
N PRO C 751 -37.39 38.62 31.87
CA PRO C 751 -38.41 37.57 31.79
C PRO C 751 -38.49 36.66 33.00
N ILE C 752 -37.73 36.90 34.06
CA ILE C 752 -37.90 36.11 35.27
C ILE C 752 -38.99 36.71 36.14
N LEU C 753 -39.03 38.05 36.23
CA LEU C 753 -39.98 38.71 37.12
C LEU C 753 -41.40 38.61 36.57
N GLU C 754 -41.56 38.67 35.25
CA GLU C 754 -42.88 38.46 34.65
C GLU C 754 -43.24 36.98 34.56
N LEU C 755 -42.39 36.10 35.07
CA LEU C 755 -42.75 34.71 35.29
C LEU C 755 -42.92 34.39 36.77
N ILE C 756 -42.35 35.20 37.66
CA ILE C 756 -42.49 34.97 39.08
C ILE C 756 -43.81 35.52 39.62
N LYS C 757 -44.51 36.35 38.86
CA LYS C 757 -45.78 36.94 39.25
C LYS C 757 -46.90 36.48 38.32
N ALA C 758 -46.93 35.19 38.03
CA ALA C 758 -47.91 34.62 37.12
C ALA C 758 -48.69 33.52 37.80
N SER C 759 -49.82 33.17 37.19
CA SER C 759 -50.68 32.15 37.76
C SER C 759 -50.08 30.76 37.53
N PRO C 760 -50.36 29.81 38.43
CA PRO C 760 -49.95 28.43 38.17
C PRO C 760 -50.64 27.80 36.98
N THR C 761 -51.83 28.27 36.60
CA THR C 761 -52.48 27.70 35.43
C THR C 761 -51.95 28.27 34.13
N GLU C 762 -51.12 29.31 34.17
CA GLU C 762 -50.43 29.77 32.98
C GLU C 762 -49.10 29.07 32.78
N LEU C 763 -48.49 28.58 33.84
CA LEU C 763 -47.22 27.87 33.75
C LEU C 763 -47.45 26.47 33.21
N PRO C 764 -46.84 26.10 32.09
CA PRO C 764 -47.07 24.77 31.50
C PRO C 764 -46.38 23.69 32.30
N GLY C 765 -47.18 22.85 32.95
CA GLY C 765 -46.64 21.77 33.75
C GLY C 765 -47.27 21.66 35.12
N GLY C 766 -48.08 22.65 35.49
CA GLY C 766 -48.70 22.66 36.80
C GLY C 766 -50.18 22.31 36.76
N ILE C 767 -50.61 21.66 35.68
CA ILE C 767 -52.00 21.27 35.49
C ILE C 767 -52.02 19.76 35.29
N PRO C 768 -52.93 19.03 35.95
CA PRO C 768 -52.95 17.57 35.84
C PRO C 768 -53.63 17.02 34.59
N ARG C 769 -53.62 17.79 33.48
CA ARG C 769 -54.53 17.74 32.32
C ARG C 769 -54.98 16.35 31.90
N LYS C 770 -56.27 16.24 31.60
CA LYS C 770 -56.94 14.96 31.44
C LYS C 770 -56.81 14.44 30.01
N ARG C 771 -57.04 13.14 29.88
CA ARG C 771 -56.99 12.48 28.59
C ARG C 771 -58.38 12.49 27.95
N ARG C 772 -58.53 11.75 26.86
CA ARG C 772 -59.79 11.68 26.14
C ARG C 772 -60.15 10.23 25.89
N VAL C 773 -61.41 10.01 25.52
CA VAL C 773 -61.96 8.68 25.31
C VAL C 773 -62.15 8.47 23.81
N LEU C 774 -61.79 7.31 23.32
CA LEU C 774 -61.95 7.12 21.89
C LEU C 774 -63.20 6.31 21.61
N PRO C 775 -63.80 6.47 20.43
CA PRO C 775 -64.88 5.57 20.02
C PRO C 775 -64.39 4.16 19.68
N GLU C 776 -65.31 3.31 19.23
CA GLU C 776 -65.01 1.90 19.02
C GLU C 776 -64.49 1.56 17.64
N LEU C 777 -64.95 2.28 16.60
CA LEU C 777 -64.59 2.10 15.20
C LEU C 777 -64.81 0.68 14.69
N PRO C 778 -66.04 0.30 14.37
CA PRO C 778 -66.32 -1.07 13.91
C PRO C 778 -65.68 -1.38 12.56
N LEU C 779 -65.80 -2.64 12.18
CA LEU C 779 -65.11 -3.17 11.01
C LEU C 779 -65.77 -2.70 9.72
N ALA C 780 -65.31 -3.23 8.60
CA ALA C 780 -65.85 -2.87 7.29
C ALA C 780 -65.83 -4.05 6.33
N ASP C 1137 -47.29 44.36 44.22
CA ASP C 1137 -46.96 44.84 45.55
C ASP C 1137 -45.46 45.06 45.70
N ARG C 1138 -44.85 44.38 46.67
CA ARG C 1138 -43.43 44.53 46.89
C ARG C 1138 -42.63 43.80 45.81
N LEU C 1139 -41.69 44.50 45.21
CA LEU C 1139 -40.73 43.83 44.35
C LEU C 1139 -39.34 44.40 44.52
N THR C 1140 -39.22 45.59 45.10
CA THR C 1140 -37.99 46.38 45.24
C THR C 1140 -36.85 45.70 46.02
N PRO C 1141 -37.06 45.01 47.16
CA PRO C 1141 -35.89 44.38 47.81
C PRO C 1141 -35.27 43.25 47.00
N LEU C 1142 -36.03 42.57 46.15
CA LEU C 1142 -35.41 41.65 45.21
C LEU C 1142 -34.77 42.41 44.06
N LYS C 1143 -35.42 43.47 43.61
CA LYS C 1143 -34.93 44.25 42.47
C LYS C 1143 -33.61 44.95 42.78
N GLN C 1144 -33.54 45.59 43.95
CA GLN C 1144 -32.32 46.31 44.29
C GLN C 1144 -31.19 45.38 44.67
N LEU C 1145 -31.50 44.18 45.14
CA LEU C 1145 -30.44 43.23 45.48
C LEU C 1145 -29.82 42.64 44.23
N LEU C 1146 -30.59 42.56 43.15
CA LEU C 1146 -30.11 41.92 41.93
C LEU C 1146 -29.18 42.82 41.13
N ILE C 1147 -29.39 44.13 41.18
CA ILE C 1147 -28.59 45.02 40.35
C ILE C 1147 -27.25 45.32 41.01
N ASP C 1148 -27.21 45.46 42.33
CA ASP C 1148 -25.96 45.85 42.98
C ASP C 1148 -25.00 44.68 43.12
N SER C 1149 -25.52 43.47 43.26
CA SER C 1149 -24.65 42.33 43.54
C SER C 1149 -24.02 41.75 42.28
N THR C 1150 -24.33 42.27 41.10
CA THR C 1150 -23.80 41.71 39.87
C THR C 1150 -23.06 42.79 39.09
N THR C 1151 -22.22 43.57 39.76
CA THR C 1151 -21.71 44.79 39.15
C THR C 1151 -20.66 44.53 38.09
N GLY C 1152 -19.96 43.40 38.16
CA GLY C 1152 -18.86 43.19 37.24
C GLY C 1152 -18.70 41.77 36.75
N PHE C 1153 -19.78 41.00 36.75
CA PHE C 1153 -19.70 39.60 36.37
C PHE C 1153 -19.46 39.47 34.86
N THR C 1154 -18.89 38.35 34.47
CA THR C 1154 -18.77 38.02 33.06
C THR C 1154 -20.02 37.26 32.61
N VAL C 1155 -20.17 37.14 31.30
CA VAL C 1155 -21.39 36.54 30.78
C VAL C 1155 -21.37 35.03 30.97
N ASP C 1156 -20.21 34.42 31.15
CA ASP C 1156 -20.16 32.99 31.39
C ASP C 1156 -20.29 32.65 32.86
N GLN C 1157 -20.42 33.64 33.73
CA GLN C 1157 -20.65 33.36 35.14
C GLN C 1157 -21.98 33.88 35.64
N LEU C 1158 -22.55 34.91 35.02
CA LEU C 1158 -23.89 35.31 35.44
C LEU C 1158 -24.96 34.41 34.85
N LEU C 1159 -24.60 33.52 33.93
CA LEU C 1159 -25.53 32.48 33.52
C LEU C 1159 -25.72 31.42 34.59
N HIS C 1160 -24.84 31.36 35.58
CA HIS C 1160 -25.10 30.50 36.73
C HIS C 1160 -26.31 30.98 37.52
N LEU C 1161 -26.52 32.29 37.58
CA LEU C 1161 -27.68 32.83 38.27
C LEU C 1161 -28.97 32.39 37.58
N HIS C 1162 -28.97 32.41 36.25
CA HIS C 1162 -30.12 31.99 35.47
C HIS C 1162 -30.44 30.52 35.69
N SER C 1163 -29.45 29.72 36.02
CA SER C 1163 -29.68 28.32 36.29
C SER C 1163 -30.15 28.05 37.70
N PHE C 1164 -29.84 28.92 38.67
CA PHE C 1164 -30.25 28.63 40.03
C PHE C 1164 -31.73 28.96 40.24
N LEU C 1165 -32.18 30.10 39.73
CA LEU C 1165 -33.56 30.47 39.99
C LEU C 1165 -34.58 29.70 39.15
N TYR C 1166 -34.17 29.09 38.04
CA TYR C 1166 -35.06 28.12 37.43
C TYR C 1166 -35.21 26.87 38.26
N GLN C 1167 -34.23 26.52 39.08
CA GLN C 1167 -34.44 25.46 40.06
C GLN C 1167 -35.39 25.90 41.16
N ILE C 1168 -35.48 27.19 41.43
CA ILE C 1168 -36.46 27.68 42.39
C ILE C 1168 -37.85 27.71 41.77
N ILE C 1169 -37.94 28.02 40.48
CA ILE C 1169 -39.24 28.08 39.82
C ILE C 1169 -39.81 26.69 39.63
N TRP C 1170 -38.99 25.76 39.15
CA TRP C 1170 -39.46 24.42 38.82
C TRP C 1170 -39.79 23.61 40.06
N ASN C 1171 -39.17 23.92 41.19
CA ASN C 1171 -39.46 23.19 42.41
C ASN C 1171 -40.84 23.51 42.95
N THR C 1172 -41.33 24.73 42.75
CA THR C 1172 -42.67 25.05 43.26
C THR C 1172 -43.75 24.54 42.31
N LYS C 1173 -43.86 25.18 41.14
CA LYS C 1173 -44.54 24.69 39.93
C LYS C 1173 -46.05 24.46 40.05
N SER C 1174 -46.58 24.46 41.26
CA SER C 1174 -48.02 24.42 41.48
C SER C 1174 -48.48 25.23 42.67
N GLU C 1175 -47.57 25.67 43.54
CA GLU C 1175 -47.95 26.20 44.85
C GLU C 1175 -48.57 27.58 44.71
N TRP C 1176 -49.79 27.73 45.21
CA TRP C 1176 -50.53 28.98 45.09
C TRP C 1176 -50.12 29.95 46.19
N ASN C 1177 -50.67 31.16 46.08
CA ASN C 1177 -50.31 32.32 46.91
C ASN C 1177 -48.81 32.57 46.86
N ARG C 1178 -48.37 32.97 45.67
CA ARG C 1178 -46.98 33.19 45.28
C ARG C 1178 -46.29 34.31 46.04
N ASN C 1179 -46.90 35.00 47.02
CA ASN C 1179 -46.18 36.02 47.77
C ASN C 1179 -45.08 35.44 48.65
N SER C 1180 -45.10 34.13 48.90
CA SER C 1180 -44.04 33.45 49.62
C SER C 1180 -43.11 32.68 48.70
N VAL C 1181 -43.37 32.65 47.40
CA VAL C 1181 -42.40 32.03 46.50
C VAL C 1181 -41.23 32.98 46.30
N VAL C 1182 -41.48 34.29 46.36
CA VAL C 1182 -40.40 35.27 46.30
C VAL C 1182 -39.54 35.26 47.56
N ASP C 1183 -40.02 34.64 48.64
CA ASP C 1183 -39.20 34.44 49.84
C ASP C 1183 -38.01 33.55 49.56
N GLU C 1184 -38.16 32.59 48.65
CA GLU C 1184 -37.06 31.71 48.28
C GLU C 1184 -36.10 32.36 47.30
N CYS C 1185 -36.31 33.62 46.92
CA CYS C 1185 -35.46 34.25 45.94
C CYS C 1185 -34.55 35.34 46.52
N GLU C 1186 -34.85 35.87 47.71
CA GLU C 1186 -33.80 36.62 48.40
C GLU C 1186 -32.70 35.67 48.85
N ARG C 1187 -33.07 34.50 49.32
CA ARG C 1187 -32.09 33.44 49.47
C ARG C 1187 -31.78 32.85 48.10
N ALA C 1188 -30.73 32.00 48.08
CA ALA C 1188 -30.09 31.40 46.91
C ALA C 1188 -29.46 32.42 45.98
N VAL C 1189 -29.47 33.69 46.37
CA VAL C 1189 -28.74 34.74 45.67
C VAL C 1189 -27.75 35.42 46.59
N LYS C 1190 -28.17 35.71 47.83
CA LYS C 1190 -27.33 36.41 48.79
C LYS C 1190 -26.13 35.59 49.23
N GLU C 1191 -26.23 34.27 49.17
CA GLU C 1191 -25.11 33.42 49.56
C GLU C 1191 -24.39 32.81 48.37
N PHE C 1192 -24.85 33.05 47.15
CA PHE C 1192 -24.06 32.67 46.00
C PHE C 1192 -22.81 33.53 45.88
N MET C 1193 -22.88 34.77 46.36
CA MET C 1193 -21.76 35.70 46.26
C MET C 1193 -20.57 35.23 47.11
N ILE C 1194 -20.82 34.71 48.29
CA ILE C 1194 -19.73 34.15 49.07
C ILE C 1194 -19.36 32.76 48.56
N ASN C 1195 -20.29 32.07 47.92
CA ASN C 1195 -20.03 30.73 47.39
C ASN C 1195 -19.35 30.83 46.03
N LEU D 271 -11.28 20.54 -48.00
CA LEU D 271 -10.54 20.96 -46.82
C LEU D 271 -9.06 20.63 -46.97
N SER D 272 -8.50 20.91 -48.15
CA SER D 272 -7.17 20.46 -48.52
C SER D 272 -6.12 21.29 -47.78
N PHE D 273 -5.89 20.91 -46.51
CA PHE D 273 -4.88 21.48 -45.62
C PHE D 273 -5.05 22.97 -45.40
N GLU D 274 -6.25 23.50 -45.61
CA GLU D 274 -6.45 24.93 -45.44
C GLU D 274 -7.01 25.26 -44.08
N SER D 275 -7.85 24.40 -43.53
CA SER D 275 -8.39 24.63 -42.19
C SER D 275 -7.54 23.96 -41.12
N VAL D 276 -6.22 24.18 -41.18
CA VAL D 276 -5.28 23.76 -40.14
C VAL D 276 -4.27 24.88 -40.00
N GLY D 277 -4.15 25.44 -38.81
CA GLY D 277 -3.28 26.57 -38.58
C GLY D 277 -2.12 26.21 -37.66
N GLY D 278 -0.98 26.86 -37.89
CA GLY D 278 0.15 26.78 -37.00
C GLY D 278 1.10 25.63 -37.28
N LEU D 279 0.59 24.50 -37.79
CA LEU D 279 1.41 23.31 -37.97
C LEU D 279 1.87 23.27 -39.43
N ASP D 280 2.65 24.27 -39.82
CA ASP D 280 3.15 24.32 -41.18
C ASP D 280 4.31 23.36 -41.41
N ASN D 281 5.12 23.12 -40.38
CA ASN D 281 6.35 22.37 -40.57
C ASN D 281 6.07 20.90 -40.82
N TYR D 282 5.06 20.34 -40.16
CA TYR D 282 4.78 18.92 -40.33
C TYR D 282 4.06 18.63 -41.63
N ILE D 283 3.51 19.64 -42.30
CA ILE D 283 2.82 19.43 -43.56
C ILE D 283 3.82 19.06 -44.65
N ASN D 284 4.91 19.81 -44.74
CA ASN D 284 5.92 19.53 -45.75
C ASN D 284 6.65 18.23 -45.47
N GLN D 285 6.77 17.84 -44.21
CA GLN D 285 7.32 16.53 -43.91
C GLN D 285 6.33 15.42 -44.22
N LEU D 286 5.05 15.73 -44.25
CA LEU D 286 4.04 14.72 -44.57
C LEU D 286 3.85 14.57 -46.07
N LYS D 287 4.21 15.57 -46.86
CA LYS D 287 4.03 15.53 -48.30
C LYS D 287 5.18 14.84 -49.02
N GLU D 288 5.95 14.03 -48.31
CA GLU D 288 6.95 13.19 -48.94
C GLU D 288 6.70 11.72 -48.71
N MET D 289 5.65 11.36 -47.98
CA MET D 289 5.36 9.96 -47.75
C MET D 289 4.23 9.44 -48.60
N VAL D 290 3.25 10.28 -48.95
CA VAL D 290 2.12 9.82 -49.74
C VAL D 290 2.00 10.56 -51.06
N MET D 291 2.50 11.79 -51.18
CA MET D 291 2.35 12.56 -52.41
C MET D 291 3.59 12.51 -53.29
N LEU D 292 4.76 12.35 -52.70
CA LEU D 292 5.94 12.48 -53.56
C LEU D 292 6.89 11.29 -53.57
N PRO D 293 6.43 10.04 -53.58
CA PRO D 293 7.08 9.07 -54.45
C PRO D 293 6.23 8.84 -55.67
N LEU D 294 5.01 9.38 -55.64
CA LEU D 294 3.98 8.95 -56.58
C LEU D 294 4.02 9.70 -57.89
N LEU D 295 4.36 10.98 -57.87
CA LEU D 295 4.50 11.74 -59.10
C LEU D 295 5.92 11.80 -59.60
N TYR D 296 6.89 11.33 -58.82
CA TYR D 296 8.30 11.31 -59.24
C TYR D 296 8.93 10.01 -58.78
N PRO D 297 8.64 8.90 -59.45
CA PRO D 297 9.23 7.63 -59.04
C PRO D 297 10.68 7.48 -59.44
N GLU D 298 11.11 8.16 -60.50
CA GLU D 298 12.48 7.99 -60.97
C GLU D 298 13.49 8.70 -60.08
N ILE D 299 13.05 9.65 -59.27
CA ILE D 299 13.96 10.37 -58.39
C ILE D 299 14.36 9.54 -57.19
N PHE D 300 13.68 8.42 -56.94
CA PHE D 300 14.06 7.53 -55.86
C PHE D 300 14.76 6.29 -56.35
N GLN D 301 15.07 6.19 -57.63
CA GLN D 301 15.72 5.00 -58.16
C GLN D 301 17.19 5.17 -58.41
N ARG D 302 17.69 6.41 -58.46
CA ARG D 302 19.13 6.61 -58.41
C ARG D 302 19.66 6.19 -57.05
N PHE D 303 18.97 6.59 -56.00
CA PHE D 303 19.53 6.53 -54.67
C PHE D 303 19.26 5.21 -53.96
N ASN D 304 18.38 4.38 -54.54
CA ASN D 304 18.09 3.03 -54.06
C ASN D 304 17.55 3.05 -52.62
N MET D 305 16.40 3.71 -52.47
CA MET D 305 15.85 3.87 -51.13
C MET D 305 14.34 3.72 -51.13
N GLN D 306 13.82 3.45 -49.93
CA GLN D 306 12.48 3.10 -49.48
C GLN D 306 11.37 4.15 -49.43
N PRO D 307 11.65 5.44 -49.61
CA PRO D 307 11.32 6.51 -48.61
C PRO D 307 10.16 6.23 -47.66
N PRO D 308 10.33 6.54 -46.38
CA PRO D 308 9.71 5.77 -45.30
C PRO D 308 8.20 5.94 -45.19
N ARG D 309 7.61 5.02 -44.45
CA ARG D 309 6.17 4.81 -44.44
C ARG D 309 5.63 4.62 -43.02
N GLY D 310 5.97 5.52 -42.11
CA GLY D 310 5.39 5.45 -40.79
C GLY D 310 5.46 6.79 -40.09
N VAL D 311 4.38 7.12 -39.36
CA VAL D 311 4.33 8.32 -38.52
C VAL D 311 3.84 7.87 -37.14
N LEU D 312 3.85 8.80 -36.18
CA LEU D 312 3.23 8.59 -34.87
C LEU D 312 2.95 9.94 -34.25
N PHE D 313 1.73 10.15 -33.78
CA PHE D 313 1.30 11.42 -33.18
C PHE D 313 1.19 11.26 -31.68
N HIS D 314 1.68 12.25 -30.92
CA HIS D 314 1.51 12.23 -29.47
C HIS D 314 1.57 13.65 -28.91
N GLY D 315 0.90 13.85 -27.78
CA GLY D 315 0.83 15.14 -27.13
C GLY D 315 -0.35 15.25 -26.16
N PRO D 316 -0.53 16.42 -25.58
CA PRO D 316 -1.61 16.63 -24.61
C PRO D 316 -2.95 16.68 -25.31
N PRO D 317 -4.08 16.49 -24.61
CA PRO D 317 -5.36 16.33 -25.30
C PRO D 317 -5.93 17.62 -25.84
N GLY D 318 -6.55 17.52 -27.00
CA GLY D 318 -7.27 18.63 -27.59
C GLY D 318 -6.37 19.63 -28.29
N THR D 319 -5.59 19.17 -29.26
CA THR D 319 -4.60 20.06 -29.85
C THR D 319 -4.52 19.94 -31.37
N GLY D 320 -5.47 19.29 -32.00
CA GLY D 320 -5.37 19.12 -33.44
C GLY D 320 -4.61 17.86 -33.78
N LYS D 321 -5.02 16.72 -33.23
CA LYS D 321 -4.35 15.47 -33.60
C LYS D 321 -5.08 14.71 -34.68
N THR D 322 -6.34 14.35 -34.41
CA THR D 322 -7.16 13.66 -35.39
C THR D 322 -7.62 14.56 -36.51
N LEU D 323 -7.37 15.88 -36.42
CA LEU D 323 -7.69 16.78 -37.51
C LEU D 323 -6.79 16.54 -38.71
N MET D 324 -5.50 16.29 -38.47
CA MET D 324 -4.58 16.09 -39.58
C MET D 324 -4.84 14.78 -40.29
N ALA D 325 -5.20 13.75 -39.54
CA ALA D 325 -5.53 12.47 -40.17
C ALA D 325 -6.85 12.52 -40.91
N ARG D 326 -7.69 13.52 -40.66
CA ARG D 326 -8.89 13.68 -41.47
C ARG D 326 -8.62 14.56 -42.67
N ALA D 327 -7.76 15.56 -42.50
CA ALA D 327 -7.45 16.46 -43.61
C ALA D 327 -6.61 15.76 -44.67
N LEU D 328 -5.80 14.79 -44.26
CA LEU D 328 -4.93 14.11 -45.22
C LEU D 328 -5.72 13.21 -46.15
N ALA D 329 -6.69 12.48 -45.61
CA ALA D 329 -7.52 11.63 -46.45
C ALA D 329 -8.58 12.41 -47.22
N ALA D 330 -8.72 13.71 -46.97
CA ALA D 330 -9.58 14.54 -47.78
C ALA D 330 -8.82 15.28 -48.87
N ALA D 331 -7.51 15.42 -48.74
CA ALA D 331 -6.71 16.07 -49.75
C ALA D 331 -6.02 15.09 -50.67
N CYS D 332 -6.46 13.84 -50.67
CA CYS D 332 -5.98 12.84 -51.62
C CYS D 332 -7.05 12.36 -52.57
N SER D 333 -8.29 12.22 -52.09
CA SER D 333 -9.37 11.73 -52.94
C SER D 333 -9.87 12.77 -53.92
N SER D 334 -9.50 14.04 -53.77
CA SER D 334 -9.91 15.09 -54.68
C SER D 334 -8.94 15.28 -55.83
N GLU D 335 -8.16 14.26 -56.15
CA GLU D 335 -7.20 14.33 -57.24
C GLU D 335 -7.46 13.30 -58.33
N ASN D 336 -8.44 12.43 -58.13
CA ASN D 336 -8.71 11.25 -58.95
C ASN D 336 -7.46 10.40 -59.13
N LYS D 337 -6.83 10.10 -57.99
CA LYS D 337 -5.70 9.18 -57.98
C LYS D 337 -6.01 7.89 -57.26
N LYS D 338 -7.18 7.81 -56.60
CA LYS D 338 -7.75 6.60 -56.02
C LYS D 338 -6.81 5.99 -54.97
N VAL D 339 -6.64 6.74 -53.90
CA VAL D 339 -5.85 6.28 -52.76
C VAL D 339 -6.85 5.82 -51.72
N SER D 340 -7.12 4.52 -51.70
CA SER D 340 -8.06 3.98 -50.72
C SER D 340 -7.43 3.96 -49.34
N PHE D 341 -8.27 3.85 -48.31
CA PHE D 341 -7.77 3.83 -46.94
C PHE D 341 -8.76 3.11 -46.04
N TYR D 342 -8.39 2.99 -44.76
CA TYR D 342 -9.13 2.21 -43.78
C TYR D 342 -9.20 2.99 -42.49
N MET D 343 -9.98 2.47 -41.54
CA MET D 343 -10.14 3.09 -40.23
C MET D 343 -9.98 2.04 -39.15
N ARG D 344 -9.68 2.51 -37.94
CA ARG D 344 -9.73 1.67 -36.75
C ARG D 344 -10.32 2.49 -35.61
N LYS D 345 -10.72 1.81 -34.55
CA LYS D 345 -11.38 2.42 -33.41
C LYS D 345 -10.79 1.92 -32.11
N GLY D 346 -9.47 1.92 -32.01
CA GLY D 346 -8.84 1.35 -30.84
C GLY D 346 -8.86 -0.16 -30.90
N ALA D 347 -9.04 -0.82 -29.76
CA ALA D 347 -9.07 -2.27 -29.72
C ALA D 347 -10.39 -2.73 -30.30
N ASP D 348 -10.39 -3.10 -31.57
CA ASP D 348 -11.60 -3.55 -32.24
C ASP D 348 -11.44 -4.87 -32.99
N CYS D 349 -10.24 -5.42 -33.07
CA CYS D 349 -10.04 -6.75 -33.63
C CYS D 349 -9.94 -7.79 -32.52
N LEU D 350 -10.72 -7.61 -31.45
CA LEU D 350 -10.60 -8.43 -30.26
C LEU D 350 -11.95 -9.06 -29.97
N SER D 351 -12.00 -10.38 -29.90
CA SER D 351 -13.26 -11.09 -29.75
C SER D 351 -13.08 -12.25 -28.78
N LYS D 352 -14.20 -12.92 -28.50
CA LYS D 352 -14.22 -13.94 -27.47
C LYS D 352 -13.72 -15.29 -27.95
N TRP D 353 -13.64 -15.51 -29.25
CA TRP D 353 -13.17 -16.80 -29.73
C TRP D 353 -11.64 -16.81 -29.77
N VAL D 354 -11.08 -18.01 -29.97
CA VAL D 354 -9.66 -18.21 -29.70
C VAL D 354 -8.81 -17.63 -30.81
N GLY D 355 -8.97 -18.15 -32.03
CA GLY D 355 -8.11 -17.72 -33.11
C GLY D 355 -8.73 -16.62 -33.93
N GLU D 356 -9.71 -15.93 -33.35
CA GLU D 356 -10.41 -14.88 -34.06
C GLU D 356 -9.66 -13.55 -34.02
N ALA D 357 -8.97 -13.27 -32.93
CA ALA D 357 -8.37 -11.96 -32.72
C ALA D 357 -7.16 -11.72 -33.62
N GLU D 358 -6.53 -12.77 -34.12
CA GLU D 358 -5.45 -12.60 -35.07
C GLU D 358 -5.86 -12.81 -36.51
N ARG D 359 -7.04 -13.40 -36.74
CA ARG D 359 -7.47 -13.64 -38.11
C ARG D 359 -7.87 -12.36 -38.80
N GLN D 360 -8.30 -11.36 -38.04
CA GLN D 360 -8.65 -10.08 -38.66
C GLN D 360 -7.41 -9.35 -39.13
N LEU D 361 -6.32 -9.42 -38.36
CA LEU D 361 -5.12 -8.69 -38.69
C LEU D 361 -4.39 -9.29 -39.88
N ARG D 362 -4.65 -10.55 -40.23
CA ARG D 362 -4.06 -11.10 -41.43
C ARG D 362 -4.75 -10.56 -42.67
N LEU D 363 -6.07 -10.64 -42.72
CA LEU D 363 -6.75 -10.17 -43.90
C LEU D 363 -6.98 -8.66 -43.90
N LEU D 364 -6.52 -7.96 -42.87
CA LEU D 364 -6.51 -6.50 -42.95
C LEU D 364 -5.32 -6.03 -43.78
N PHE D 365 -4.13 -6.54 -43.46
CA PHE D 365 -2.96 -6.20 -44.26
C PHE D 365 -3.01 -6.85 -45.62
N GLU D 366 -3.72 -7.98 -45.74
CA GLU D 366 -3.81 -8.68 -47.01
C GLU D 366 -4.66 -7.89 -48.01
N GLU D 367 -5.79 -7.36 -47.55
CA GLU D 367 -6.63 -6.56 -48.43
C GLU D 367 -5.98 -5.22 -48.75
N ALA D 368 -5.15 -4.72 -47.85
CA ALA D 368 -4.48 -3.45 -48.09
C ALA D 368 -3.43 -3.56 -49.18
N LYS D 369 -2.87 -4.75 -49.39
CA LYS D 369 -1.87 -4.91 -50.43
C LYS D 369 -2.50 -4.88 -51.81
N SER D 370 -3.70 -5.42 -51.94
CA SER D 370 -4.32 -5.58 -53.24
C SER D 370 -4.98 -4.32 -53.77
N THR D 371 -4.77 -3.18 -53.15
CA THR D 371 -5.26 -1.89 -53.62
C THR D 371 -4.14 -0.86 -53.50
N GLN D 372 -2.99 -1.19 -54.11
CA GLN D 372 -1.63 -0.86 -53.65
C GLN D 372 -1.40 0.51 -53.03
N PRO D 373 -1.84 1.66 -53.59
CA PRO D 373 -1.66 2.90 -52.84
C PRO D 373 -2.71 3.02 -51.75
N SER D 374 -2.30 2.80 -50.50
CA SER D 374 -3.27 2.69 -49.42
C SER D 374 -2.67 3.14 -48.10
N ILE D 375 -3.53 3.69 -47.24
CA ILE D 375 -3.18 4.20 -45.92
C ILE D 375 -3.97 3.41 -44.88
N ILE D 376 -3.43 3.30 -43.67
CA ILE D 376 -4.13 2.67 -42.55
C ILE D 376 -4.02 3.60 -41.35
N PHE D 377 -5.16 4.00 -40.80
CA PHE D 377 -5.20 4.87 -39.63
C PHE D 377 -5.60 4.07 -38.41
N PHE D 378 -4.68 3.87 -37.49
CA PHE D 378 -5.07 3.45 -36.16
C PHE D 378 -5.49 4.66 -35.35
N ASP D 379 -6.02 4.44 -34.15
CA ASP D 379 -6.45 5.52 -33.29
C ASP D 379 -6.52 5.02 -31.86
N GLN D 380 -5.85 5.73 -30.95
CA GLN D 380 -5.63 5.31 -29.57
C GLN D 380 -5.03 3.90 -29.52
N ILE D 381 -3.80 3.79 -30.02
CA ILE D 381 -3.14 2.50 -30.14
C ILE D 381 -2.68 1.96 -28.79
N ASP D 382 -2.78 2.78 -27.74
CA ASP D 382 -2.56 2.34 -26.36
C ASP D 382 -3.46 1.17 -25.99
N GLY D 383 -4.71 1.17 -26.47
CA GLY D 383 -5.61 0.10 -26.13
C GLY D 383 -5.30 -1.22 -26.82
N LEU D 384 -4.46 -1.19 -27.85
CA LEU D 384 -4.20 -2.37 -28.65
C LEU D 384 -2.89 -3.05 -28.33
N ALA D 385 -1.80 -2.30 -28.22
CA ALA D 385 -0.46 -2.88 -28.08
C ALA D 385 0.21 -2.36 -26.81
N PRO D 386 0.07 -3.06 -25.70
CA PRO D 386 0.74 -2.64 -24.47
C PRO D 386 2.17 -3.18 -24.42
N VAL D 387 2.82 -2.96 -23.29
CA VAL D 387 4.17 -3.48 -23.08
C VAL D 387 4.09 -4.96 -22.77
N ARG D 388 4.91 -5.75 -23.47
CA ARG D 388 4.96 -7.18 -23.23
C ARG D 388 5.58 -7.46 -21.88
N SER D 389 4.88 -8.21 -21.04
CA SER D 389 5.42 -8.72 -19.79
C SER D 389 4.66 -9.97 -19.41
N SER D 390 5.22 -10.72 -18.47
CA SER D 390 4.61 -11.95 -17.99
C SER D 390 3.61 -11.72 -16.87
N LYS D 391 3.19 -10.48 -16.65
CA LYS D 391 2.32 -10.13 -15.54
C LYS D 391 0.89 -9.89 -15.97
N GLN D 392 0.51 -10.33 -17.16
CA GLN D 392 -0.84 -10.11 -17.66
C GLN D 392 -1.28 -11.37 -18.39
N GLU D 393 -2.43 -11.28 -19.07
CA GLU D 393 -2.95 -12.41 -19.80
C GLU D 393 -2.12 -12.66 -21.05
N GLN D 394 -2.24 -13.86 -21.58
CA GLN D 394 -1.40 -14.26 -22.71
C GLN D 394 -1.91 -13.72 -24.03
N ILE D 395 -3.19 -13.32 -24.09
CA ILE D 395 -3.79 -12.86 -25.34
C ILE D 395 -3.21 -11.51 -25.75
N HIS D 396 -2.84 -10.67 -24.78
CA HIS D 396 -2.20 -9.40 -25.10
C HIS D 396 -0.76 -9.56 -25.52
N ALA D 397 -0.17 -10.74 -25.36
CA ALA D 397 1.13 -11.00 -25.92
C ALA D 397 1.06 -11.46 -27.36
N SER D 398 -0.02 -12.15 -27.74
CA SER D 398 -0.10 -12.69 -29.08
C SER D 398 -0.49 -11.63 -30.10
N ILE D 399 -1.32 -10.66 -29.70
CA ILE D 399 -1.71 -9.60 -30.62
C ILE D 399 -0.54 -8.65 -30.85
N VAL D 400 0.27 -8.43 -29.82
CA VAL D 400 1.47 -7.61 -29.99
C VAL D 400 2.48 -8.33 -30.86
N SER D 401 2.68 -9.63 -30.64
CA SER D 401 3.71 -10.37 -31.37
C SER D 401 3.33 -10.57 -32.83
N THR D 402 2.04 -10.68 -33.13
CA THR D 402 1.63 -10.85 -34.51
C THR D 402 1.75 -9.54 -35.28
N LEU D 403 1.20 -8.46 -34.73
CA LEU D 403 1.22 -7.17 -35.40
C LEU D 403 2.63 -6.63 -35.54
N LEU D 404 3.53 -7.01 -34.64
CA LEU D 404 4.93 -6.68 -34.80
C LEU D 404 5.56 -7.47 -35.94
N ALA D 405 5.00 -8.63 -36.29
CA ALA D 405 5.64 -9.53 -37.21
C ALA D 405 5.31 -9.27 -38.66
N LEU D 406 4.09 -8.85 -38.98
CA LEU D 406 3.75 -8.62 -40.36
C LEU D 406 3.90 -7.17 -40.76
N MET D 407 4.41 -6.33 -39.88
CA MET D 407 4.80 -4.99 -40.32
C MET D 407 6.06 -5.04 -41.16
N ASP D 408 6.99 -5.94 -40.83
CA ASP D 408 8.10 -6.26 -41.73
C ASP D 408 8.53 -7.72 -41.50
N GLY D 409 8.00 -8.62 -42.31
CA GLY D 409 8.43 -10.00 -42.33
C GLY D 409 9.58 -10.17 -43.28
N MET D 410 9.73 -11.39 -43.78
CA MET D 410 10.75 -11.66 -44.77
C MET D 410 10.23 -11.47 -46.20
N GLU D 411 9.06 -10.87 -46.35
CA GLU D 411 8.62 -10.36 -47.64
C GLU D 411 7.94 -9.02 -47.38
N SER D 412 8.02 -8.13 -48.36
CA SER D 412 7.58 -6.76 -48.16
C SER D 412 6.08 -6.68 -48.07
N ARG D 413 5.59 -5.56 -47.56
CA ARG D 413 4.17 -5.33 -47.38
C ARG D 413 3.61 -4.41 -48.45
N GLY D 414 4.37 -4.09 -49.49
CA GLY D 414 3.86 -3.23 -50.53
C GLY D 414 3.95 -1.77 -50.13
N GLN D 415 3.08 -0.96 -50.73
CA GLN D 415 3.08 0.47 -50.49
C GLN D 415 1.97 0.83 -49.49
N VAL D 416 2.21 0.48 -48.24
CA VAL D 416 1.23 0.67 -47.18
C VAL D 416 1.80 1.62 -46.14
N ILE D 417 1.10 2.71 -45.87
CA ILE D 417 1.53 3.74 -44.94
C ILE D 417 0.71 3.60 -43.67
N ILE D 418 1.37 3.63 -42.52
CA ILE D 418 0.73 3.41 -41.22
C ILE D 418 0.83 4.69 -40.41
N ILE D 419 -0.27 5.08 -39.77
CA ILE D 419 -0.33 6.32 -38.99
C ILE D 419 -1.03 6.02 -37.67
N GLY D 420 -0.40 6.37 -36.55
CA GLY D 420 -0.95 6.14 -35.25
C GLY D 420 -1.02 7.40 -34.40
N ALA D 421 -1.76 7.32 -33.31
CA ALA D 421 -1.94 8.47 -32.42
C ALA D 421 -2.32 7.99 -31.04
N THR D 422 -1.80 8.67 -30.02
CA THR D 422 -2.10 8.37 -28.63
C THR D 422 -1.75 9.58 -27.78
N ASN D 423 -2.17 9.55 -26.52
CA ASN D 423 -1.86 10.64 -25.60
C ASN D 423 -0.59 10.36 -24.80
N ARG D 424 -0.46 9.15 -24.27
CA ARG D 424 0.72 8.82 -23.50
C ARG D 424 1.62 7.92 -24.32
N PRO D 425 2.67 8.43 -24.96
CA PRO D 425 3.42 7.62 -25.91
C PRO D 425 4.46 6.77 -25.24
N ASP D 426 4.08 6.09 -24.18
CA ASP D 426 5.03 5.28 -23.42
C ASP D 426 4.51 3.90 -23.11
N ALA D 427 3.21 3.66 -23.20
CA ALA D 427 2.68 2.34 -22.94
C ALA D 427 2.68 1.44 -24.16
N VAL D 428 3.03 1.97 -25.34
CA VAL D 428 3.21 1.09 -26.47
C VAL D 428 4.51 0.31 -26.29
N ASP D 429 4.62 -0.80 -27.02
CA ASP D 429 5.81 -1.62 -26.91
C ASP D 429 7.00 -0.90 -27.56
N PRO D 430 8.16 -0.88 -26.90
CA PRO D 430 9.32 -0.19 -27.50
C PRO D 430 9.84 -0.85 -28.76
N ALA D 431 9.57 -2.14 -28.97
CA ALA D 431 9.93 -2.79 -30.23
C ALA D 431 9.08 -2.34 -31.39
N LEU D 432 7.98 -1.65 -31.14
CA LEU D 432 7.13 -1.11 -32.17
C LEU D 432 7.52 0.31 -32.55
N ARG D 433 8.58 0.85 -31.97
CA ARG D 433 9.02 2.21 -32.27
C ARG D 433 10.37 2.23 -32.97
N ARG D 434 10.73 1.15 -33.61
CA ARG D 434 11.95 1.02 -34.38
C ARG D 434 11.79 1.68 -35.74
N PRO D 435 12.88 2.11 -36.36
CA PRO D 435 12.82 2.45 -37.77
C PRO D 435 12.44 1.27 -38.63
N GLY D 436 11.67 1.56 -39.66
CA GLY D 436 11.01 0.54 -40.44
C GLY D 436 9.57 0.29 -40.05
N ARG D 437 9.17 0.68 -38.84
CA ARG D 437 7.81 0.51 -38.38
C ARG D 437 7.10 1.83 -38.13
N PHE D 438 7.64 2.69 -37.27
CA PHE D 438 7.03 4.00 -37.03
C PHE D 438 7.94 5.16 -37.35
N ASP D 439 9.19 5.16 -36.88
CA ASP D 439 10.34 5.93 -37.36
C ASP D 439 10.20 7.44 -37.53
N ARG D 440 9.11 8.03 -37.07
CA ARG D 440 8.89 9.46 -37.27
C ARG D 440 7.91 9.90 -36.18
N GLU D 441 8.44 10.53 -35.15
CA GLU D 441 7.61 10.97 -34.04
C GLU D 441 7.37 12.47 -34.14
N PHE D 442 6.13 12.88 -34.00
CA PHE D 442 5.77 14.29 -34.03
C PHE D 442 5.36 14.75 -32.64
N TYR D 443 5.01 16.02 -32.54
CA TYR D 443 4.63 16.60 -31.26
C TYR D 443 3.78 17.83 -31.49
N PHE D 444 2.66 17.94 -30.78
CA PHE D 444 1.71 19.03 -30.96
C PHE D 444 1.65 19.86 -29.69
N PRO D 445 2.52 20.81 -29.51
CA PRO D 445 2.77 21.37 -28.17
C PRO D 445 1.95 22.61 -27.81
N LEU D 446 0.61 22.47 -27.83
CA LEU D 446 -0.31 23.40 -27.14
C LEU D 446 -0.16 24.87 -27.52
N PRO D 447 -0.71 25.30 -28.69
CA PRO D 447 -0.22 26.48 -29.45
C PRO D 447 0.20 27.74 -28.72
N ASP D 448 1.28 28.36 -29.17
CA ASP D 448 2.06 29.28 -28.34
C ASP D 448 1.57 30.73 -28.28
N ARG D 449 1.75 31.51 -29.36
CA ARG D 449 1.26 32.88 -29.33
C ARG D 449 0.41 33.25 -30.53
N ASP D 450 0.95 33.04 -31.72
CA ASP D 450 0.27 33.49 -32.93
C ASP D 450 -0.22 32.36 -33.77
N ALA D 451 0.02 31.11 -33.35
CA ALA D 451 -0.80 30.03 -33.85
C ALA D 451 -2.24 30.22 -33.39
N ARG D 452 -2.44 30.77 -32.20
CA ARG D 452 -3.78 31.13 -31.76
C ARG D 452 -4.36 32.29 -32.54
N LYS D 453 -3.52 33.11 -33.16
CA LYS D 453 -4.08 34.15 -34.02
C LYS D 453 -4.63 33.57 -35.30
N LYS D 454 -4.02 32.51 -35.83
CA LYS D 454 -4.53 31.92 -37.05
C LYS D 454 -5.69 30.98 -36.79
N ILE D 455 -5.69 30.27 -35.66
CA ILE D 455 -6.79 29.37 -35.31
C ILE D 455 -8.09 30.15 -35.12
N ILE D 456 -8.01 31.29 -34.45
CA ILE D 456 -9.23 32.05 -34.15
C ILE D 456 -9.75 32.79 -35.36
N GLU D 457 -8.98 32.86 -36.44
CA GLU D 457 -9.48 33.45 -37.66
C GLU D 457 -9.88 32.40 -38.69
N ILE D 458 -9.57 31.13 -38.47
CA ILE D 458 -10.12 30.08 -39.31
C ILE D 458 -11.58 29.84 -38.96
N HIS D 459 -11.86 29.60 -37.67
CA HIS D 459 -13.19 29.22 -37.23
C HIS D 459 -14.17 30.39 -37.20
N THR D 460 -13.73 31.62 -37.47
CA THR D 460 -14.62 32.76 -37.74
C THR D 460 -14.23 33.24 -39.14
N ARG D 461 -14.84 32.65 -40.16
CA ARG D 461 -14.41 32.91 -41.53
C ARG D 461 -15.29 33.93 -42.24
N ASN D 462 -16.59 33.66 -42.35
CA ASN D 462 -17.42 34.50 -43.21
C ASN D 462 -18.01 35.67 -42.43
N TRP D 463 -18.93 35.36 -41.50
CA TRP D 463 -19.36 36.20 -40.37
C TRP D 463 -19.64 37.65 -40.78
N ASP D 464 -20.70 37.83 -41.59
CA ASP D 464 -20.82 38.90 -42.59
C ASP D 464 -20.57 40.36 -42.21
N PRO D 465 -20.64 40.83 -40.96
CA PRO D 465 -19.87 42.03 -40.61
C PRO D 465 -18.51 41.64 -40.06
N PRO D 466 -17.53 41.38 -40.94
CA PRO D 466 -16.36 40.58 -40.56
C PRO D 466 -15.49 41.26 -39.51
N VAL D 467 -14.93 40.43 -38.62
CA VAL D 467 -14.27 40.95 -37.42
C VAL D 467 -12.96 41.63 -37.80
N PRO D 468 -12.69 42.81 -37.26
CA PRO D 468 -11.47 43.53 -37.63
C PRO D 468 -10.25 42.91 -36.97
N GLU D 469 -9.08 43.35 -37.43
CA GLU D 469 -7.84 42.77 -36.96
C GLU D 469 -7.50 43.19 -35.54
N TRP D 470 -8.03 44.31 -35.07
CA TRP D 470 -7.53 44.89 -33.84
C TRP D 470 -8.00 44.17 -32.59
N LEU D 471 -8.98 43.27 -32.67
CA LEU D 471 -9.30 42.45 -31.51
C LEU D 471 -8.89 41.01 -31.68
N CYS D 472 -8.63 40.54 -32.90
CA CYS D 472 -8.07 39.20 -33.07
C CYS D 472 -6.68 39.13 -32.50
N SER D 473 -5.94 40.24 -32.55
CA SER D 473 -4.69 40.31 -31.81
C SER D 473 -4.90 40.55 -30.33
N MET D 474 -6.11 40.94 -29.91
CA MET D 474 -6.39 41.10 -28.49
C MET D 474 -6.96 39.84 -27.86
N LEU D 475 -7.73 39.06 -28.61
CA LEU D 475 -8.23 37.81 -28.07
C LEU D 475 -7.13 36.76 -27.96
N ALA D 476 -6.06 36.90 -28.74
CA ALA D 476 -4.97 35.95 -28.63
C ALA D 476 -4.19 36.16 -27.34
N GLU D 477 -4.04 37.41 -26.91
CA GLU D 477 -3.18 37.70 -25.77
C GLU D 477 -3.85 37.36 -24.44
N LYS D 478 -5.18 37.35 -24.38
CA LYS D 478 -5.84 36.94 -23.15
C LYS D 478 -5.78 35.44 -22.94
N SER D 479 -5.61 34.68 -24.01
CA SER D 479 -5.51 33.24 -23.91
C SER D 479 -4.06 32.84 -23.63
N LYS D 480 -3.88 31.96 -22.65
CA LYS D 480 -2.54 31.48 -22.32
C LYS D 480 -2.60 29.97 -22.08
N GLY D 481 -3.10 29.25 -23.06
CA GLY D 481 -3.10 27.81 -22.91
C GLY D 481 -4.45 27.19 -23.13
N TYR D 482 -5.27 27.84 -23.94
CA TYR D 482 -6.54 27.23 -24.33
C TYR D 482 -6.30 26.03 -25.24
N GLY D 483 -5.43 26.18 -26.23
CA GLY D 483 -5.20 25.13 -27.19
C GLY D 483 -6.25 25.14 -28.29
N GLY D 484 -5.98 24.34 -29.32
CA GLY D 484 -6.79 24.33 -30.52
C GLY D 484 -8.17 23.77 -30.40
N ALA D 485 -8.50 23.12 -29.28
CA ALA D 485 -9.84 22.61 -29.08
C ALA D 485 -10.73 23.57 -28.33
N ASP D 486 -10.17 24.47 -27.53
CA ASP D 486 -10.99 25.40 -26.78
C ASP D 486 -11.25 26.69 -27.53
N LEU D 487 -10.44 27.01 -28.53
CA LEU D 487 -10.65 28.25 -29.26
C LEU D 487 -11.88 28.19 -30.14
N ARG D 488 -12.27 27.00 -30.59
CA ARG D 488 -13.53 26.90 -31.31
C ARG D 488 -14.71 27.06 -30.36
N ALA D 489 -14.54 26.65 -29.11
CA ALA D 489 -15.64 26.78 -28.16
C ALA D 489 -15.80 28.21 -27.68
N LEU D 490 -14.75 29.02 -27.78
CA LEU D 490 -14.89 30.43 -27.43
C LEU D 490 -15.72 31.17 -28.46
N CYS D 491 -15.47 30.91 -29.74
CA CYS D 491 -16.19 31.64 -30.78
C CYS D 491 -17.62 31.14 -30.92
N THR D 492 -17.86 29.86 -30.68
CA THR D 492 -19.23 29.38 -30.81
C THR D 492 -20.06 29.73 -29.59
N GLU D 493 -19.45 30.18 -28.50
CA GLU D 493 -20.24 30.62 -27.37
C GLU D 493 -20.64 32.07 -27.54
N ALA D 494 -19.80 32.87 -28.19
CA ALA D 494 -20.13 34.27 -28.40
C ALA D 494 -21.20 34.43 -29.46
N ALA D 495 -21.32 33.44 -30.36
CA ALA D 495 -22.44 33.45 -31.28
C ALA D 495 -23.74 33.20 -30.55
N LEU D 496 -23.73 32.23 -29.64
CA LEU D 496 -24.93 31.92 -28.86
C LEU D 496 -25.29 33.04 -27.90
N ASN D 497 -24.33 33.87 -27.51
CA ASN D 497 -24.68 35.00 -26.67
C ASN D 497 -25.31 36.13 -27.46
N SER D 498 -25.08 36.16 -28.77
CA SER D 498 -25.64 37.25 -29.57
C SER D 498 -27.12 37.05 -29.83
N ILE D 499 -27.55 35.80 -29.95
CA ILE D 499 -28.97 35.51 -30.21
C ILE D 499 -29.81 35.92 -29.01
N LYS D 500 -29.29 35.68 -27.81
CA LYS D 500 -30.00 36.05 -26.59
C LYS D 500 -30.08 37.56 -26.41
N ARG D 501 -29.24 38.32 -27.10
CA ARG D 501 -29.29 39.76 -26.94
C ARG D 501 -30.37 40.38 -27.79
N THR D 502 -30.63 39.83 -28.97
CA THR D 502 -31.58 40.49 -29.87
C THR D 502 -32.99 39.95 -29.73
N TYR D 503 -33.15 38.66 -29.46
CA TYR D 503 -34.48 38.05 -29.39
C TYR D 503 -34.63 37.24 -28.11
N PRO D 504 -34.97 37.89 -26.99
CA PRO D 504 -35.21 37.14 -25.76
C PRO D 504 -36.51 36.36 -25.76
N GLN D 505 -37.38 36.55 -26.74
CA GLN D 505 -38.64 35.84 -26.78
C GLN D 505 -38.50 34.39 -27.20
N LEU D 506 -37.33 33.98 -27.69
CA LEU D 506 -37.17 32.62 -28.18
C LEU D 506 -37.15 31.61 -27.05
N TYR D 507 -36.75 32.02 -25.86
CA TYR D 507 -36.61 31.11 -24.73
C TYR D 507 -37.92 30.92 -23.98
N ARG D 508 -39.04 31.36 -24.53
CA ARG D 508 -40.27 31.39 -23.77
C ARG D 508 -41.42 30.92 -24.64
N SER D 509 -41.17 29.92 -25.48
CA SER D 509 -42.18 29.44 -26.40
C SER D 509 -41.97 27.95 -26.66
N THR D 510 -42.86 27.38 -27.47
CA THR D 510 -42.74 26.00 -27.89
C THR D 510 -42.87 25.82 -29.40
N LYS D 511 -43.59 26.69 -30.09
CA LYS D 511 -43.77 26.56 -31.52
C LYS D 511 -42.80 27.48 -32.26
N ARG D 512 -42.83 27.38 -33.58
CA ARG D 512 -42.03 28.26 -34.42
C ARG D 512 -42.58 29.68 -34.38
N LEU D 513 -41.72 30.64 -34.64
CA LEU D 513 -42.12 32.04 -34.69
C LEU D 513 -41.65 32.68 -35.99
N GLN D 514 -42.34 33.74 -36.37
CA GLN D 514 -41.89 34.58 -37.48
C GLN D 514 -40.68 35.36 -37.01
N ILE D 515 -39.50 34.94 -37.43
CA ILE D 515 -38.27 35.63 -37.09
C ILE D 515 -37.54 35.91 -38.39
N ASP D 516 -36.62 36.85 -38.34
CA ASP D 516 -35.85 37.22 -39.52
C ASP D 516 -34.37 37.14 -39.14
N PRO D 517 -33.57 36.35 -39.84
CA PRO D 517 -32.12 36.45 -39.67
C PRO D 517 -31.55 37.68 -40.35
N LYS D 518 -30.21 37.77 -40.39
CA LYS D 518 -29.46 38.89 -40.94
C LYS D 518 -29.80 40.22 -40.27
N THR D 519 -30.15 40.15 -38.98
CA THR D 519 -30.24 41.32 -38.13
C THR D 519 -29.44 41.11 -36.85
N ILE D 520 -28.68 40.03 -36.76
CA ILE D 520 -27.85 39.76 -35.60
C ILE D 520 -26.40 40.04 -35.96
N LYS D 521 -25.73 40.82 -35.13
CA LYS D 521 -24.35 41.21 -35.36
C LYS D 521 -23.54 40.89 -34.11
N VAL D 522 -22.46 40.14 -34.28
CA VAL D 522 -21.60 39.78 -33.16
C VAL D 522 -20.74 40.99 -32.81
N LYS D 523 -21.04 41.61 -31.68
CA LYS D 523 -20.33 42.82 -31.26
C LYS D 523 -19.28 42.46 -30.22
N VAL D 524 -18.66 43.50 -29.67
CA VAL D 524 -17.55 43.29 -28.74
C VAL D 524 -18.04 42.75 -27.41
N LYS D 525 -19.24 43.15 -26.99
CA LYS D 525 -19.75 42.75 -25.68
C LYS D 525 -20.07 41.27 -25.64
N ASP D 526 -20.40 40.69 -26.79
CA ASP D 526 -20.73 39.27 -26.82
C ASP D 526 -19.48 38.41 -26.65
N PHE D 527 -18.32 38.95 -26.99
CA PHE D 527 -17.10 38.18 -26.82
C PHE D 527 -16.64 38.17 -25.37
N VAL D 528 -16.54 39.36 -24.76
CA VAL D 528 -15.90 39.46 -23.45
C VAL D 528 -16.75 38.86 -22.35
N MET D 529 -18.08 38.84 -22.52
CA MET D 529 -18.92 38.14 -21.56
C MET D 529 -18.86 36.63 -21.75
N SER D 530 -18.35 36.17 -22.88
CA SER D 530 -18.08 34.74 -23.03
C SER D 530 -16.71 34.37 -22.54
N MET D 531 -15.80 35.32 -22.42
CA MET D 531 -14.47 35.03 -21.90
C MET D 531 -14.51 34.77 -20.40
N LYS D 532 -15.40 35.45 -19.69
CA LYS D 532 -15.38 35.43 -18.23
C LYS D 532 -15.87 34.11 -17.66
N ARG D 533 -16.82 33.45 -18.32
CA ARG D 533 -17.46 32.28 -17.74
C ARG D 533 -17.07 30.99 -18.44
N MET D 534 -15.82 30.89 -18.90
CA MET D 534 -15.36 29.67 -19.53
C MET D 534 -13.97 29.31 -19.03
N ILE D 535 -13.82 28.04 -18.64
CA ILE D 535 -12.54 27.52 -18.18
C ILE D 535 -11.95 26.66 -19.28
N PRO D 536 -10.64 26.66 -19.47
CA PRO D 536 -10.06 25.87 -20.55
C PRO D 536 -9.88 24.41 -20.15
N SER D 537 -9.27 23.63 -21.02
CA SER D 537 -9.23 22.18 -20.82
C SER D 537 -8.20 21.76 -19.79
N SER D 538 -7.01 22.34 -19.80
CA SER D 538 -5.93 21.88 -18.96
C SER D 538 -5.85 22.63 -17.63
N GLU D 539 -6.86 23.43 -17.32
CA GLU D 539 -6.89 24.16 -16.07
C GLU D 539 -8.00 23.69 -15.14
N ARG D 540 -8.69 22.61 -15.49
CA ARG D 540 -9.79 22.15 -14.65
C ARG D 540 -9.27 21.37 -13.45
N SER D 541 -8.12 20.72 -13.60
CA SER D 541 -7.57 19.97 -12.48
C SER D 541 -6.45 20.75 -11.78
N SER D 542 -5.51 21.28 -12.55
CA SER D 542 -4.35 21.97 -11.99
C SER D 542 -4.69 23.45 -11.80
N ILE D 543 -3.68 24.28 -11.57
CA ILE D 543 -3.91 25.68 -11.23
C ILE D 543 -3.25 26.58 -12.27
N SER D 544 -2.16 26.09 -12.90
CA SER D 544 -1.47 26.73 -14.03
C SER D 544 -0.96 28.11 -13.67
N PRO D 545 0.13 28.21 -12.93
CA PRO D 545 0.51 29.49 -12.31
C PRO D 545 1.11 30.53 -13.23
N SER D 546 0.28 31.30 -13.93
CA SER D 546 0.78 32.41 -14.74
C SER D 546 -0.33 33.41 -14.96
N LYS D 547 -0.05 34.68 -14.68
CA LYS D 547 -1.00 35.75 -14.94
C LYS D 547 -0.21 37.05 -15.10
N PRO D 548 -0.64 37.96 -15.96
CA PRO D 548 0.14 39.17 -16.19
C PRO D 548 0.06 40.16 -15.04
N LEU D 549 0.77 41.29 -15.17
CA LEU D 549 0.73 42.30 -14.12
C LEU D 549 -0.63 42.99 -14.10
N SER D 550 -1.05 43.37 -12.91
CA SER D 550 -2.24 44.18 -12.79
C SER D 550 -1.94 45.59 -13.30
N PRO D 551 -2.83 46.17 -14.11
CA PRO D 551 -2.55 47.50 -14.66
C PRO D 551 -2.52 48.61 -13.64
N GLU D 552 -3.19 48.46 -12.52
CA GLU D 552 -3.03 49.42 -11.43
C GLU D 552 -1.69 49.27 -10.74
N LEU D 553 -1.08 48.09 -10.81
CA LEU D 553 0.22 47.83 -10.24
C LEU D 553 1.34 48.18 -11.22
N LYS D 554 0.99 48.59 -12.44
CA LYS D 554 2.01 48.79 -13.48
C LYS D 554 2.93 49.97 -13.19
N PRO D 555 2.48 51.22 -12.86
CA PRO D 555 3.47 52.27 -12.70
C PRO D 555 4.14 52.28 -11.34
N LEU D 556 4.49 51.12 -10.83
CA LEU D 556 5.33 51.01 -9.64
C LEU D 556 6.35 49.90 -9.77
N LEU D 557 6.19 48.97 -10.70
CA LEU D 557 7.09 47.83 -10.82
C LEU D 557 7.71 47.68 -12.19
N ASN D 558 7.23 48.38 -13.22
CA ASN D 558 7.75 48.18 -14.56
C ASN D 558 9.15 48.70 -14.74
N GLU D 559 9.60 49.62 -13.88
CA GLU D 559 10.99 50.02 -13.89
C GLU D 559 11.87 48.88 -13.44
N ALA D 560 11.47 48.16 -12.40
CA ALA D 560 12.21 46.99 -11.96
C ALA D 560 11.92 45.76 -12.80
N PHE D 561 10.84 45.78 -13.58
CA PHE D 561 10.52 44.62 -14.39
C PHE D 561 11.42 44.51 -15.61
N GLN D 562 11.77 45.64 -16.21
CA GLN D 562 12.49 45.61 -17.47
C GLN D 562 13.95 45.24 -17.29
N ASP D 563 14.53 45.50 -16.12
CA ASP D 563 15.91 45.10 -15.90
C ASP D 563 16.02 43.59 -15.75
N ILE D 564 14.95 42.96 -15.26
CA ILE D 564 14.97 41.51 -15.11
C ILE D 564 14.80 40.85 -16.47
N GLU D 565 13.93 41.40 -17.31
CA GLU D 565 13.75 40.83 -18.64
C GLU D 565 14.94 41.07 -19.55
N LYS D 566 15.72 42.11 -19.29
CA LYS D 566 16.91 42.34 -20.08
C LYS D 566 18.09 41.50 -19.59
N THR D 567 18.11 41.17 -18.31
CA THR D 567 19.17 40.32 -17.80
C THR D 567 19.00 38.88 -18.23
N LEU D 568 17.76 38.39 -18.28
CA LEU D 568 17.50 37.00 -18.62
C LEU D 568 17.79 36.67 -20.07
N GLN D 569 17.94 37.67 -20.94
CA GLN D 569 18.30 37.38 -22.33
C GLN D 569 19.75 36.92 -22.42
N LYS D 570 20.63 37.45 -21.56
CA LYS D 570 22.03 37.06 -21.60
C LYS D 570 22.25 35.66 -21.07
N LEU D 571 21.43 35.22 -20.11
CA LEU D 571 21.66 33.92 -19.49
C LEU D 571 21.01 32.78 -20.24
N MET D 572 20.04 33.06 -21.11
CA MET D 572 19.37 32.01 -21.84
C MET D 572 18.71 32.57 -23.10
N PRO D 573 19.44 32.68 -24.21
CA PRO D 573 18.82 33.16 -25.44
C PRO D 573 17.87 32.13 -26.01
N VAL D 574 16.64 32.56 -26.29
CA VAL D 574 15.54 31.66 -26.54
C VAL D 574 14.94 31.99 -27.92
N ALA D 575 15.82 32.37 -28.86
CA ALA D 575 15.41 32.78 -30.20
C ALA D 575 14.66 31.68 -30.93
N SER D 576 13.74 32.09 -31.80
CA SER D 576 12.71 31.22 -32.34
C SER D 576 13.26 30.27 -33.38
N LYS D 577 12.38 29.39 -33.86
CA LYS D 577 12.73 28.34 -34.80
C LYS D 577 12.15 28.70 -36.16
N LEU D 578 12.95 28.54 -37.21
CA LEU D 578 12.52 28.82 -38.57
C LEU D 578 12.15 27.52 -39.27
N ASN D 579 11.07 27.57 -40.05
CA ASN D 579 10.70 26.44 -40.89
C ASN D 579 11.77 26.23 -41.96
N PRO D 580 12.04 24.98 -42.35
CA PRO D 580 13.22 24.72 -43.20
C PRO D 580 13.06 25.19 -44.63
N LEU D 581 11.84 25.28 -45.16
CA LEU D 581 11.69 25.78 -46.52
C LEU D 581 11.94 27.28 -46.63
N GLU D 582 11.92 28.01 -45.52
CA GLU D 582 12.32 29.41 -45.52
C GLU D 582 13.74 29.58 -45.06
N GLU D 583 14.45 28.49 -44.76
CA GLU D 583 15.85 28.57 -44.39
C GLU D 583 16.77 28.09 -45.49
N VAL D 584 16.34 27.13 -46.31
CA VAL D 584 17.17 26.66 -47.42
C VAL D 584 17.04 27.57 -48.62
N MET D 585 16.09 28.51 -48.61
CA MET D 585 15.88 29.38 -49.74
C MET D 585 16.96 30.45 -49.88
N TYR D 586 17.80 30.63 -48.87
CA TYR D 586 18.95 31.50 -49.02
C TYR D 586 20.08 30.74 -49.72
N ASP D 587 21.20 31.43 -49.90
CA ASP D 587 22.35 30.87 -50.58
C ASP D 587 23.59 31.08 -49.71
N ASP D 588 24.57 30.20 -49.88
CA ASP D 588 25.75 30.24 -49.06
C ASP D 588 26.93 29.67 -49.83
N PRO D 589 28.07 30.34 -49.83
CA PRO D 589 29.13 30.00 -50.79
C PRO D 589 30.01 28.83 -50.39
N LYS D 590 30.33 28.67 -49.11
CA LYS D 590 31.38 27.75 -48.69
C LYS D 590 30.78 26.66 -47.81
N GLU D 591 30.23 25.63 -48.45
CA GLU D 591 29.71 24.47 -47.71
C GLU D 591 30.30 23.22 -48.34
N ASN D 592 31.55 22.96 -48.00
CA ASN D 592 32.23 21.72 -48.34
C ASN D 592 33.11 21.20 -47.21
N ASP D 593 33.53 22.05 -46.27
CA ASP D 593 34.59 21.70 -45.35
C ASP D 593 34.03 21.13 -44.05
N PHE D 594 34.83 20.29 -43.41
CA PHE D 594 34.45 19.76 -42.11
C PHE D 594 34.55 20.82 -41.03
N GLU D 595 35.51 21.74 -41.15
CA GLU D 595 35.44 22.95 -40.34
C GLU D 595 34.48 23.91 -41.02
N TYR D 596 34.06 24.95 -40.28
CA TYR D 596 33.04 25.96 -40.58
C TYR D 596 31.63 25.37 -40.54
N GLN D 597 31.52 24.05 -40.42
CA GLN D 597 30.25 23.45 -40.05
C GLN D 597 30.17 23.28 -38.54
N GLN D 598 31.33 23.11 -37.90
CA GLN D 598 31.44 23.18 -36.45
C GLN D 598 31.74 24.59 -35.98
N ARG D 599 31.02 25.54 -36.52
CA ARG D 599 31.11 26.93 -36.10
C ARG D 599 29.75 27.57 -35.93
N LEU D 600 28.73 27.08 -36.64
CA LEU D 600 27.41 27.69 -36.54
C LEU D 600 26.76 27.35 -35.22
N GLU D 601 26.65 26.05 -34.90
CA GLU D 601 26.04 25.64 -33.65
C GLU D 601 26.99 25.74 -32.48
N THR D 602 28.29 25.97 -32.73
CA THR D 602 29.22 26.08 -31.63
C THR D 602 29.05 27.40 -30.89
N PHE D 603 28.78 28.49 -31.59
CA PHE D 603 28.56 29.77 -30.91
C PHE D 603 27.29 29.76 -30.08
N GLU D 604 26.29 28.99 -30.50
CA GLU D 604 25.06 28.83 -29.74
C GLU D 604 25.16 27.74 -28.69
N THR D 605 26.33 27.17 -28.49
CA THR D 605 26.51 26.08 -27.54
C THR D 605 27.17 26.53 -26.26
N LEU D 606 28.36 27.12 -26.33
CA LEU D 606 29.05 27.51 -25.11
C LEU D 606 28.75 28.94 -24.69
N ARG D 607 27.69 29.53 -25.22
CA ARG D 607 27.25 30.80 -24.69
C ARG D 607 26.55 30.65 -23.34
N ILE D 608 26.06 29.46 -23.02
CA ILE D 608 25.28 29.21 -21.83
C ILE D 608 26.04 28.27 -20.92
N TYR D 609 25.95 28.51 -19.61
CA TYR D 609 26.59 27.64 -18.64
C TYR D 609 25.80 27.72 -17.33
N LYS D 610 24.88 26.76 -17.14
CA LYS D 610 24.09 26.55 -15.93
C LYS D 610 23.37 27.80 -15.45
N PRO D 611 22.31 28.24 -16.12
CA PRO D 611 21.70 29.52 -15.76
C PRO D 611 20.77 29.40 -14.56
N ARG D 612 20.83 30.39 -13.68
CA ARG D 612 20.08 30.40 -12.42
C ARG D 612 19.76 31.85 -12.07
N PHE D 613 18.78 32.06 -11.18
CA PHE D 613 18.33 33.42 -10.91
C PHE D 613 17.58 33.46 -9.59
N LEU D 614 17.58 34.64 -8.92
CA LEU D 614 16.76 34.88 -7.72
C LEU D 614 16.14 36.28 -7.72
N ILE D 615 15.12 36.43 -6.87
CA ILE D 615 14.45 37.70 -6.65
C ILE D 615 14.50 38.06 -5.16
N CYS D 616 15.61 37.77 -4.49
CA CYS D 616 15.69 37.92 -3.02
C CYS D 616 15.54 39.38 -2.58
N GLY D 617 15.05 39.55 -1.35
CA GLY D 617 14.76 40.87 -0.82
C GLY D 617 13.93 40.76 0.44
N ARG D 618 13.39 41.89 0.89
CA ARG D 618 12.66 41.93 2.15
C ARG D 618 11.28 41.27 1.99
N LYS D 619 10.56 41.15 3.10
CA LYS D 619 9.26 40.49 3.11
C LYS D 619 8.21 41.41 2.50
N GLY D 620 7.67 41.01 1.36
CA GLY D 620 6.55 41.69 0.75
C GLY D 620 6.86 43.08 0.25
N LEU D 621 7.69 43.20 -0.78
CA LEU D 621 7.93 44.49 -1.40
C LEU D 621 8.04 44.35 -2.91
N GLY D 622 7.31 43.41 -3.47
CA GLY D 622 7.74 42.83 -4.72
C GLY D 622 7.20 41.45 -4.98
N GLN D 623 8.12 40.49 -4.98
CA GLN D 623 8.12 39.22 -5.69
C GLN D 623 6.81 38.49 -5.94
N THR D 624 5.89 38.44 -4.97
CA THR D 624 4.70 37.60 -5.10
C THR D 624 3.76 38.00 -6.23
N ALA D 625 3.89 39.21 -6.78
CA ALA D 625 3.15 39.59 -7.97
C ALA D 625 4.06 39.80 -9.16
N LEU D 626 5.34 39.47 -9.03
CA LEU D 626 6.31 39.69 -10.08
C LEU D 626 6.85 38.41 -10.67
N GLY D 627 6.79 37.32 -9.91
CA GLY D 627 7.18 36.01 -10.39
C GLY D 627 6.39 35.54 -11.59
N PRO D 628 5.07 35.35 -11.43
CA PRO D 628 4.26 34.95 -12.57
C PRO D 628 4.06 36.01 -13.65
N ALA D 629 4.62 37.20 -13.49
CA ALA D 629 4.67 38.10 -14.63
C ALA D 629 5.76 37.70 -15.60
N ILE D 630 6.91 37.28 -15.07
CA ILE D 630 8.00 36.81 -15.91
C ILE D 630 7.63 35.50 -16.59
N LEU D 631 6.94 34.63 -15.85
CA LEU D 631 6.65 33.29 -16.33
C LEU D 631 5.66 33.26 -17.46
N GLN D 632 4.98 34.35 -17.75
CA GLN D 632 4.17 34.47 -18.96
C GLN D 632 4.81 35.49 -19.87
N GLN D 633 5.92 35.09 -20.48
CA GLN D 633 6.55 35.83 -21.58
C GLN D 633 7.21 34.95 -22.62
N TYR D 634 7.44 33.68 -22.35
CA TYR D 634 8.55 32.92 -22.93
C TYR D 634 8.13 31.98 -24.05
N GLU D 635 7.03 32.27 -24.75
CA GLU D 635 5.97 31.30 -25.00
C GLU D 635 6.41 29.87 -25.28
N GLY D 636 7.00 29.53 -26.42
CA GLY D 636 8.24 28.78 -26.55
C GLY D 636 8.72 27.70 -25.61
N VAL D 637 8.04 27.37 -24.52
CA VAL D 637 8.67 26.58 -23.46
C VAL D 637 7.71 25.59 -22.86
N HIS D 638 8.17 24.89 -21.82
CA HIS D 638 7.34 23.95 -21.09
C HIS D 638 7.79 23.99 -19.64
N VAL D 639 6.90 24.45 -18.76
CA VAL D 639 7.28 24.77 -17.40
C VAL D 639 6.84 23.67 -16.45
N GLN D 640 7.38 23.71 -15.24
CA GLN D 640 7.00 22.81 -14.16
C GLN D 640 6.90 23.63 -12.89
N SER D 641 6.56 22.97 -11.78
CA SER D 641 6.49 23.65 -10.50
C SER D 641 6.90 22.67 -9.42
N PHE D 642 8.09 22.83 -8.88
CA PHE D 642 8.57 21.96 -7.81
C PHE D 642 8.25 22.53 -6.43
N ASP D 643 7.03 22.93 -6.18
CA ASP D 643 6.68 23.53 -4.91
C ASP D 643 5.79 22.59 -4.12
N MET D 644 5.32 23.06 -2.97
CA MET D 644 4.32 22.30 -2.24
C MET D 644 2.98 22.33 -2.97
N SER D 645 2.05 21.52 -2.48
CA SER D 645 0.71 21.24 -3.02
C SER D 645 0.74 20.53 -4.36
N THR D 646 1.91 20.23 -4.91
CA THR D 646 2.05 19.33 -6.03
C THR D 646 3.16 18.33 -5.84
N LEU D 647 3.93 18.46 -4.77
CA LEU D 647 4.98 17.52 -4.45
C LEU D 647 4.56 16.51 -3.41
N LEU D 648 3.48 16.78 -2.68
CA LEU D 648 3.00 15.88 -1.64
C LEU D 648 1.49 15.82 -1.64
N GLN D 649 0.87 16.09 -2.79
CA GLN D 649 -0.59 16.09 -2.87
C GLN D 649 -1.17 14.69 -3.03
N ASP D 650 -0.34 13.66 -3.15
CA ASP D 650 -0.80 12.28 -3.13
C ASP D 650 -0.06 11.55 -2.03
N SER D 651 -0.65 10.45 -1.58
CA SER D 651 -0.10 9.69 -0.46
C SER D 651 0.28 8.27 -0.82
N THR D 652 0.22 7.89 -2.10
CA THR D 652 0.56 6.53 -2.48
C THR D 652 2.07 6.32 -2.47
N GLN D 653 2.80 7.16 -3.20
CA GLN D 653 4.24 7.06 -3.30
C GLN D 653 4.88 7.76 -2.11
N SER D 654 6.20 7.88 -2.12
CA SER D 654 6.89 8.77 -1.21
C SER D 654 7.10 10.11 -1.90
N ILE D 655 7.78 11.03 -1.22
CA ILE D 655 8.18 12.26 -1.87
C ILE D 655 9.52 12.10 -2.57
N GLU D 656 10.26 11.05 -2.25
CA GLU D 656 11.50 10.79 -2.96
C GLU D 656 11.26 10.11 -4.30
N THR D 657 10.03 9.72 -4.59
CA THR D 657 9.67 9.17 -5.89
C THR D 657 8.97 10.19 -6.77
N SER D 658 8.18 11.09 -6.18
CA SER D 658 7.49 12.09 -6.97
C SER D 658 8.44 13.19 -7.43
N ILE D 659 9.61 13.30 -6.82
CA ILE D 659 10.61 14.23 -7.30
C ILE D 659 11.23 13.72 -8.60
N ILE D 660 11.49 12.42 -8.66
CA ILE D 660 12.17 11.84 -9.82
C ILE D 660 11.26 11.86 -11.05
N HIS D 661 9.96 11.70 -10.85
CA HIS D 661 9.04 11.62 -11.98
C HIS D 661 8.90 12.93 -12.71
N LEU D 662 9.08 14.04 -12.01
CA LEU D 662 9.00 15.32 -12.69
C LEU D 662 10.29 15.61 -13.46
N PHE D 663 11.43 15.17 -12.91
CA PHE D 663 12.70 15.37 -13.58
C PHE D 663 12.79 14.59 -14.88
N LEU D 664 12.08 13.48 -14.97
CA LEU D 664 12.05 12.73 -16.21
C LEU D 664 11.27 13.46 -17.28
N GLU D 665 10.36 14.35 -16.88
CA GLU D 665 9.58 15.09 -17.85
C GLU D 665 10.31 16.35 -18.31
N VAL D 666 10.94 17.06 -17.38
CA VAL D 666 11.58 18.34 -17.71
C VAL D 666 12.86 18.15 -18.48
N ARG D 667 13.39 16.93 -18.53
CA ARG D 667 14.62 16.68 -19.27
C ARG D 667 14.38 16.59 -20.76
N ARG D 668 13.20 16.12 -21.17
CA ARG D 668 12.80 16.22 -22.56
C ARG D 668 12.07 17.54 -22.77
N HIS D 669 11.70 17.80 -24.03
CA HIS D 669 10.96 18.99 -24.46
C HIS D 669 11.67 20.27 -24.05
N THR D 670 12.98 20.32 -24.30
CA THR D 670 13.73 21.52 -24.04
C THR D 670 13.35 22.60 -25.05
N PRO D 671 13.42 23.89 -24.67
CA PRO D 671 13.80 24.54 -23.42
C PRO D 671 12.72 24.47 -22.35
N SER D 672 13.13 24.48 -21.08
CA SER D 672 12.21 24.30 -19.98
C SER D 672 12.62 25.19 -18.83
N ILE D 673 11.80 25.22 -17.78
CA ILE D 673 12.00 26.10 -16.64
C ILE D 673 11.58 25.34 -15.39
N ILE D 674 12.47 25.24 -14.42
CA ILE D 674 12.12 24.77 -13.08
C ILE D 674 11.78 25.98 -12.24
N TYR D 675 10.65 25.94 -11.54
CA TYR D 675 10.12 27.14 -10.89
C TYR D 675 9.65 26.78 -9.49
N ILE D 676 10.17 27.49 -8.50
CA ILE D 676 9.78 27.29 -7.10
C ILE D 676 9.46 28.64 -6.49
N PRO D 677 8.22 28.92 -6.10
CA PRO D 677 7.94 30.13 -5.33
C PRO D 677 7.99 29.85 -3.84
N ASP D 678 8.43 30.88 -3.11
CA ASP D 678 8.59 30.84 -1.65
C ASP D 678 9.57 29.72 -1.26
N ILE D 679 10.82 29.94 -1.66
CA ILE D 679 11.89 28.97 -1.42
C ILE D 679 12.26 28.89 0.05
N ASP D 680 11.93 29.93 0.83
CA ASP D 680 12.46 30.01 2.20
C ASP D 680 11.76 29.04 3.13
N ASN D 681 10.43 28.93 3.03
CA ASN D 681 9.73 27.91 3.79
C ASN D 681 9.84 26.54 3.15
N TRP D 682 10.27 26.49 1.88
CA TRP D 682 10.43 25.22 1.19
C TRP D 682 11.57 24.39 1.76
N LEU D 683 12.52 25.02 2.42
CA LEU D 683 13.63 24.31 3.03
C LEU D 683 13.37 23.90 4.47
N ASN D 684 12.26 24.35 5.06
CA ASN D 684 11.96 24.01 6.44
C ASN D 684 10.87 22.96 6.56
N VAL D 685 10.30 22.50 5.45
CA VAL D 685 9.18 21.59 5.48
C VAL D 685 9.55 20.21 4.95
N LEU D 686 10.28 20.14 3.85
CA LEU D 686 10.70 18.86 3.32
C LEU D 686 11.76 18.25 4.22
N PRO D 687 11.70 16.94 4.48
CA PRO D 687 12.74 16.30 5.27
C PRO D 687 14.06 16.25 4.53
N LEU D 688 15.13 15.99 5.29
CA LEU D 688 16.48 16.18 4.78
C LEU D 688 16.89 15.14 3.75
N THR D 689 16.23 13.98 3.71
CA THR D 689 16.52 12.99 2.68
C THR D 689 15.80 13.28 1.38
N ALA D 690 15.14 14.41 1.26
CA ALA D 690 14.57 14.85 -0.01
C ALA D 690 15.23 16.10 -0.53
N ILE D 691 15.87 16.89 0.32
CA ILE D 691 16.69 17.99 -0.15
C ILE D 691 17.90 17.45 -0.89
N THR D 692 18.46 16.35 -0.40
CA THR D 692 19.63 15.76 -1.06
C THR D 692 19.24 15.13 -2.39
N THR D 693 18.04 14.57 -2.48
CA THR D 693 17.60 13.95 -3.73
C THR D 693 17.35 15.00 -4.80
N PHE D 694 16.75 16.13 -4.42
CA PHE D 694 16.58 17.21 -5.38
C PHE D 694 17.91 17.86 -5.74
N SER D 695 18.83 17.95 -4.78
CA SER D 695 20.13 18.52 -5.10
C SER D 695 21.03 17.55 -5.84
N SER D 696 20.65 16.27 -5.93
CA SER D 696 21.46 15.35 -6.70
C SER D 696 21.15 15.43 -8.17
N MET D 697 19.88 15.58 -8.53
CA MET D 697 19.52 15.61 -9.94
C MET D 697 19.90 16.91 -10.62
N LEU D 698 20.18 17.96 -9.86
CA LEU D 698 20.62 19.21 -10.47
C LEU D 698 22.03 19.14 -11.02
N GLU D 699 22.81 18.13 -10.67
CA GLU D 699 24.18 18.05 -11.14
C GLU D 699 24.43 16.89 -12.07
N ARG D 700 23.46 16.02 -12.30
CA ARG D 700 23.68 14.93 -13.23
C ARG D 700 23.55 15.41 -14.66
N LEU D 701 22.59 16.30 -14.93
CA LEU D 701 22.42 16.84 -16.27
C LEU D 701 23.56 17.79 -16.62
N ASP D 702 23.89 17.86 -17.90
CA ASP D 702 25.12 18.47 -18.35
C ASP D 702 25.03 20.00 -18.31
N PHE D 703 26.18 20.63 -18.53
CA PHE D 703 26.34 22.05 -18.34
C PHE D 703 25.90 22.89 -19.53
N SER D 704 25.29 22.29 -20.55
CA SER D 704 25.00 23.04 -21.76
C SER D 704 23.55 22.97 -22.21
N ASP D 705 22.71 22.16 -21.58
CA ASP D 705 21.31 22.10 -21.98
C ASP D 705 20.59 23.36 -21.53
N GLN D 706 19.50 23.67 -22.21
CA GLN D 706 18.79 24.92 -22.00
C GLN D 706 17.65 24.67 -21.01
N ILE D 707 17.97 24.66 -19.73
CA ILE D 707 16.97 24.69 -18.68
C ILE D 707 17.31 25.81 -17.72
N LEU D 708 16.29 26.39 -17.10
CA LEU D 708 16.44 27.52 -16.20
C LEU D 708 16.12 27.07 -14.78
N PHE D 709 16.32 27.95 -13.82
CA PHE D 709 15.98 27.68 -12.43
C PHE D 709 15.58 28.98 -11.77
N LEU D 710 14.28 29.24 -11.68
CA LEU D 710 13.75 30.42 -11.01
C LEU D 710 13.48 30.11 -9.54
N ALA D 711 13.62 31.11 -8.70
CA ALA D 711 13.34 30.96 -7.28
C ALA D 711 13.01 32.32 -6.71
N LEU D 712 12.04 32.37 -5.79
CA LEU D 712 11.56 33.61 -5.23
C LEU D 712 11.64 33.52 -3.71
N SER D 713 12.44 34.38 -3.10
CA SER D 713 12.63 34.34 -1.67
C SER D 713 11.95 35.53 -1.01
N SER D 714 12.01 35.55 0.32
CA SER D 714 11.39 36.61 1.10
C SER D 714 12.28 37.15 2.20
N SER D 715 13.36 36.48 2.53
CA SER D 715 14.32 37.02 3.48
C SER D 715 15.39 37.80 2.72
N PRO D 716 15.82 38.95 3.21
CA PRO D 716 16.70 39.84 2.45
C PRO D 716 18.14 39.31 2.42
N LEU D 717 18.99 40.07 1.75
CA LEU D 717 20.36 39.67 1.52
C LEU D 717 21.15 39.71 2.82
N SER D 718 22.28 38.98 2.83
CA SER D 718 23.24 38.88 3.92
C SER D 718 22.66 38.23 5.16
N GLU D 719 21.50 37.58 5.06
CA GLU D 719 21.03 36.74 6.15
C GLU D 719 20.32 35.50 5.65
N LEU D 720 20.40 35.19 4.37
CA LEU D 720 19.65 34.06 3.81
C LEU D 720 20.31 32.73 4.17
N HIS D 721 19.61 31.65 3.82
CA HIS D 721 19.94 30.32 4.29
C HIS D 721 21.25 29.84 3.67
N PRO D 722 22.07 29.10 4.43
CA PRO D 722 23.39 28.70 3.93
C PRO D 722 23.38 27.57 2.91
N GLN D 723 22.23 27.12 2.40
CA GLN D 723 22.27 26.25 1.23
C GLN D 723 21.93 27.00 -0.04
N LEU D 724 21.22 28.11 0.06
CA LEU D 724 21.05 28.97 -1.10
C LEU D 724 22.34 29.67 -1.51
N ARG D 725 23.36 29.69 -0.65
CA ARG D 725 24.67 30.17 -1.08
C ARG D 725 25.49 29.09 -1.76
N GLU D 726 25.23 27.82 -1.47
CA GLU D 726 25.93 26.75 -2.18
C GLU D 726 25.46 26.67 -3.62
N TRP D 727 24.15 26.82 -3.84
CA TRP D 727 23.67 27.07 -5.18
C TRP D 727 23.86 28.55 -5.50
N PHE D 728 23.73 28.88 -6.78
CA PHE D 728 23.69 30.21 -7.38
C PHE D 728 24.99 31.01 -7.33
N SER D 729 25.93 30.63 -6.46
CA SER D 729 27.38 30.73 -6.56
C SER D 729 27.96 31.87 -7.38
N SER D 730 27.43 33.08 -7.26
CA SER D 730 27.85 34.18 -8.12
C SER D 730 27.37 35.49 -7.52
N LYS D 731 27.63 36.58 -8.22
CA LYS D 731 27.04 37.87 -7.91
C LYS D 731 26.22 38.40 -9.07
N GLN D 732 26.20 37.69 -10.19
CA GLN D 732 25.34 38.05 -11.30
C GLN D 732 23.93 37.53 -11.13
N SER D 733 23.78 36.33 -10.56
CA SER D 733 22.51 35.64 -10.51
C SER D 733 21.75 35.90 -9.21
N VAL D 734 21.92 37.07 -8.61
CA VAL D 734 21.16 37.48 -7.43
C VAL D 734 20.75 38.93 -7.63
N TYR D 735 19.45 39.20 -7.54
CA TYR D 735 18.92 40.55 -7.77
C TYR D 735 18.24 41.06 -6.52
N SER D 736 18.70 42.19 -6.00
CA SER D 736 18.08 42.81 -4.85
C SER D 736 16.89 43.65 -5.28
N LEU D 737 16.05 44.00 -4.30
CA LEU D 737 14.73 44.55 -4.59
C LEU D 737 14.37 45.73 -3.69
N GLN D 738 15.21 46.76 -3.67
CA GLN D 738 14.99 47.94 -2.84
C GLN D 738 13.65 48.63 -3.14
N TYR D 739 13.05 49.32 -2.07
CA TYR D 739 11.65 49.72 -2.10
C TYR D 739 11.51 51.20 -2.50
N PRO D 740 10.37 51.63 -3.10
CA PRO D 740 10.46 52.53 -4.26
C PRO D 740 10.48 54.04 -4.05
N THR D 741 11.60 54.67 -4.45
CA THR D 741 11.67 55.85 -5.32
C THR D 741 10.51 56.85 -5.27
N ARG D 742 10.45 57.63 -4.17
CA ARG D 742 9.43 58.64 -3.87
C ARG D 742 8.93 59.48 -5.04
N ASP D 743 9.80 59.83 -5.99
CA ASP D 743 9.31 60.48 -7.20
C ASP D 743 8.87 59.47 -8.25
N SER D 744 8.08 58.49 -7.82
CA SER D 744 7.21 57.69 -8.68
C SER D 744 5.87 57.43 -8.06
N ILE D 745 5.73 57.64 -6.75
CA ILE D 745 4.48 57.38 -6.05
C ILE D 745 3.43 58.41 -6.41
N ILE D 746 3.83 59.59 -6.92
CA ILE D 746 2.84 60.57 -7.34
C ILE D 746 2.16 60.17 -8.63
N ALA D 747 2.72 59.21 -9.36
CA ALA D 747 2.00 58.64 -10.48
C ALA D 747 1.12 57.49 -10.05
N PHE D 748 1.36 56.92 -8.88
CA PHE D 748 0.58 55.77 -8.43
C PHE D 748 -0.84 56.17 -8.07
N PHE D 749 -1.01 57.32 -7.43
CA PHE D 749 -2.32 57.80 -7.05
C PHE D 749 -2.95 58.68 -8.12
N GLN D 750 -2.36 58.73 -9.32
CA GLN D 750 -2.88 59.59 -10.38
C GLN D 750 -4.26 59.20 -10.90
N PRO D 751 -4.65 57.92 -11.04
CA PRO D 751 -6.06 57.66 -11.35
C PRO D 751 -7.03 57.96 -10.22
N ILE D 752 -6.55 58.13 -8.99
CA ILE D 752 -7.46 58.47 -7.91
C ILE D 752 -7.86 59.95 -7.98
N LEU D 753 -6.87 60.82 -8.20
CA LEU D 753 -7.16 62.24 -8.28
C LEU D 753 -7.94 62.60 -9.53
N GLU D 754 -7.86 61.75 -10.56
CA GLU D 754 -8.75 61.86 -11.70
C GLU D 754 -10.15 61.32 -11.41
N LEU D 755 -10.35 60.74 -10.22
CA LEU D 755 -11.67 60.26 -9.83
C LEU D 755 -12.28 61.08 -8.70
N ILE D 756 -11.46 61.72 -7.87
CA ILE D 756 -11.98 62.63 -6.86
C ILE D 756 -12.46 63.92 -7.50
N LYS D 757 -11.95 64.26 -8.67
CA LYS D 757 -12.57 65.28 -9.50
C LYS D 757 -13.96 64.83 -9.89
N ALA D 758 -14.82 65.82 -10.18
CA ALA D 758 -16.27 65.72 -10.01
C ALA D 758 -16.89 64.60 -10.84
N SER D 759 -18.01 64.09 -10.34
CA SER D 759 -18.61 62.86 -10.82
C SER D 759 -20.02 63.11 -11.34
N PRO D 760 -20.16 63.53 -12.60
CA PRO D 760 -21.48 63.68 -13.22
C PRO D 760 -21.92 62.39 -13.88
N THR D 761 -21.93 61.31 -13.10
CA THR D 761 -21.93 59.93 -13.57
C THR D 761 -20.86 59.71 -14.65
N GLU D 762 -19.63 60.12 -14.31
CA GLU D 762 -18.48 59.65 -15.08
C GLU D 762 -18.17 58.20 -14.76
N LEU D 763 -18.35 57.82 -13.50
CA LEU D 763 -18.22 56.42 -13.11
C LEU D 763 -19.41 55.63 -13.65
N PRO D 764 -19.24 54.34 -13.90
CA PRO D 764 -20.37 53.53 -14.39
C PRO D 764 -21.43 53.29 -13.33
N GLY D 765 -22.53 54.01 -13.43
CA GLY D 765 -23.58 53.96 -12.44
C GLY D 765 -24.24 55.30 -12.31
N GLY D 766 -25.07 55.45 -11.28
CA GLY D 766 -25.83 56.65 -11.05
C GLY D 766 -27.12 56.75 -11.85
N ILE D 767 -27.16 56.13 -13.02
CA ILE D 767 -28.32 56.17 -13.89
C ILE D 767 -28.96 54.79 -13.92
N PRO D 768 -30.10 54.59 -13.28
CA PRO D 768 -30.82 53.33 -13.44
C PRO D 768 -31.41 53.23 -14.83
N ARG D 769 -30.58 52.73 -15.74
CA ARG D 769 -30.55 53.03 -17.17
C ARG D 769 -31.88 53.08 -17.94
N LYS D 770 -32.60 51.98 -18.07
CA LYS D 770 -33.81 51.87 -18.88
C LYS D 770 -34.36 50.46 -18.75
N ARG D 771 -35.57 50.26 -19.23
CA ARG D 771 -36.14 48.95 -19.49
C ARG D 771 -36.62 48.92 -20.94
N ARG D 772 -36.16 47.94 -21.70
CA ARG D 772 -36.50 47.88 -23.12
C ARG D 772 -37.92 47.34 -23.31
N VAL D 773 -38.67 47.98 -24.18
CA VAL D 773 -40.00 47.52 -24.56
C VAL D 773 -39.86 46.50 -25.68
N LEU D 774 -40.67 45.44 -25.64
CA LEU D 774 -40.48 44.35 -26.59
C LEU D 774 -41.66 44.21 -27.52
N PRO D 775 -41.42 43.87 -28.80
CA PRO D 775 -42.52 43.60 -29.73
C PRO D 775 -43.19 42.26 -29.48
N GLU D 776 -44.09 41.86 -30.37
CA GLU D 776 -44.97 40.73 -30.12
C GLU D 776 -44.49 39.43 -30.75
N LEU D 777 -43.96 39.47 -31.98
CA LEU D 777 -43.44 38.33 -32.73
C LEU D 777 -44.45 37.19 -32.89
N PRO D 778 -45.42 37.31 -33.79
CA PRO D 778 -46.47 36.29 -33.94
C PRO D 778 -45.99 34.97 -34.52
N LEU D 779 -46.93 34.05 -34.74
CA LEU D 779 -46.60 32.69 -35.15
C LEU D 779 -46.31 32.64 -36.65
N ALA D 780 -46.21 31.42 -37.19
CA ALA D 780 -45.97 31.23 -38.61
C ALA D 780 -46.61 29.93 -39.11
N LEU D 1139 -7.80 71.03 -4.13
CA LEU D 1139 -7.20 69.72 -4.32
C LEU D 1139 -5.71 69.79 -4.02
N THR D 1140 -5.25 70.99 -3.68
CA THR D 1140 -3.84 71.18 -3.36
C THR D 1140 -3.34 70.47 -2.09
N PRO D 1141 -3.97 70.60 -0.90
CA PRO D 1141 -3.23 70.22 0.32
C PRO D 1141 -3.10 68.72 0.54
N LEU D 1142 -4.08 67.92 0.12
CA LEU D 1142 -3.98 66.48 0.40
C LEU D 1142 -2.96 65.78 -0.49
N LYS D 1143 -2.65 66.36 -1.65
CA LYS D 1143 -1.62 65.79 -2.50
C LYS D 1143 -0.25 65.91 -1.84
N GLN D 1144 -0.02 67.03 -1.15
CA GLN D 1144 1.14 67.13 -0.27
C GLN D 1144 1.04 66.12 0.86
N LEU D 1145 -0.16 65.93 1.39
CA LEU D 1145 -0.34 65.06 2.55
C LEU D 1145 -0.10 63.60 2.19
N LEU D 1146 -0.33 63.20 0.95
CA LEU D 1146 -0.04 61.84 0.56
C LEU D 1146 1.46 61.56 0.45
N ILE D 1147 2.29 62.58 0.41
CA ILE D 1147 3.72 62.40 0.26
C ILE D 1147 4.42 62.30 1.61
N ASP D 1148 4.29 63.31 2.46
CA ASP D 1148 5.00 63.26 3.74
C ASP D 1148 4.15 62.60 4.81
N SER D 1149 3.62 61.43 4.48
CA SER D 1149 2.91 60.58 5.42
C SER D 1149 3.29 59.12 5.29
N THR D 1150 3.86 58.69 4.17
CA THR D 1150 4.21 57.28 4.05
C THR D 1150 5.72 57.09 4.07
N THR D 1151 6.40 57.58 3.04
CA THR D 1151 7.84 57.85 2.87
C THR D 1151 8.79 56.69 3.19
N GLY D 1152 8.28 55.57 3.67
CA GLY D 1152 9.08 54.41 3.99
C GLY D 1152 8.26 53.14 3.81
N PHE D 1153 7.06 53.29 3.26
CA PHE D 1153 6.13 52.19 3.15
C PHE D 1153 6.61 51.18 2.12
N THR D 1154 6.21 49.93 2.29
CA THR D 1154 6.40 48.92 1.26
C THR D 1154 5.15 48.83 0.41
N VAL D 1155 5.26 48.11 -0.72
CA VAL D 1155 4.13 48.01 -1.62
C VAL D 1155 3.06 47.09 -1.04
N ASP D 1156 3.43 46.22 -0.09
CA ASP D 1156 2.44 45.37 0.55
C ASP D 1156 1.46 46.18 1.38
N GLN D 1157 1.90 47.31 1.92
CA GLN D 1157 0.97 48.21 2.59
C GLN D 1157 0.56 49.39 1.72
N LEU D 1158 1.25 49.63 0.61
CA LEU D 1158 0.80 50.65 -0.32
C LEU D 1158 -0.49 50.26 -1.02
N LEU D 1159 -0.77 48.96 -1.13
CA LEU D 1159 -2.06 48.56 -1.65
C LEU D 1159 -3.18 48.87 -0.67
N HIS D 1160 -2.87 48.98 0.62
CA HIS D 1160 -3.92 49.17 1.62
C HIS D 1160 -4.54 50.55 1.50
N LEU D 1161 -3.72 51.59 1.34
CA LEU D 1161 -4.27 52.93 1.12
C LEU D 1161 -5.05 53.00 -0.17
N HIS D 1162 -4.57 52.31 -1.21
CA HIS D 1162 -5.31 52.27 -2.46
C HIS D 1162 -6.59 51.47 -2.33
N SER D 1163 -6.65 50.53 -1.40
CA SER D 1163 -7.85 49.75 -1.17
C SER D 1163 -8.65 50.27 0.01
N PHE D 1164 -8.25 51.40 0.60
CA PHE D 1164 -9.04 51.99 1.67
C PHE D 1164 -9.90 53.14 1.15
N LEU D 1165 -9.28 54.14 0.56
CA LEU D 1165 -10.05 55.28 0.07
C LEU D 1165 -10.80 54.98 -1.22
N TYR D 1166 -10.57 53.82 -1.82
CA TYR D 1166 -11.39 53.38 -2.93
C TYR D 1166 -12.80 53.04 -2.49
N GLN D 1167 -12.98 52.67 -1.23
CA GLN D 1167 -14.34 52.48 -0.72
C GLN D 1167 -15.06 53.80 -0.54
N ILE D 1168 -14.32 54.88 -0.27
CA ILE D 1168 -14.95 56.18 -0.04
C ILE D 1168 -15.52 56.71 -1.35
N ILE D 1169 -14.94 56.34 -2.48
CA ILE D 1169 -15.49 56.75 -3.76
C ILE D 1169 -16.78 56.00 -4.06
N TRP D 1170 -16.89 54.75 -3.62
CA TRP D 1170 -18.06 53.95 -3.93
C TRP D 1170 -19.30 54.41 -3.16
N ASN D 1171 -19.12 54.93 -1.94
CA ASN D 1171 -20.27 55.41 -1.18
C ASN D 1171 -20.77 56.76 -1.68
N THR D 1172 -19.94 57.51 -2.37
CA THR D 1172 -20.34 58.81 -2.89
C THR D 1172 -20.45 58.79 -4.41
N LYS D 1173 -21.00 57.70 -4.95
CA LYS D 1173 -21.10 57.53 -6.39
C LYS D 1173 -22.25 58.31 -7.01
N SER D 1174 -23.04 59.02 -6.21
CA SER D 1174 -24.15 59.79 -6.75
C SER D 1174 -24.34 61.18 -6.16
N GLU D 1175 -23.54 61.59 -5.17
CA GLU D 1175 -23.65 62.93 -4.64
C GLU D 1175 -23.15 63.95 -5.66
N TRP D 1176 -23.67 65.18 -5.58
CA TRP D 1176 -23.20 66.27 -6.44
C TRP D 1176 -22.86 67.44 -5.53
N ASN D 1177 -21.66 67.38 -4.93
CA ASN D 1177 -20.96 68.53 -4.35
C ASN D 1177 -19.53 68.11 -4.05
N ARG D 1178 -18.54 68.83 -4.59
CA ARG D 1178 -17.15 68.46 -4.37
C ARG D 1178 -16.41 69.63 -3.74
N ASN D 1179 -16.58 69.79 -2.44
CA ASN D 1179 -15.61 70.45 -1.57
C ASN D 1179 -15.58 69.74 -0.21
N SER D 1180 -16.24 68.60 -0.10
CA SER D 1180 -16.55 67.96 1.17
C SER D 1180 -16.00 66.56 1.29
N VAL D 1181 -15.91 65.82 0.18
CA VAL D 1181 -15.33 64.49 0.22
C VAL D 1181 -13.83 64.56 0.45
N VAL D 1182 -13.20 65.64 0.02
CA VAL D 1182 -11.75 65.77 0.16
C VAL D 1182 -11.34 66.00 1.60
N ASP D 1183 -12.25 66.46 2.46
CA ASP D 1183 -11.95 66.49 3.88
C ASP D 1183 -12.21 65.14 4.52
N GLU D 1184 -13.03 64.30 3.90
CA GLU D 1184 -13.24 62.96 4.43
C GLU D 1184 -12.01 62.09 4.20
N CYS D 1185 -11.46 62.13 2.99
CA CYS D 1185 -10.26 61.34 2.74
C CYS D 1185 -8.99 62.13 3.02
N GLU D 1186 -8.98 62.78 4.18
CA GLU D 1186 -7.75 63.18 4.85
C GLU D 1186 -7.96 62.78 6.30
N ARG D 1187 -9.23 62.73 6.70
CA ARG D 1187 -9.59 62.07 7.94
C ARG D 1187 -9.35 60.57 7.81
N ALA D 1188 -9.53 60.03 6.61
CA ALA D 1188 -9.37 58.60 6.40
C ALA D 1188 -7.92 58.18 6.49
N VAL D 1189 -6.99 59.07 6.19
CA VAL D 1189 -5.58 58.71 6.15
C VAL D 1189 -4.87 59.01 7.47
N LYS D 1190 -5.40 59.93 8.28
CA LYS D 1190 -4.65 60.47 9.40
C LYS D 1190 -4.48 59.49 10.55
N GLU D 1191 -5.24 58.41 10.59
CA GLU D 1191 -5.05 57.40 11.63
C GLU D 1191 -4.45 56.13 11.11
N PHE D 1192 -4.09 56.06 9.81
CA PHE D 1192 -3.60 54.82 9.26
C PHE D 1192 -2.20 54.49 9.77
N MET D 1193 -1.38 55.50 10.04
CA MET D 1193 -0.05 55.25 10.59
C MET D 1193 -0.11 54.72 12.01
N ILE D 1194 -1.19 55.00 12.73
CA ILE D 1194 -1.37 54.55 14.09
C ILE D 1194 -1.64 53.06 14.13
N PRO E 264 4.76 -0.07 -57.35
CA PRO E 264 5.71 0.88 -56.76
C PRO E 264 7.09 0.81 -57.41
N LEU E 265 8.11 0.75 -56.56
CA LEU E 265 9.50 0.65 -57.01
C LEU E 265 10.20 -0.60 -56.52
N GLY E 266 9.94 -1.04 -55.29
CA GLY E 266 10.45 -2.31 -54.80
C GLY E 266 11.93 -2.31 -54.48
N VAL E 267 12.39 -3.48 -54.06
CA VAL E 267 13.81 -3.72 -53.80
C VAL E 267 14.20 -4.99 -54.56
N ASP E 268 15.49 -5.12 -54.84
CA ASP E 268 15.97 -6.21 -55.68
C ASP E 268 16.12 -7.49 -54.87
N SER E 269 15.68 -8.60 -55.45
CA SER E 269 15.81 -9.91 -54.84
C SER E 269 17.06 -10.62 -55.36
N SER E 270 18.21 -9.98 -55.17
CA SER E 270 19.50 -10.52 -55.59
C SER E 270 20.53 -10.29 -54.49
N LEU E 271 20.14 -10.57 -53.26
CA LEU E 271 20.99 -10.38 -52.09
C LEU E 271 21.46 -11.76 -51.64
N SER E 272 22.75 -12.04 -51.81
CA SER E 272 23.31 -13.35 -51.49
C SER E 272 24.52 -13.16 -50.59
N PHE E 273 24.28 -13.05 -49.27
CA PHE E 273 25.26 -12.99 -48.21
C PHE E 273 26.23 -11.83 -48.31
N GLU E 274 25.98 -10.86 -49.19
CA GLU E 274 26.88 -9.75 -49.37
C GLU E 274 26.37 -8.48 -48.71
N SER E 275 25.07 -8.36 -48.52
CA SER E 275 24.51 -7.21 -47.84
C SER E 275 24.31 -7.50 -46.35
N VAL E 276 25.34 -8.02 -45.70
CA VAL E 276 25.36 -8.25 -44.26
C VAL E 276 26.74 -7.85 -43.77
N GLY E 277 26.80 -6.84 -42.92
CA GLY E 277 28.07 -6.32 -42.44
C GLY E 277 28.27 -6.63 -40.97
N GLY E 278 29.54 -6.78 -40.59
CA GLY E 278 29.89 -6.92 -39.20
C GLY E 278 29.55 -8.24 -38.56
N LEU E 279 29.15 -9.23 -39.34
CA LEU E 279 28.82 -10.55 -38.81
C LEU E 279 29.50 -11.58 -39.72
N ASP E 280 30.54 -12.21 -39.23
CA ASP E 280 31.23 -13.23 -40.00
C ASP E 280 31.41 -14.53 -39.26
N ASN E 281 31.36 -14.54 -37.94
CA ASN E 281 31.39 -15.79 -37.21
C ASN E 281 30.14 -16.60 -37.46
N TYR E 282 28.99 -15.93 -37.55
CA TYR E 282 27.74 -16.67 -37.65
C TYR E 282 27.50 -17.17 -39.07
N ILE E 283 28.09 -16.53 -40.07
CA ILE E 283 27.89 -16.97 -41.44
C ILE E 283 28.57 -18.31 -41.68
N ASN E 284 29.76 -18.49 -41.11
CA ASN E 284 30.45 -19.77 -41.26
C ASN E 284 29.75 -20.90 -40.53
N GLN E 285 29.19 -20.62 -39.35
CA GLN E 285 28.49 -21.68 -38.62
C GLN E 285 27.17 -22.01 -39.29
N LEU E 286 26.56 -21.05 -39.96
CA LEU E 286 25.33 -21.30 -40.68
C LEU E 286 25.60 -22.06 -41.98
N LYS E 287 26.80 -21.90 -42.54
CA LYS E 287 27.19 -22.63 -43.73
C LYS E 287 27.53 -24.08 -43.46
N GLU E 288 27.68 -24.45 -42.19
CA GLU E 288 27.94 -25.84 -41.82
C GLU E 288 26.68 -26.62 -41.53
N MET E 289 25.53 -26.15 -42.00
CA MET E 289 24.28 -26.87 -41.75
C MET E 289 23.47 -27.15 -43.00
N VAL E 290 23.46 -26.25 -43.97
CA VAL E 290 22.66 -26.45 -45.16
C VAL E 290 23.51 -26.68 -46.41
N MET E 291 24.75 -26.20 -46.44
CA MET E 291 25.56 -26.27 -47.65
C MET E 291 26.56 -27.40 -47.61
N LEU E 292 27.14 -27.67 -46.47
CA LEU E 292 28.15 -28.71 -46.41
C LEU E 292 27.81 -29.85 -45.43
N PRO E 293 26.56 -30.34 -45.37
CA PRO E 293 26.41 -31.79 -45.25
C PRO E 293 26.03 -32.40 -46.58
N LEU E 294 25.70 -31.56 -47.56
CA LEU E 294 25.15 -32.04 -48.82
C LEU E 294 26.17 -32.18 -49.92
N LEU E 295 27.07 -31.22 -50.05
CA LEU E 295 28.11 -31.31 -51.06
C LEU E 295 29.15 -32.36 -50.72
N TYR E 296 29.24 -32.75 -49.46
CA TYR E 296 30.23 -33.75 -49.03
C TYR E 296 29.62 -34.66 -47.98
N PRO E 297 28.68 -35.53 -48.37
CA PRO E 297 28.09 -36.42 -47.38
C PRO E 297 29.00 -37.56 -46.99
N GLU E 298 30.07 -37.82 -47.75
CA GLU E 298 30.88 -39.00 -47.48
C GLU E 298 31.79 -38.83 -46.28
N ILE E 299 31.93 -37.63 -45.76
CA ILE E 299 32.80 -37.38 -44.62
C ILE E 299 32.01 -37.13 -43.34
N PHE E 300 30.78 -37.64 -43.27
CA PHE E 300 30.00 -37.53 -42.05
C PHE E 300 29.60 -38.87 -41.48
N GLN E 301 29.45 -39.90 -42.32
CA GLN E 301 29.40 -41.25 -41.79
C GLN E 301 30.78 -41.78 -41.45
N ARG E 302 31.84 -41.11 -41.90
CA ARG E 302 33.20 -41.46 -41.50
C ARG E 302 33.43 -41.16 -40.02
N PHE E 303 32.64 -40.26 -39.46
CA PHE E 303 32.57 -40.10 -38.02
C PHE E 303 31.26 -40.61 -37.44
N ASN E 304 30.32 -41.01 -38.30
CA ASN E 304 29.01 -41.54 -37.92
C ASN E 304 28.23 -40.54 -37.07
N MET E 305 27.91 -39.39 -37.68
CA MET E 305 27.29 -38.31 -36.92
C MET E 305 26.21 -37.59 -37.69
N GLN E 306 25.45 -36.82 -36.93
CA GLN E 306 24.17 -36.12 -37.10
C GLN E 306 24.09 -34.88 -37.98
N PRO E 307 25.20 -34.24 -38.35
CA PRO E 307 25.47 -32.80 -38.00
C PRO E 307 24.25 -31.94 -37.77
N PRO E 308 24.27 -31.13 -36.70
CA PRO E 308 23.03 -30.70 -36.04
C PRO E 308 22.23 -29.70 -36.85
N ARG E 309 20.94 -29.62 -36.51
CA ARG E 309 19.97 -28.83 -37.25
C ARG E 309 19.10 -28.06 -36.26
N GLY E 310 19.31 -26.74 -36.17
CA GLY E 310 18.54 -25.90 -35.26
C GLY E 310 19.28 -24.68 -34.74
N VAL E 311 18.59 -23.56 -34.56
CA VAL E 311 19.20 -22.26 -34.29
C VAL E 311 18.17 -21.38 -33.57
N LEU E 312 18.61 -20.65 -32.55
CA LEU E 312 17.87 -19.48 -32.06
C LEU E 312 18.48 -18.20 -32.60
N PHE E 313 17.64 -17.16 -32.66
CA PHE E 313 18.07 -15.79 -32.93
C PHE E 313 17.50 -14.90 -31.84
N HIS E 314 18.35 -14.40 -30.94
CA HIS E 314 17.84 -13.53 -29.88
C HIS E 314 18.72 -12.31 -29.70
N GLY E 315 18.08 -11.17 -29.44
CA GLY E 315 18.77 -9.93 -29.20
C GLY E 315 17.84 -8.73 -29.13
N PRO E 316 18.42 -7.53 -29.07
CA PRO E 316 17.61 -6.32 -29.04
C PRO E 316 17.00 -6.06 -30.40
N PRO E 317 15.98 -5.21 -30.52
CA PRO E 317 15.27 -5.09 -31.80
C PRO E 317 16.10 -4.38 -32.85
N GLY E 318 16.20 -4.98 -34.03
CA GLY E 318 16.81 -4.23 -35.11
C GLY E 318 18.30 -4.38 -35.17
N THR E 319 18.77 -5.62 -35.25
CA THR E 319 20.20 -5.87 -35.29
C THR E 319 20.59 -6.93 -36.31
N GLY E 320 19.72 -7.23 -37.27
CA GLY E 320 20.09 -8.18 -38.28
C GLY E 320 19.58 -9.59 -38.04
N LYS E 321 18.28 -9.79 -37.78
CA LYS E 321 17.82 -11.17 -37.69
C LYS E 321 17.14 -11.59 -38.99
N THR E 322 16.08 -10.90 -39.35
CA THR E 322 15.75 -10.87 -40.76
C THR E 322 16.80 -10.04 -41.49
N LEU E 323 16.94 -10.27 -42.80
CA LEU E 323 18.12 -9.93 -43.61
C LEU E 323 19.35 -10.67 -43.10
N MET E 324 19.13 -11.76 -42.38
CA MET E 324 20.03 -12.88 -42.26
C MET E 324 19.32 -14.18 -42.58
N ALA E 325 18.08 -14.32 -42.11
CA ALA E 325 17.25 -15.43 -42.56
C ALA E 325 16.76 -15.21 -43.97
N ARG E 326 16.53 -13.95 -44.34
CA ARG E 326 16.09 -13.65 -45.70
C ARG E 326 17.21 -13.92 -46.70
N ALA E 327 18.44 -13.58 -46.34
CA ALA E 327 19.56 -13.76 -47.25
C ALA E 327 19.92 -15.23 -47.40
N LEU E 328 19.62 -16.05 -46.39
CA LEU E 328 19.93 -17.46 -46.48
C LEU E 328 19.06 -18.15 -47.52
N ALA E 329 17.81 -17.71 -47.66
CA ALA E 329 16.94 -18.32 -48.65
C ALA E 329 17.35 -17.94 -50.06
N ALA E 330 17.74 -16.69 -50.26
CA ALA E 330 18.16 -16.26 -51.59
C ALA E 330 19.52 -16.85 -51.95
N ALA E 331 20.34 -17.17 -50.94
CA ALA E 331 21.64 -17.76 -51.24
C ALA E 331 21.55 -19.25 -51.50
N CYS E 332 20.44 -19.88 -51.12
CA CYS E 332 20.29 -21.30 -51.43
C CYS E 332 19.41 -21.53 -52.63
N SER E 333 18.40 -20.68 -52.85
CA SER E 333 17.54 -20.86 -54.01
C SER E 333 18.24 -20.46 -55.31
N SER E 334 19.15 -19.50 -55.23
CA SER E 334 19.89 -19.08 -56.41
C SER E 334 21.23 -19.79 -56.55
N GLU E 335 21.60 -20.62 -55.59
CA GLU E 335 22.84 -21.38 -55.70
C GLU E 335 22.70 -22.47 -56.75
N ASN E 336 21.83 -23.44 -56.50
CA ASN E 336 21.74 -24.64 -57.31
C ASN E 336 20.50 -25.39 -56.86
N LYS E 337 19.87 -26.10 -57.79
CA LYS E 337 18.65 -26.84 -57.51
C LYS E 337 18.90 -28.02 -56.56
N LYS E 338 17.97 -28.27 -55.64
CA LYS E 338 16.81 -27.45 -55.33
C LYS E 338 16.72 -27.44 -53.82
N VAL E 339 15.99 -26.48 -53.24
CA VAL E 339 15.68 -26.53 -51.82
C VAL E 339 14.27 -25.97 -51.65
N SER E 340 13.64 -26.30 -50.53
CA SER E 340 12.31 -25.82 -50.25
C SER E 340 12.28 -25.22 -48.85
N PHE E 341 11.40 -24.24 -48.66
CA PHE E 341 11.31 -23.55 -47.39
C PHE E 341 9.89 -23.04 -47.19
N TYR E 342 9.49 -22.93 -45.93
CA TYR E 342 8.14 -22.56 -45.56
C TYR E 342 8.18 -21.32 -44.69
N MET E 343 7.56 -20.24 -45.16
CA MET E 343 7.37 -19.07 -44.32
C MET E 343 6.34 -19.37 -43.25
N ARG E 344 6.41 -18.59 -42.17
CA ARG E 344 5.44 -18.72 -41.08
C ARG E 344 5.44 -17.42 -40.30
N LYS E 345 4.25 -16.97 -39.92
CA LYS E 345 4.11 -15.76 -39.12
C LYS E 345 4.15 -16.12 -37.65
N GLY E 346 3.75 -15.20 -36.77
CA GLY E 346 3.84 -15.36 -35.34
C GLY E 346 3.07 -16.53 -34.75
N ALA E 347 1.75 -16.49 -34.85
CA ALA E 347 0.92 -17.59 -34.34
C ALA E 347 -0.34 -17.63 -35.20
N ASP E 348 -0.36 -18.54 -36.16
CA ASP E 348 -1.51 -18.71 -37.06
C ASP E 348 -2.10 -20.10 -37.00
N CYS E 349 -1.56 -20.96 -36.15
CA CYS E 349 -1.92 -22.37 -36.12
C CYS E 349 -2.94 -22.67 -35.04
N LEU E 350 -3.87 -21.75 -34.79
CA LEU E 350 -4.90 -21.98 -33.78
C LEU E 350 -6.17 -21.25 -34.20
N SER E 351 -7.31 -21.90 -34.00
CA SER E 351 -8.58 -21.36 -34.45
C SER E 351 -9.68 -21.82 -33.50
N LYS E 352 -10.93 -21.69 -33.95
CA LYS E 352 -12.09 -21.76 -33.06
C LYS E 352 -12.38 -23.17 -32.58
N TRP E 353 -12.42 -24.13 -33.49
CA TRP E 353 -12.90 -25.46 -33.15
C TRP E 353 -11.84 -26.22 -32.33
N VAL E 354 -12.22 -27.41 -31.88
CA VAL E 354 -11.53 -28.03 -30.75
C VAL E 354 -10.16 -28.57 -31.14
N GLY E 355 -10.12 -29.61 -31.95
CA GLY E 355 -8.82 -30.03 -32.41
C GLY E 355 -8.58 -29.77 -33.88
N GLU E 356 -7.98 -28.64 -34.18
CA GLU E 356 -7.32 -28.44 -35.45
C GLU E 356 -6.07 -27.59 -35.30
N ALA E 357 -5.79 -27.09 -34.10
CA ALA E 357 -4.52 -26.45 -33.84
C ALA E 357 -3.39 -27.45 -33.94
N GLU E 358 -3.65 -28.70 -33.61
CA GLU E 358 -2.68 -29.77 -33.70
C GLU E 358 -2.77 -30.50 -35.02
N ARG E 359 -3.89 -30.35 -35.74
CA ARG E 359 -4.00 -30.99 -37.05
C ARG E 359 -3.15 -30.27 -38.09
N GLN E 360 -3.14 -28.93 -38.04
CA GLN E 360 -2.36 -28.18 -39.00
C GLN E 360 -0.87 -28.28 -38.71
N LEU E 361 -0.49 -28.54 -37.45
CA LEU E 361 0.92 -28.76 -37.17
C LEU E 361 1.37 -30.13 -37.66
N ARG E 362 0.50 -31.14 -37.55
CA ARG E 362 0.88 -32.46 -38.03
C ARG E 362 0.89 -32.51 -39.55
N LEU E 363 0.09 -31.65 -40.19
CA LEU E 363 0.14 -31.56 -41.65
C LEU E 363 1.43 -30.88 -42.10
N LEU E 364 2.01 -30.06 -41.23
CA LEU E 364 3.16 -29.25 -41.63
C LEU E 364 4.42 -30.08 -41.71
N PHE E 365 4.76 -30.80 -40.64
CA PHE E 365 5.98 -31.59 -40.64
C PHE E 365 5.88 -32.77 -41.59
N GLU E 366 4.68 -33.30 -41.81
CA GLU E 366 4.49 -34.38 -42.77
C GLU E 366 4.72 -33.91 -44.19
N GLU E 367 4.28 -32.69 -44.50
CA GLU E 367 4.50 -32.15 -45.83
C GLU E 367 5.96 -31.80 -46.05
N ALA E 368 6.67 -31.42 -44.99
CA ALA E 368 8.08 -31.11 -45.14
C ALA E 368 8.92 -32.37 -45.30
N LYS E 369 8.46 -33.47 -44.70
CA LYS E 369 9.22 -34.72 -44.77
C LYS E 369 9.18 -35.33 -46.16
N SER E 370 8.17 -34.99 -46.95
CA SER E 370 8.10 -35.50 -48.32
C SER E 370 8.95 -34.70 -49.29
N THR E 371 9.69 -33.71 -48.82
CA THR E 371 10.49 -32.82 -49.65
C THR E 371 11.88 -32.66 -49.05
N GLN E 372 12.52 -33.80 -48.77
CA GLN E 372 13.61 -34.04 -47.81
C GLN E 372 14.68 -32.98 -47.58
N PRO E 373 15.22 -32.26 -48.58
CA PRO E 373 16.03 -31.10 -48.21
C PRO E 373 15.15 -29.89 -47.97
N SER E 374 14.96 -29.48 -46.71
CA SER E 374 14.02 -28.40 -46.42
C SER E 374 14.37 -27.75 -45.08
N ILE E 375 14.02 -26.46 -44.96
CA ILE E 375 14.15 -25.69 -43.74
C ILE E 375 12.83 -24.99 -43.46
N ILE E 376 12.66 -24.54 -42.21
CA ILE E 376 11.40 -23.94 -41.76
C ILE E 376 11.72 -22.67 -40.97
N PHE E 377 11.14 -21.55 -41.37
CA PHE E 377 11.32 -20.28 -40.67
C PHE E 377 10.19 -20.08 -39.68
N PHE E 378 10.51 -20.11 -38.38
CA PHE E 378 9.59 -19.66 -37.34
C PHE E 378 9.96 -18.24 -36.96
N ASP E 379 8.99 -17.33 -36.97
CA ASP E 379 9.25 -15.93 -36.68
C ASP E 379 8.38 -15.46 -35.54
N GLN E 380 8.99 -14.79 -34.57
CA GLN E 380 8.37 -14.33 -33.31
C GLN E 380 7.72 -15.50 -32.57
N ILE E 381 8.59 -16.39 -32.09
CA ILE E 381 8.13 -17.65 -31.52
C ILE E 381 7.48 -17.48 -30.15
N ASP E 382 7.58 -16.30 -29.54
CA ASP E 382 6.98 -16.06 -28.24
C ASP E 382 5.47 -15.99 -28.30
N GLY E 383 4.90 -15.80 -29.48
CA GLY E 383 3.47 -15.90 -29.60
C GLY E 383 2.96 -17.32 -29.71
N LEU E 384 3.86 -18.28 -29.80
CA LEU E 384 3.49 -19.67 -30.09
C LEU E 384 3.72 -20.61 -28.93
N ALA E 385 4.88 -20.55 -28.27
CA ALA E 385 5.24 -21.50 -27.23
C ALA E 385 5.67 -20.77 -25.97
N PRO E 386 4.74 -20.34 -25.15
CA PRO E 386 5.10 -19.74 -23.86
C PRO E 386 5.43 -20.85 -22.86
N VAL E 387 5.78 -20.43 -21.65
CA VAL E 387 6.14 -21.38 -20.60
C VAL E 387 4.89 -22.13 -20.15
N ARG E 388 4.97 -23.45 -20.13
CA ARG E 388 3.87 -24.31 -19.71
C ARG E 388 3.60 -24.10 -18.23
N SER E 389 2.50 -23.41 -17.92
CA SER E 389 2.10 -23.19 -16.53
C SER E 389 0.60 -23.32 -16.41
N SER E 390 0.14 -23.60 -15.20
CA SER E 390 -1.27 -23.83 -14.92
C SER E 390 -2.05 -22.56 -14.69
N LYS E 391 -1.42 -21.39 -14.76
CA LYS E 391 -2.10 -20.12 -14.60
C LYS E 391 -2.66 -19.58 -15.91
N GLN E 392 -2.51 -20.34 -16.99
CA GLN E 392 -3.01 -19.91 -18.29
C GLN E 392 -3.85 -21.04 -18.85
N GLU E 393 -4.75 -20.69 -19.78
CA GLU E 393 -5.68 -21.66 -20.34
C GLU E 393 -4.91 -22.65 -21.21
N GLN E 394 -5.28 -23.93 -21.15
CA GLN E 394 -4.37 -24.99 -21.57
C GLN E 394 -4.49 -25.35 -23.05
N ILE E 395 -5.05 -24.48 -23.87
CA ILE E 395 -4.84 -24.72 -25.29
C ILE E 395 -3.44 -24.26 -25.68
N HIS E 396 -2.85 -23.34 -24.91
CA HIS E 396 -1.48 -22.93 -25.18
C HIS E 396 -0.50 -23.94 -24.64
N ALA E 397 -0.85 -24.63 -23.58
CA ALA E 397 0.01 -25.71 -23.09
C ALA E 397 -0.14 -26.96 -23.94
N SER E 398 -1.16 -27.02 -24.80
CA SER E 398 -1.35 -28.22 -25.60
C SER E 398 -0.54 -28.16 -26.87
N ILE E 399 -0.56 -27.02 -27.58
CA ILE E 399 0.10 -26.96 -28.88
C ILE E 399 1.60 -26.79 -28.73
N VAL E 400 2.10 -26.53 -27.52
CA VAL E 400 3.54 -26.64 -27.34
C VAL E 400 3.92 -28.10 -27.11
N SER E 401 3.02 -28.89 -26.51
CA SER E 401 3.38 -30.25 -26.13
C SER E 401 3.43 -31.16 -27.35
N THR E 402 2.53 -30.97 -28.30
CA THR E 402 2.63 -31.72 -29.54
C THR E 402 3.78 -31.24 -30.41
N LEU E 403 4.23 -30.01 -30.18
CA LEU E 403 5.42 -29.54 -30.86
C LEU E 403 6.69 -29.96 -30.14
N LEU E 404 6.60 -30.25 -28.84
CA LEU E 404 7.72 -30.86 -28.14
C LEU E 404 8.01 -32.27 -28.64
N ALA E 405 6.99 -32.99 -29.07
CA ALA E 405 7.16 -34.38 -29.49
C ALA E 405 7.35 -34.52 -30.99
N LEU E 406 6.98 -33.51 -31.77
CA LEU E 406 7.11 -33.62 -33.21
C LEU E 406 8.53 -33.34 -33.68
N MET E 407 9.33 -32.66 -32.87
CA MET E 407 10.69 -32.34 -33.29
C MET E 407 11.58 -33.57 -33.19
N ASP E 408 11.45 -34.33 -32.11
CA ASP E 408 12.27 -35.52 -31.88
C ASP E 408 11.44 -36.54 -31.12
N GLY E 409 10.80 -37.45 -31.83
CA GLY E 409 9.96 -38.44 -31.20
C GLY E 409 10.47 -39.85 -31.38
N MET E 410 9.55 -40.81 -31.48
CA MET E 410 9.93 -42.21 -31.61
C MET E 410 10.48 -42.53 -33.00
N GLU E 411 10.21 -41.69 -33.98
CA GLU E 411 10.76 -41.86 -35.32
C GLU E 411 11.44 -40.57 -35.74
N SER E 412 12.53 -40.68 -36.49
CA SER E 412 13.28 -39.52 -36.91
C SER E 412 12.47 -38.67 -37.88
N ARG E 413 12.67 -37.36 -37.80
CA ARG E 413 11.87 -36.43 -38.58
C ARG E 413 12.37 -36.23 -39.99
N GLY E 414 13.58 -36.68 -40.31
CA GLY E 414 14.15 -36.37 -41.60
C GLY E 414 15.02 -35.13 -41.53
N GLN E 415 15.38 -34.63 -42.72
CA GLN E 415 16.33 -33.53 -42.80
C GLN E 415 15.57 -32.21 -42.93
N VAL E 416 14.96 -31.81 -41.82
CA VAL E 416 14.28 -30.52 -41.74
C VAL E 416 14.91 -29.69 -40.63
N ILE E 417 15.31 -28.47 -40.96
CA ILE E 417 16.05 -27.60 -40.07
C ILE E 417 15.12 -26.47 -39.62
N ILE E 418 15.19 -26.14 -38.33
CA ILE E 418 14.26 -25.20 -37.72
C ILE E 418 15.03 -23.95 -37.30
N ILE E 419 14.44 -22.79 -37.52
CA ILE E 419 15.06 -21.50 -37.25
C ILE E 419 14.01 -20.62 -36.57
N GLY E 420 14.37 -20.06 -35.41
CA GLY E 420 13.46 -19.22 -34.66
C GLY E 420 14.04 -17.84 -34.41
N ALA E 421 13.16 -16.86 -34.29
CA ALA E 421 13.54 -15.48 -34.01
C ALA E 421 12.80 -15.01 -32.77
N THR E 422 13.47 -14.24 -31.93
CA THR E 422 12.93 -13.92 -30.62
C THR E 422 13.54 -12.61 -30.14
N ASN E 423 12.71 -11.72 -29.56
CA ASN E 423 13.24 -10.56 -28.89
C ASN E 423 13.61 -10.86 -27.44
N ARG E 424 12.77 -11.59 -26.74
CA ARG E 424 13.00 -11.90 -25.33
C ARG E 424 13.19 -13.39 -25.10
N PRO E 425 14.41 -13.88 -25.03
CA PRO E 425 14.62 -15.34 -25.09
C PRO E 425 14.43 -16.03 -23.75
N ASP E 426 13.37 -15.69 -23.04
CA ASP E 426 13.15 -16.27 -21.74
C ASP E 426 11.72 -16.70 -21.54
N ALA E 427 10.80 -16.29 -22.39
CA ALA E 427 9.41 -16.69 -22.26
C ALA E 427 9.10 -18.01 -22.93
N VAL E 428 10.05 -18.60 -23.66
CA VAL E 428 9.80 -19.91 -24.26
C VAL E 428 10.03 -21.00 -23.22
N ASP E 429 9.57 -22.20 -23.55
CA ASP E 429 9.68 -23.32 -22.63
C ASP E 429 11.12 -23.81 -22.58
N PRO E 430 11.66 -24.07 -21.39
CA PRO E 430 13.03 -24.57 -21.29
C PRO E 430 13.22 -25.98 -21.81
N ALA E 431 12.14 -26.75 -21.96
CA ALA E 431 12.25 -28.06 -22.59
C ALA E 431 12.33 -27.97 -24.10
N LEU E 432 12.28 -26.79 -24.67
CA LEU E 432 12.47 -26.60 -26.10
C LEU E 432 13.90 -26.22 -26.45
N ARG E 433 14.69 -25.71 -25.51
CA ARG E 433 16.06 -25.32 -25.76
C ARG E 433 17.06 -26.44 -25.49
N ARG E 434 16.58 -27.67 -25.39
CA ARG E 434 17.46 -28.80 -25.20
C ARG E 434 18.26 -29.07 -26.48
N PRO E 435 19.51 -29.50 -26.35
CA PRO E 435 20.29 -29.86 -27.54
C PRO E 435 19.73 -31.09 -28.23
N GLY E 436 19.38 -30.93 -29.50
CA GLY E 436 18.68 -31.97 -30.23
C GLY E 436 17.44 -31.39 -30.87
N ARG E 437 16.89 -30.35 -30.26
CA ARG E 437 15.78 -29.59 -30.81
C ARG E 437 16.18 -28.20 -31.28
N PHE E 438 17.09 -27.53 -30.59
CA PHE E 438 17.53 -26.22 -31.07
C PHE E 438 19.04 -26.04 -31.05
N ASP E 439 19.75 -26.74 -30.17
CA ASP E 439 21.16 -27.10 -30.35
C ASP E 439 22.19 -25.97 -30.36
N ARG E 440 21.75 -24.71 -30.45
CA ARG E 440 22.64 -23.63 -30.85
C ARG E 440 21.99 -22.27 -30.63
N GLU E 441 22.67 -21.34 -29.96
CA GLU E 441 22.12 -20.03 -29.70
C GLU E 441 23.08 -18.96 -30.18
N PHE E 442 22.56 -17.94 -30.86
CA PHE E 442 23.34 -16.80 -31.31
C PHE E 442 22.93 -15.56 -30.54
N TYR E 443 23.69 -14.48 -30.70
CA TYR E 443 23.40 -13.24 -30.00
C TYR E 443 23.99 -12.08 -30.80
N PHE E 444 23.13 -11.17 -31.26
CA PHE E 444 23.57 -10.09 -32.13
C PHE E 444 23.74 -8.82 -31.31
N PRO E 445 24.95 -8.41 -30.98
CA PRO E 445 25.13 -7.44 -29.91
C PRO E 445 25.24 -5.97 -30.31
N LEU E 446 24.29 -5.43 -31.09
CA LEU E 446 24.10 -4.00 -31.32
C LEU E 446 25.36 -3.29 -31.83
N PRO E 447 25.69 -3.42 -33.14
CA PRO E 447 27.07 -3.28 -33.67
C PRO E 447 27.98 -2.20 -33.12
N ASP E 448 29.19 -2.59 -32.72
CA ASP E 448 29.92 -1.86 -31.68
C ASP E 448 30.71 -0.65 -32.16
N ARG E 449 31.83 -0.87 -32.85
CA ARG E 449 32.60 0.26 -33.37
C ARG E 449 32.98 0.08 -34.83
N ASP E 450 33.58 -1.05 -35.14
CA ASP E 450 34.14 -1.27 -36.47
C ASP E 450 33.13 -1.90 -37.41
N ALA E 451 32.09 -2.52 -36.87
CA ALA E 451 31.03 -3.04 -37.70
C ALA E 451 30.23 -1.92 -38.35
N ARG E 452 30.19 -0.75 -37.71
CA ARG E 452 29.46 0.36 -38.30
C ARG E 452 30.21 0.97 -39.49
N LYS E 453 31.49 0.65 -39.64
CA LYS E 453 32.21 1.11 -40.81
C LYS E 453 31.72 0.40 -42.06
N LYS E 454 31.43 -0.89 -41.96
CA LYS E 454 30.94 -1.62 -43.12
C LYS E 454 29.43 -1.48 -43.29
N ILE E 455 28.69 -1.39 -42.19
CA ILE E 455 27.24 -1.32 -42.28
C ILE E 455 26.78 0.04 -42.77
N ILE E 456 27.64 1.06 -42.73
CA ILE E 456 27.38 2.33 -43.40
C ILE E 456 27.87 2.29 -44.84
N GLU E 457 28.67 1.30 -45.20
CA GLU E 457 29.25 1.23 -46.54
C GLU E 457 28.42 0.37 -47.48
N ILE E 458 27.78 -0.67 -46.97
CA ILE E 458 26.95 -1.53 -47.79
C ILE E 458 25.75 -0.77 -48.32
N HIS E 459 25.08 -0.03 -47.43
CA HIS E 459 23.87 0.68 -47.81
C HIS E 459 24.13 1.86 -48.73
N THR E 460 25.35 2.37 -48.78
CA THR E 460 25.77 3.26 -49.87
C THR E 460 26.69 2.52 -50.84
N ARG E 461 26.10 1.64 -51.65
CA ARG E 461 26.74 1.16 -52.87
C ARG E 461 26.18 2.08 -53.93
N ASN E 462 27.01 3.01 -54.36
CA ASN E 462 26.68 4.40 -54.14
C ASN E 462 26.44 5.14 -55.44
N TRP E 463 26.30 6.44 -55.27
CA TRP E 463 25.88 7.42 -56.24
C TRP E 463 27.08 7.93 -57.03
N ASP E 464 26.80 8.64 -58.11
CA ASP E 464 27.81 8.97 -59.10
C ASP E 464 28.90 9.92 -58.58
N PRO E 465 28.63 10.83 -57.66
CA PRO E 465 29.71 11.33 -56.79
C PRO E 465 29.92 10.41 -55.60
N PRO E 466 30.80 9.42 -55.70
CA PRO E 466 30.92 8.41 -54.65
C PRO E 466 31.42 9.01 -53.34
N VAL E 467 30.90 8.47 -52.25
CA VAL E 467 31.11 9.07 -50.92
C VAL E 467 32.57 8.91 -50.51
N PRO E 468 33.25 9.98 -50.12
CA PRO E 468 34.69 9.88 -49.84
C PRO E 468 34.95 9.10 -48.57
N GLU E 469 36.14 8.52 -48.51
CA GLU E 469 36.47 7.58 -47.46
C GLU E 469 36.73 8.26 -46.12
N TRP E 470 37.02 9.55 -46.12
CA TRP E 470 37.47 10.17 -44.89
C TRP E 470 36.34 10.48 -43.92
N LEU E 471 35.08 10.41 -44.33
CA LEU E 471 34.01 10.57 -43.37
C LEU E 471 33.45 9.24 -42.91
N CYS E 472 34.03 8.13 -43.35
CA CYS E 472 33.73 6.81 -42.81
C CYS E 472 35.08 6.12 -42.64
N SER E 473 35.66 6.17 -41.45
CA SER E 473 34.95 6.42 -40.21
C SER E 473 35.07 7.82 -39.64
N MET E 474 34.03 8.60 -39.83
CA MET E 474 33.69 9.72 -38.96
C MET E 474 32.25 9.62 -38.48
N LEU E 475 31.37 9.08 -39.31
CA LEU E 475 30.02 8.75 -38.86
C LEU E 475 30.01 7.55 -37.95
N ALA E 476 31.04 6.71 -38.00
CA ALA E 476 31.12 5.62 -37.03
C ALA E 476 31.47 6.14 -35.64
N GLU E 477 32.23 7.23 -35.56
CA GLU E 477 32.61 7.75 -34.26
C GLU E 477 31.48 8.49 -33.58
N LYS E 478 30.65 9.19 -34.37
CA LYS E 478 29.54 9.92 -33.78
C LYS E 478 28.43 8.99 -33.34
N SER E 479 28.25 7.89 -34.06
CA SER E 479 27.27 6.89 -33.68
C SER E 479 27.74 6.13 -32.45
N LYS E 480 26.87 6.02 -31.44
CA LYS E 480 27.22 5.30 -30.23
C LYS E 480 26.05 4.44 -29.77
N GLY E 481 25.52 3.61 -30.66
CA GLY E 481 24.44 2.76 -30.23
C GLY E 481 23.24 2.82 -31.14
N TYR E 482 23.46 3.21 -32.38
CA TYR E 482 22.39 3.25 -33.36
C TYR E 482 21.90 1.84 -33.67
N GLY E 483 22.75 1.03 -34.28
CA GLY E 483 22.34 -0.30 -34.70
C GLY E 483 22.09 -0.38 -36.18
N GLY E 484 21.72 -1.59 -36.61
CA GLY E 484 21.62 -1.87 -38.03
C GLY E 484 20.38 -1.33 -38.69
N ALA E 485 19.31 -1.12 -37.94
CA ALA E 485 18.06 -0.69 -38.55
C ALA E 485 18.08 0.79 -38.88
N ASP E 486 18.46 1.62 -37.91
CA ASP E 486 18.37 3.05 -38.08
C ASP E 486 19.52 3.66 -38.86
N LEU E 487 20.59 2.92 -39.09
CA LEU E 487 21.67 3.48 -39.89
C LEU E 487 21.30 3.56 -41.35
N ARG E 488 20.36 2.73 -41.80
CA ARG E 488 19.77 2.97 -43.11
C ARG E 488 18.88 4.20 -43.10
N ALA E 489 18.27 4.50 -41.95
CA ALA E 489 17.41 5.67 -41.87
C ALA E 489 18.24 6.96 -41.89
N LEU E 490 19.49 6.90 -41.42
CA LEU E 490 20.34 8.08 -41.48
C LEU E 490 20.71 8.40 -42.92
N CYS E 491 21.02 7.38 -43.71
CA CYS E 491 21.44 7.62 -45.08
C CYS E 491 20.28 8.01 -45.96
N THR E 492 19.10 7.44 -45.71
CA THR E 492 17.95 7.84 -46.51
C THR E 492 17.38 9.18 -46.07
N GLU E 493 17.80 9.72 -44.93
CA GLU E 493 17.33 11.04 -44.53
C GLU E 493 18.13 12.13 -45.21
N ALA E 494 19.45 11.99 -45.23
CA ALA E 494 20.30 13.02 -45.81
C ALA E 494 20.15 13.06 -47.32
N ALA E 495 19.87 11.91 -47.93
CA ALA E 495 19.62 11.90 -49.36
C ALA E 495 18.31 12.60 -49.68
N LEU E 496 17.30 12.40 -48.84
CA LEU E 496 16.03 13.07 -49.04
C LEU E 496 16.14 14.55 -48.71
N ASN E 497 17.12 14.93 -47.90
CA ASN E 497 17.33 16.35 -47.63
C ASN E 497 17.97 17.05 -48.82
N SER E 498 18.66 16.30 -49.68
CA SER E 498 19.37 16.94 -50.78
C SER E 498 18.40 17.31 -51.90
N ILE E 499 17.31 16.58 -52.03
CA ILE E 499 16.29 16.91 -53.02
C ILE E 499 15.61 18.22 -52.66
N LYS E 500 15.48 18.49 -51.36
CA LYS E 500 14.88 19.74 -50.92
C LYS E 500 15.77 20.93 -51.23
N ARG E 501 17.09 20.72 -51.22
CA ARG E 501 18.00 21.83 -51.47
C ARG E 501 18.03 22.21 -52.94
N THR E 502 18.18 21.23 -53.82
CA THR E 502 18.42 21.55 -55.22
C THR E 502 17.16 21.91 -55.98
N TYR E 503 15.98 21.71 -55.40
CA TYR E 503 14.72 22.01 -56.08
C TYR E 503 13.64 22.33 -55.06
N PRO E 504 13.62 23.55 -54.53
CA PRO E 504 12.55 23.92 -53.60
C PRO E 504 11.21 24.14 -54.27
N GLN E 505 11.14 24.13 -55.59
CA GLN E 505 9.87 24.24 -56.28
C GLN E 505 9.17 22.90 -56.45
N LEU E 506 9.73 21.81 -55.91
CA LEU E 506 9.05 20.53 -56.00
C LEU E 506 7.82 20.49 -55.12
N TYR E 507 7.79 21.29 -54.06
CA TYR E 507 6.59 21.47 -53.28
C TYR E 507 5.79 22.60 -53.90
N ARG E 508 4.70 23.00 -53.23
CA ARG E 508 3.84 24.13 -53.62
C ARG E 508 3.23 23.95 -55.02
N SER E 509 2.96 22.70 -55.42
CA SER E 509 2.32 22.43 -56.69
C SER E 509 1.59 21.10 -56.60
N THR E 510 1.01 20.70 -57.71
CA THR E 510 0.24 19.46 -57.71
C THR E 510 0.62 18.50 -58.83
N LYS E 511 0.96 19.01 -60.01
CA LYS E 511 1.28 18.15 -61.13
C LYS E 511 2.79 17.95 -61.22
N ARG E 512 3.22 17.16 -62.20
CA ARG E 512 4.64 17.06 -62.52
C ARG E 512 5.11 18.38 -63.12
N LEU E 513 6.37 18.72 -62.90
CA LEU E 513 6.82 19.94 -63.56
C LEU E 513 7.91 19.70 -64.60
N GLN E 514 9.13 19.39 -64.12
CA GLN E 514 10.29 19.06 -64.95
C GLN E 514 11.40 18.65 -64.02
N ILE E 515 12.16 17.63 -64.37
CA ILE E 515 13.19 17.08 -63.49
C ILE E 515 14.40 16.70 -64.35
N ASP E 516 15.55 17.27 -64.02
CA ASP E 516 16.78 16.73 -64.57
C ASP E 516 17.43 15.97 -63.42
N PRO E 517 17.16 14.68 -63.28
CA PRO E 517 17.63 13.93 -62.10
C PRO E 517 19.11 13.57 -62.20
N LYS E 518 19.94 14.60 -62.31
CA LYS E 518 21.39 14.45 -62.33
C LYS E 518 22.09 15.49 -61.47
N THR E 519 21.45 16.60 -61.15
CA THR E 519 22.04 17.64 -60.33
C THR E 519 21.61 17.51 -58.88
N ILE E 520 21.51 16.27 -58.40
CA ILE E 520 21.06 16.01 -57.04
C ILE E 520 22.25 15.36 -56.34
N LYS E 521 23.45 15.84 -56.67
CA LYS E 521 24.64 15.33 -56.00
C LYS E 521 24.63 15.73 -54.52
N VAL E 522 25.03 14.79 -53.67
CA VAL E 522 24.93 14.96 -52.23
C VAL E 522 26.21 15.61 -51.72
N LYS E 523 26.07 16.74 -51.05
CA LYS E 523 27.22 17.42 -50.48
C LYS E 523 27.42 16.98 -49.04
N VAL E 524 28.29 17.68 -48.32
CA VAL E 524 28.65 17.26 -46.97
C VAL E 524 27.64 17.75 -45.95
N LYS E 525 27.11 18.96 -46.15
CA LYS E 525 26.24 19.62 -45.16
C LYS E 525 24.97 18.85 -44.89
N ASP E 526 24.48 18.08 -45.86
CA ASP E 526 23.26 17.33 -45.67
C ASP E 526 23.42 16.20 -44.67
N PHE E 527 24.65 15.72 -44.48
CA PHE E 527 24.85 14.68 -43.48
C PHE E 527 24.80 15.23 -42.07
N VAL E 528 25.55 16.31 -41.82
CA VAL E 528 25.65 16.83 -40.47
C VAL E 528 24.36 17.51 -40.04
N MET E 529 23.56 17.99 -40.98
CA MET E 529 22.26 18.52 -40.63
C MET E 529 21.30 17.38 -40.26
N SER E 530 21.44 16.24 -40.91
CA SER E 530 20.57 15.12 -40.60
C SER E 530 20.94 14.43 -39.30
N MET E 531 22.11 14.70 -38.74
CA MET E 531 22.46 14.10 -37.46
C MET E 531 21.74 14.75 -36.30
N LYS E 532 21.33 16.01 -36.45
CA LYS E 532 20.70 16.71 -35.33
C LYS E 532 19.25 16.31 -35.15
N ARG E 533 18.59 15.87 -36.21
CA ARG E 533 17.17 15.57 -36.15
C ARG E 533 16.88 14.12 -35.80
N MET E 534 17.85 13.24 -35.95
CA MET E 534 17.64 11.82 -35.74
C MET E 534 17.86 11.47 -34.28
N ILE E 535 16.98 10.64 -33.74
CA ILE E 535 17.14 10.04 -32.43
C ILE E 535 17.16 8.52 -32.61
N PRO E 536 18.09 7.81 -31.97
CA PRO E 536 18.20 6.37 -32.22
C PRO E 536 17.09 5.61 -31.53
N SER E 537 16.96 4.35 -31.93
CA SER E 537 15.87 3.52 -31.42
C SER E 537 16.08 3.06 -29.99
N SER E 538 17.30 3.12 -29.48
CA SER E 538 17.55 2.66 -28.13
C SER E 538 17.34 3.74 -27.08
N GLU E 539 17.35 5.00 -27.46
CA GLU E 539 17.26 6.10 -26.52
C GLU E 539 15.94 6.85 -26.64
N ARG E 540 14.90 6.18 -27.13
CA ARG E 540 13.60 6.83 -27.22
C ARG E 540 12.97 6.97 -25.85
N SER E 541 13.16 5.97 -24.99
CA SER E 541 12.58 5.99 -23.65
C SER E 541 13.62 6.36 -22.59
N SER E 542 14.72 5.62 -22.51
CA SER E 542 15.72 5.83 -21.48
C SER E 542 16.81 6.76 -21.99
N ILE E 543 17.89 6.91 -21.22
CA ILE E 543 18.98 7.82 -21.54
C ILE E 543 20.30 7.08 -21.36
N SER E 544 21.14 7.09 -22.39
CA SER E 544 22.43 6.43 -22.32
C SER E 544 23.40 7.29 -21.53
N PRO E 545 24.14 6.73 -20.59
CA PRO E 545 25.05 7.52 -19.76
C PRO E 545 26.46 7.61 -20.33
N SER E 546 26.59 8.09 -21.56
CA SER E 546 27.91 8.20 -22.17
C SER E 546 27.95 9.40 -23.09
N LYS E 547 29.01 10.20 -22.95
CA LYS E 547 29.25 11.35 -23.80
C LYS E 547 30.75 11.51 -23.89
N PRO E 548 31.29 11.83 -25.06
CA PRO E 548 32.75 11.95 -25.16
C PRO E 548 33.26 13.23 -24.55
N LEU E 549 34.57 13.42 -24.52
CA LEU E 549 35.14 14.65 -23.99
C LEU E 549 34.88 15.80 -24.93
N SER E 550 34.46 16.92 -24.38
CA SER E 550 34.18 18.09 -25.19
C SER E 550 35.49 18.71 -25.67
N PRO E 551 35.58 19.09 -26.95
CA PRO E 551 36.87 19.51 -27.52
C PRO E 551 37.38 20.83 -26.98
N GLU E 552 36.54 21.64 -26.38
CA GLU E 552 36.99 22.84 -25.71
C GLU E 552 37.61 22.55 -24.37
N LEU E 553 37.31 21.40 -23.78
CA LEU E 553 37.78 21.04 -22.45
C LEU E 553 38.98 20.13 -22.47
N LYS E 554 39.37 19.63 -23.65
CA LYS E 554 40.40 18.60 -23.75
C LYS E 554 41.79 18.98 -23.27
N PRO E 555 42.37 20.17 -23.53
CA PRO E 555 43.71 20.45 -23.00
C PRO E 555 43.76 20.64 -21.49
N LEU E 556 42.65 20.57 -20.77
CA LEU E 556 42.70 20.63 -19.33
C LEU E 556 42.71 19.25 -18.68
N LEU E 557 42.27 18.22 -19.38
CA LEU E 557 42.06 16.91 -18.77
C LEU E 557 42.68 15.75 -19.54
N ASN E 558 43.36 16.01 -20.66
CA ASN E 558 43.84 14.92 -21.51
C ASN E 558 44.97 14.16 -20.86
N GLU E 559 45.77 14.84 -20.04
CA GLU E 559 46.85 14.16 -19.33
C GLU E 559 46.29 13.21 -18.28
N ALA E 560 45.25 13.62 -17.56
CA ALA E 560 44.67 12.76 -16.56
C ALA E 560 43.82 11.67 -17.17
N PHE E 561 43.38 11.85 -18.41
CA PHE E 561 42.52 10.86 -19.04
C PHE E 561 43.30 9.61 -19.43
N GLN E 562 44.51 9.78 -19.95
CA GLN E 562 45.30 8.63 -20.36
C GLN E 562 45.88 7.88 -19.17
N ASP E 563 46.01 8.55 -18.03
CA ASP E 563 46.56 7.92 -16.84
C ASP E 563 45.59 6.92 -16.23
N ILE E 564 44.30 7.26 -16.21
CA ILE E 564 43.29 6.31 -15.75
C ILE E 564 43.15 5.18 -16.75
N GLU E 565 43.32 5.48 -18.04
CA GLU E 565 43.25 4.45 -19.07
C GLU E 565 44.41 3.47 -18.93
N LYS E 566 45.59 3.97 -18.55
CA LYS E 566 46.73 3.08 -18.39
C LYS E 566 46.59 2.19 -17.17
N THR E 567 45.89 2.65 -16.14
CA THR E 567 45.71 1.82 -14.96
C THR E 567 44.61 0.79 -15.18
N LEU E 568 43.59 1.14 -15.98
CA LEU E 568 42.50 0.22 -16.20
C LEU E 568 42.87 -0.93 -17.13
N GLN E 569 43.99 -0.84 -17.82
CA GLN E 569 44.40 -1.92 -18.72
C GLN E 569 44.91 -3.12 -17.94
N LYS E 570 45.55 -2.90 -16.79
CA LYS E 570 46.08 -3.99 -16.00
C LYS E 570 45.07 -4.58 -15.03
N LEU E 571 44.00 -3.85 -14.72
CA LEU E 571 43.01 -4.38 -13.79
C LEU E 571 42.09 -5.40 -14.44
N MET E 572 41.72 -5.18 -15.68
CA MET E 572 40.83 -6.09 -16.40
C MET E 572 41.08 -5.94 -17.88
N PRO E 573 41.88 -6.81 -18.48
CA PRO E 573 42.07 -6.76 -19.92
C PRO E 573 40.83 -7.28 -20.65
N VAL E 574 40.45 -6.57 -21.70
CA VAL E 574 39.17 -6.79 -22.36
C VAL E 574 39.43 -6.91 -23.87
N ALA E 575 40.66 -7.31 -24.22
CA ALA E 575 41.14 -7.23 -25.59
C ALA E 575 40.35 -8.11 -26.55
N SER E 576 40.09 -7.57 -27.73
CA SER E 576 39.15 -8.17 -28.67
C SER E 576 39.75 -9.40 -29.33
N LYS E 577 38.91 -10.40 -29.57
CA LYS E 577 39.35 -11.67 -30.13
C LYS E 577 38.77 -11.85 -31.53
N LEU E 578 39.15 -12.95 -32.15
CA LEU E 578 38.98 -13.12 -33.59
C LEU E 578 38.03 -14.27 -33.92
N ASN E 579 37.58 -14.27 -35.17
CA ASN E 579 36.78 -15.35 -35.71
C ASN E 579 37.62 -16.62 -35.81
N PRO E 580 36.99 -17.80 -35.69
CA PRO E 580 37.78 -19.04 -35.62
C PRO E 580 38.41 -19.47 -36.93
N LEU E 581 37.98 -18.92 -38.07
CA LEU E 581 38.61 -19.31 -39.32
C LEU E 581 39.96 -18.63 -39.49
N GLU E 582 40.09 -17.39 -39.04
CA GLU E 582 41.38 -16.73 -39.11
C GLU E 582 42.36 -17.22 -38.06
N GLU E 583 41.88 -17.97 -37.06
CA GLU E 583 42.79 -18.51 -36.06
C GLU E 583 43.57 -19.69 -36.62
N VAL E 584 42.95 -20.52 -37.45
CA VAL E 584 43.61 -21.75 -37.88
C VAL E 584 44.57 -21.51 -39.02
N MET E 585 44.58 -20.30 -39.59
CA MET E 585 45.55 -19.99 -40.64
C MET E 585 46.97 -19.88 -40.06
N TYR E 586 47.09 -19.54 -38.79
CA TYR E 586 48.38 -19.63 -38.11
C TYR E 586 48.70 -21.10 -37.88
N ASP E 587 49.92 -21.50 -38.21
CA ASP E 587 50.26 -22.92 -38.21
C ASP E 587 50.41 -23.43 -36.77
N ASP E 588 49.92 -24.63 -36.56
CA ASP E 588 50.09 -25.30 -35.29
C ASP E 588 51.55 -25.67 -35.11
N PRO E 589 52.16 -25.37 -33.98
CA PRO E 589 53.45 -25.99 -33.64
C PRO E 589 53.28 -27.43 -33.20
N LYS E 590 54.36 -28.04 -32.73
CA LYS E 590 54.29 -29.42 -32.23
C LYS E 590 53.40 -29.45 -31.00
N GLU E 591 52.24 -30.06 -31.13
CA GLU E 591 51.19 -29.94 -30.13
C GLU E 591 50.26 -31.14 -30.23
N ASN E 592 50.31 -32.01 -29.24
CA ASN E 592 49.27 -33.02 -29.06
C ASN E 592 48.86 -33.18 -27.61
N ASP E 593 49.61 -32.68 -26.65
CA ASP E 593 49.33 -32.85 -25.23
C ASP E 593 48.67 -31.60 -24.67
N PHE E 594 47.81 -31.81 -23.67
CA PHE E 594 47.10 -30.70 -23.02
C PHE E 594 47.89 -30.26 -21.80
N GLU E 595 49.18 -30.02 -21.99
CA GLU E 595 49.95 -29.36 -20.96
C GLU E 595 50.40 -28.01 -21.48
N TYR E 596 50.61 -27.91 -22.79
CA TYR E 596 50.90 -26.61 -23.36
C TYR E 596 49.68 -25.70 -23.35
N GLN E 597 48.48 -26.28 -23.51
CA GLN E 597 47.26 -25.49 -23.55
C GLN E 597 46.52 -25.44 -22.23
N GLN E 598 46.87 -26.27 -21.25
CA GLN E 598 46.26 -26.11 -19.94
C GLN E 598 46.82 -24.89 -19.21
N ARG E 599 48.00 -24.40 -19.62
CA ARG E 599 48.42 -23.09 -19.16
C ARG E 599 47.54 -21.99 -19.76
N LEU E 600 47.08 -22.19 -21.00
CA LEU E 600 46.39 -21.14 -21.73
C LEU E 600 45.04 -20.81 -21.11
N GLU E 601 44.41 -21.77 -20.47
CA GLU E 601 43.18 -21.48 -19.75
C GLU E 601 43.45 -21.12 -18.30
N THR E 602 44.57 -21.56 -17.75
CA THR E 602 45.00 -21.04 -16.46
C THR E 602 45.39 -19.58 -16.58
N PHE E 603 46.10 -19.23 -17.65
CA PHE E 603 46.30 -17.83 -17.96
C PHE E 603 44.99 -17.22 -18.45
N GLU E 604 44.95 -15.88 -18.42
CA GLU E 604 43.78 -15.00 -18.67
C GLU E 604 42.51 -15.47 -17.94
N THR E 605 42.69 -16.10 -16.79
CA THR E 605 41.68 -16.42 -15.81
C THR E 605 42.14 -16.03 -14.41
N LEU E 606 43.42 -16.22 -14.10
CA LEU E 606 44.00 -15.87 -12.82
C LEU E 606 44.77 -14.56 -12.86
N ARG E 607 44.76 -13.86 -14.00
CA ARG E 607 45.41 -12.56 -14.07
C ARG E 607 44.58 -11.47 -13.41
N ILE E 608 43.30 -11.71 -13.15
CA ILE E 608 42.40 -10.71 -12.60
C ILE E 608 41.91 -11.16 -11.23
N TYR E 609 41.61 -10.18 -10.38
CA TYR E 609 41.16 -10.50 -9.03
C TYR E 609 40.34 -9.31 -8.50
N LYS E 610 39.00 -9.42 -8.61
CA LYS E 610 38.02 -8.47 -8.10
C LYS E 610 38.30 -7.03 -8.52
N PRO E 611 38.14 -6.67 -9.77
CA PRO E 611 38.62 -5.37 -10.26
C PRO E 611 37.67 -4.25 -9.84
N ARG E 612 38.18 -3.36 -8.98
CA ARG E 612 37.39 -2.27 -8.44
C ARG E 612 38.15 -0.96 -8.59
N PHE E 613 37.42 0.15 -8.59
CA PHE E 613 38.02 1.45 -8.87
C PHE E 613 37.14 2.56 -8.32
N LEU E 614 37.77 3.68 -7.95
CA LEU E 614 37.07 4.80 -7.33
C LEU E 614 37.85 6.08 -7.57
N ILE E 615 37.15 7.13 -8.02
CA ILE E 615 37.76 8.40 -8.35
C ILE E 615 37.23 9.46 -7.40
N CYS E 616 38.13 10.21 -6.75
CA CYS E 616 37.73 11.18 -5.75
C CYS E 616 38.54 12.47 -5.89
N GLY E 617 38.14 13.48 -5.12
CA GLY E 617 38.76 14.79 -5.17
C GLY E 617 37.80 15.83 -4.61
N ARG E 618 38.14 17.09 -4.84
CA ARG E 618 37.24 18.18 -4.46
C ARG E 618 36.20 18.41 -5.54
N LYS E 619 35.16 19.16 -5.20
CA LYS E 619 34.01 19.31 -6.09
C LYS E 619 34.33 20.25 -7.24
N GLY E 620 34.01 19.80 -8.45
CA GLY E 620 34.33 20.56 -9.64
C GLY E 620 35.80 20.54 -9.99
N LEU E 621 36.48 19.43 -9.76
CA LEU E 621 37.91 19.40 -9.95
C LEU E 621 38.19 18.23 -10.88
N GLY E 622 37.48 18.17 -12.00
CA GLY E 622 37.54 16.98 -12.78
C GLY E 622 36.18 16.37 -13.01
N GLN E 623 35.91 15.31 -12.24
CA GLN E 623 34.82 14.36 -12.41
C GLN E 623 33.44 14.99 -12.53
N THR E 624 32.51 14.17 -13.03
CA THR E 624 31.27 14.34 -13.79
C THR E 624 31.56 14.66 -15.24
N ALA E 625 32.81 14.95 -15.61
CA ALA E 625 33.19 15.08 -17.01
C ALA E 625 33.91 13.83 -17.51
N LEU E 626 35.04 13.47 -16.88
CA LEU E 626 35.76 12.28 -17.28
C LEU E 626 35.14 11.01 -16.74
N GLY E 627 34.08 11.12 -15.95
CA GLY E 627 33.33 9.98 -15.49
C GLY E 627 32.69 9.22 -16.63
N PRO E 628 31.70 9.81 -17.29
CA PRO E 628 31.10 9.12 -18.43
C PRO E 628 31.84 9.33 -19.73
N ALA E 629 33.17 9.28 -19.69
CA ALA E 629 33.99 9.37 -20.89
C ALA E 629 34.82 8.13 -21.10
N ILE E 630 35.30 7.50 -20.02
CA ILE E 630 35.95 6.20 -20.15
C ILE E 630 34.95 5.09 -20.39
N LEU E 631 33.65 5.37 -20.20
CA LEU E 631 32.63 4.38 -20.44
C LEU E 631 32.28 4.28 -21.92
N GLN E 632 32.78 5.19 -22.74
CA GLN E 632 32.56 5.18 -24.16
C GLN E 632 33.75 4.67 -24.94
N GLN E 633 34.96 4.90 -24.45
CA GLN E 633 36.14 4.62 -25.24
C GLN E 633 36.46 3.14 -25.38
N TYR E 634 35.84 2.26 -24.60
CA TYR E 634 35.93 0.84 -24.88
C TYR E 634 34.55 0.22 -24.93
N GLU E 635 34.38 -0.74 -25.84
CA GLU E 635 33.09 -1.24 -26.27
C GLU E 635 33.08 -2.76 -26.16
N GLY E 636 32.00 -3.36 -26.63
CA GLY E 636 31.83 -4.79 -26.52
C GLY E 636 31.53 -5.25 -25.12
N VAL E 637 31.07 -4.35 -24.26
CA VAL E 637 30.78 -4.67 -22.87
C VAL E 637 29.39 -4.18 -22.54
N HIS E 638 28.78 -4.80 -21.55
CA HIS E 638 27.43 -4.44 -21.12
C HIS E 638 27.50 -3.37 -20.05
N VAL E 639 26.67 -2.33 -20.19
CA VAL E 639 26.61 -1.24 -19.22
C VAL E 639 25.20 -1.15 -18.70
N GLN E 640 25.06 -1.02 -17.38
CA GLN E 640 23.80 -0.60 -16.79
C GLN E 640 24.12 0.21 -15.54
N SER E 641 23.23 1.13 -15.20
CA SER E 641 23.53 2.15 -14.20
C SER E 641 22.71 1.90 -12.95
N PHE E 642 23.40 1.64 -11.84
CA PHE E 642 22.78 1.54 -10.53
C PHE E 642 22.66 2.95 -9.99
N ASP E 643 21.71 3.70 -10.51
CA ASP E 643 21.55 5.10 -10.12
C ASP E 643 20.24 5.29 -9.36
N MET E 644 20.12 6.47 -8.74
CA MET E 644 18.90 6.81 -8.02
C MET E 644 17.71 6.89 -8.96
N SER E 645 17.93 7.40 -10.17
CA SER E 645 16.84 7.51 -11.13
C SER E 645 16.44 6.17 -11.72
N THR E 646 17.16 5.09 -11.41
CA THR E 646 16.80 3.76 -11.85
C THR E 646 16.32 2.86 -10.73
N LEU E 647 16.73 3.09 -9.49
CA LEU E 647 16.25 2.27 -8.39
C LEU E 647 14.87 2.70 -7.95
N LEU E 648 14.69 3.98 -7.63
CA LEU E 648 13.41 4.52 -7.17
C LEU E 648 12.48 4.86 -8.32
N GLN E 649 12.75 4.41 -9.53
CA GLN E 649 11.95 4.80 -10.68
C GLN E 649 10.57 4.14 -10.62
N ASP E 650 10.53 2.87 -10.27
CA ASP E 650 9.30 2.11 -10.24
C ASP E 650 8.67 2.25 -8.86
N SER E 651 7.40 2.65 -8.83
CA SER E 651 6.68 2.80 -7.58
C SER E 651 5.92 1.55 -7.17
N THR E 652 5.86 0.55 -8.04
CA THR E 652 5.02 -0.61 -7.75
C THR E 652 5.73 -1.59 -6.81
N GLN E 653 6.86 -2.12 -7.25
CA GLN E 653 7.57 -3.13 -6.46
C GLN E 653 8.40 -2.45 -5.38
N SER E 654 9.05 -3.27 -4.56
CA SER E 654 9.84 -2.76 -3.46
C SER E 654 11.19 -2.26 -3.97
N ILE E 655 11.92 -1.57 -3.11
CA ILE E 655 13.23 -1.07 -3.48
C ILE E 655 14.28 -2.18 -3.48
N GLU E 656 14.14 -3.18 -2.63
CA GLU E 656 15.11 -4.25 -2.56
C GLU E 656 15.01 -5.18 -3.76
N THR E 657 13.79 -5.35 -4.30
CA THR E 657 13.57 -6.24 -5.42
C THR E 657 14.23 -5.69 -6.68
N SER E 658 14.29 -4.37 -6.81
CA SER E 658 14.95 -3.76 -7.96
C SER E 658 16.45 -3.99 -7.94
N ILE E 659 17.05 -4.04 -6.74
CA ILE E 659 18.46 -4.36 -6.66
C ILE E 659 18.68 -5.83 -6.96
N ILE E 660 17.67 -6.66 -6.70
CA ILE E 660 17.80 -8.08 -7.01
C ILE E 660 17.68 -8.30 -8.51
N HIS E 661 16.75 -7.60 -9.16
CA HIS E 661 16.48 -7.87 -10.57
C HIS E 661 17.57 -7.35 -11.49
N LEU E 662 18.50 -6.54 -10.99
CA LEU E 662 19.58 -6.06 -11.84
C LEU E 662 20.80 -6.97 -11.75
N PHE E 663 21.08 -7.50 -10.56
CA PHE E 663 22.18 -8.45 -10.40
C PHE E 663 21.92 -9.74 -11.15
N LEU E 664 20.65 -10.11 -11.31
CA LEU E 664 20.30 -11.27 -12.12
C LEU E 664 20.54 -11.02 -13.59
N GLU E 665 20.67 -9.75 -14.00
CA GLU E 665 20.92 -9.39 -15.37
C GLU E 665 22.41 -9.25 -15.67
N VAL E 666 23.17 -8.67 -14.74
CA VAL E 666 24.57 -8.38 -15.03
C VAL E 666 25.45 -9.62 -14.93
N ARG E 667 24.94 -10.70 -14.35
CA ARG E 667 25.67 -11.97 -14.37
C ARG E 667 25.46 -12.74 -15.65
N ARG E 668 24.71 -12.18 -16.60
CA ARG E 668 24.59 -12.73 -17.94
C ARG E 668 25.76 -12.33 -18.81
N HIS E 669 25.55 -12.40 -20.12
CA HIS E 669 26.49 -12.74 -21.18
C HIS E 669 27.97 -12.40 -20.99
N THR E 670 28.29 -11.16 -20.72
CA THR E 670 29.61 -10.71 -21.11
C THR E 670 30.34 -10.05 -19.95
N PRO E 671 31.65 -9.78 -20.09
CA PRO E 671 32.27 -8.69 -19.35
C PRO E 671 31.44 -7.43 -19.31
N SER E 672 31.15 -6.93 -18.10
CA SER E 672 30.22 -5.83 -17.93
C SER E 672 30.71 -4.92 -16.81
N ILE E 673 29.89 -3.92 -16.48
CA ILE E 673 30.31 -2.81 -15.64
C ILE E 673 29.16 -2.43 -14.71
N ILE E 674 29.45 -2.29 -13.43
CA ILE E 674 28.51 -1.71 -12.46
C ILE E 674 28.94 -0.28 -12.21
N TYR E 675 28.15 0.68 -12.68
CA TYR E 675 28.54 2.08 -12.73
C TYR E 675 27.61 2.91 -11.86
N ILE E 676 28.17 3.55 -10.84
CA ILE E 676 27.39 4.40 -9.93
C ILE E 676 28.03 5.79 -9.84
N PRO E 677 27.36 6.84 -10.28
CA PRO E 677 27.87 8.18 -10.02
C PRO E 677 27.59 8.59 -8.58
N ASP E 678 28.19 9.74 -8.20
CA ASP E 678 28.04 10.53 -6.97
C ASP E 678 27.77 9.73 -5.69
N ILE E 679 28.71 8.83 -5.36
CA ILE E 679 28.55 7.86 -4.28
C ILE E 679 28.44 8.50 -2.89
N ASP E 680 28.79 9.77 -2.74
CA ASP E 680 28.61 10.39 -1.43
C ASP E 680 27.19 10.87 -1.22
N ASN E 681 26.47 11.21 -2.28
CA ASN E 681 25.03 11.45 -2.13
C ASN E 681 24.29 10.15 -1.93
N TRP E 682 24.87 9.04 -2.36
CA TRP E 682 24.44 7.73 -1.91
C TRP E 682 24.78 7.55 -0.45
N LEU E 683 24.13 6.55 0.16
CA LEU E 683 24.17 6.20 1.58
C LEU E 683 23.61 7.29 2.47
N ASN E 684 23.01 8.34 1.90
CA ASN E 684 22.27 9.33 2.65
C ASN E 684 20.84 9.42 2.14
N VAL E 685 20.45 8.55 1.21
CA VAL E 685 19.11 8.52 0.65
C VAL E 685 18.46 7.16 0.83
N LEU E 686 19.16 6.10 0.45
CA LEU E 686 18.66 4.75 0.61
C LEU E 686 18.56 4.40 2.10
N PRO E 687 17.64 3.53 2.48
CA PRO E 687 17.62 3.02 3.85
C PRO E 687 18.78 2.08 4.10
N LEU E 688 19.01 1.80 5.38
CA LEU E 688 20.16 0.97 5.74
C LEU E 688 19.95 -0.49 5.37
N THR E 689 18.70 -0.94 5.30
CA THR E 689 18.45 -2.31 4.90
C THR E 689 18.72 -2.57 3.43
N ALA E 690 18.81 -1.53 2.61
CA ALA E 690 19.18 -1.72 1.21
C ALA E 690 20.67 -1.68 1.00
N ILE E 691 21.40 -0.98 1.86
CA ILE E 691 22.85 -0.90 1.74
C ILE E 691 23.48 -2.24 2.06
N THR E 692 22.90 -2.97 3.01
CA THR E 692 23.41 -4.29 3.35
C THR E 692 23.15 -5.29 2.22
N THR E 693 22.02 -5.15 1.54
CA THR E 693 21.64 -6.09 0.50
C THR E 693 22.57 -5.98 -0.71
N PHE E 694 22.89 -4.76 -1.12
CA PHE E 694 23.84 -4.56 -2.21
C PHE E 694 25.23 -5.02 -1.82
N SER E 695 25.59 -4.93 -0.54
CA SER E 695 26.86 -5.50 -0.13
C SER E 695 26.76 -7.00 0.07
N SER E 696 25.56 -7.58 0.03
CA SER E 696 25.39 -9.01 0.17
C SER E 696 25.35 -9.73 -1.17
N MET E 697 25.75 -9.05 -2.24
CA MET E 697 25.84 -9.68 -3.54
C MET E 697 27.23 -9.54 -4.17
N LEU E 698 28.03 -8.56 -3.75
CA LEU E 698 29.37 -8.44 -4.29
C LEU E 698 30.32 -9.54 -3.82
N GLU E 699 30.00 -10.22 -2.73
CA GLU E 699 30.88 -11.24 -2.23
C GLU E 699 30.53 -12.64 -2.67
N ARG E 700 29.25 -12.94 -2.90
CA ARG E 700 28.86 -14.29 -3.23
C ARG E 700 29.04 -14.63 -4.71
N LEU E 701 29.57 -13.72 -5.51
CA LEU E 701 30.04 -14.05 -6.85
C LEU E 701 31.55 -14.26 -6.79
N ASP E 702 32.05 -15.08 -7.72
CA ASP E 702 33.42 -15.56 -7.62
C ASP E 702 34.42 -14.48 -8.02
N PHE E 703 35.68 -14.76 -7.75
CA PHE E 703 36.76 -13.79 -7.86
C PHE E 703 37.41 -13.79 -9.24
N SER E 704 36.70 -14.22 -10.27
CA SER E 704 37.29 -14.29 -11.59
C SER E 704 36.38 -13.77 -12.67
N ASP E 705 35.14 -13.42 -12.36
CA ASP E 705 34.25 -12.85 -13.35
C ASP E 705 34.67 -11.43 -13.68
N GLN E 706 34.60 -11.09 -14.97
CA GLN E 706 35.18 -9.85 -15.48
C GLN E 706 34.15 -8.73 -15.38
N ILE E 707 33.81 -8.37 -14.15
CA ILE E 707 32.81 -7.33 -13.90
C ILE E 707 33.42 -6.24 -13.03
N LEU E 708 33.24 -4.99 -13.45
CA LEU E 708 33.87 -3.86 -12.80
C LEU E 708 32.94 -3.17 -11.81
N PHE E 709 33.50 -2.21 -11.08
CA PHE E 709 32.78 -1.44 -10.06
C PHE E 709 33.15 0.04 -10.17
N LEU E 710 33.01 0.62 -11.37
CA LEU E 710 33.22 2.05 -11.55
C LEU E 710 32.35 2.89 -10.64
N ALA E 711 32.97 3.86 -9.96
CA ALA E 711 32.24 4.76 -9.08
C ALA E 711 33.06 6.02 -8.92
N LEU E 712 32.53 7.14 -9.40
CA LEU E 712 33.19 8.43 -9.25
C LEU E 712 32.50 9.21 -8.15
N SER E 713 33.27 10.03 -7.43
CA SER E 713 32.83 10.47 -6.12
C SER E 713 33.07 11.96 -5.88
N SER E 714 32.62 12.37 -4.71
CA SER E 714 32.68 13.71 -4.11
C SER E 714 33.93 13.87 -3.28
N SER E 715 33.84 14.74 -2.26
CA SER E 715 34.82 15.36 -1.37
C SER E 715 36.04 14.50 -1.06
N PRO E 716 37.24 15.10 -1.04
CA PRO E 716 38.46 14.34 -1.31
C PRO E 716 38.94 13.41 -0.22
N LEU E 717 40.16 12.90 -0.45
CA LEU E 717 40.76 11.83 0.33
C LEU E 717 40.95 12.24 1.78
N SER E 718 40.96 11.23 2.66
CA SER E 718 41.01 11.31 4.13
C SER E 718 39.77 11.98 4.74
N GLU E 719 38.72 12.19 3.96
CA GLU E 719 37.47 12.69 4.51
C GLU E 719 36.34 12.02 3.69
N LEU E 720 35.92 10.85 4.17
CA LEU E 720 34.92 10.03 3.49
C LEU E 720 34.45 8.94 4.45
N HIS E 721 33.13 8.71 4.51
CA HIS E 721 32.61 7.85 5.56
C HIS E 721 32.91 6.39 5.24
N PRO E 722 33.27 5.58 6.24
CA PRO E 722 34.16 4.44 5.98
C PRO E 722 33.48 3.20 5.44
N GLN E 723 32.22 3.28 5.02
CA GLN E 723 31.63 2.15 4.30
C GLN E 723 32.31 1.98 2.94
N LEU E 724 32.74 3.08 2.33
CA LEU E 724 33.54 3.01 1.12
C LEU E 724 34.90 2.40 1.40
N ARG E 725 35.49 2.68 2.56
CA ARG E 725 36.90 2.41 2.79
C ARG E 725 37.18 0.96 3.14
N GLU E 726 36.20 0.07 3.09
CA GLU E 726 36.49 -1.35 3.09
C GLU E 726 36.07 -2.03 1.80
N TRP E 727 35.25 -1.38 0.97
CA TRP E 727 34.89 -1.97 -0.30
C TRP E 727 36.06 -1.97 -1.27
N PHE E 728 36.93 -0.97 -1.21
CA PHE E 728 38.06 -0.92 -2.12
C PHE E 728 39.36 -1.33 -1.44
N SER E 729 39.79 -0.60 -0.41
CA SER E 729 40.79 -1.03 0.58
C SER E 729 42.14 -1.40 -0.02
N SER E 730 42.50 -0.81 -1.16
CA SER E 730 43.76 -1.16 -1.78
C SER E 730 44.36 0.09 -2.39
N LYS E 731 45.69 0.17 -2.38
CA LYS E 731 46.35 1.40 -2.80
C LYS E 731 46.29 1.60 -4.30
N GLN E 732 46.19 0.52 -5.07
CA GLN E 732 46.14 0.66 -6.51
C GLN E 732 44.75 1.04 -7.02
N SER E 733 43.74 0.99 -6.18
CA SER E 733 42.35 1.17 -6.63
C SER E 733 41.71 2.41 -6.04
N VAL E 734 42.44 3.52 -6.01
CA VAL E 734 41.90 4.81 -5.65
C VAL E 734 42.73 5.86 -6.38
N TYR E 735 42.13 7.00 -6.65
CA TYR E 735 42.81 8.01 -7.44
C TYR E 735 42.34 9.39 -7.02
N SER E 736 43.27 10.32 -6.88
CA SER E 736 43.00 11.65 -6.37
C SER E 736 43.51 12.68 -7.37
N LEU E 737 42.62 13.56 -7.81
CA LEU E 737 43.02 14.54 -8.81
C LEU E 737 43.75 15.70 -8.16
N GLN E 738 44.16 16.67 -8.96
CA GLN E 738 44.79 17.87 -8.47
C GLN E 738 44.24 19.07 -9.20
N TYR E 739 44.65 20.24 -8.75
CA TYR E 739 44.28 21.49 -9.38
C TYR E 739 44.99 21.61 -10.73
N PRO E 740 44.46 22.41 -11.65
CA PRO E 740 45.15 22.61 -12.92
C PRO E 740 46.43 23.39 -12.75
N THR E 741 47.47 22.95 -13.46
CA THR E 741 48.78 23.56 -13.37
C THR E 741 48.82 24.88 -14.12
N ARG E 742 49.96 25.57 -14.02
CA ARG E 742 50.11 26.84 -14.70
C ARG E 742 50.28 26.65 -16.20
N ASP E 743 51.14 25.73 -16.60
CA ASP E 743 51.49 25.58 -18.00
C ASP E 743 50.39 24.91 -18.82
N SER E 744 49.32 24.44 -18.18
CA SER E 744 48.17 23.92 -18.90
C SER E 744 47.09 24.97 -19.11
N ILE E 745 47.08 26.03 -18.31
CA ILE E 745 46.01 27.01 -18.38
C ILE E 745 46.14 27.87 -19.63
N ILE E 746 47.37 28.30 -19.96
CA ILE E 746 47.56 29.18 -21.12
C ILE E 746 47.29 28.49 -22.44
N ALA E 747 47.21 27.16 -22.46
CA ALA E 747 46.72 26.47 -23.63
C ALA E 747 45.21 26.45 -23.70
N PHE E 748 44.53 26.62 -22.56
CA PHE E 748 43.08 26.52 -22.55
C PHE E 748 42.41 27.74 -23.16
N PHE E 749 43.00 28.93 -22.98
CA PHE E 749 42.40 30.16 -23.45
C PHE E 749 42.86 30.55 -24.84
N GLN E 750 43.67 29.73 -25.49
CA GLN E 750 44.26 30.05 -26.79
C GLN E 750 43.27 30.26 -27.95
N PRO E 751 42.18 29.48 -28.12
CA PRO E 751 41.26 29.81 -29.22
C PRO E 751 40.43 31.06 -28.97
N ILE E 752 40.32 31.53 -27.73
CA ILE E 752 39.66 32.82 -27.50
C ILE E 752 40.55 33.95 -27.99
N LEU E 753 41.79 33.99 -27.53
CA LEU E 753 42.69 35.09 -27.88
C LEU E 753 43.11 35.02 -29.33
N GLU E 754 43.02 33.85 -29.97
CA GLU E 754 43.19 33.81 -31.41
C GLU E 754 41.99 34.44 -32.10
N LEU E 755 40.81 34.32 -31.50
CA LEU E 755 39.61 34.84 -32.13
C LEU E 755 39.43 36.33 -31.92
N ILE E 756 40.25 36.96 -31.07
CA ILE E 756 40.08 38.39 -30.81
C ILE E 756 40.66 39.26 -31.90
N LYS E 757 41.46 38.71 -32.81
CA LYS E 757 42.09 39.52 -33.84
C LYS E 757 41.39 39.38 -35.19
N ALA E 758 41.34 38.16 -35.73
CA ALA E 758 40.86 37.90 -37.09
C ALA E 758 39.34 38.01 -37.12
N SER E 759 38.86 39.25 -37.22
CA SER E 759 37.44 39.57 -37.05
C SER E 759 36.50 39.30 -38.24
N PRO E 760 36.67 39.96 -39.43
CA PRO E 760 35.52 40.15 -40.32
C PRO E 760 34.97 38.91 -41.01
N THR E 761 35.82 38.16 -41.69
CA THR E 761 35.39 37.06 -42.53
C THR E 761 35.55 35.71 -41.86
N GLU E 762 35.80 35.69 -40.55
CA GLU E 762 36.05 34.46 -39.82
C GLU E 762 34.86 34.05 -38.97
N LEU E 763 34.27 34.99 -38.26
CA LEU E 763 33.09 34.70 -37.48
C LEU E 763 31.90 34.52 -38.41
N PRO E 764 31.06 33.51 -38.21
CA PRO E 764 29.94 33.23 -39.11
C PRO E 764 28.71 34.13 -38.89
N GLY E 765 28.96 35.43 -38.76
CA GLY E 765 27.89 36.40 -38.59
C GLY E 765 28.21 37.71 -39.27
N GLY E 766 29.01 37.66 -40.33
CA GLY E 766 29.55 38.86 -40.92
C GLY E 766 28.69 39.38 -42.04
N ILE E 767 29.15 39.13 -43.27
CA ILE E 767 28.37 39.38 -44.48
C ILE E 767 27.08 38.57 -44.43
N PRO E 768 25.92 39.22 -44.44
CA PRO E 768 24.66 38.47 -44.38
C PRO E 768 24.39 37.75 -45.68
N ARG E 769 23.67 36.64 -45.57
CA ARG E 769 23.41 35.79 -46.71
C ARG E 769 22.43 36.46 -47.67
N LYS E 770 22.71 36.39 -48.95
CA LYS E 770 21.88 37.01 -49.95
C LYS E 770 20.73 36.10 -50.35
N ARG E 771 19.69 36.70 -50.90
CA ARG E 771 18.55 35.95 -51.44
C ARG E 771 18.99 35.19 -52.68
N ARG E 772 18.31 34.08 -52.94
CA ARG E 772 18.53 33.28 -54.13
C ARG E 772 17.42 33.52 -55.14
N VAL E 773 17.80 33.65 -56.41
CA VAL E 773 16.80 33.75 -57.46
C VAL E 773 16.23 32.38 -57.75
N LEU E 774 15.05 32.36 -58.37
CA LEU E 774 14.31 31.12 -58.60
C LEU E 774 13.81 31.05 -60.02
N PRO E 775 14.26 30.08 -60.81
CA PRO E 775 13.61 29.82 -62.11
C PRO E 775 12.22 29.27 -61.93
N GLU E 776 11.48 29.21 -63.03
CA GLU E 776 10.04 29.00 -62.94
C GLU E 776 9.59 27.57 -63.21
N LEU E 777 10.37 26.79 -63.97
CA LEU E 777 10.18 25.34 -64.16
C LEU E 777 8.83 24.97 -64.76
N PRO E 778 8.65 25.14 -66.07
CA PRO E 778 7.33 24.88 -66.69
C PRO E 778 6.95 23.41 -66.66
N LEU E 779 5.73 23.14 -67.15
CA LEU E 779 5.05 21.86 -66.95
C LEU E 779 5.62 20.77 -67.85
N ALA E 780 4.95 19.63 -67.87
CA ALA E 780 5.36 18.44 -68.61
C ALA E 780 4.14 17.73 -69.18
N PRO E 781 4.28 16.96 -70.27
CA PRO E 781 3.13 16.20 -70.77
C PRO E 781 2.75 15.02 -69.89
N GLU E 1136 48.69 44.07 -32.59
CA GLU E 1136 49.20 43.24 -31.51
C GLU E 1136 49.76 44.13 -30.42
N ASP E 1137 49.26 45.36 -30.36
CA ASP E 1137 49.83 46.36 -29.46
C ASP E 1137 49.43 46.09 -28.02
N ARG E 1138 48.14 46.12 -27.72
CA ARG E 1138 47.66 45.91 -26.37
C ARG E 1138 47.34 44.44 -26.08
N LEU E 1139 47.82 43.53 -26.93
CA LEU E 1139 47.52 42.11 -26.74
C LEU E 1139 48.27 41.54 -25.55
N THR E 1140 49.60 41.67 -25.55
CA THR E 1140 50.45 41.21 -24.45
C THR E 1140 50.18 41.87 -23.10
N PRO E 1141 49.63 43.09 -23.01
CA PRO E 1141 49.00 43.48 -21.73
C PRO E 1141 47.89 42.55 -21.28
N LEU E 1142 47.03 42.11 -22.18
CA LEU E 1142 45.93 41.24 -21.77
C LEU E 1142 46.40 39.83 -21.46
N LYS E 1143 47.42 39.36 -22.19
CA LYS E 1143 47.92 37.99 -22.01
C LYS E 1143 48.48 37.77 -20.62
N GLN E 1144 49.32 38.70 -20.15
CA GLN E 1144 49.86 38.58 -18.81
C GLN E 1144 48.81 38.84 -17.75
N LEU E 1145 47.75 39.58 -18.10
CA LEU E 1145 46.66 39.82 -17.16
C LEU E 1145 45.88 38.55 -16.87
N LEU E 1146 45.84 37.62 -17.82
CA LEU E 1146 45.03 36.42 -17.64
C LEU E 1146 45.65 35.48 -16.62
N ILE E 1147 46.96 35.54 -16.46
CA ILE E 1147 47.63 34.86 -15.38
C ILE E 1147 47.84 35.91 -14.30
N ASP E 1148 48.27 35.48 -13.12
CA ASP E 1148 48.44 36.29 -11.91
C ASP E 1148 47.11 36.86 -11.40
N SER E 1149 46.00 36.30 -11.89
CA SER E 1149 44.67 36.63 -11.39
C SER E 1149 43.82 35.40 -11.24
N THR E 1150 44.34 34.23 -11.60
CA THR E 1150 43.56 33.00 -11.73
C THR E 1150 44.32 31.84 -11.14
N THR E 1151 44.98 32.04 -10.01
CA THR E 1151 45.99 31.10 -9.58
C THR E 1151 45.43 29.87 -8.87
N GLY E 1152 44.19 29.89 -8.41
CA GLY E 1152 43.71 28.80 -7.59
C GLY E 1152 42.34 28.29 -7.96
N PHE E 1153 41.90 28.58 -9.18
CA PHE E 1153 40.57 28.22 -9.62
C PHE E 1153 40.48 26.73 -9.93
N THR E 1154 39.37 26.11 -9.54
CA THR E 1154 39.09 24.74 -9.96
C THR E 1154 38.53 24.75 -11.38
N VAL E 1155 38.29 23.56 -11.91
CA VAL E 1155 38.03 23.47 -13.35
C VAL E 1155 36.60 23.85 -13.67
N ASP E 1156 35.70 23.88 -12.70
CA ASP E 1156 34.33 24.25 -13.05
C ASP E 1156 34.14 25.76 -13.11
N GLN E 1157 34.75 26.52 -12.21
CA GLN E 1157 34.58 27.96 -12.30
C GLN E 1157 35.48 28.59 -13.36
N LEU E 1158 36.46 27.84 -13.85
CA LEU E 1158 37.16 28.27 -15.06
C LEU E 1158 36.22 28.32 -16.24
N LEU E 1159 35.25 27.41 -16.29
CA LEU E 1159 34.29 27.38 -17.37
C LEU E 1159 33.32 28.56 -17.31
N HIS E 1160 33.19 29.20 -16.15
CA HIS E 1160 32.40 30.42 -16.05
C HIS E 1160 33.02 31.54 -16.88
N LEU E 1161 34.32 31.79 -16.67
CA LEU E 1161 34.98 32.85 -17.43
C LEU E 1161 35.17 32.46 -18.88
N HIS E 1162 35.24 31.16 -19.17
CA HIS E 1162 35.27 30.72 -20.56
C HIS E 1162 33.95 30.98 -21.24
N SER E 1163 32.86 31.00 -20.48
CA SER E 1163 31.57 31.35 -21.04
C SER E 1163 31.31 32.85 -21.00
N PHE E 1164 31.86 33.55 -20.00
CA PHE E 1164 31.60 34.97 -19.85
C PHE E 1164 32.32 35.81 -20.89
N LEU E 1165 33.27 35.23 -21.62
CA LEU E 1165 33.97 35.97 -22.66
C LEU E 1165 33.34 35.79 -24.03
N TYR E 1166 32.62 34.68 -24.25
CA TYR E 1166 32.00 34.46 -25.56
C TYR E 1166 30.80 35.38 -25.77
N GLN E 1167 30.14 35.79 -24.69
CA GLN E 1167 29.06 36.76 -24.82
C GLN E 1167 29.58 38.11 -25.26
N ILE E 1168 30.82 38.44 -24.87
CA ILE E 1168 31.41 39.72 -25.23
C ILE E 1168 31.62 39.81 -26.72
N ILE E 1169 32.14 38.74 -27.33
CA ILE E 1169 32.39 38.80 -28.77
C ILE E 1169 31.13 38.60 -29.58
N TRP E 1170 30.05 38.08 -28.98
CA TRP E 1170 28.83 37.86 -29.75
C TRP E 1170 28.12 39.16 -30.04
N ASN E 1171 28.24 40.15 -29.14
CA ASN E 1171 27.71 41.47 -29.45
C ASN E 1171 28.55 42.18 -30.49
N THR E 1172 29.83 41.82 -30.59
CA THR E 1172 30.75 42.40 -31.56
C THR E 1172 30.98 41.48 -32.74
N LYS E 1173 29.90 40.83 -33.20
CA LYS E 1173 30.00 39.79 -34.21
C LYS E 1173 30.46 40.33 -35.56
N SER E 1174 30.21 41.60 -35.85
CA SER E 1174 30.53 42.14 -37.16
C SER E 1174 31.19 43.51 -37.13
N GLU E 1175 31.38 44.13 -35.97
CA GLU E 1175 31.97 45.46 -35.92
C GLU E 1175 33.44 45.40 -36.29
N TRP E 1176 33.90 46.42 -37.00
CA TRP E 1176 35.29 46.54 -37.37
C TRP E 1176 36.03 47.36 -36.33
N ASN E 1177 37.30 47.67 -36.63
CA ASN E 1177 38.20 48.51 -35.82
C ASN E 1177 38.40 47.92 -34.43
N ARG E 1178 39.10 46.79 -34.41
CA ARG E 1178 39.69 46.30 -33.17
C ARG E 1178 40.83 47.24 -32.72
N ASN E 1179 41.43 46.87 -31.58
CA ASN E 1179 42.21 47.71 -30.64
C ASN E 1179 41.24 48.64 -29.92
N SER E 1180 39.97 48.26 -29.88
CA SER E 1180 38.94 48.95 -29.12
C SER E 1180 38.00 47.97 -28.46
N VAL E 1181 38.39 46.70 -28.39
CA VAL E 1181 37.59 45.61 -27.84
C VAL E 1181 38.28 44.92 -26.67
N VAL E 1182 39.27 45.57 -26.07
CA VAL E 1182 40.03 44.99 -24.98
C VAL E 1182 39.52 45.63 -23.69
N ASP E 1183 39.02 46.86 -23.82
CA ASP E 1183 38.71 47.72 -22.68
C ASP E 1183 37.55 47.23 -21.83
N GLU E 1184 36.81 46.23 -22.29
CA GLU E 1184 35.71 45.67 -21.52
C GLU E 1184 36.09 44.38 -20.80
N CYS E 1185 37.15 43.71 -21.24
CA CYS E 1185 37.47 42.41 -20.69
C CYS E 1185 38.17 42.50 -19.34
N GLU E 1186 38.85 43.61 -19.06
CA GLU E 1186 39.53 43.74 -17.78
C GLU E 1186 38.53 43.95 -16.65
N ARG E 1187 37.53 44.82 -16.87
CA ARG E 1187 36.51 45.06 -15.86
C ARG E 1187 35.64 43.83 -15.62
N ALA E 1188 35.57 42.93 -16.60
CA ALA E 1188 34.98 41.63 -16.37
C ALA E 1188 35.76 40.85 -15.32
N VAL E 1189 37.04 40.61 -15.58
CA VAL E 1189 37.84 39.76 -14.69
C VAL E 1189 38.20 40.47 -13.39
N LYS E 1190 38.12 41.80 -13.36
CA LYS E 1190 38.36 42.52 -12.11
C LYS E 1190 37.22 42.29 -11.12
N GLU E 1191 36.01 42.03 -11.60
CA GLU E 1191 34.87 41.78 -10.73
C GLU E 1191 34.92 40.40 -10.10
N PHE E 1192 35.70 39.48 -10.65
CA PHE E 1192 35.50 38.07 -10.36
C PHE E 1192 36.11 37.61 -9.05
N MET E 1193 37.19 38.23 -8.58
CA MET E 1193 37.87 37.73 -7.39
C MET E 1193 37.06 37.99 -6.13
N ILE E 1194 36.17 38.98 -6.17
CA ILE E 1194 35.42 39.37 -4.99
C ILE E 1194 34.21 38.45 -4.81
N PHE F 273 19.56 -52.85 -28.32
CA PHE F 273 19.31 -52.64 -26.91
C PHE F 273 20.62 -52.58 -26.14
N GLU F 274 21.71 -52.90 -26.85
CA GLU F 274 23.04 -52.71 -26.28
C GLU F 274 23.43 -51.25 -26.24
N SER F 275 22.77 -50.40 -27.03
CA SER F 275 23.16 -49.00 -27.18
C SER F 275 22.54 -48.11 -26.11
N VAL F 276 22.71 -48.48 -24.85
CA VAL F 276 22.34 -47.65 -23.71
C VAL F 276 23.52 -47.61 -22.76
N GLY F 277 24.01 -46.42 -22.48
CA GLY F 277 25.06 -46.26 -21.51
C GLY F 277 24.50 -45.97 -20.13
N GLY F 278 25.28 -46.34 -19.11
CA GLY F 278 24.96 -45.98 -17.73
C GLY F 278 23.86 -46.72 -17.03
N LEU F 279 22.73 -46.90 -17.70
CA LEU F 279 21.56 -47.49 -17.06
C LEU F 279 21.67 -49.01 -17.11
N ASP F 280 22.33 -49.59 -16.11
CA ASP F 280 22.54 -51.03 -16.08
C ASP F 280 21.73 -51.77 -15.02
N ASN F 281 21.18 -51.07 -14.03
CA ASN F 281 20.19 -51.70 -13.19
C ASN F 281 18.85 -51.78 -13.89
N TYR F 282 18.48 -50.72 -14.59
CA TYR F 282 17.19 -50.65 -15.24
C TYR F 282 17.14 -51.49 -16.51
N ILE F 283 18.29 -51.95 -17.01
CA ILE F 283 18.31 -52.68 -18.27
C ILE F 283 17.80 -54.12 -18.08
N ASN F 284 17.78 -54.62 -16.85
CA ASN F 284 17.22 -55.93 -16.58
C ASN F 284 16.07 -55.90 -15.60
N GLN F 285 15.85 -54.78 -14.91
CA GLN F 285 14.76 -54.67 -13.95
C GLN F 285 13.39 -54.62 -14.63
N LEU F 286 13.34 -54.28 -15.92
CA LEU F 286 12.11 -54.33 -16.68
C LEU F 286 12.09 -55.41 -17.75
N LYS F 287 13.25 -55.92 -18.17
CA LYS F 287 13.27 -56.91 -19.23
C LYS F 287 12.77 -58.27 -18.75
N GLU F 288 12.67 -58.50 -17.46
CA GLU F 288 12.04 -59.70 -16.96
C GLU F 288 10.55 -59.54 -16.78
N MET F 289 10.03 -58.31 -16.91
CA MET F 289 8.62 -58.07 -16.61
C MET F 289 7.89 -57.23 -17.65
N VAL F 290 8.57 -56.68 -18.65
CA VAL F 290 7.87 -56.10 -19.80
C VAL F 290 8.27 -56.88 -21.03
N MET F 291 9.51 -57.36 -21.05
CA MET F 291 10.04 -58.15 -22.16
C MET F 291 9.84 -59.64 -21.91
N LEU F 292 8.86 -59.96 -21.06
CA LEU F 292 8.48 -61.34 -20.82
C LEU F 292 6.97 -61.41 -20.67
N PRO F 293 6.21 -61.34 -21.78
CA PRO F 293 4.75 -61.34 -21.66
C PRO F 293 4.18 -62.75 -21.74
N ARG F 302 2.93 -68.47 -13.39
CA ARG F 302 3.03 -69.35 -12.23
C ARG F 302 4.13 -68.87 -11.28
N PHE F 303 5.03 -68.05 -11.81
CA PHE F 303 6.14 -67.51 -11.05
C PHE F 303 5.73 -66.33 -10.18
N ASN F 304 4.55 -65.77 -10.44
CA ASN F 304 4.12 -64.54 -9.79
C ASN F 304 2.61 -64.41 -9.95
N MET F 305 2.07 -63.22 -9.71
CA MET F 305 0.69 -62.88 -10.02
C MET F 305 0.72 -61.84 -11.13
N GLN F 306 -0.43 -61.21 -11.39
CA GLN F 306 -0.72 -60.52 -12.65
C GLN F 306 0.31 -59.45 -13.00
N PRO F 307 0.66 -59.30 -14.28
CA PRO F 307 1.71 -58.36 -14.65
C PRO F 307 1.23 -56.92 -14.56
N PRO F 308 2.13 -55.97 -14.37
CA PRO F 308 1.72 -54.56 -14.34
C PRO F 308 1.26 -54.10 -15.70
N ARG F 309 0.15 -53.37 -15.74
CA ARG F 309 -0.43 -52.99 -17.02
C ARG F 309 0.17 -51.70 -17.53
N GLY F 310 0.22 -50.66 -16.69
CA GLY F 310 0.74 -49.37 -17.09
C GLY F 310 2.01 -49.00 -16.34
N VAL F 311 2.88 -48.26 -17.04
CA VAL F 311 4.15 -47.84 -16.47
C VAL F 311 4.38 -46.39 -16.90
N LEU F 312 5.29 -45.70 -16.22
CA LEU F 312 5.49 -44.27 -16.39
C LEU F 312 6.95 -43.91 -16.27
N PHE F 313 7.43 -43.08 -17.19
CA PHE F 313 8.78 -42.52 -17.14
C PHE F 313 8.70 -41.05 -16.80
N HIS F 314 9.65 -40.57 -15.99
CA HIS F 314 9.70 -39.15 -15.64
C HIS F 314 11.14 -38.76 -15.31
N GLY F 315 11.45 -37.48 -15.52
CA GLY F 315 12.79 -36.97 -15.29
C GLY F 315 13.04 -35.64 -15.98
N PRO F 316 14.25 -35.11 -15.84
CA PRO F 316 14.61 -33.87 -16.49
C PRO F 316 14.78 -34.08 -17.98
N PRO F 317 14.68 -33.04 -18.81
CA PRO F 317 14.66 -33.24 -20.28
C PRO F 317 16.02 -33.66 -20.79
N GLY F 318 16.03 -34.63 -21.71
CA GLY F 318 17.26 -35.01 -22.37
C GLY F 318 18.11 -35.93 -21.50
N THR F 319 17.53 -37.04 -21.07
CA THR F 319 18.23 -37.94 -20.16
C THR F 319 18.18 -39.38 -20.65
N GLY F 320 17.47 -39.64 -21.73
CA GLY F 320 17.39 -40.98 -22.24
C GLY F 320 16.03 -41.62 -22.11
N LYS F 321 14.96 -40.86 -22.30
CA LYS F 321 13.65 -41.49 -22.12
C LYS F 321 13.22 -42.17 -23.40
N THR F 322 13.10 -41.40 -24.48
CA THR F 322 12.65 -41.94 -25.75
C THR F 322 13.68 -42.83 -26.42
N LEU F 323 14.91 -42.92 -25.92
CA LEU F 323 15.87 -43.84 -26.50
C LEU F 323 15.53 -45.27 -26.15
N MET F 324 15.52 -45.61 -24.85
CA MET F 324 15.28 -46.99 -24.48
C MET F 324 13.83 -47.38 -24.65
N ALA F 325 12.92 -46.41 -24.77
CA ALA F 325 11.59 -46.73 -25.24
C ALA F 325 11.64 -47.19 -26.69
N ARG F 326 12.47 -46.54 -27.51
CA ARG F 326 12.63 -46.99 -28.89
C ARG F 326 13.45 -48.26 -28.96
N ALA F 327 14.35 -48.45 -28.01
CA ALA F 327 15.18 -49.65 -28.03
C ALA F 327 14.39 -50.89 -27.63
N LEU F 328 13.42 -50.72 -26.73
CA LEU F 328 12.62 -51.85 -26.28
C LEU F 328 11.73 -52.38 -27.40
N ALA F 329 11.19 -51.47 -28.21
CA ALA F 329 10.40 -51.90 -29.36
C ALA F 329 11.28 -52.55 -30.42
N ALA F 330 12.52 -52.07 -30.55
CA ALA F 330 13.45 -52.72 -31.46
C ALA F 330 13.89 -54.07 -30.92
N ALA F 331 14.05 -54.18 -29.60
CA ALA F 331 14.46 -55.45 -29.02
C ALA F 331 13.31 -56.43 -28.98
N CYS F 332 12.08 -55.95 -29.04
CA CYS F 332 10.94 -56.87 -28.99
C CYS F 332 10.80 -57.62 -30.30
N SER F 333 11.23 -57.02 -31.41
CA SER F 333 11.30 -57.76 -32.67
C SER F 333 12.51 -58.67 -32.72
N SER F 334 13.44 -58.54 -31.78
CA SER F 334 14.52 -59.50 -31.62
C SER F 334 14.11 -60.72 -30.82
N GLU F 335 12.88 -60.76 -30.33
CA GLU F 335 12.30 -61.95 -29.74
C GLU F 335 11.76 -62.84 -30.86
N ASN F 336 10.94 -63.84 -30.50
CA ASN F 336 10.27 -64.65 -31.50
C ASN F 336 9.20 -63.83 -32.21
N LYS F 337 9.32 -63.76 -33.53
CA LYS F 337 8.40 -63.02 -34.37
C LYS F 337 7.02 -63.66 -34.34
N LYS F 338 5.96 -62.83 -34.44
CA LYS F 338 5.98 -61.38 -34.59
C LYS F 338 5.18 -60.72 -33.47
N VAL F 339 5.61 -59.54 -33.03
CA VAL F 339 4.86 -58.72 -32.09
C VAL F 339 4.73 -57.32 -32.67
N SER F 340 3.51 -56.84 -32.78
CA SER F 340 3.26 -55.50 -33.32
C SER F 340 2.96 -54.52 -32.19
N PHE F 341 3.08 -53.23 -32.51
CA PHE F 341 2.88 -52.19 -31.54
C PHE F 341 2.47 -50.90 -32.24
N TYR F 342 1.78 -50.03 -31.50
CA TYR F 342 1.20 -48.81 -32.04
C TYR F 342 1.91 -47.59 -31.48
N MET F 343 1.91 -46.52 -32.27
CA MET F 343 2.52 -45.26 -31.88
C MET F 343 1.45 -44.17 -31.79
N ARG F 344 1.66 -43.22 -30.88
CA ARG F 344 0.67 -42.17 -30.68
C ARG F 344 1.36 -40.95 -30.07
N LYS F 345 1.08 -39.78 -30.62
CA LYS F 345 1.69 -38.52 -30.17
C LYS F 345 1.01 -37.98 -28.91
N GLY F 346 1.23 -36.70 -28.62
CA GLY F 346 0.75 -36.14 -27.37
C GLY F 346 -0.75 -35.97 -27.31
N ALA F 347 -1.36 -35.45 -28.37
CA ALA F 347 -2.81 -35.24 -28.36
C ALA F 347 -3.32 -35.42 -29.79
N ASP F 348 -3.81 -36.63 -30.08
CA ASP F 348 -4.32 -36.97 -31.40
C ASP F 348 -5.76 -37.46 -31.36
N CYS F 349 -6.32 -37.69 -30.18
CA CYS F 349 -7.68 -38.16 -30.03
C CYS F 349 -8.68 -37.03 -29.86
N LEU F 350 -8.42 -35.88 -30.46
CA LEU F 350 -9.35 -34.77 -30.44
C LEU F 350 -10.09 -34.71 -31.77
N SER F 351 -11.23 -34.00 -31.78
CA SER F 351 -12.05 -33.96 -32.97
C SER F 351 -12.94 -32.73 -32.93
N LYS F 352 -13.38 -32.32 -34.12
CA LYS F 352 -14.28 -31.19 -34.26
C LYS F 352 -15.71 -31.51 -33.87
N TRP F 353 -16.12 -32.77 -33.98
CA TRP F 353 -17.52 -33.14 -33.84
C TRP F 353 -17.77 -33.62 -32.42
N VAL F 354 -19.05 -33.59 -32.01
CA VAL F 354 -19.40 -33.64 -30.59
C VAL F 354 -19.14 -35.04 -30.02
N GLY F 355 -19.75 -36.07 -30.60
CA GLY F 355 -19.27 -37.38 -30.26
C GLY F 355 -18.40 -37.92 -31.35
N GLU F 356 -17.09 -37.67 -31.24
CA GLU F 356 -16.10 -38.42 -32.02
C GLU F 356 -14.85 -38.75 -31.24
N ALA F 357 -14.51 -37.99 -30.19
CA ALA F 357 -13.27 -38.21 -29.47
C ALA F 357 -13.35 -39.48 -28.64
N GLU F 358 -14.46 -39.66 -27.93
CA GLU F 358 -14.63 -40.83 -27.08
C GLU F 358 -14.80 -42.08 -27.93
N ARG F 359 -15.40 -41.94 -29.12
CA ARG F 359 -15.53 -43.07 -30.02
C ARG F 359 -14.17 -43.48 -30.58
N GLN F 360 -13.28 -42.51 -30.79
CA GLN F 360 -12.00 -42.82 -31.41
C GLN F 360 -11.06 -43.53 -30.44
N LEU F 361 -11.20 -43.28 -29.13
CA LEU F 361 -10.44 -44.06 -28.17
C LEU F 361 -10.96 -45.48 -28.07
N ARG F 362 -12.28 -45.65 -28.23
CA ARG F 362 -12.86 -46.99 -28.13
C ARG F 362 -12.48 -47.87 -29.30
N LEU F 363 -12.17 -47.27 -30.45
CA LEU F 363 -11.65 -48.05 -31.57
C LEU F 363 -10.22 -48.49 -31.33
N LEU F 364 -9.48 -47.76 -30.48
CA LEU F 364 -8.07 -48.05 -30.29
C LEU F 364 -7.88 -49.32 -29.47
N PHE F 365 -8.51 -49.38 -28.30
CA PHE F 365 -8.28 -50.48 -27.37
C PHE F 365 -8.80 -51.80 -27.92
N GLU F 366 -9.87 -51.74 -28.72
CA GLU F 366 -10.41 -52.97 -29.28
C GLU F 366 -9.54 -53.49 -30.41
N GLU F 367 -8.90 -52.61 -31.18
CA GLU F 367 -8.08 -53.08 -32.28
C GLU F 367 -6.80 -53.72 -31.79
N ALA F 368 -6.25 -53.24 -30.68
CA ALA F 368 -5.06 -53.86 -30.13
C ALA F 368 -5.37 -55.20 -29.48
N LYS F 369 -6.63 -55.40 -29.05
CA LYS F 369 -7.00 -56.63 -28.38
C LYS F 369 -7.00 -57.83 -29.33
N SER F 370 -7.40 -57.62 -30.58
CA SER F 370 -7.43 -58.69 -31.57
C SER F 370 -6.06 -58.94 -32.20
N THR F 371 -5.00 -58.33 -31.69
CA THR F 371 -3.62 -58.49 -32.14
C THR F 371 -2.74 -58.86 -30.96
N GLN F 372 -3.17 -59.90 -30.24
CA GLN F 372 -2.95 -60.13 -28.79
C GLN F 372 -1.57 -59.83 -28.22
N PRO F 373 -0.42 -60.22 -28.83
CA PRO F 373 0.85 -59.72 -28.27
C PRO F 373 1.13 -58.32 -28.79
N SER F 374 1.05 -57.33 -27.89
CA SER F 374 1.12 -55.95 -28.34
C SER F 374 1.51 -55.02 -27.19
N ILE F 375 2.19 -53.92 -27.55
CA ILE F 375 2.45 -52.80 -26.65
C ILE F 375 1.88 -51.55 -27.33
N ILE F 376 1.65 -50.51 -26.53
CA ILE F 376 1.17 -49.24 -27.07
C ILE F 376 1.96 -48.11 -26.42
N PHE F 377 2.08 -46.99 -27.13
CA PHE F 377 2.91 -45.87 -26.71
C PHE F 377 2.06 -44.61 -26.58
N PHE F 378 2.27 -43.87 -25.51
CA PHE F 378 1.76 -42.52 -25.35
C PHE F 378 2.95 -41.61 -25.07
N ASP F 379 3.21 -40.65 -25.95
CA ASP F 379 4.47 -39.92 -25.88
C ASP F 379 4.45 -38.86 -24.79
N GLN F 380 3.50 -37.92 -24.84
CA GLN F 380 3.42 -36.86 -23.86
C GLN F 380 2.12 -37.02 -23.08
N ILE F 381 2.25 -37.36 -21.79
CA ILE F 381 1.06 -37.66 -20.98
C ILE F 381 0.37 -36.37 -20.55
N ASP F 382 1.15 -35.32 -20.29
CA ASP F 382 0.63 -34.10 -19.67
C ASP F 382 -0.35 -33.37 -20.57
N GLY F 383 -0.18 -33.48 -21.88
CA GLY F 383 -1.20 -32.94 -22.77
C GLY F 383 -2.45 -33.77 -22.86
N LEU F 384 -2.40 -35.01 -22.38
CA LEU F 384 -3.52 -35.94 -22.50
C LEU F 384 -4.40 -35.99 -21.26
N ALA F 385 -3.80 -35.95 -20.08
CA ALA F 385 -4.55 -36.09 -18.82
C ALA F 385 -4.04 -35.07 -17.81
N PRO F 386 -4.49 -33.82 -17.91
CA PRO F 386 -4.09 -32.83 -16.91
C PRO F 386 -4.98 -32.93 -15.67
N VAL F 387 -4.81 -32.02 -14.74
CA VAL F 387 -5.68 -31.99 -13.57
C VAL F 387 -6.92 -31.17 -13.88
N ARG F 388 -7.99 -31.43 -13.14
CA ARG F 388 -9.28 -30.80 -13.41
C ARG F 388 -9.44 -29.53 -12.60
N SER F 389 -10.04 -28.51 -13.22
CA SER F 389 -10.25 -27.23 -12.58
C SER F 389 -11.64 -26.73 -12.97
N SER F 390 -12.01 -25.56 -12.45
CA SER F 390 -13.24 -24.89 -12.84
C SER F 390 -13.03 -23.88 -13.96
N LYS F 391 -11.80 -23.42 -14.16
CA LYS F 391 -11.47 -22.47 -15.21
C LYS F 391 -11.27 -23.14 -16.56
N GLN F 392 -10.86 -24.40 -16.58
CA GLN F 392 -10.66 -25.16 -17.80
C GLN F 392 -11.94 -25.90 -18.16
N GLU F 393 -12.10 -26.18 -19.44
CA GLU F 393 -13.36 -26.68 -19.95
C GLU F 393 -13.55 -28.16 -19.63
N GLN F 394 -14.76 -28.64 -19.85
CA GLN F 394 -15.15 -29.98 -19.46
C GLN F 394 -14.83 -31.03 -20.52
N ILE F 395 -14.33 -30.63 -21.68
CA ILE F 395 -14.01 -31.61 -22.73
C ILE F 395 -12.82 -32.45 -22.31
N HIS F 396 -11.80 -31.82 -21.72
CA HIS F 396 -10.66 -32.58 -21.21
C HIS F 396 -11.02 -33.37 -19.97
N ALA F 397 -12.04 -32.92 -19.23
CA ALA F 397 -12.53 -33.69 -18.10
C ALA F 397 -13.24 -34.96 -18.55
N SER F 398 -13.94 -34.89 -19.69
CA SER F 398 -14.64 -36.05 -20.18
C SER F 398 -13.71 -37.07 -20.83
N ILE F 399 -12.52 -36.63 -21.25
CA ILE F 399 -11.59 -37.51 -21.93
C ILE F 399 -10.59 -38.12 -20.96
N VAL F 400 -10.45 -37.55 -19.75
CA VAL F 400 -9.65 -38.20 -18.73
C VAL F 400 -10.50 -39.20 -17.95
N SER F 401 -11.81 -38.98 -17.88
CA SER F 401 -12.69 -39.93 -17.22
C SER F 401 -12.84 -41.19 -18.05
N THR F 402 -12.93 -41.06 -19.37
CA THR F 402 -13.17 -42.25 -20.18
C THR F 402 -11.94 -43.11 -20.36
N LEU F 403 -10.76 -42.62 -19.98
CA LEU F 403 -9.56 -43.45 -20.08
C LEU F 403 -9.56 -44.54 -19.03
N LEU F 404 -9.62 -44.16 -17.76
CA LEU F 404 -9.64 -45.15 -16.69
C LEU F 404 -11.02 -45.75 -16.48
N ALA F 405 -11.99 -45.38 -17.31
CA ALA F 405 -13.26 -46.09 -17.32
C ALA F 405 -13.12 -47.48 -17.92
N LEU F 406 -12.25 -47.63 -18.93
CA LEU F 406 -12.07 -48.93 -19.57
C LEU F 406 -10.67 -49.50 -19.39
N MET F 407 -9.73 -48.73 -18.84
CA MET F 407 -8.38 -49.24 -18.69
C MET F 407 -8.32 -50.29 -17.59
N ASP F 408 -9.25 -50.24 -16.65
CA ASP F 408 -9.47 -51.31 -15.69
C ASP F 408 -10.50 -52.31 -16.18
N GLY F 409 -10.89 -52.24 -17.45
CA GLY F 409 -11.98 -53.06 -17.94
C GLY F 409 -11.58 -54.41 -18.48
N MET F 410 -10.32 -54.56 -18.89
CA MET F 410 -9.91 -55.80 -19.55
C MET F 410 -9.61 -56.92 -18.56
N GLU F 411 -8.63 -56.68 -17.66
CA GLU F 411 -8.00 -57.61 -16.72
C GLU F 411 -7.75 -59.00 -17.29
N SER F 412 -7.33 -59.06 -18.55
CA SER F 412 -7.39 -60.29 -19.31
C SER F 412 -6.17 -61.18 -19.13
N ARG F 413 -5.04 -60.61 -18.70
CA ARG F 413 -3.70 -61.22 -18.80
C ARG F 413 -3.41 -61.72 -20.21
N GLY F 414 -3.86 -61.00 -21.24
CA GLY F 414 -3.89 -61.61 -22.56
C GLY F 414 -2.58 -61.49 -23.28
N GLN F 415 -2.17 -60.25 -23.59
CA GLN F 415 -0.89 -59.58 -23.31
C GLN F 415 -1.11 -58.11 -23.61
N VAL F 416 -1.19 -57.24 -22.61
CA VAL F 416 -1.42 -55.81 -22.86
C VAL F 416 -0.54 -55.01 -21.91
N ILE F 417 0.38 -54.25 -22.46
CA ILE F 417 1.19 -53.32 -21.68
C ILE F 417 1.12 -51.95 -22.34
N ILE F 418 1.06 -50.90 -21.50
CA ILE F 418 0.99 -49.52 -21.97
C ILE F 418 2.05 -48.70 -21.23
N ILE F 419 2.88 -48.00 -22.00
CA ILE F 419 3.93 -47.16 -21.42
C ILE F 419 3.62 -45.70 -21.74
N GLY F 420 4.30 -44.81 -21.03
CA GLY F 420 4.12 -43.38 -21.23
C GLY F 420 5.16 -42.54 -20.51
N ALA F 421 5.71 -41.54 -21.19
CA ALA F 421 6.75 -40.70 -20.61
C ALA F 421 6.24 -39.29 -20.40
N THR F 422 6.89 -38.58 -19.48
CA THR F 422 6.44 -37.24 -19.12
C THR F 422 7.65 -36.39 -18.77
N ASN F 423 7.70 -35.17 -19.32
CA ASN F 423 8.78 -34.26 -19.00
C ASN F 423 8.67 -33.75 -17.56
N ARG F 424 7.48 -33.33 -17.15
CA ARG F 424 7.26 -32.82 -15.79
C ARG F 424 6.09 -33.56 -15.13
N PRO F 425 6.35 -34.43 -14.17
CA PRO F 425 5.27 -35.28 -13.64
C PRO F 425 4.47 -34.64 -12.52
N ASP F 426 4.05 -33.40 -12.71
CA ASP F 426 3.19 -32.72 -11.76
C ASP F 426 1.85 -32.31 -12.35
N ALA F 427 1.79 -32.02 -13.65
CA ALA F 427 0.53 -31.66 -14.27
C ALA F 427 -0.38 -32.86 -14.50
N VAL F 428 0.13 -34.08 -14.32
CA VAL F 428 -0.67 -35.27 -14.53
C VAL F 428 -1.72 -35.39 -13.43
N ASP F 429 -2.77 -36.14 -13.72
CA ASP F 429 -3.85 -36.31 -12.76
C ASP F 429 -3.38 -37.21 -11.62
N PRO F 430 -3.56 -36.79 -10.36
CA PRO F 430 -3.18 -37.66 -9.24
C PRO F 430 -4.05 -38.89 -9.13
N ALA F 431 -5.26 -38.88 -9.68
CA ALA F 431 -6.09 -40.08 -9.69
C ALA F 431 -5.60 -41.11 -10.70
N LEU F 432 -4.65 -40.76 -11.56
CA LEU F 432 -4.11 -41.71 -12.51
C LEU F 432 -3.00 -42.56 -11.90
N ARG F 433 -2.52 -42.22 -10.70
CA ARG F 433 -1.43 -42.94 -10.07
C ARG F 433 -1.89 -43.84 -8.93
N ARG F 434 -3.17 -44.21 -8.90
CA ARG F 434 -3.66 -45.14 -7.90
C ARG F 434 -3.18 -46.55 -8.21
N PRO F 435 -3.11 -47.43 -7.21
CA PRO F 435 -2.75 -48.82 -7.49
C PRO F 435 -3.81 -49.52 -8.33
N GLY F 436 -3.34 -50.47 -9.13
CA GLY F 436 -4.17 -51.18 -10.06
C GLY F 436 -4.12 -50.62 -11.47
N ARG F 437 -3.75 -49.36 -11.62
CA ARG F 437 -3.71 -48.72 -12.93
C ARG F 437 -2.29 -48.33 -13.32
N PHE F 438 -1.63 -47.50 -12.53
CA PHE F 438 -0.24 -47.13 -12.72
C PHE F 438 0.52 -47.49 -11.44
N ASP F 439 1.28 -48.57 -11.51
CA ASP F 439 1.94 -49.10 -10.33
C ASP F 439 3.45 -48.95 -10.32
N ARG F 440 4.07 -49.04 -11.48
CA ARG F 440 5.52 -49.08 -11.59
C ARG F 440 6.04 -47.75 -12.13
N GLU F 441 7.04 -47.19 -11.46
CA GLU F 441 7.59 -45.90 -11.86
C GLU F 441 9.11 -45.97 -11.79
N PHE F 442 9.76 -45.15 -12.63
CA PHE F 442 11.21 -45.11 -12.70
C PHE F 442 11.67 -43.67 -12.59
N TYR F 443 12.98 -43.46 -12.79
CA TYR F 443 13.58 -42.14 -12.67
C TYR F 443 14.91 -42.16 -13.40
N PHE F 444 15.17 -41.15 -14.22
CA PHE F 444 16.42 -40.99 -14.94
C PHE F 444 17.08 -39.72 -14.46
N PRO F 445 17.81 -39.77 -13.37
CA PRO F 445 18.40 -38.55 -12.80
C PRO F 445 19.84 -38.21 -13.16
N LEU F 446 20.04 -37.72 -14.41
CA LEU F 446 21.13 -36.80 -14.77
C LEU F 446 22.53 -37.28 -14.43
N PRO F 447 23.14 -38.18 -15.24
CA PRO F 447 24.26 -39.04 -14.81
C PRO F 447 25.47 -38.36 -14.18
N ASP F 448 25.85 -38.83 -12.99
CA ASP F 448 26.70 -38.03 -12.11
C ASP F 448 28.20 -38.12 -12.43
N ARG F 449 28.82 -39.28 -12.19
CA ARG F 449 30.23 -39.40 -12.54
C ARG F 449 30.54 -40.62 -13.38
N ASP F 450 30.13 -41.79 -12.89
CA ASP F 450 30.65 -43.03 -13.46
C ASP F 450 29.93 -43.43 -14.73
N ALA F 451 28.64 -43.08 -14.83
CA ALA F 451 27.91 -43.36 -16.06
C ALA F 451 28.40 -42.51 -17.21
N ARG F 452 28.93 -41.32 -16.91
CA ARG F 452 29.42 -40.43 -17.95
C ARG F 452 30.67 -40.98 -18.64
N LYS F 453 31.38 -41.90 -17.98
CA LYS F 453 32.50 -42.56 -18.62
C LYS F 453 32.03 -43.45 -19.76
N LYS F 454 30.88 -44.09 -19.61
CA LYS F 454 30.39 -45.00 -20.64
C LYS F 454 29.55 -44.31 -21.69
N ILE F 455 28.77 -43.30 -21.31
CA ILE F 455 27.91 -42.60 -22.26
C ILE F 455 28.74 -41.71 -23.19
N ILE F 456 30.00 -41.40 -22.83
CA ILE F 456 30.93 -40.78 -23.78
C ILE F 456 31.66 -41.84 -24.60
N GLU F 457 31.72 -43.08 -24.11
CA GLU F 457 32.42 -44.12 -24.84
C GLU F 457 31.54 -44.71 -25.92
N ILE F 458 30.24 -44.81 -25.64
CA ILE F 458 29.34 -45.58 -26.49
C ILE F 458 29.02 -44.81 -27.76
N HIS F 459 29.04 -43.48 -27.71
CA HIS F 459 28.76 -42.67 -28.90
C HIS F 459 29.99 -42.49 -29.79
N THR F 460 31.01 -43.37 -29.69
CA THR F 460 32.25 -43.25 -30.46
C THR F 460 32.74 -44.62 -30.90
N ARG F 461 32.29 -45.05 -32.08
CA ARG F 461 33.00 -46.07 -32.86
C ARG F 461 33.85 -45.32 -33.90
N ASN F 462 34.89 -44.71 -33.35
CA ASN F 462 35.53 -43.51 -33.86
C ASN F 462 37.01 -43.79 -33.77
N TRP F 463 37.83 -42.73 -33.70
CA TRP F 463 39.24 -42.82 -33.30
C TRP F 463 40.05 -43.65 -34.29
N ASP F 464 40.14 -43.13 -35.52
CA ASP F 464 41.02 -43.72 -36.50
C ASP F 464 42.47 -43.79 -36.01
N PRO F 465 43.00 -42.85 -35.23
CA PRO F 465 43.91 -43.23 -34.16
C PRO F 465 43.15 -43.49 -32.88
N PRO F 466 43.15 -44.72 -32.39
CA PRO F 466 42.53 -44.95 -31.08
C PRO F 466 43.37 -44.41 -29.94
N VAL F 467 42.96 -43.27 -29.38
CA VAL F 467 43.71 -42.64 -28.29
C VAL F 467 43.12 -43.15 -26.98
N PRO F 468 43.95 -43.50 -25.99
CA PRO F 468 43.43 -44.14 -24.77
C PRO F 468 42.55 -43.28 -23.88
N GLU F 469 42.20 -43.86 -22.74
CA GLU F 469 41.03 -43.49 -21.97
C GLU F 469 41.29 -42.43 -20.92
N TRP F 470 42.55 -42.04 -20.71
CA TRP F 470 42.80 -40.97 -19.75
C TRP F 470 42.28 -39.63 -20.25
N LEU F 471 42.12 -39.48 -21.56
CA LEU F 471 41.34 -38.37 -22.09
C LEU F 471 39.90 -38.45 -21.61
N CYS F 472 39.27 -39.61 -21.81
CA CYS F 472 37.86 -39.76 -21.44
C CYS F 472 37.66 -39.76 -19.94
N SER F 473 38.66 -40.23 -19.19
CA SER F 473 38.56 -40.13 -17.75
C SER F 473 38.75 -38.70 -17.26
N MET F 474 39.45 -37.87 -18.02
CA MET F 474 39.58 -36.47 -17.63
C MET F 474 38.31 -35.69 -17.96
N LEU F 475 37.65 -36.03 -19.06
CA LEU F 475 36.44 -35.32 -19.47
C LEU F 475 35.25 -35.62 -18.59
N ALA F 476 35.34 -36.61 -17.71
CA ALA F 476 34.24 -36.90 -16.80
C ALA F 476 34.11 -35.81 -15.74
N GLU F 477 35.23 -35.34 -15.21
CA GLU F 477 35.16 -34.34 -14.14
C GLU F 477 34.88 -32.94 -14.66
N LYS F 478 35.09 -32.68 -15.95
CA LYS F 478 34.82 -31.35 -16.47
C LYS F 478 33.33 -31.10 -16.60
N SER F 479 32.55 -32.13 -16.86
CA SER F 479 31.11 -32.00 -16.92
C SER F 479 30.52 -31.93 -15.52
N LYS F 480 29.46 -31.14 -15.38
CA LYS F 480 28.79 -30.95 -14.10
C LYS F 480 27.27 -31.04 -14.34
N GLY F 481 26.87 -32.16 -14.95
CA GLY F 481 25.46 -32.36 -15.17
C GLY F 481 25.03 -31.85 -16.53
N TYR F 482 25.72 -32.30 -17.57
CA TYR F 482 25.31 -31.98 -18.92
C TYR F 482 23.99 -32.69 -19.26
N GLY F 483 23.97 -34.00 -19.13
CA GLY F 483 22.80 -34.78 -19.49
C GLY F 483 23.09 -35.72 -20.66
N GLY F 484 22.13 -36.58 -20.92
CA GLY F 484 22.33 -37.62 -21.92
C GLY F 484 22.40 -37.15 -23.35
N ALA F 485 21.85 -35.96 -23.63
CA ALA F 485 21.79 -35.46 -25.00
C ALA F 485 23.08 -34.76 -25.40
N ASP F 486 23.50 -33.77 -24.61
CA ASP F 486 24.61 -32.91 -25.00
C ASP F 486 25.97 -33.58 -24.87
N LEU F 487 26.06 -34.77 -24.29
CA LEU F 487 27.30 -35.53 -24.40
C LEU F 487 27.58 -35.91 -25.84
N ARG F 488 26.54 -36.18 -26.62
CA ARG F 488 26.74 -36.37 -28.05
C ARG F 488 27.08 -35.05 -28.73
N ALA F 489 26.53 -33.94 -28.23
CA ALA F 489 26.77 -32.65 -28.87
C ALA F 489 28.20 -32.17 -28.64
N LEU F 490 28.83 -32.64 -27.56
CA LEU F 490 30.23 -32.30 -27.34
C LEU F 490 31.12 -32.99 -28.37
N CYS F 491 30.78 -34.23 -28.74
CA CYS F 491 31.59 -34.94 -29.72
C CYS F 491 31.42 -34.38 -31.11
N THR F 492 30.18 -34.22 -31.57
CA THR F 492 29.94 -33.78 -32.93
C THR F 492 30.30 -32.32 -33.14
N GLU F 493 30.44 -31.55 -32.08
CA GLU F 493 31.05 -30.23 -32.24
C GLU F 493 32.54 -30.36 -32.46
N ALA F 494 33.18 -31.29 -31.76
CA ALA F 494 34.61 -31.50 -31.93
C ALA F 494 34.91 -32.14 -33.27
N ALA F 495 34.00 -32.99 -33.77
CA ALA F 495 34.25 -33.55 -35.08
C ALA F 495 33.99 -32.53 -36.19
N LEU F 496 33.20 -31.49 -35.92
CA LEU F 496 32.83 -30.54 -36.95
C LEU F 496 33.84 -29.42 -37.14
N ASN F 497 34.71 -29.17 -36.16
CA ASN F 497 35.74 -28.17 -36.38
C ASN F 497 37.12 -28.79 -36.56
N SER F 498 37.23 -30.11 -36.41
CA SER F 498 38.48 -30.77 -36.73
C SER F 498 38.74 -30.75 -38.23
N ILE F 499 37.66 -30.82 -39.02
CA ILE F 499 37.79 -30.70 -40.47
C ILE F 499 38.20 -29.28 -40.85
N LYS F 500 37.81 -28.29 -40.05
CA LYS F 500 38.20 -26.91 -40.30
C LYS F 500 39.69 -26.71 -40.11
N ARG F 501 40.32 -27.55 -39.28
CA ARG F 501 41.77 -27.50 -39.13
C ARG F 501 42.46 -28.11 -40.34
N THR F 502 41.82 -29.04 -41.03
CA THR F 502 42.50 -29.72 -42.12
C THR F 502 42.42 -28.93 -43.42
N TYR F 503 41.21 -28.62 -43.87
CA TYR F 503 41.00 -28.02 -45.19
C TYR F 503 40.22 -26.71 -45.06
N PRO F 504 40.88 -25.61 -44.69
CA PRO F 504 40.17 -24.34 -44.54
C PRO F 504 39.82 -23.66 -45.85
N GLN F 505 40.13 -24.25 -46.99
CA GLN F 505 39.61 -23.76 -48.25
C GLN F 505 38.34 -24.47 -48.66
N LEU F 506 37.82 -25.35 -47.79
CA LEU F 506 36.58 -26.04 -48.10
C LEU F 506 35.39 -25.10 -48.04
N TYR F 507 35.49 -24.01 -47.30
CA TYR F 507 34.49 -22.95 -47.33
C TYR F 507 34.83 -22.01 -48.47
N ARG F 508 34.23 -20.83 -48.46
CA ARG F 508 34.55 -19.65 -49.29
C ARG F 508 34.48 -19.93 -50.80
N SER F 509 33.82 -21.00 -51.22
CA SER F 509 33.61 -21.26 -52.65
C SER F 509 32.20 -21.84 -52.78
N THR F 510 31.91 -22.42 -53.94
CA THR F 510 30.54 -22.90 -54.15
C THR F 510 30.47 -24.35 -54.56
N LYS F 511 31.41 -24.84 -55.36
CA LYS F 511 31.34 -26.16 -55.96
C LYS F 511 32.23 -27.13 -55.20
N ARG F 512 31.87 -28.41 -55.26
CA ARG F 512 32.65 -29.45 -54.59
C ARG F 512 33.91 -29.73 -55.39
N LEU F 513 35.00 -30.03 -54.69
CA LEU F 513 36.27 -30.04 -55.42
C LEU F 513 36.90 -31.42 -55.51
N GLN F 514 37.48 -31.89 -54.40
CA GLN F 514 37.80 -33.26 -53.98
C GLN F 514 38.59 -33.12 -52.69
N ILE F 515 38.66 -34.16 -51.87
CA ILE F 515 39.52 -34.18 -50.71
C ILE F 515 40.15 -35.57 -50.62
N ASP F 516 40.97 -35.75 -49.59
CA ASP F 516 41.50 -37.06 -49.22
C ASP F 516 40.92 -37.41 -47.87
N PRO F 517 39.77 -38.08 -47.82
CA PRO F 517 39.06 -38.31 -46.54
C PRO F 517 39.67 -39.39 -45.66
N LYS F 518 40.98 -39.30 -45.43
CA LYS F 518 41.65 -40.13 -44.44
C LYS F 518 42.67 -39.33 -43.65
N THR F 519 42.76 -38.03 -43.89
CA THR F 519 43.64 -37.15 -43.12
C THR F 519 42.86 -36.35 -42.09
N ILE F 520 41.79 -36.94 -41.54
CA ILE F 520 40.87 -36.20 -40.69
C ILE F 520 41.02 -36.81 -39.30
N LYS F 521 42.23 -37.21 -38.96
CA LYS F 521 42.47 -37.74 -37.62
C LYS F 521 42.31 -36.63 -36.59
N VAL F 522 41.43 -36.85 -35.62
CA VAL F 522 41.05 -35.82 -34.67
C VAL F 522 42.13 -35.70 -33.60
N LYS F 523 42.64 -34.49 -33.42
CA LYS F 523 43.69 -34.24 -32.44
C LYS F 523 43.06 -33.86 -31.10
N VAL F 524 43.90 -33.44 -30.15
CA VAL F 524 43.46 -33.24 -28.78
C VAL F 524 43.21 -31.78 -28.44
N LYS F 525 43.91 -30.85 -29.08
CA LYS F 525 43.61 -29.42 -28.93
C LYS F 525 42.20 -29.10 -29.40
N ASP F 526 41.72 -29.85 -30.38
CA ASP F 526 40.41 -29.60 -30.95
C ASP F 526 39.31 -29.96 -29.96
N PHE F 527 39.57 -30.89 -29.05
CA PHE F 527 38.58 -31.23 -28.03
C PHE F 527 38.40 -30.09 -27.03
N VAL F 528 39.50 -29.62 -26.44
CA VAL F 528 39.39 -28.61 -25.40
C VAL F 528 39.00 -27.24 -25.95
N MET F 529 39.20 -27.01 -27.24
CA MET F 529 38.67 -25.78 -27.83
C MET F 529 37.15 -25.87 -27.95
N SER F 530 36.61 -27.05 -28.17
CA SER F 530 35.17 -27.19 -28.29
C SER F 530 34.47 -27.10 -26.94
N MET F 531 35.18 -27.41 -25.86
CA MET F 531 34.54 -27.45 -24.55
C MET F 531 34.34 -26.08 -23.93
N LYS F 532 34.88 -25.02 -24.52
CA LYS F 532 34.65 -23.69 -23.99
C LYS F 532 33.38 -23.07 -24.53
N ARG F 533 33.16 -23.19 -25.84
CA ARG F 533 32.13 -22.44 -26.53
C ARG F 533 30.76 -23.08 -26.47
N MET F 534 30.53 -23.97 -25.51
CA MET F 534 29.26 -24.67 -25.39
C MET F 534 28.81 -24.66 -23.94
N ILE F 535 27.50 -24.56 -23.74
CA ILE F 535 26.92 -24.50 -22.41
C ILE F 535 25.92 -25.64 -22.24
N PRO F 536 25.77 -26.20 -21.04
CA PRO F 536 24.81 -27.27 -20.84
C PRO F 536 23.38 -26.75 -20.89
N SER F 537 22.45 -27.71 -20.92
CA SER F 537 21.04 -27.36 -21.10
C SER F 537 20.45 -26.75 -19.84
N SER F 538 20.66 -27.40 -18.70
CA SER F 538 20.03 -26.98 -17.46
C SER F 538 20.54 -25.65 -16.94
N GLU F 539 21.68 -25.19 -17.43
CA GLU F 539 22.21 -23.88 -17.06
C GLU F 539 21.95 -22.83 -18.12
N ARG F 540 20.81 -22.93 -18.80
CA ARG F 540 20.39 -21.92 -19.75
C ARG F 540 19.33 -21.00 -19.22
N SER F 541 18.81 -21.26 -18.01
CA SER F 541 17.80 -20.41 -17.40
C SER F 541 18.28 -19.76 -16.11
N SER F 542 18.81 -20.56 -15.19
CA SER F 542 19.26 -20.05 -13.90
C SER F 542 20.70 -20.47 -13.63
N ILE F 543 21.19 -20.25 -12.42
CA ILE F 543 22.55 -20.59 -12.03
C ILE F 543 22.49 -21.64 -10.93
N SER F 544 23.23 -22.73 -11.11
CA SER F 544 23.21 -23.83 -10.16
C SER F 544 24.23 -23.58 -9.06
N PRO F 545 23.82 -23.44 -7.81
CA PRO F 545 24.80 -23.30 -6.73
C PRO F 545 25.51 -24.61 -6.44
N SER F 546 26.47 -24.97 -7.31
CA SER F 546 27.12 -26.26 -7.23
C SER F 546 28.46 -26.16 -7.93
N LYS F 547 29.54 -26.34 -7.19
CA LYS F 547 30.87 -26.13 -7.74
C LYS F 547 31.90 -26.89 -6.90
N PRO F 548 32.83 -27.59 -7.53
CA PRO F 548 33.88 -28.26 -6.77
C PRO F 548 34.97 -27.31 -6.31
N LEU F 549 36.05 -27.86 -5.75
CA LEU F 549 37.19 -27.05 -5.34
C LEU F 549 37.88 -26.44 -6.55
N SER F 550 38.53 -25.30 -6.32
CA SER F 550 39.40 -24.73 -7.34
C SER F 550 40.64 -25.61 -7.49
N PRO F 551 41.20 -25.71 -8.70
CA PRO F 551 42.41 -26.51 -8.90
C PRO F 551 43.64 -25.92 -8.22
N GLU F 552 43.65 -24.62 -7.92
CA GLU F 552 44.78 -24.00 -7.26
C GLU F 552 44.38 -23.37 -5.94
N LEU F 553 43.29 -23.82 -5.34
CA LEU F 553 43.01 -23.57 -3.94
C LEU F 553 43.04 -24.85 -3.13
N LYS F 554 43.43 -25.96 -3.74
CA LYS F 554 43.33 -27.26 -3.09
C LYS F 554 44.31 -27.44 -1.93
N PRO F 555 45.70 -27.21 -2.07
CA PRO F 555 46.60 -27.55 -0.96
C PRO F 555 46.59 -26.56 0.20
N LEU F 556 45.40 -26.14 0.61
CA LEU F 556 45.22 -25.32 1.78
C LEU F 556 44.01 -25.73 2.61
N LEU F 557 43.13 -26.59 2.08
CA LEU F 557 41.88 -26.90 2.73
C LEU F 557 41.63 -28.38 3.00
N ASN F 558 42.50 -29.30 2.53
CA ASN F 558 42.20 -30.72 2.59
C ASN F 558 42.19 -31.26 4.01
N GLU F 559 42.99 -30.65 4.89
CA GLU F 559 42.88 -31.00 6.30
C GLU F 559 41.58 -30.49 6.90
N ALA F 560 41.05 -29.39 6.36
CA ALA F 560 39.80 -28.83 6.85
C ALA F 560 38.61 -29.21 5.98
N PHE F 561 38.79 -30.08 5.01
CA PHE F 561 37.69 -30.51 4.15
C PHE F 561 37.15 -31.88 4.56
N GLN F 562 38.03 -32.84 4.78
CA GLN F 562 37.60 -34.23 4.96
C GLN F 562 37.02 -34.48 6.34
N ASP F 563 37.40 -33.69 7.34
CA ASP F 563 36.80 -33.84 8.66
C ASP F 563 35.35 -33.41 8.66
N ILE F 564 35.01 -32.44 7.81
CA ILE F 564 33.62 -32.03 7.66
C ILE F 564 32.80 -33.15 7.04
N GLU F 565 33.39 -33.87 6.09
CA GLU F 565 32.70 -34.97 5.43
C GLU F 565 32.48 -36.13 6.39
N LYS F 566 33.41 -36.35 7.32
CA LYS F 566 33.23 -37.41 8.30
C LYS F 566 32.12 -37.06 9.28
N THR F 567 31.94 -35.77 9.56
CA THR F 567 30.91 -35.37 10.52
C THR F 567 29.53 -35.46 9.89
N LEU F 568 29.40 -35.07 8.62
CA LEU F 568 28.12 -35.12 7.94
C LEU F 568 27.68 -36.56 7.69
N GLN F 569 28.63 -37.48 7.48
CA GLN F 569 28.28 -38.88 7.35
C GLN F 569 27.79 -39.45 8.66
N LYS F 570 28.38 -39.00 9.78
CA LYS F 570 27.87 -39.40 11.09
C LYS F 570 26.53 -38.76 11.38
N LEU F 571 26.37 -37.50 11.01
CA LEU F 571 25.10 -36.82 11.21
C LEU F 571 24.02 -37.35 10.26
N MET F 572 24.42 -37.79 9.07
CA MET F 572 23.46 -38.33 8.12
C MET F 572 24.19 -39.27 7.16
N PRO F 573 24.09 -40.59 7.34
CA PRO F 573 24.66 -41.51 6.35
C PRO F 573 23.88 -41.47 5.05
N VAL F 574 24.57 -41.15 3.96
CA VAL F 574 23.93 -40.98 2.67
C VAL F 574 24.31 -42.04 1.66
N ALA F 575 25.35 -42.82 1.90
CA ALA F 575 25.79 -43.83 0.94
C ALA F 575 24.98 -45.11 1.10
N TYR F 609 21.44 -37.45 15.34
CA TYR F 609 20.37 -36.79 16.07
C TYR F 609 20.36 -35.29 15.79
N LYS F 610 19.16 -34.75 15.54
CA LYS F 610 18.86 -33.34 15.27
C LYS F 610 19.76 -32.77 14.18
N PRO F 611 19.53 -33.11 12.90
CA PRO F 611 20.50 -32.76 11.86
C PRO F 611 20.55 -31.26 11.57
N ARG F 612 21.62 -30.63 12.06
CA ARG F 612 21.76 -29.18 12.07
C ARG F 612 23.23 -28.86 12.09
N PHE F 613 23.60 -27.72 11.51
CA PHE F 613 25.01 -27.43 11.27
C PHE F 613 25.21 -25.95 11.02
N LEU F 614 26.14 -25.32 11.73
CA LEU F 614 26.66 -23.99 11.43
C LEU F 614 28.16 -24.06 11.31
N ILE F 615 28.72 -23.21 10.45
CA ILE F 615 30.16 -23.11 10.26
C ILE F 615 30.54 -21.63 10.30
N CYS F 616 31.51 -21.29 11.14
CA CYS F 616 31.83 -19.90 11.43
C CYS F 616 33.32 -19.64 11.35
N GLY F 617 33.67 -18.36 11.42
CA GLY F 617 35.05 -17.94 11.35
C GLY F 617 35.11 -16.45 11.08
N ARG F 618 36.32 -15.94 10.90
CA ARG F 618 36.50 -14.53 10.59
C ARG F 618 36.08 -14.22 9.15
N LYS F 619 36.30 -12.99 8.73
CA LYS F 619 35.87 -12.56 7.41
C LYS F 619 36.87 -13.02 6.37
N GLY F 620 36.42 -13.87 5.45
CA GLY F 620 37.20 -14.23 4.28
C GLY F 620 38.42 -15.09 4.55
N LEU F 621 38.22 -16.27 5.10
CA LEU F 621 39.32 -17.21 5.29
C LEU F 621 38.83 -18.63 5.01
N GLY F 622 38.10 -18.81 3.93
CA GLY F 622 37.30 -19.99 3.82
C GLY F 622 35.94 -19.79 3.20
N GLN F 623 34.90 -19.90 4.04
CA GLN F 623 33.54 -20.35 3.77
C GLN F 623 32.93 -20.03 2.41
N THR F 624 33.23 -18.83 1.87
CA THR F 624 32.67 -18.39 0.60
C THR F 624 33.06 -19.27 -0.59
N ALA F 625 34.15 -20.03 -0.47
CA ALA F 625 34.53 -21.02 -1.47
C ALA F 625 34.50 -22.42 -0.92
N LEU F 626 33.84 -22.62 0.22
CA LEU F 626 33.71 -23.94 0.81
C LEU F 626 32.29 -24.46 0.82
N GLY F 627 31.29 -23.58 0.69
CA GLY F 627 29.90 -23.95 0.73
C GLY F 627 29.47 -24.87 -0.40
N PRO F 628 29.63 -24.42 -1.65
CA PRO F 628 29.40 -25.33 -2.78
C PRO F 628 30.37 -26.49 -2.83
N ALA F 629 31.54 -26.38 -2.20
CA ALA F 629 32.52 -27.45 -2.22
C ALA F 629 32.03 -28.68 -1.48
N ILE F 630 31.36 -28.49 -0.35
CA ILE F 630 30.79 -29.63 0.38
C ILE F 630 29.39 -29.98 -0.08
N LEU F 631 28.82 -29.21 -1.01
CA LEU F 631 27.48 -29.51 -1.48
C LEU F 631 27.51 -30.52 -2.62
N GLN F 632 28.40 -30.29 -3.59
CA GLN F 632 28.47 -31.16 -4.75
C GLN F 632 29.29 -32.42 -4.51
N GLN F 633 29.81 -32.62 -3.30
CA GLN F 633 30.59 -33.82 -3.03
C GLN F 633 29.71 -35.05 -3.02
N TYR F 634 28.57 -34.98 -2.33
CA TYR F 634 27.55 -36.00 -2.45
C TYR F 634 26.42 -35.45 -3.30
N GLU F 635 25.98 -36.25 -4.26
CA GLU F 635 24.98 -35.85 -5.24
C GLU F 635 23.79 -36.80 -5.18
N GLY F 636 22.87 -36.61 -6.12
CA GLY F 636 21.65 -37.40 -6.12
C GLY F 636 20.67 -37.01 -5.03
N VAL F 637 20.85 -35.85 -4.41
CA VAL F 637 19.99 -35.40 -3.34
C VAL F 637 19.35 -34.09 -3.78
N HIS F 638 18.08 -33.91 -3.43
CA HIS F 638 17.39 -32.65 -3.70
C HIS F 638 18.00 -31.52 -2.87
N VAL F 639 18.11 -30.35 -3.47
CA VAL F 639 18.80 -29.22 -2.84
C VAL F 639 18.18 -27.92 -3.34
N GLN F 640 17.91 -27.01 -2.41
CA GLN F 640 17.37 -25.69 -2.72
C GLN F 640 17.70 -24.77 -1.55
N SER F 641 17.60 -23.46 -1.78
CA SER F 641 18.13 -22.49 -0.83
C SER F 641 17.11 -21.41 -0.51
N PHE F 642 17.04 -21.05 0.77
CA PHE F 642 16.19 -19.94 1.21
C PHE F 642 17.01 -18.66 1.39
N ASP F 643 17.72 -18.23 0.36
CA ASP F 643 18.53 -17.02 0.51
C ASP F 643 17.84 -15.82 -0.14
N MET F 644 18.57 -14.72 -0.16
CA MET F 644 18.16 -13.58 -0.97
C MET F 644 18.29 -13.93 -2.45
N SER F 645 17.60 -13.14 -3.27
CA SER F 645 17.46 -13.35 -4.71
C SER F 645 16.83 -14.69 -5.06
N THR F 646 16.10 -15.29 -4.13
CA THR F 646 15.30 -16.48 -4.38
C THR F 646 13.91 -16.41 -3.78
N LEU F 647 13.71 -15.66 -2.70
CA LEU F 647 12.39 -15.42 -2.15
C LEU F 647 11.96 -13.97 -2.22
N LEU F 648 12.89 -13.04 -2.37
CA LEU F 648 12.57 -11.66 -2.70
C LEU F 648 12.44 -11.44 -4.19
N GLN F 649 12.73 -12.46 -5.00
CA GLN F 649 12.72 -12.30 -6.44
C GLN F 649 11.30 -12.19 -6.98
N ASP F 650 10.42 -13.09 -6.56
CA ASP F 650 9.06 -13.13 -7.08
C ASP F 650 8.23 -12.08 -6.37
N SER F 651 7.86 -11.02 -7.08
CA SER F 651 7.02 -9.97 -6.53
C SER F 651 5.55 -10.38 -6.67
N THR F 652 4.65 -9.44 -6.37
CA THR F 652 3.19 -9.64 -6.28
C THR F 652 2.86 -10.82 -5.38
N GLN F 653 3.40 -10.75 -4.16
CA GLN F 653 3.28 -11.80 -3.16
C GLN F 653 3.78 -11.23 -1.85
N SER F 654 3.28 -11.75 -0.75
CA SER F 654 3.92 -11.39 0.51
C SER F 654 5.13 -12.29 0.72
N ILE F 655 6.02 -11.84 1.59
CA ILE F 655 7.28 -12.54 1.78
C ILE F 655 7.06 -13.85 2.55
N GLU F 656 6.11 -13.88 3.48
CA GLU F 656 5.98 -15.04 4.35
C GLU F 656 5.31 -16.20 3.64
N THR F 657 4.42 -15.95 2.68
CA THR F 657 3.80 -17.06 1.98
C THR F 657 4.76 -17.67 0.97
N SER F 658 5.78 -16.92 0.56
CA SER F 658 6.81 -17.52 -0.29
C SER F 658 7.72 -18.42 0.53
N ILE F 659 7.81 -18.17 1.83
CA ILE F 659 8.62 -19.02 2.70
C ILE F 659 7.94 -20.37 2.90
N ILE F 660 6.64 -20.35 3.19
CA ILE F 660 5.95 -21.58 3.53
C ILE F 660 5.62 -22.40 2.29
N HIS F 661 5.57 -21.77 1.12
CA HIS F 661 5.30 -22.52 -0.10
C HIS F 661 6.51 -23.35 -0.50
N LEU F 662 7.71 -22.85 -0.22
CA LEU F 662 8.90 -23.66 -0.45
C LEU F 662 8.97 -24.82 0.53
N PHE F 663 8.42 -24.64 1.73
CA PHE F 663 8.43 -25.72 2.71
C PHE F 663 7.50 -26.85 2.32
N LEU F 664 6.49 -26.57 1.49
CA LEU F 664 5.67 -27.64 0.96
C LEU F 664 6.43 -28.47 -0.06
N GLU F 665 7.20 -27.82 -0.92
CA GLU F 665 7.89 -28.53 -1.99
C GLU F 665 9.30 -28.96 -1.62
N VAL F 666 9.74 -28.72 -0.39
CA VAL F 666 10.94 -29.38 0.09
C VAL F 666 10.57 -30.70 0.77
N ARG F 667 9.33 -30.85 1.22
CA ARG F 667 8.84 -32.09 1.77
C ARG F 667 8.15 -32.95 0.73
N ARG F 668 8.57 -32.81 -0.54
CA ARG F 668 8.04 -33.64 -1.60
C ARG F 668 8.45 -35.10 -1.43
N HIS F 669 9.61 -35.34 -0.84
CA HIS F 669 10.10 -36.70 -0.62
C HIS F 669 11.11 -36.68 0.51
N THR F 670 11.88 -37.76 0.61
CA THR F 670 12.95 -38.02 1.57
C THR F 670 14.24 -37.48 0.92
N PRO F 671 15.46 -37.68 1.52
CA PRO F 671 16.32 -36.53 1.90
C PRO F 671 16.42 -35.34 0.96
N SER F 672 16.32 -34.14 1.53
CA SER F 672 16.53 -32.89 0.82
C SER F 672 17.46 -32.01 1.65
N ILE F 673 17.91 -30.90 1.04
CA ILE F 673 18.93 -30.04 1.63
C ILE F 673 18.37 -28.63 1.75
N ILE F 674 18.57 -28.02 2.91
CA ILE F 674 18.30 -26.59 3.11
C ILE F 674 19.65 -25.88 3.22
N TYR F 675 19.84 -24.86 2.38
CA TYR F 675 21.14 -24.21 2.21
C TYR F 675 20.99 -22.71 2.42
N ILE F 676 21.81 -22.14 3.30
CA ILE F 676 21.81 -20.70 3.55
C ILE F 676 23.24 -20.17 3.52
N PRO F 677 23.63 -19.40 2.51
CA PRO F 677 24.86 -18.61 2.62
C PRO F 677 24.57 -17.24 3.21
N ASP F 678 25.56 -16.74 3.96
CA ASP F 678 25.59 -15.41 4.56
C ASP F 678 24.40 -15.24 5.53
N ILE F 679 24.44 -16.02 6.60
CA ILE F 679 23.40 -15.95 7.62
C ILE F 679 23.41 -14.62 8.39
N ASP F 680 24.55 -13.92 8.42
CA ASP F 680 24.63 -12.69 9.21
C ASP F 680 23.86 -11.56 8.55
N ASN F 681 24.02 -11.37 7.24
CA ASN F 681 23.21 -10.41 6.52
C ASN F 681 21.82 -10.94 6.20
N TRP F 682 21.58 -12.23 6.44
CA TRP F 682 20.24 -12.78 6.28
C TRP F 682 19.32 -12.27 7.36
N LEU F 683 19.81 -12.20 8.60
CA LEU F 683 18.99 -11.79 9.72
C LEU F 683 18.72 -10.29 9.73
N ASN F 684 19.52 -9.51 9.01
CA ASN F 684 19.45 -8.06 9.07
C ASN F 684 18.51 -7.46 8.04
N VAL F 685 18.09 -8.22 7.04
CA VAL F 685 17.32 -7.67 5.93
C VAL F 685 15.90 -8.22 5.85
N LEU F 686 15.59 -9.24 6.58
CA LEU F 686 14.21 -9.71 6.50
C LEU F 686 13.35 -9.00 7.54
N PRO F 687 12.06 -8.84 7.26
CA PRO F 687 11.16 -8.29 8.28
C PRO F 687 10.99 -9.23 9.46
N LEU F 688 10.68 -8.63 10.61
CA LEU F 688 10.71 -9.35 11.89
C LEU F 688 9.59 -10.37 11.99
N THR F 689 8.45 -10.10 11.36
CA THR F 689 7.34 -11.05 11.43
C THR F 689 7.62 -12.28 10.60
N ALA F 690 8.45 -12.15 9.56
CA ALA F 690 8.82 -13.31 8.76
C ALA F 690 9.89 -14.15 9.44
N ILE F 691 10.76 -13.53 10.23
CA ILE F 691 11.87 -14.25 10.84
C ILE F 691 11.39 -15.13 11.99
N THR F 692 10.18 -14.90 12.52
CA THR F 692 9.62 -15.79 13.52
C THR F 692 8.73 -16.87 12.91
N THR F 693 8.13 -16.59 11.75
CA THR F 693 7.33 -17.59 11.06
C THR F 693 8.19 -18.75 10.57
N PHE F 694 9.42 -18.47 10.16
CA PHE F 694 10.37 -19.53 9.85
C PHE F 694 10.74 -20.30 11.11
N SER F 695 11.07 -19.57 12.19
CA SER F 695 11.55 -20.18 13.42
C SER F 695 10.49 -20.94 14.18
N SER F 696 9.22 -20.60 14.03
CA SER F 696 8.17 -21.29 14.73
C SER F 696 7.54 -22.41 13.92
N MET F 697 8.17 -22.81 12.82
CA MET F 697 7.64 -23.89 12.01
C MET F 697 8.64 -25.00 11.74
N LEU F 698 9.94 -24.77 11.90
CA LEU F 698 10.88 -25.84 11.64
C LEU F 698 10.98 -26.83 12.78
N GLU F 699 10.33 -26.54 13.92
CA GLU F 699 10.29 -27.49 15.04
C GLU F 699 9.11 -28.44 14.92
N ARG F 700 8.98 -29.00 13.73
CA ARG F 700 8.08 -30.10 13.44
C ARG F 700 8.84 -31.28 12.85
N LEU F 701 10.12 -31.10 12.57
CA LEU F 701 10.98 -32.12 11.95
C LEU F 701 11.93 -32.61 13.05
N ASP F 702 11.41 -33.48 13.91
CA ASP F 702 12.15 -33.87 15.12
C ASP F 702 13.42 -34.68 14.87
N PHE F 703 13.31 -35.94 14.45
CA PHE F 703 14.50 -36.69 14.06
C PHE F 703 14.30 -37.44 12.75
N SER F 704 13.10 -37.97 12.55
CA SER F 704 12.88 -39.02 11.56
C SER F 704 12.98 -38.49 10.13
N ASP F 705 12.51 -37.28 9.89
CA ASP F 705 12.61 -36.69 8.57
C ASP F 705 14.07 -36.33 8.28
N GLN F 706 14.57 -36.79 7.14
CA GLN F 706 16.01 -36.73 6.85
C GLN F 706 16.35 -35.44 6.11
N ILE F 707 16.22 -34.32 6.82
CA ILE F 707 16.47 -32.99 6.27
C ILE F 707 17.62 -32.36 7.03
N LEU F 708 18.64 -31.91 6.30
CA LEU F 708 19.77 -31.21 6.88
C LEU F 708 19.63 -29.70 6.70
N PHE F 709 20.36 -28.95 7.53
CA PHE F 709 20.18 -27.52 7.70
C PHE F 709 21.51 -26.80 7.63
N LEU F 710 22.27 -27.07 6.57
CA LEU F 710 23.59 -26.46 6.40
C LEU F 710 23.49 -24.96 6.19
N ALA F 711 24.36 -24.21 6.88
CA ALA F 711 24.34 -22.74 6.81
C ALA F 711 25.72 -22.19 7.07
N LEU F 712 26.26 -21.43 6.12
CA LEU F 712 27.52 -20.74 6.28
C LEU F 712 27.36 -19.53 7.19
N SER F 713 28.48 -18.89 7.52
CA SER F 713 28.41 -17.69 8.35
C SER F 713 29.61 -16.77 8.14
N SER F 714 29.39 -15.52 8.51
CA SER F 714 30.39 -14.46 8.64
C SER F 714 31.05 -14.55 10.01
N SER F 715 31.48 -13.38 10.53
CA SER F 715 32.30 -13.06 11.70
C SER F 715 32.18 -14.02 12.87
N PRO F 716 33.30 -14.37 13.53
CA PRO F 716 33.39 -15.65 14.26
C PRO F 716 32.61 -15.75 15.56
N LEU F 717 32.91 -16.85 16.26
CA LEU F 717 32.18 -17.33 17.43
C LEU F 717 32.10 -16.27 18.52
N SER F 718 30.94 -16.28 19.21
CA SER F 718 30.59 -15.35 20.30
C SER F 718 30.53 -13.91 19.81
N GLU F 719 29.97 -13.69 18.62
CA GLU F 719 29.46 -12.37 18.28
C GLU F 719 27.96 -12.39 18.02
N LEU F 720 27.50 -13.17 17.05
CA LEU F 720 26.11 -13.63 16.90
C LEU F 720 25.11 -12.47 16.80
N HIS F 721 25.21 -11.78 15.67
CA HIS F 721 24.19 -10.84 15.21
C HIS F 721 22.80 -11.45 15.36
N PRO F 722 21.86 -10.76 16.03
CA PRO F 722 20.62 -11.41 16.49
C PRO F 722 19.74 -11.97 15.38
N GLN F 723 19.13 -13.13 15.63
CA GLN F 723 19.19 -13.88 16.91
C GLN F 723 20.41 -14.78 17.04
N LEU F 724 20.37 -15.65 18.05
CA LEU F 724 21.60 -16.12 18.64
C LEU F 724 21.54 -17.61 18.90
N ARG F 725 22.28 -18.09 19.90
CA ARG F 725 22.42 -19.50 20.24
C ARG F 725 21.14 -20.17 20.75
N GLU F 726 19.97 -19.53 20.62
CA GLU F 726 18.71 -20.26 20.75
C GLU F 726 18.49 -21.24 19.61
N TRP F 727 19.14 -21.01 18.46
CA TRP F 727 19.34 -22.03 17.43
C TRP F 727 20.58 -22.85 17.80
N PHE F 728 21.18 -23.54 16.83
CA PHE F 728 21.84 -24.85 16.94
C PHE F 728 22.35 -25.27 18.32
N SER F 729 23.18 -24.42 18.96
CA SER F 729 23.64 -24.55 20.36
C SER F 729 24.25 -25.91 20.68
N SER F 730 24.85 -26.56 19.70
CA SER F 730 25.41 -27.89 19.88
C SER F 730 26.89 -27.83 19.54
N LYS F 731 27.73 -28.13 20.54
CA LYS F 731 29.17 -28.11 20.33
C LYS F 731 29.63 -29.21 19.38
N GLN F 732 28.81 -30.25 19.19
CA GLN F 732 29.12 -31.28 18.21
C GLN F 732 28.98 -30.75 16.80
N SER F 733 28.14 -29.73 16.58
CA SER F 733 27.99 -29.11 15.26
C SER F 733 28.10 -27.59 15.38
N VAL F 734 29.34 -27.11 15.48
CA VAL F 734 29.80 -25.73 15.31
C VAL F 734 31.29 -25.85 15.02
N TYR F 735 31.78 -25.19 13.98
CA TYR F 735 33.18 -25.36 13.60
C TYR F 735 33.88 -24.01 13.57
N SER F 736 35.18 -24.04 13.89
CA SER F 736 36.04 -22.86 13.79
C SER F 736 36.92 -22.97 12.56
N LEU F 737 37.42 -21.82 12.12
CA LEU F 737 38.10 -21.67 10.84
C LEU F 737 39.40 -20.86 11.02
N GLN F 738 40.26 -21.31 11.92
CA GLN F 738 41.56 -20.67 12.13
C GLN F 738 42.39 -20.67 10.86
N TYR F 739 42.97 -19.50 10.53
CA TYR F 739 43.69 -19.36 9.28
C TYR F 739 45.01 -20.15 9.34
N PRO F 740 45.42 -20.80 8.25
CA PRO F 740 46.13 -22.08 8.39
C PRO F 740 47.62 -21.92 8.64
N THR F 741 48.07 -22.50 9.76
CA THR F 741 49.29 -23.32 9.94
C THR F 741 50.47 -22.94 9.05
N ARG F 742 50.97 -21.71 9.24
CA ARG F 742 51.82 -20.90 8.36
C ARG F 742 52.83 -21.68 7.51
N ASP F 743 53.48 -22.68 8.09
CA ASP F 743 54.30 -23.59 7.29
C ASP F 743 53.46 -24.66 6.61
N SER F 744 52.41 -24.25 5.90
CA SER F 744 51.68 -25.10 4.97
C SER F 744 51.40 -24.38 3.66
N ILE F 745 51.64 -23.08 3.59
CA ILE F 745 51.43 -22.33 2.35
C ILE F 745 52.55 -22.49 1.36
N ILE F 746 53.59 -23.26 1.70
CA ILE F 746 54.64 -23.64 0.76
C ILE F 746 54.03 -24.42 -0.40
N ALA F 747 53.09 -25.31 -0.09
CA ALA F 747 52.37 -26.02 -1.14
C ALA F 747 51.47 -25.12 -1.96
N PHE F 748 51.05 -23.97 -1.42
CA PHE F 748 50.24 -23.06 -2.22
C PHE F 748 51.08 -22.30 -3.23
N PHE F 749 52.25 -21.81 -2.83
CA PHE F 749 53.13 -21.12 -3.75
C PHE F 749 54.01 -22.06 -4.55
N GLN F 750 53.75 -23.37 -4.48
CA GLN F 750 54.63 -24.35 -5.13
C GLN F 750 54.61 -24.26 -6.66
N PRO F 751 53.47 -24.40 -7.37
CA PRO F 751 53.57 -24.52 -8.82
C PRO F 751 53.88 -23.21 -9.54
N ILE F 752 53.57 -22.06 -8.96
CA ILE F 752 53.98 -20.81 -9.57
C ILE F 752 55.48 -20.59 -9.38
N LEU F 753 56.05 -21.15 -8.31
CA LEU F 753 57.49 -21.19 -8.19
C LEU F 753 58.12 -22.09 -9.25
N GLU F 754 57.41 -23.16 -9.64
CA GLU F 754 57.90 -24.05 -10.67
C GLU F 754 57.86 -23.43 -12.06
N LEU F 755 57.03 -22.40 -12.25
CA LEU F 755 56.91 -21.75 -13.55
C LEU F 755 57.97 -20.69 -13.78
N ILE F 756 59.00 -20.60 -12.93
CA ILE F 756 60.06 -19.64 -13.12
C ILE F 756 61.28 -20.26 -13.80
N LYS F 757 61.35 -21.58 -13.89
CA LYS F 757 62.43 -22.28 -14.58
C LYS F 757 61.82 -22.94 -15.81
N ALA F 758 61.00 -22.16 -16.51
CA ALA F 758 60.01 -22.65 -17.45
C ALA F 758 60.22 -21.99 -18.81
N SER F 759 61.45 -22.14 -19.34
CA SER F 759 62.02 -21.61 -20.57
C SER F 759 61.03 -21.57 -21.73
N PRO F 760 61.07 -20.53 -22.59
CA PRO F 760 59.89 -20.15 -23.39
C PRO F 760 59.35 -21.14 -24.41
N THR F 761 59.92 -22.32 -24.54
CA THR F 761 59.23 -23.38 -25.29
C THR F 761 58.48 -24.30 -24.32
N GLU F 762 57.78 -23.67 -23.39
CA GLU F 762 56.64 -24.27 -22.70
C GLU F 762 55.49 -23.29 -22.54
N LEU F 763 55.74 -22.00 -22.54
CA LEU F 763 54.72 -21.00 -22.26
C LEU F 763 53.92 -20.67 -23.52
N PRO F 764 52.62 -20.38 -23.37
CA PRO F 764 51.80 -20.03 -24.53
C PRO F 764 51.93 -18.59 -24.99
N GLY F 765 52.88 -18.32 -25.89
CA GLY F 765 52.93 -17.00 -26.48
C GLY F 765 54.30 -16.37 -26.57
N GLY F 766 55.35 -17.14 -26.33
CA GLY F 766 56.69 -16.59 -26.42
C GLY F 766 57.29 -16.57 -27.81
N ILE F 767 56.63 -17.19 -28.78
CA ILE F 767 57.16 -17.35 -30.14
C ILE F 767 56.07 -16.93 -31.12
N PRO F 768 56.39 -16.18 -32.19
CA PRO F 768 55.34 -15.69 -33.11
C PRO F 768 54.71 -16.72 -34.03
N ARG F 769 55.05 -18.00 -33.86
CA ARG F 769 54.25 -19.17 -34.25
C ARG F 769 54.16 -19.50 -35.73
N LYS F 770 54.71 -18.66 -36.62
CA LYS F 770 55.16 -19.06 -37.97
C LYS F 770 54.02 -19.61 -38.83
N ARG F 771 53.17 -18.69 -39.30
CA ARG F 771 52.02 -19.02 -40.13
C ARG F 771 52.41 -19.79 -41.40
N ARG F 772 51.41 -20.45 -41.99
CA ARG F 772 51.64 -21.40 -43.06
C ARG F 772 50.89 -20.98 -44.33
N VAL F 773 50.96 -21.86 -45.33
CA VAL F 773 50.33 -21.65 -46.62
C VAL F 773 49.55 -22.90 -47.00
N LEU F 774 48.52 -22.71 -47.82
CA LEU F 774 47.68 -23.78 -48.33
C LEU F 774 47.63 -23.70 -49.84
N PRO F 775 47.90 -24.80 -50.54
CA PRO F 775 48.22 -24.70 -51.98
C PRO F 775 47.06 -24.32 -52.89
N GLU F 776 46.10 -25.24 -53.03
CA GLU F 776 45.07 -25.21 -54.06
C GLU F 776 44.23 -26.47 -53.88
N LEU F 777 43.02 -26.45 -54.48
CA LEU F 777 42.25 -27.65 -54.68
C LEU F 777 41.59 -27.56 -56.05
N PRO F 778 41.72 -28.57 -56.89
CA PRO F 778 41.11 -28.53 -58.22
C PRO F 778 39.68 -29.04 -58.18
N LEU F 779 38.97 -28.84 -59.31
CA LEU F 779 37.56 -29.17 -59.38
C LEU F 779 37.35 -30.68 -59.50
N ALA F 780 36.10 -31.08 -59.61
CA ALA F 780 35.75 -32.50 -59.65
C ALA F 780 35.58 -33.02 -61.07
N ARG F 1138 69.84 -19.77 -7.60
CA ARG F 1138 69.35 -18.48 -7.13
C ARG F 1138 67.85 -18.55 -6.91
N LEU F 1139 67.43 -19.30 -5.89
CA LEU F 1139 66.05 -19.26 -5.45
C LEU F 1139 65.87 -19.26 -3.93
N THR F 1140 66.84 -19.73 -3.16
CA THR F 1140 66.71 -19.82 -1.70
C THR F 1140 66.52 -18.50 -0.94
N PRO F 1141 66.92 -17.32 -1.45
CA PRO F 1141 66.35 -16.11 -0.84
C PRO F 1141 64.87 -15.95 -1.10
N LEU F 1142 64.39 -16.33 -2.29
CA LEU F 1142 63.00 -16.11 -2.63
C LEU F 1142 62.07 -17.02 -1.85
N LYS F 1143 62.50 -18.27 -1.62
CA LYS F 1143 61.68 -19.23 -0.90
C LYS F 1143 61.55 -18.88 0.57
N GLN F 1144 62.45 -18.07 1.12
CA GLN F 1144 62.32 -17.60 2.48
C GLN F 1144 61.72 -16.20 2.58
N LEU F 1145 61.82 -15.39 1.51
CA LEU F 1145 61.32 -14.03 1.57
C LEU F 1145 59.80 -14.01 1.61
N LEU F 1146 59.15 -14.81 0.77
CA LEU F 1146 57.70 -14.87 0.78
C LEU F 1146 57.15 -15.75 1.89
N ILE F 1147 58.01 -16.39 2.68
CA ILE F 1147 57.59 -17.10 3.88
C ILE F 1147 57.72 -16.22 5.11
N ASP F 1148 58.89 -15.57 5.27
CA ASP F 1148 59.11 -14.76 6.47
C ASP F 1148 58.29 -13.49 6.46
N SER F 1149 58.01 -12.92 5.29
CA SER F 1149 57.29 -11.67 5.22
C SER F 1149 55.78 -11.87 5.17
N THR F 1150 55.29 -13.08 5.40
CA THR F 1150 53.89 -13.37 5.21
C THR F 1150 53.35 -14.17 6.39
N THR F 1151 53.70 -13.74 7.61
CA THR F 1151 53.26 -14.51 8.78
C THR F 1151 51.82 -14.18 9.14
N GLY F 1152 51.56 -12.92 9.48
CA GLY F 1152 50.23 -12.53 9.91
C GLY F 1152 49.32 -12.20 8.74
N PHE F 1153 48.81 -13.22 8.08
CA PHE F 1153 47.95 -13.02 6.91
C PHE F 1153 46.62 -13.74 7.11
N THR F 1154 45.71 -13.51 6.17
CA THR F 1154 44.50 -14.30 6.04
C THR F 1154 44.38 -14.74 4.58
N VAL F 1155 43.41 -15.64 4.35
CA VAL F 1155 43.34 -16.36 3.08
C VAL F 1155 42.91 -15.43 1.94
N ASP F 1156 41.99 -14.50 2.22
CA ASP F 1156 41.47 -13.65 1.16
C ASP F 1156 42.52 -12.66 0.69
N GLN F 1157 43.28 -12.08 1.61
CA GLN F 1157 44.26 -11.10 1.19
C GLN F 1157 45.53 -11.75 0.65
N LEU F 1158 45.75 -13.04 0.88
CA LEU F 1158 46.92 -13.65 0.28
C LEU F 1158 46.70 -14.04 -1.17
N LEU F 1159 45.46 -13.96 -1.66
CA LEU F 1159 45.26 -14.15 -3.09
C LEU F 1159 45.72 -12.95 -3.90
N HIS F 1160 45.88 -11.79 -3.27
CA HIS F 1160 46.36 -10.62 -3.98
C HIS F 1160 47.81 -10.79 -4.42
N LEU F 1161 48.60 -11.47 -3.60
CA LEU F 1161 50.00 -11.69 -3.96
C LEU F 1161 50.12 -12.66 -5.13
N HIS F 1162 49.18 -13.60 -5.21
CA HIS F 1162 49.13 -14.50 -6.36
C HIS F 1162 48.83 -13.73 -7.63
N SER F 1163 47.79 -12.89 -7.58
CA SER F 1163 47.36 -12.17 -8.77
C SER F 1163 48.30 -11.05 -9.16
N PHE F 1164 49.09 -10.53 -8.23
CA PHE F 1164 49.94 -9.40 -8.54
C PHE F 1164 51.14 -9.82 -9.38
N LEU F 1165 51.95 -10.74 -8.88
CA LEU F 1165 53.15 -11.16 -9.58
C LEU F 1165 52.87 -12.15 -10.70
N TYR F 1166 51.62 -12.60 -10.86
CA TYR F 1166 51.28 -13.40 -12.02
C TYR F 1166 51.29 -12.57 -13.29
N GLN F 1167 50.97 -11.28 -13.16
CA GLN F 1167 51.14 -10.37 -14.29
C GLN F 1167 52.60 -10.17 -14.62
N ILE F 1168 53.48 -10.29 -13.62
CA ILE F 1168 54.92 -10.23 -13.87
C ILE F 1168 55.35 -11.45 -14.68
N ILE F 1169 54.73 -12.60 -14.43
CA ILE F 1169 54.97 -13.78 -15.25
C ILE F 1169 54.49 -13.54 -16.68
N TRP F 1170 53.34 -12.86 -16.82
CA TRP F 1170 52.83 -12.54 -18.15
C TRP F 1170 53.69 -11.52 -18.87
N ASN F 1171 54.45 -10.73 -18.13
CA ASN F 1171 55.31 -9.72 -18.74
C ASN F 1171 56.72 -10.21 -19.02
N THR F 1172 56.99 -11.51 -18.85
CA THR F 1172 58.23 -12.11 -19.32
C THR F 1172 57.97 -13.34 -20.19
N LYS F 1173 56.95 -13.24 -21.03
CA LYS F 1173 56.46 -14.39 -21.78
C LYS F 1173 57.46 -14.85 -22.83
N SER F 1174 58.22 -13.91 -23.41
CA SER F 1174 59.12 -14.25 -24.49
C SER F 1174 60.59 -13.96 -24.17
N GLU F 1175 60.91 -13.50 -22.97
CA GLU F 1175 62.28 -13.14 -22.65
C GLU F 1175 63.10 -14.37 -22.29
N TRP F 1176 64.25 -14.51 -22.93
CA TRP F 1176 65.24 -15.50 -22.50
C TRP F 1176 66.04 -14.89 -21.35
N ASN F 1177 67.11 -15.59 -20.95
CA ASN F 1177 67.99 -15.24 -19.84
C ASN F 1177 67.19 -15.11 -18.54
N ARG F 1178 66.71 -16.26 -18.07
CA ARG F 1178 65.86 -16.32 -16.89
C ARG F 1178 66.62 -16.07 -15.59
N ASN F 1179 67.24 -14.90 -15.50
CA ASN F 1179 67.88 -14.41 -14.29
C ASN F 1179 67.48 -12.98 -13.95
N SER F 1180 67.20 -12.14 -14.94
CA SER F 1180 66.76 -10.77 -14.72
C SER F 1180 65.24 -10.67 -14.59
N VAL F 1181 64.56 -11.79 -14.38
CA VAL F 1181 63.14 -11.76 -14.07
C VAL F 1181 62.85 -12.19 -12.63
N VAL F 1182 63.75 -12.93 -11.99
CA VAL F 1182 63.50 -13.41 -10.64
C VAL F 1182 63.70 -12.28 -9.65
N ASP F 1183 64.65 -11.39 -9.92
CA ASP F 1183 64.88 -10.22 -9.11
C ASP F 1183 63.70 -9.25 -9.13
N GLU F 1184 62.93 -9.24 -10.22
CA GLU F 1184 61.74 -8.41 -10.27
C GLU F 1184 60.66 -8.92 -9.33
N CYS F 1185 60.50 -10.24 -9.22
CA CYS F 1185 59.49 -10.79 -8.33
C CYS F 1185 59.90 -10.64 -6.87
N GLU F 1186 61.19 -10.71 -6.57
CA GLU F 1186 61.65 -10.36 -5.23
C GLU F 1186 61.44 -8.89 -4.94
N ARG F 1187 61.49 -8.06 -5.98
CA ARG F 1187 61.15 -6.66 -5.82
C ARG F 1187 59.64 -6.44 -5.79
N ALA F 1188 58.85 -7.41 -6.28
CA ALA F 1188 57.41 -7.25 -6.29
C ALA F 1188 56.80 -7.54 -4.92
N VAL F 1189 57.32 -8.55 -4.22
CA VAL F 1189 56.78 -8.92 -2.92
C VAL F 1189 57.13 -7.85 -1.87
N LYS F 1190 58.29 -7.21 -2.02
CA LYS F 1190 58.64 -6.11 -1.13
C LYS F 1190 57.78 -4.88 -1.40
N GLU F 1191 57.27 -4.75 -2.62
CA GLU F 1191 56.51 -3.55 -2.96
C GLU F 1191 55.12 -3.56 -2.34
N PHE F 1192 54.52 -4.74 -2.18
CA PHE F 1192 53.14 -4.80 -1.75
C PHE F 1192 52.94 -4.56 -0.26
N MET F 1193 53.99 -4.74 0.55
CA MET F 1193 53.83 -4.66 2.00
C MET F 1193 53.56 -3.23 2.45
N ILE F 1194 54.43 -2.30 2.10
CA ILE F 1194 54.23 -0.91 2.47
C ILE F 1194 53.20 -0.25 1.56
N UNK G 1 -4.87 -9.26 -5.20
CA UNK G 1 -6.23 -9.46 -5.68
C UNK G 1 -6.38 -8.93 -7.10
N UNK G 2 -6.59 -9.83 -8.05
CA UNK G 2 -6.73 -9.46 -9.46
C UNK G 2 -7.75 -10.36 -10.11
N UNK G 3 -8.67 -9.76 -10.87
CA UNK G 3 -9.65 -10.52 -11.63
C UNK G 3 -9.03 -11.05 -12.92
N UNK G 4 -9.79 -11.88 -13.63
CA UNK G 4 -9.27 -12.51 -14.84
C UNK G 4 -10.40 -12.84 -15.80
N UNK G 5 -10.19 -12.54 -17.07
CA UNK G 5 -11.11 -12.90 -18.14
C UNK G 5 -10.69 -14.22 -18.77
N UNK G 6 -11.42 -14.66 -19.78
CA UNK G 6 -11.16 -15.96 -20.40
C UNK G 6 -11.70 -15.98 -21.81
N UNK G 7 -11.21 -16.92 -22.61
CA UNK G 7 -11.65 -17.13 -23.98
C UNK G 7 -11.96 -18.61 -24.21
N UNK G 8 -13.08 -18.90 -24.83
CA UNK G 8 -13.59 -20.26 -24.92
C UNK G 8 -13.44 -20.82 -26.33
N UNK G 9 -13.56 -22.14 -26.45
CA UNK G 9 -13.56 -22.84 -27.72
C UNK G 9 -14.78 -23.76 -27.79
N UNK G 10 -15.36 -23.86 -28.98
CA UNK G 10 -16.66 -24.49 -29.17
C UNK G 10 -16.54 -25.80 -29.94
N UNK G 11 -17.52 -26.67 -29.75
CA UNK G 11 -17.64 -27.94 -30.45
C UNK G 11 -18.98 -28.02 -31.15
N UNK G 12 -18.96 -28.40 -32.42
CA UNK G 12 -20.17 -28.43 -33.25
C UNK G 12 -21.03 -29.64 -32.93
N UNK G 13 -22.35 -29.44 -32.96
CA UNK G 13 -23.30 -30.49 -32.59
C UNK G 13 -23.86 -31.15 -33.85
N UNK G 14 -23.69 -32.45 -33.96
CA UNK G 14 -24.21 -33.22 -35.09
C UNK G 14 -24.40 -34.68 -34.71
#